data_8GLJ
#
_entry.id   8GLJ
#
_cell.length_a   1.00
_cell.length_b   1.00
_cell.length_c   1.00
_cell.angle_alpha   90.00
_cell.angle_beta   90.00
_cell.angle_gamma   90.00
#
_symmetry.space_group_name_H-M   'P 1'
#
loop_
_entity.id
_entity.type
_entity.pdbx_description
1 polymer 'Protein involved in gliding motility SprA'
2 polymer 'Peptidyl-prolyl cis-trans isomerase'
3 polymer 'Type IX secretion system protein PorV domain-containing protein'
4 polymer 'Por secretion system C-terminal sorting domain-containing protein'
5 non-polymer 'Lauryl Maltose Neopentyl Glycol'
#
loop_
_entity_poly.entity_id
_entity_poly.type
_entity_poly.pdbx_seq_one_letter_code
_entity_poly.pdbx_strand_id
1 'polypeptide(L)'
;MRKICIFLLVLFCGNVLRSQVKPAVQDTTKTQFSVGKMELENPPSILSAYKYDPITDRYIYTTSVDGFSIDYPLVLTPKE
YEDLLLKESRRDYFRKKMDAIDGKKTGAEAAKKDLLPRYYINSSLFESIFGSNTIDVKPTGSVEMDLGVRYTKQDNPAFS
PRNRSSLTFDFDQRISMSLMGKIGTRLEVNANYDTQSTFAFQNLFKLAYTPSEDDIIQKVEVGNVSMPLNSTLIRGAQSL
FGVKTQLQFGRTTITGVFSEQKSQTKSVVAENGGTVQNFDLYALDYDNDRHFFLSQYFRNKYDVSLKNYPFIDSRVQITR
LEVWVTNKQNRVTTTGGGNNLRNIIALQDLGEAQVSGVPDNEVVVISSTAGFFNNPIDSPTSNTNNKYDPATIGQAGSFL
NSNIREIVTAKSGFNNTNVSEATDYSVLENARKLTTNEYTFNPQLGYISLQQRLANDEILAVAFEYTVGGKVYQVGEFGS
DGVDATVVTGNNSSNQAIITQSLVLKMLKSNLTNVKNPVWNLMMKNVYQIPQAYQIKQDDFRLNILYTDPSPINYITPVQ
GSSFPPNPAPDSKVEQTPLLNVFNLDRLNYNNDPQAGGDGFFDYIPGVTVDVQNGRVIFTTKEPFGELIFNKLQTGAGES
YNDPTTYNANQQKYVFRNMYRNTQAGALQDSDKNKFLLRGKYKSSGSNGIPIGAFNVPQGSVVVTAAGRVLVEGIDYSVD
YQLGRVQILDPSLQASNTPIEVSLENNSIFGQQTRRFMGFNIEHKISDKFVIGGTYLKMTERPFTQKSTYGQESVNNTIF
GFNGNYSTEVPFLTRLANKLPNIDTDVPSNLSIRGEVAFLRPDAPKASDFQGEATIYVDDFEGSQSTIDMRSAYAWSLAS
TPFITSINDNTFNANSNTLEYGFKRAKLSWYTIDPVFYSSKPSGISNDDLSLNTTRRIYSRELYPNTDIAQGQIQVVNTL
DLTYYPGERGPYNNNPSFGASNPSANFGGIMRALNSTNFEQGNVEYIQFWVLDPYVGNGESPATNAGKIYFNLGEISEDV
LKDGRKQYENGLGPDQVMVNPQPLWGDVPASQSLIYAFDTNPDNRKNQDVGLDGLPSSREGSIYTNYAGEADPAGDDYTY
YLNADGGVLERYKNYNGTEGNSAVSINDPNRGSTTLPDVEDINRDNTMSTINAYYEYSIDVKPGMQVGENYITDIREVTN
VDLPNGGTTNARWIQFKIPVSQPQNTIGNITDFRSIRFMRMFMTGFNSQMTVRFGALDLVRGEWRRYTGTLDANDQNPDD
DGVEFDVAAVNIQENGTKCPVNYVMPPGVQREQLYNNNTVINQNEQALAVRIGGAGLQYQDSRAVFKNVSVDMRQYKKLK
MFLHAESLPNQPTLEDDEMVGFIRFGNDFTQNFYQVEIPLKVTKTGGSCSISPDLVWMDDNSIDLALDLLTRMKIKAMSI
DINSSKRDVNGIYYPDNDPDLEGGDGDGKLTLGIKGNPNFGLVRNLMVGVKSRADHKDIKGEVWFNELRLADLENKGGMA
AILNVDTNMADFATVSATGRKSTIGFGSLEQGANERDREDVQQYNIVTNLNLGKLLPKKWGINLPFNYAIGEEVITPEYD
PFNQDIKLDQLIRETTDQAEKDNIRTRAIDYTKRKSINFIGVRKDRAPEQKPHVYDIENFTFSQSYNQVERHDYEVADYE
DEQSNSAVNYAYTFQPKEVVPFKSTKFMKKSEYWKLLSDFNFNYLPSNISFNTNILRQSNRQQFREVEVEGIGLDPLYRR
NFAFNYQYGFGFNLTKSLKLNYSATSNNIVRNFLNDDNSPKEDFNIWDDYLDIGTPNQHAQQLVLNYDIPINKIPIFGFV
KASYSYTADYMWQRSSTAFSEYEDPNGTVYDLGNTIQNSNSNTLTTTLNMNTLYKYLGLTPGAKKTAKPKTAAPPKPGEK
IVNTAKPVVSSSPFYDGLIGVLTSIKNVQINYTKNSGTVLPGYTPSVGFLGTSKPSLGFVFGSQDDVRYEAAKRGWLTTY
QDFNQSFTQVSNKLLKVTANIDLLPDLKVDLSMDRSYSENTSEQYSVDPSTNEYKPLSPYTYGMFSISTVMIKTAFSPSD
ETQSAAFDDFRSNRLIIANRLAEGHYGSGVAIPRYGDANNPIPAETDPNYAVYTANQGYPIGYTKSNQAVLLPAFLAAYT
GSDASSSSTNIFRSFPIPNWSIKYNGLMRYKYFKDKFKRFSLQHNYRASYTINQFRSNFDYNSSPKVQDVNTNFYNEIIM
SNVNLVEQFSPLIRMDFELKSSLRVLSEIKKDRALSMSFDNNLLTEVKGMEYIIGLGYRFKDVIFSSRLADNPTGIIKSD
INIKADFSLRNNETLVRYLDYDNNQLAAGQNIWSLKLTADYSFSKNLTAIFYYDHSFSKAVISTSFPLTNIRSGFTLRYN
FGN
;
A
2 'polypeptide(L)'
;MKQLLTALLSLTLFISCSKDKDEVKDYTAENEKEIVDYLAQNNLTAQRTNSGLYYIITKEGSSESEGENPGEEENTGEGE
NTEENENDGHPTLNSNITVIYKGYFTNGKVFDESTEGVSYSLRTLIPGWKEGIPLLKSGGEIQLFVPAHLGYGSNGNKTV
PGGAVLIFEITLVSVN
;
B
3 'polypeptide(L)'
;MKKISLLLICLLITTFAKAQDIERPITTGVPFLLVAADARAAGLGDQGVATSSDVFSQQWNPAKYAFAEDAQGLSISYTP
YLTDLANDISLGQVTYYNKINDRSAFAGSFRYFGFGGIELRQTGDPNEPTREVNPNEFALDGSYSLKLSETFSMAVAARY
IRSNLKVATEEIDASAAGSFAVDVAGFYQSEEIAYSDFNGRWRAGFNIQNLGPKISYDHDDLSANFLPANLRVGGGFDFI
FDDYNKLGVSLELTKLLVPTPPGPGTPYDANGDGDFTDPGDISQSQADEANYKKYKDIGWVSGIFKSFGDAPGGFSEELK
EITYSAAAEYMYQDAFAMRLGYYHESPMKGAKQFFSLGAGFKYSMIKVDVSYLFSASKVKNPLENTLRFSLTFNFGDKYE
TY
;
F
4 'polypeptide(L)' SDFLVYPNPTKSNISFLFDNETASVSIYSLLGQKLIEKQITNQNPVLSVEGLTNGLYFYTFDAGSLHKTGKIIKQ D
#
loop_
_chem_comp.id
_chem_comp.type
_chem_comp.name
_chem_comp.formula
LMN non-polymer 'Lauryl Maltose Neopentyl Glycol' 'C47 H88 O22'
#
# COMPACT_ATOMS: atom_id res chain seq x y z
N ILE A 129 36.78 37.92 -30.73
CA ILE A 129 35.89 37.49 -29.66
C ILE A 129 36.07 35.99 -29.43
N PHE A 130 36.62 35.31 -30.43
CA PHE A 130 36.96 33.89 -30.33
C PHE A 130 38.35 33.68 -30.90
N GLY A 131 38.99 32.60 -30.45
CA GLY A 131 40.37 32.34 -30.86
C GLY A 131 40.51 32.10 -32.35
N SER A 132 39.60 31.33 -32.93
CA SER A 132 39.66 30.99 -34.34
C SER A 132 38.24 30.87 -34.89
N ASN A 133 38.14 30.50 -36.15
CA ASN A 133 36.86 30.31 -36.82
C ASN A 133 36.48 28.85 -36.99
N THR A 134 37.20 27.94 -36.35
CA THR A 134 36.92 26.52 -36.48
C THR A 134 35.79 26.12 -35.55
N ILE A 135 34.79 25.44 -36.09
CA ILE A 135 33.64 24.96 -35.33
C ILE A 135 33.52 23.48 -35.60
N ASP A 136 34.01 22.65 -34.68
CA ASP A 136 34.02 21.20 -34.82
C ASP A 136 33.17 20.52 -33.77
N VAL A 137 31.96 21.05 -33.55
CA VAL A 137 31.04 20.48 -32.57
C VAL A 137 30.54 19.15 -33.12
N LYS A 138 31.04 18.05 -32.56
CA LYS A 138 30.64 16.73 -33.03
C LYS A 138 29.44 16.23 -32.26
N PRO A 139 28.37 15.85 -32.95
CA PRO A 139 27.25 15.16 -32.31
C PRO A 139 27.40 13.65 -32.37
N THR A 140 26.71 12.98 -31.46
CA THR A 140 26.76 11.54 -31.35
C THR A 140 25.40 11.06 -30.84
N GLY A 141 25.20 9.76 -30.87
CA GLY A 141 23.96 9.18 -30.40
C GLY A 141 22.99 8.88 -31.52
N SER A 142 21.73 8.69 -31.14
CA SER A 142 20.73 8.26 -32.11
C SER A 142 19.44 9.03 -31.91
N VAL A 143 18.61 9.03 -32.96
CA VAL A 143 17.26 9.56 -32.88
C VAL A 143 16.32 8.58 -33.57
N GLU A 144 15.16 8.36 -32.97
CA GLU A 144 14.13 7.52 -33.55
C GLU A 144 12.84 8.31 -33.71
N MET A 145 12.07 7.96 -34.74
CA MET A 145 10.81 8.63 -35.00
C MET A 145 9.84 7.58 -35.52
N ASP A 146 8.87 7.19 -34.70
CA ASP A 146 7.87 6.21 -35.07
C ASP A 146 6.55 6.91 -35.37
N LEU A 147 6.00 6.66 -36.55
CA LEU A 147 4.71 7.18 -36.94
C LEU A 147 3.84 6.03 -37.43
N GLY A 148 2.65 5.90 -36.87
CA GLY A 148 1.79 4.83 -37.31
C GLY A 148 0.37 5.01 -36.79
N VAL A 149 -0.40 3.95 -36.95
CA VAL A 149 -1.79 3.91 -36.51
C VAL A 149 -1.94 2.85 -35.43
N ARG A 150 -2.70 3.19 -34.38
CA ARG A 150 -3.03 2.27 -33.32
C ARG A 150 -4.54 2.08 -33.31
N TYR A 151 -4.99 0.86 -33.57
CA TYR A 151 -6.40 0.51 -33.61
C TYR A 151 -6.72 -0.39 -32.43
N THR A 152 -7.78 -0.08 -31.72
CA THR A 152 -8.22 -0.87 -30.58
C THR A 152 -9.70 -1.14 -30.72
N LYS A 153 -10.13 -2.31 -30.25
CA LYS A 153 -11.55 -2.66 -30.31
C LYS A 153 -11.86 -3.64 -29.18
N GLN A 154 -12.60 -3.18 -28.19
CA GLN A 154 -13.03 -4.02 -27.07
C GLN A 154 -14.52 -4.28 -27.19
N ASP A 155 -14.91 -5.55 -27.09
CA ASP A 155 -16.30 -5.95 -27.26
C ASP A 155 -17.01 -5.95 -25.91
N ASN A 156 -17.14 -4.75 -25.34
CA ASN A 156 -17.84 -4.56 -24.09
C ASN A 156 -19.22 -4.02 -24.38
N PRO A 157 -20.29 -4.78 -24.15
CA PRO A 157 -21.63 -4.27 -24.47
C PRO A 157 -22.04 -3.07 -23.65
N ALA A 158 -21.45 -2.87 -22.48
CA ALA A 158 -21.80 -1.73 -21.66
C ALA A 158 -21.39 -0.40 -22.29
N PHE A 159 -20.43 -0.43 -23.20
CA PHE A 159 -19.99 0.80 -23.86
C PHE A 159 -21.05 1.28 -24.84
N SER A 160 -20.93 2.55 -25.21
CA SER A 160 -21.78 3.12 -26.24
C SER A 160 -21.40 2.55 -27.60
N PRO A 161 -22.34 2.49 -28.54
CA PRO A 161 -21.99 2.10 -29.91
C PRO A 161 -20.99 3.03 -30.56
N ARG A 162 -20.86 4.26 -30.09
CA ARG A 162 -19.84 5.17 -30.61
C ARG A 162 -18.45 4.77 -30.16
N ASN A 163 -18.33 3.91 -29.15
CA ASN A 163 -17.04 3.40 -28.69
C ASN A 163 -16.74 2.02 -29.26
N ARG A 164 -17.23 1.72 -30.46
CA ARG A 164 -16.96 0.41 -31.05
C ARG A 164 -15.47 0.18 -31.25
N SER A 165 -14.76 1.19 -31.74
CA SER A 165 -13.34 1.07 -32.01
C SER A 165 -12.68 2.42 -31.83
N SER A 166 -11.37 2.39 -31.61
CA SER A 166 -10.56 3.59 -31.42
C SER A 166 -9.37 3.50 -32.37
N LEU A 167 -9.41 4.31 -33.42
CA LEU A 167 -8.31 4.40 -34.39
C LEU A 167 -7.60 5.72 -34.17
N THR A 168 -6.43 5.67 -33.54
CA THR A 168 -5.66 6.87 -33.24
C THR A 168 -4.34 6.83 -33.99
N PHE A 169 -3.66 7.97 -33.99
CA PHE A 169 -2.34 8.10 -34.59
C PHE A 169 -1.31 8.00 -33.47
N ASP A 170 -0.37 7.07 -33.61
CA ASP A 170 0.66 6.84 -32.61
C ASP A 170 1.96 7.40 -33.15
N PHE A 171 2.45 8.47 -32.52
CA PHE A 171 3.70 9.10 -32.89
C PHE A 171 4.60 9.15 -31.66
N ASP A 172 5.87 8.79 -31.84
CA ASP A 172 6.79 8.77 -30.72
C ASP A 172 8.20 9.11 -31.19
N GLN A 173 8.98 9.68 -30.28
CA GLN A 173 10.36 10.04 -30.53
C GLN A 173 11.23 9.53 -29.39
N ARG A 174 12.47 9.18 -29.73
CA ARG A 174 13.43 8.65 -28.76
C ARG A 174 14.78 9.35 -28.94
N ILE A 175 14.75 10.68 -28.94
CA ILE A 175 15.98 11.46 -29.08
C ILE A 175 16.94 11.06 -27.97
N SER A 176 18.07 10.49 -28.36
CA SER A 176 19.06 9.91 -27.47
C SER A 176 20.45 10.35 -27.93
N MET A 177 20.65 11.66 -28.02
CA MET A 177 21.87 12.18 -28.60
C MET A 177 22.69 12.96 -27.59
N SER A 178 23.96 13.12 -27.92
CA SER A 178 24.90 13.95 -27.19
C SER A 178 25.61 14.86 -28.19
N LEU A 179 26.30 15.86 -27.67
CA LEU A 179 26.89 16.88 -28.52
C LEU A 179 28.06 17.51 -27.78
N MET A 180 29.29 17.21 -28.22
CA MET A 180 30.48 17.71 -27.55
C MET A 180 31.34 18.44 -28.56
N GLY A 181 31.93 19.54 -28.17
CA GLY A 181 32.81 20.23 -29.10
C GLY A 181 33.35 21.53 -28.56
N LYS A 182 34.18 22.15 -29.39
CA LYS A 182 34.79 23.44 -29.09
C LYS A 182 34.56 24.38 -30.26
N ILE A 183 34.25 25.63 -29.95
CA ILE A 183 33.97 26.66 -30.94
C ILE A 183 34.98 27.78 -30.74
N GLY A 184 35.79 28.05 -31.75
CA GLY A 184 36.76 29.12 -31.70
C GLY A 184 37.74 29.03 -30.55
N THR A 185 38.02 27.82 -30.08
CA THR A 185 38.94 27.51 -28.99
C THR A 185 38.63 28.31 -27.72
N ARG A 186 37.46 28.93 -27.69
CA ARG A 186 37.01 29.69 -26.54
C ARG A 186 35.70 29.18 -25.95
N LEU A 187 34.85 28.54 -26.74
CA LEU A 187 33.60 27.97 -26.27
C LEU A 187 33.75 26.46 -26.17
N GLU A 188 33.36 25.91 -25.02
CA GLU A 188 33.27 24.47 -24.81
C GLU A 188 31.80 24.13 -24.65
N VAL A 189 31.30 23.24 -25.50
CA VAL A 189 29.90 22.83 -25.48
C VAL A 189 29.84 21.35 -25.15
N ASN A 190 29.03 21.01 -24.15
CA ASN A 190 28.85 19.61 -23.74
C ASN A 190 27.38 19.42 -23.37
N ALA A 191 26.63 18.75 -24.24
CA ALA A 191 25.20 18.54 -24.01
C ALA A 191 24.87 17.06 -24.17
N ASN A 192 23.93 16.59 -23.38
CA ASN A 192 23.43 15.22 -23.45
C ASN A 192 21.91 15.30 -23.31
N TYR A 193 21.19 15.09 -24.41
CA TYR A 193 19.72 15.09 -24.38
C TYR A 193 19.23 13.69 -24.72
N ASP A 194 18.63 13.04 -23.74
CA ASP A 194 18.11 11.69 -23.88
C ASP A 194 16.71 11.65 -23.29
N THR A 195 15.69 11.53 -24.14
CA THR A 195 14.31 11.52 -23.66
C THR A 195 13.92 10.13 -23.20
N GLN A 196 14.72 9.52 -22.32
CA GLN A 196 14.43 8.17 -21.86
C GLN A 196 14.72 7.98 -20.38
N SER A 197 14.70 9.05 -19.59
CA SER A 197 14.99 8.98 -18.16
C SER A 197 14.46 10.24 -17.49
N THR A 198 14.84 10.44 -16.23
CA THR A 198 14.49 11.66 -15.52
C THR A 198 15.47 12.77 -15.91
N PHE A 199 14.96 13.82 -16.54
CA PHE A 199 15.80 14.86 -17.12
C PHE A 199 16.47 15.75 -16.07
N ALA A 200 16.03 15.69 -14.82
CA ALA A 200 16.54 16.61 -13.80
C ALA A 200 18.03 16.45 -13.59
N PHE A 201 18.56 15.23 -13.77
CA PHE A 201 19.99 15.02 -13.60
C PHE A 201 20.57 14.12 -14.69
N GLN A 202 19.90 14.03 -15.83
CA GLN A 202 20.42 13.31 -17.00
C GLN A 202 20.63 14.22 -18.19
N ASN A 203 19.62 15.01 -18.57
CA ASN A 203 19.74 15.93 -19.69
C ASN A 203 20.63 17.10 -19.29
N LEU A 204 21.88 17.06 -19.73
CA LEU A 204 22.89 18.03 -19.34
C LEU A 204 23.13 19.01 -20.48
N PHE A 205 23.52 20.23 -20.13
CA PHE A 205 23.87 21.23 -21.13
C PHE A 205 24.85 22.21 -20.52
N LYS A 206 26.04 22.32 -21.11
CA LYS A 206 27.13 23.11 -20.56
C LYS A 206 27.76 23.94 -21.66
N LEU A 207 27.75 25.26 -21.49
CA LEU A 207 28.47 26.20 -22.34
C LEU A 207 29.50 26.92 -21.48
N ALA A 208 30.76 26.88 -21.89
CA ALA A 208 31.85 27.48 -21.13
C ALA A 208 32.64 28.41 -22.04
N TYR A 209 32.59 29.71 -21.76
CA TYR A 209 33.34 30.71 -22.51
C TYR A 209 34.49 31.19 -21.64
N THR A 210 35.72 30.93 -22.09
CA THR A 210 36.93 31.16 -21.30
C THR A 210 37.86 32.10 -22.07
N PRO A 211 37.74 33.41 -21.86
CA PRO A 211 38.65 34.34 -22.55
C PRO A 211 40.09 34.18 -22.11
N SER A 212 40.99 34.97 -22.70
CA SER A 212 42.40 34.90 -22.35
C SER A 212 42.62 35.34 -20.90
N GLU A 213 43.69 34.83 -20.30
CA GLU A 213 43.99 35.14 -18.91
C GLU A 213 44.25 36.63 -18.69
N ASP A 214 44.65 37.36 -19.74
CA ASP A 214 44.87 38.79 -19.63
C ASP A 214 43.58 39.57 -19.39
N ASP A 215 42.44 39.04 -19.81
CA ASP A 215 41.16 39.75 -19.71
C ASP A 215 40.61 39.66 -18.30
N ILE A 216 39.71 40.59 -17.98
CA ILE A 216 39.10 40.64 -16.66
C ILE A 216 38.20 39.42 -16.44
N ILE A 217 37.35 39.11 -17.41
CA ILE A 217 36.42 37.99 -17.28
C ILE A 217 37.19 36.69 -17.50
N GLN A 218 37.12 35.79 -16.53
CA GLN A 218 37.85 34.54 -16.60
C GLN A 218 37.01 33.37 -17.07
N LYS A 219 35.70 33.40 -16.83
CA LYS A 219 34.84 32.27 -17.17
C LYS A 219 33.37 32.67 -17.16
N VAL A 220 32.64 32.35 -18.22
CA VAL A 220 31.20 32.53 -18.26
C VAL A 220 30.58 31.18 -18.61
N GLU A 221 29.80 30.65 -17.67
CA GLU A 221 29.24 29.30 -17.81
C GLU A 221 27.73 29.39 -17.84
N VAL A 222 27.12 28.74 -18.82
CA VAL A 222 25.68 28.74 -19.02
C VAL A 222 25.19 27.30 -19.04
N GLY A 223 24.11 27.03 -18.32
CA GLY A 223 23.60 25.68 -18.25
C GLY A 223 23.81 25.07 -16.88
N ASN A 224 24.21 23.80 -16.84
CA ASN A 224 24.39 23.09 -15.59
C ASN A 224 25.67 23.59 -14.92
N VAL A 225 25.54 24.74 -14.27
CA VAL A 225 26.64 25.35 -13.55
C VAL A 225 26.73 24.76 -12.15
N SER A 226 27.86 25.00 -11.50
CA SER A 226 28.08 24.58 -10.12
C SER A 226 28.54 25.77 -9.30
N MET A 227 28.19 25.74 -8.01
CA MET A 227 28.56 26.80 -7.07
C MET A 227 29.19 26.15 -5.85
N PRO A 228 30.44 25.69 -5.97
CA PRO A 228 31.11 25.04 -4.83
C PRO A 228 31.71 26.08 -3.89
N LEU A 229 31.22 26.11 -2.66
CA LEU A 229 31.68 27.04 -1.64
C LEU A 229 32.44 26.27 -0.56
N ASN A 230 33.67 26.68 -0.30
CA ASN A 230 34.49 26.06 0.74
C ASN A 230 34.23 26.68 2.10
N SER A 231 32.97 26.73 2.50
CA SER A 231 32.57 27.27 3.79
C SER A 231 31.60 26.31 4.46
N THR A 232 31.76 26.14 5.77
CA THR A 232 30.91 25.23 6.52
C THR A 232 29.55 25.84 6.81
N LEU A 233 29.50 27.13 7.12
CA LEU A 233 28.23 27.77 7.43
C LEU A 233 27.38 27.96 6.18
N ILE A 234 27.98 28.41 5.10
CA ILE A 234 27.25 28.74 3.87
C ILE A 234 27.61 27.68 2.84
N ARG A 235 26.63 26.85 2.48
CA ARG A 235 26.82 25.79 1.50
C ARG A 235 26.22 26.22 0.17
N GLY A 236 26.99 26.10 -0.90
CA GLY A 236 26.50 26.33 -2.24
C GLY A 236 25.75 25.14 -2.78
N ALA A 237 25.20 25.32 -3.97
CA ALA A 237 24.41 24.29 -4.64
C ALA A 237 25.21 23.70 -5.79
N GLN A 238 25.29 22.37 -5.84
CA GLN A 238 26.06 21.70 -6.87
C GLN A 238 25.28 21.58 -8.17
N SER A 239 23.96 21.41 -8.11
CA SER A 239 23.13 21.23 -9.29
C SER A 239 22.32 22.50 -9.50
N LEU A 240 22.72 23.28 -10.50
CA LEU A 240 22.03 24.51 -10.87
C LEU A 240 21.89 24.56 -12.39
N PHE A 241 20.90 25.30 -12.85
CA PHE A 241 20.79 25.61 -14.28
C PHE A 241 20.62 27.11 -14.42
N GLY A 242 21.59 27.76 -15.05
CA GLY A 242 21.56 29.20 -15.19
C GLY A 242 22.87 29.74 -15.71
N VAL A 243 23.21 30.94 -15.23
CA VAL A 243 24.40 31.66 -15.66
C VAL A 243 25.37 31.73 -14.48
N LYS A 244 26.63 31.40 -14.73
CA LYS A 244 27.71 31.57 -13.78
C LYS A 244 28.83 32.35 -14.44
N THR A 245 29.27 33.43 -13.81
CA THR A 245 30.31 34.29 -14.35
C THR A 245 31.40 34.47 -13.30
N GLN A 246 32.62 34.70 -13.77
CA GLN A 246 33.76 34.89 -12.88
C GLN A 246 34.61 36.05 -13.39
N LEU A 247 34.87 37.01 -12.50
CA LEU A 247 35.71 38.16 -12.79
C LEU A 247 36.90 38.16 -11.86
N GLN A 248 38.03 38.67 -12.36
CA GLN A 248 39.27 38.70 -11.58
C GLN A 248 39.89 40.09 -11.71
N PHE A 249 39.71 40.90 -10.67
CA PHE A 249 40.34 42.22 -10.59
C PHE A 249 41.65 42.06 -9.83
N GLY A 250 42.67 41.62 -10.56
CA GLY A 250 44.03 41.59 -10.04
C GLY A 250 44.21 40.53 -8.97
N ARG A 251 43.59 40.77 -7.82
CA ARG A 251 43.61 39.84 -6.70
C ARG A 251 42.23 39.45 -6.22
N THR A 252 41.18 40.19 -6.60
CA THR A 252 39.82 39.91 -6.15
C THR A 252 39.13 39.01 -7.16
N THR A 253 38.57 37.90 -6.70
CA THR A 253 37.83 36.99 -7.55
C THR A 253 36.36 37.06 -7.20
N ILE A 254 35.55 37.62 -8.09
CA ILE A 254 34.12 37.76 -7.89
C ILE A 254 33.42 36.74 -8.77
N THR A 255 32.78 35.76 -8.15
CA THR A 255 32.03 34.73 -8.86
C THR A 255 30.55 34.96 -8.61
N GLY A 256 29.81 35.27 -9.67
CA GLY A 256 28.38 35.49 -9.58
C GLY A 256 27.64 34.35 -10.24
N VAL A 257 26.42 34.09 -9.75
CA VAL A 257 25.60 33.02 -10.30
C VAL A 257 24.13 33.42 -10.15
N PHE A 258 23.34 33.10 -11.17
CA PHE A 258 21.89 33.22 -11.12
C PHE A 258 21.31 32.01 -11.83
N SER A 259 20.53 31.21 -11.12
CA SER A 259 20.13 29.93 -11.68
C SER A 259 18.90 29.41 -10.94
N GLU A 260 18.41 28.27 -11.39
CA GLU A 260 17.39 27.51 -10.70
C GLU A 260 17.97 26.20 -10.21
N GLN A 261 17.66 25.85 -8.97
CA GLN A 261 18.25 24.69 -8.32
C GLN A 261 17.37 23.46 -8.54
N LYS A 262 17.98 22.38 -9.01
CA LYS A 262 17.27 21.17 -9.37
C LYS A 262 17.38 20.08 -8.31
N SER A 263 17.85 20.41 -7.11
CA SER A 263 18.06 19.43 -6.05
C SER A 263 17.47 19.93 -4.75
N GLN A 264 17.38 19.02 -3.78
CA GLN A 264 16.87 19.33 -2.45
C GLN A 264 17.85 18.81 -1.42
N THR A 265 18.00 19.56 -0.33
CA THR A 265 18.90 19.17 0.76
C THR A 265 18.19 18.17 1.68
N LYS A 266 18.94 17.13 2.04
CA LYS A 266 18.41 16.06 2.87
C LYS A 266 19.49 15.65 3.86
N SER A 267 19.11 15.54 5.14
CA SER A 267 20.04 15.23 6.21
C SER A 267 19.63 13.92 6.89
N VAL A 268 20.64 13.10 7.19
CA VAL A 268 20.42 11.85 7.91
C VAL A 268 21.40 11.80 9.08
N VAL A 269 21.04 11.02 10.09
CA VAL A 269 21.87 10.80 11.27
C VAL A 269 22.14 9.30 11.37
N ALA A 270 23.40 8.95 11.53
CA ALA A 270 23.81 7.55 11.60
C ALA A 270 24.58 7.31 12.89
N GLU A 271 24.22 6.26 13.62
CA GLU A 271 24.90 5.86 14.83
C GLU A 271 25.29 4.39 14.70
N ASN A 272 26.58 4.10 14.75
CA ASN A 272 27.10 2.74 14.76
C ASN A 272 26.63 1.96 13.53
N GLY A 273 27.06 2.41 12.37
CA GLY A 273 26.73 1.73 11.13
C GLY A 273 25.75 2.50 10.27
N GLY A 274 24.49 2.06 10.24
CA GLY A 274 23.49 2.64 9.38
C GLY A 274 22.77 3.82 9.98
N THR A 275 21.72 4.26 9.29
CA THR A 275 21.01 5.48 9.67
C THR A 275 20.13 5.23 10.88
N VAL A 276 19.71 6.32 11.51
CA VAL A 276 18.84 6.30 12.68
C VAL A 276 17.52 6.95 12.29
N GLN A 277 16.42 6.25 12.53
CA GLN A 277 15.09 6.75 12.26
C GLN A 277 14.33 6.89 13.56
N ASN A 278 13.83 8.09 13.83
CA ASN A 278 13.01 8.33 15.00
C ASN A 278 11.54 8.04 14.67
N PHE A 279 10.77 7.71 15.70
CA PHE A 279 9.34 7.51 15.56
C PHE A 279 8.63 8.03 16.80
N ASP A 280 7.45 8.60 16.59
CA ASP A 280 6.64 9.17 17.67
C ASP A 280 5.19 8.75 17.45
N LEU A 281 4.80 7.64 18.04
CA LEU A 281 3.41 7.22 18.04
C LEU A 281 2.71 7.80 19.26
N TYR A 282 1.39 7.70 19.27
CA TYR A 282 0.61 8.06 20.44
C TYR A 282 -0.17 6.85 20.93
N ALA A 283 -0.81 7.02 22.08
CA ALA A 283 -1.52 5.90 22.69
C ALA A 283 -2.61 5.36 21.77
N LEU A 284 -3.33 6.25 21.10
CA LEU A 284 -4.44 5.84 20.27
C LEU A 284 -3.99 5.19 18.97
N ASP A 285 -2.81 5.55 18.47
CA ASP A 285 -2.34 5.07 17.17
C ASP A 285 -1.80 3.64 17.29
N TYR A 286 -2.66 2.73 17.71
CA TYR A 286 -2.26 1.32 17.74
C TYR A 286 -2.54 0.67 16.40
N ASP A 287 -2.03 -0.55 16.24
CA ASP A 287 -2.21 -1.32 15.02
C ASP A 287 -3.51 -2.09 15.12
N ASN A 288 -4.52 -1.65 14.38
CA ASN A 288 -5.88 -2.18 14.51
C ASN A 288 -6.21 -3.15 13.38
N ASP A 289 -7.20 -3.99 13.66
CA ASP A 289 -7.80 -4.88 12.66
C ASP A 289 -6.76 -5.81 12.04
N ARG A 290 -5.70 -6.11 12.76
CA ARG A 290 -4.62 -6.91 12.22
C ARG A 290 -4.25 -8.03 13.18
N HIS A 291 -4.41 -7.79 14.48
CA HIS A 291 -4.01 -8.72 15.52
C HIS A 291 -5.23 -9.11 16.34
N PHE A 292 -5.49 -10.40 16.44
CA PHE A 292 -6.67 -10.92 17.10
C PHE A 292 -6.29 -12.03 18.06
N PHE A 293 -6.77 -11.96 19.28
CA PHE A 293 -6.70 -13.11 20.16
C PHE A 293 -7.55 -14.23 19.57
N LEU A 294 -7.12 -15.47 19.80
CA LEU A 294 -7.84 -16.60 19.24
C LEU A 294 -9.04 -17.01 20.09
N SER A 295 -9.13 -16.53 21.33
CA SER A 295 -10.25 -16.89 22.18
C SER A 295 -10.32 -15.90 23.34
N GLN A 296 -11.46 -15.92 24.04
CA GLN A 296 -11.55 -15.17 25.28
C GLN A 296 -10.68 -15.77 26.36
N TYR A 297 -10.44 -17.08 26.29
CA TYR A 297 -9.51 -17.73 27.21
C TYR A 297 -8.12 -17.15 27.10
N PHE A 298 -7.60 -17.06 25.87
CA PHE A 298 -6.27 -16.50 25.67
C PHE A 298 -6.23 -15.02 26.05
N ARG A 299 -7.29 -14.27 25.73
CA ARG A 299 -7.33 -12.87 26.07
C ARG A 299 -7.24 -12.66 27.58
N ASN A 300 -8.04 -13.40 28.34
CA ASN A 300 -8.04 -13.26 29.78
C ASN A 300 -6.85 -13.93 30.45
N LYS A 301 -6.14 -14.80 29.74
CA LYS A 301 -4.93 -15.42 30.26
C LYS A 301 -3.67 -14.62 29.96
N TYR A 302 -3.74 -13.69 29.00
CA TYR A 302 -2.56 -12.97 28.53
C TYR A 302 -1.83 -12.25 29.65
N ASP A 303 -2.54 -11.42 30.41
CA ASP A 303 -1.89 -10.59 31.42
C ASP A 303 -1.21 -11.44 32.49
N VAL A 304 -1.92 -12.43 33.00
CA VAL A 304 -1.37 -13.28 34.06
C VAL A 304 -0.21 -14.11 33.53
N SER A 305 -0.30 -14.57 32.29
CA SER A 305 0.78 -15.37 31.73
C SER A 305 2.03 -14.55 31.43
N LEU A 306 1.90 -13.24 31.28
CA LEU A 306 3.06 -12.38 31.07
C LEU A 306 3.47 -11.62 32.32
N LYS A 307 3.08 -12.12 33.51
CA LYS A 307 3.42 -11.42 34.75
C LYS A 307 4.92 -11.45 35.01
N ASN A 308 5.58 -12.57 34.73
CA ASN A 308 7.00 -12.73 35.01
C ASN A 308 7.78 -13.00 33.75
N TYR A 309 7.53 -12.24 32.69
CA TYR A 309 8.23 -12.44 31.43
C TYR A 309 9.73 -12.16 31.62
N PRO A 310 10.59 -12.75 30.78
CA PRO A 310 10.35 -13.52 29.55
C PRO A 310 9.82 -14.92 29.76
N PHE A 311 9.68 -15.35 31.01
CA PHE A 311 9.03 -16.63 31.31
C PHE A 311 7.53 -16.48 31.11
N ILE A 312 6.95 -17.30 30.23
CA ILE A 312 5.53 -17.27 29.96
C ILE A 312 4.85 -18.36 30.78
N ASP A 313 3.92 -17.95 31.65
CA ASP A 313 3.25 -18.87 32.56
C ASP A 313 2.04 -19.50 31.88
N SER A 314 2.33 -20.28 30.84
CA SER A 314 1.27 -20.90 30.05
C SER A 314 1.89 -22.05 29.26
N ARG A 315 1.35 -23.25 29.45
CA ARG A 315 1.83 -24.41 28.72
C ARG A 315 1.20 -24.55 27.35
N VAL A 316 0.31 -23.62 26.98
CA VAL A 316 -0.34 -23.68 25.68
C VAL A 316 0.70 -23.61 24.57
N GLN A 317 0.57 -24.50 23.60
CA GLN A 317 1.43 -24.52 22.41
C GLN A 317 0.55 -24.79 21.21
N ILE A 318 0.22 -23.74 20.47
CA ILE A 318 -0.70 -23.88 19.33
C ILE A 318 0.02 -24.56 18.19
N THR A 319 -0.45 -25.74 17.81
CA THR A 319 0.18 -26.54 16.78
C THR A 319 -0.41 -26.31 15.40
N ARG A 320 -1.73 -26.25 15.28
CA ARG A 320 -2.37 -26.13 13.97
C ARG A 320 -3.33 -24.96 13.99
N LEU A 321 -3.44 -24.26 12.87
CA LEU A 321 -4.31 -23.11 12.78
C LEU A 321 -4.71 -22.89 11.33
N GLU A 322 -6.00 -22.72 11.08
CA GLU A 322 -6.50 -22.37 9.76
C GLU A 322 -7.41 -21.16 9.89
N VAL A 323 -7.23 -20.19 9.01
CA VAL A 323 -7.94 -18.92 9.06
C VAL A 323 -8.68 -18.72 7.74
N TRP A 324 -9.95 -18.36 7.83
CA TRP A 324 -10.82 -18.16 6.68
C TRP A 324 -11.32 -16.73 6.69
N VAL A 325 -11.25 -16.07 5.54
CA VAL A 325 -11.68 -14.69 5.39
C VAL A 325 -12.73 -14.62 4.30
N THR A 326 -13.42 -13.48 4.25
CA THR A 326 -14.37 -13.22 3.17
C THR A 326 -13.64 -13.25 1.83
N ASN A 327 -14.22 -13.97 0.87
CA ASN A 327 -13.62 -14.11 -0.45
C ASN A 327 -14.28 -13.12 -1.40
N LYS A 328 -13.58 -12.01 -1.66
CA LYS A 328 -14.00 -11.07 -2.69
C LYS A 328 -13.18 -11.17 -3.96
N GLN A 329 -11.96 -11.70 -3.88
CA GLN A 329 -11.13 -11.84 -5.07
C GLN A 329 -11.76 -12.78 -6.08
N ASN A 330 -12.30 -13.90 -5.60
CA ASN A 330 -12.82 -15.00 -6.44
C ASN A 330 -11.87 -15.29 -7.61
N ARG A 331 -10.64 -15.63 -7.27
CA ARG A 331 -9.62 -15.97 -8.26
C ARG A 331 -9.10 -17.38 -7.94
N VAL A 332 -9.41 -18.32 -8.82
CA VAL A 332 -9.04 -19.71 -8.62
C VAL A 332 -7.66 -19.94 -9.22
N THR A 333 -6.75 -20.52 -8.44
CA THR A 333 -5.37 -20.71 -8.86
C THR A 333 -4.78 -21.89 -8.10
N THR A 334 -4.07 -22.77 -8.81
CA THR A 334 -3.46 -23.92 -8.18
C THR A 334 -2.18 -23.58 -7.43
N THR A 335 -1.56 -22.43 -7.72
CA THR A 335 -0.27 -22.09 -7.14
C THR A 335 -0.37 -21.33 -5.82
N GLY A 336 -1.55 -20.82 -5.48
CA GLY A 336 -1.71 -20.12 -4.23
C GLY A 336 -2.05 -21.03 -3.07
N GLY A 337 -1.28 -22.11 -2.92
CA GLY A 337 -1.57 -23.10 -1.90
C GLY A 337 -2.86 -23.86 -2.11
N GLY A 338 -3.20 -24.17 -3.35
CA GLY A 338 -4.40 -24.92 -3.64
C GLY A 338 -5.61 -24.03 -3.81
N ASN A 339 -6.76 -24.70 -3.96
CA ASN A 339 -8.05 -24.04 -4.12
C ASN A 339 -9.01 -24.63 -3.09
N ASN A 340 -9.00 -24.05 -1.88
CA ASN A 340 -9.89 -24.47 -0.81
C ASN A 340 -10.93 -23.38 -0.62
N LEU A 341 -12.20 -23.73 -0.85
CA LEU A 341 -13.31 -22.79 -0.72
C LEU A 341 -14.47 -23.53 -0.09
N ARG A 342 -14.74 -23.23 1.17
CA ARG A 342 -15.77 -23.92 1.94
C ARG A 342 -16.81 -22.92 2.41
N ASN A 343 -18.05 -23.39 2.49
CA ASN A 343 -19.05 -22.65 3.24
C ASN A 343 -18.63 -22.63 4.71
N ILE A 344 -18.79 -21.48 5.34
CA ILE A 344 -18.31 -21.25 6.69
C ILE A 344 -19.47 -20.76 7.54
N ILE A 345 -19.66 -21.36 8.71
CA ILE A 345 -20.57 -20.83 9.71
C ILE A 345 -19.72 -20.53 10.93
N ALA A 346 -19.33 -19.26 11.07
CA ALA A 346 -18.48 -18.84 12.18
C ALA A 346 -19.35 -18.44 13.35
N LEU A 347 -19.17 -19.10 14.48
CA LEU A 347 -19.88 -18.82 15.71
C LEU A 347 -19.04 -17.93 16.60
N GLN A 348 -19.70 -17.22 17.51
CA GLN A 348 -18.98 -16.35 18.44
C GLN A 348 -18.71 -17.05 19.76
N ASP A 349 -19.67 -17.81 20.28
CA ASP A 349 -19.53 -18.50 21.55
C ASP A 349 -18.91 -19.88 21.40
N LEU A 350 -18.33 -20.18 20.24
CA LEU A 350 -17.76 -21.50 20.03
C LEU A 350 -16.50 -21.67 20.86
N GLY A 351 -16.43 -22.80 21.58
CA GLY A 351 -15.27 -23.07 22.41
C GLY A 351 -15.10 -22.12 23.57
N GLU A 352 -16.18 -21.75 24.24
CA GLU A 352 -16.15 -20.76 25.30
C GLU A 352 -16.57 -21.39 26.61
N ALA A 353 -15.65 -21.40 27.57
CA ALA A 353 -15.96 -21.65 28.97
C ALA A 353 -15.92 -20.33 29.73
N GLN A 354 -16.37 -20.39 30.98
CA GLN A 354 -16.41 -19.19 31.80
C GLN A 354 -14.98 -18.72 32.11
N VAL A 355 -14.89 -17.58 32.78
CA VAL A 355 -13.62 -17.04 33.25
C VAL A 355 -13.80 -16.66 34.71
N SER A 356 -12.70 -16.73 35.48
CA SER A 356 -12.79 -16.49 36.92
C SER A 356 -13.28 -15.08 37.23
N GLY A 357 -12.50 -14.07 36.85
CA GLY A 357 -12.81 -12.71 37.19
C GLY A 357 -13.61 -11.93 36.15
N VAL A 358 -14.19 -12.60 35.16
CA VAL A 358 -14.88 -11.96 34.06
C VAL A 358 -16.31 -12.49 34.03
N PRO A 359 -17.32 -11.63 34.01
CA PRO A 359 -18.71 -12.12 33.93
C PRO A 359 -18.98 -12.78 32.58
N ASP A 360 -19.99 -13.66 32.57
CA ASP A 360 -20.26 -14.47 31.39
C ASP A 360 -20.61 -13.61 30.18
N ASN A 361 -21.41 -12.56 30.38
CA ASN A 361 -21.83 -11.72 29.27
C ASN A 361 -20.67 -10.98 28.62
N GLU A 362 -19.52 -10.88 29.27
CA GLU A 362 -18.31 -10.39 28.64
C GLU A 362 -17.54 -11.47 27.91
N VAL A 363 -18.01 -12.71 27.95
CA VAL A 363 -17.36 -13.82 27.29
C VAL A 363 -18.21 -14.38 26.15
N VAL A 364 -19.53 -14.38 26.32
CA VAL A 364 -20.44 -14.94 25.33
C VAL A 364 -21.53 -13.93 24.99
N VAL A 365 -22.09 -14.07 23.79
CA VAL A 365 -23.22 -13.24 23.36
C VAL A 365 -24.56 -13.91 23.57
N ILE A 366 -24.59 -15.20 23.93
CA ILE A 366 -25.85 -15.91 24.05
C ILE A 366 -26.68 -15.30 25.17
N SER A 367 -27.99 -15.15 24.91
CA SER A 367 -28.86 -14.43 25.85
C SER A 367 -28.93 -15.13 27.20
N SER A 368 -29.04 -16.45 27.19
CA SER A 368 -29.14 -17.23 28.41
C SER A 368 -28.03 -18.27 28.42
N THR A 369 -27.23 -18.27 29.48
CA THR A 369 -26.17 -19.24 29.68
C THR A 369 -26.58 -20.39 30.59
N ALA A 370 -27.87 -20.48 30.93
CA ALA A 370 -28.36 -21.56 31.77
C ALA A 370 -28.42 -22.85 30.97
N GLY A 371 -27.62 -23.84 31.37
CA GLY A 371 -27.51 -25.06 30.61
C GLY A 371 -26.64 -24.97 29.38
N PHE A 372 -25.83 -23.92 29.26
CA PHE A 372 -24.98 -23.72 28.11
C PHE A 372 -23.60 -24.32 28.30
N PHE A 373 -22.97 -24.07 29.45
CA PHE A 373 -21.63 -24.58 29.73
C PHE A 373 -21.71 -25.97 30.35
N ASN A 374 -20.76 -26.82 30.02
CA ASN A 374 -20.67 -28.17 30.57
C ASN A 374 -19.22 -28.50 30.92
N ASN A 375 -18.53 -27.57 31.56
CA ASN A 375 -17.15 -27.78 31.99
C ASN A 375 -16.88 -26.84 33.16
N PRO A 376 -15.83 -27.10 33.93
CA PRO A 376 -15.49 -26.20 35.05
C PRO A 376 -15.20 -24.78 34.57
N ILE A 377 -15.09 -23.88 35.54
CA ILE A 377 -15.10 -22.45 35.23
C ILE A 377 -13.85 -22.04 34.46
N ASP A 378 -12.67 -22.47 34.91
CA ASP A 378 -11.41 -22.03 34.32
C ASP A 378 -10.90 -23.00 33.26
N SER A 379 -11.79 -23.72 32.60
CA SER A 379 -11.38 -24.71 31.62
C SER A 379 -10.76 -24.03 30.41
N PRO A 380 -9.75 -24.63 29.79
CA PRO A 380 -9.20 -24.07 28.56
C PRO A 380 -10.20 -24.16 27.41
N THR A 381 -9.98 -23.31 26.41
CA THR A 381 -10.93 -23.23 25.31
C THR A 381 -10.88 -24.50 24.47
N SER A 382 -12.05 -25.07 24.22
CA SER A 382 -12.17 -26.31 23.46
C SER A 382 -13.59 -26.40 22.93
N ASN A 383 -13.75 -27.18 21.86
CA ASN A 383 -15.07 -27.36 21.26
C ASN A 383 -16.09 -27.85 22.27
N THR A 384 -15.66 -28.65 23.24
CA THR A 384 -16.58 -29.32 24.16
C THR A 384 -16.99 -28.45 25.34
N ASN A 385 -16.52 -27.20 25.41
CA ASN A 385 -16.77 -26.37 26.59
C ASN A 385 -18.23 -25.97 26.74
N ASN A 386 -19.00 -25.93 25.66
CA ASN A 386 -20.39 -25.52 25.73
C ASN A 386 -21.22 -26.40 24.81
N LYS A 387 -22.47 -26.01 24.60
CA LYS A 387 -23.41 -26.77 23.78
C LYS A 387 -23.33 -26.41 22.31
N TYR A 388 -22.39 -25.56 21.92
CA TYR A 388 -22.12 -25.29 20.51
C TYR A 388 -21.04 -26.20 19.95
N ASP A 389 -20.88 -27.40 20.51
CA ASP A 389 -19.84 -28.30 20.08
C ASP A 389 -20.16 -28.82 18.68
N PRO A 390 -19.30 -28.59 17.70
CA PRO A 390 -19.57 -29.12 16.34
C PRO A 390 -19.51 -30.63 16.26
N ALA A 391 -18.91 -31.31 17.23
CA ALA A 391 -18.85 -32.76 17.21
C ALA A 391 -20.09 -33.40 17.80
N THR A 392 -20.94 -32.63 18.47
CA THR A 392 -22.17 -33.14 19.07
C THR A 392 -23.38 -32.38 18.54
N ILE A 393 -23.44 -32.18 17.22
CA ILE A 393 -24.48 -31.36 16.64
C ILE A 393 -25.80 -32.11 16.69
N GLY A 394 -26.72 -31.66 17.54
CA GLY A 394 -28.05 -32.22 17.61
C GLY A 394 -28.14 -33.64 18.11
N GLN A 395 -27.29 -34.03 19.05
CA GLN A 395 -27.33 -35.42 19.53
C GLN A 395 -28.39 -35.61 20.60
N ALA A 396 -28.22 -34.98 21.76
CA ALA A 396 -29.22 -35.14 22.81
C ALA A 396 -29.67 -33.83 23.43
N GLY A 397 -28.76 -32.88 23.63
CA GLY A 397 -29.10 -31.66 24.34
C GLY A 397 -28.38 -30.45 23.79
N SER A 398 -27.76 -30.61 22.63
CA SER A 398 -27.02 -29.52 22.03
C SER A 398 -27.95 -28.40 21.58
N PHE A 399 -27.38 -27.22 21.35
CA PHE A 399 -28.12 -26.06 20.87
C PHE A 399 -28.10 -25.94 19.36
N LEU A 400 -27.53 -26.89 18.64
CA LEU A 400 -27.42 -26.84 17.19
C LEU A 400 -28.15 -28.02 16.56
N ASN A 401 -28.87 -27.75 15.47
CA ASN A 401 -29.46 -28.79 14.65
C ASN A 401 -28.53 -29.11 13.49
N SER A 402 -28.90 -30.12 12.72
CA SER A 402 -28.14 -30.42 11.51
C SER A 402 -28.22 -29.29 10.50
N ASN A 403 -29.27 -28.46 10.56
CA ASN A 403 -29.44 -27.35 9.64
C ASN A 403 -28.34 -26.30 9.77
N ILE A 404 -27.58 -26.32 10.86
CA ILE A 404 -26.43 -25.44 10.99
C ILE A 404 -25.41 -25.70 9.89
N ARG A 405 -25.46 -26.89 9.28
CA ARG A 405 -24.51 -27.22 8.22
C ARG A 405 -24.84 -26.53 6.90
N GLU A 406 -26.09 -26.14 6.69
CA GLU A 406 -26.53 -25.53 5.45
C GLU A 406 -26.61 -24.02 5.59
N ILE A 407 -26.17 -23.31 4.55
CA ILE A 407 -26.29 -21.85 4.56
C ILE A 407 -27.74 -21.40 4.45
N VAL A 408 -28.56 -22.19 3.76
CA VAL A 408 -29.96 -21.79 3.55
C VAL A 408 -30.74 -21.82 4.86
N THR A 409 -30.46 -22.82 5.70
CA THR A 409 -31.15 -22.98 6.98
C THR A 409 -30.20 -22.74 8.15
N ALA A 410 -29.30 -21.77 8.02
CA ALA A 410 -28.33 -21.51 9.07
C ALA A 410 -29.01 -21.06 10.36
N LYS A 411 -30.01 -20.17 10.25
CA LYS A 411 -30.70 -19.71 11.44
C LYS A 411 -31.66 -20.75 11.99
N SER A 412 -32.17 -21.63 11.13
CA SER A 412 -33.00 -22.73 11.58
C SER A 412 -32.20 -23.81 12.30
N GLY A 413 -30.88 -23.73 12.28
CA GLY A 413 -30.01 -24.68 12.92
C GLY A 413 -29.72 -24.40 14.37
N PHE A 414 -30.35 -23.39 14.96
CA PHE A 414 -30.20 -23.08 16.37
C PHE A 414 -31.46 -23.46 17.12
N ASN A 415 -31.28 -24.09 18.28
CA ASN A 415 -32.40 -24.38 19.16
C ASN A 415 -32.74 -23.23 20.09
N ASN A 416 -31.95 -22.16 20.07
CA ASN A 416 -32.21 -20.99 20.90
C ASN A 416 -33.17 -20.05 20.18
N THR A 417 -33.60 -19.02 20.91
CA THR A 417 -34.59 -18.07 20.40
C THR A 417 -33.95 -16.77 19.93
N ASN A 418 -33.20 -16.09 20.81
CA ASN A 418 -32.62 -14.80 20.49
C ASN A 418 -31.31 -15.00 19.76
N VAL A 419 -31.42 -15.41 18.50
CA VAL A 419 -30.28 -15.66 17.63
C VAL A 419 -30.35 -14.69 16.47
N SER A 420 -29.23 -14.02 16.18
CA SER A 420 -29.17 -13.02 15.12
C SER A 420 -28.02 -13.34 14.18
N GLU A 421 -28.20 -12.95 12.92
CA GLU A 421 -27.30 -13.34 11.85
C GLU A 421 -25.96 -12.62 11.90
N ALA A 422 -25.81 -11.59 12.72
CA ALA A 422 -24.54 -10.88 12.80
C ALA A 422 -23.88 -11.00 14.16
N THR A 423 -24.65 -11.20 15.22
CA THR A 423 -24.10 -11.31 16.56
C THR A 423 -23.71 -12.75 16.89
N ASP A 424 -24.68 -13.67 16.85
CA ASP A 424 -24.42 -15.04 17.28
C ASP A 424 -23.54 -15.77 16.27
N TYR A 425 -23.79 -15.59 14.98
CA TYR A 425 -23.08 -16.32 13.95
C TYR A 425 -22.89 -15.43 12.74
N SER A 426 -22.14 -15.94 11.77
CA SER A 426 -22.00 -15.29 10.47
C SER A 426 -21.62 -16.33 9.44
N VAL A 427 -22.26 -16.28 8.28
CA VAL A 427 -22.07 -17.27 7.24
C VAL A 427 -21.31 -16.66 6.07
N LEU A 428 -20.39 -17.45 5.51
CA LEU A 428 -19.73 -17.16 4.26
C LEU A 428 -19.94 -18.33 3.32
N GLU A 429 -19.97 -18.06 2.02
CA GLU A 429 -20.29 -19.10 1.06
C GLU A 429 -19.11 -19.61 0.25
N ASN A 430 -18.07 -18.83 0.06
CA ASN A 430 -16.87 -19.35 -0.59
C ASN A 430 -15.63 -18.82 0.11
N ALA A 431 -15.65 -18.83 1.44
CA ALA A 431 -14.55 -18.26 2.20
C ALA A 431 -13.23 -18.93 1.83
N ARG A 432 -12.21 -18.11 1.61
CA ARG A 432 -10.91 -18.62 1.20
C ARG A 432 -10.01 -18.75 2.42
N LYS A 433 -9.22 -19.82 2.45
CA LYS A 433 -8.31 -20.05 3.55
C LYS A 433 -7.01 -19.30 3.30
N LEU A 434 -6.57 -18.55 4.29
CA LEU A 434 -5.33 -17.80 4.17
C LEU A 434 -4.14 -18.74 4.14
N THR A 435 -3.16 -18.40 3.31
CA THR A 435 -1.91 -19.15 3.27
C THR A 435 -1.06 -18.81 4.49
N THR A 436 -0.07 -19.66 4.76
CA THR A 436 0.78 -19.46 5.92
C THR A 436 1.62 -18.19 5.82
N ASN A 437 1.75 -17.61 4.63
CA ASN A 437 2.48 -16.37 4.45
C ASN A 437 1.59 -15.14 4.53
N GLU A 438 0.29 -15.32 4.71
CA GLU A 438 -0.62 -14.20 4.87
C GLU A 438 -0.91 -13.87 6.32
N TYR A 439 -0.34 -14.61 7.26
CA TYR A 439 -0.52 -14.34 8.68
C TYR A 439 0.63 -15.00 9.44
N THR A 440 0.85 -14.52 10.66
CA THR A 440 1.67 -15.20 11.64
C THR A 440 0.85 -15.40 12.89
N PHE A 441 1.37 -16.18 13.84
CA PHE A 441 0.69 -16.31 15.10
C PHE A 441 1.69 -16.60 16.20
N ASN A 442 1.28 -16.30 17.43
CA ASN A 442 2.10 -16.56 18.60
C ASN A 442 1.65 -17.89 19.19
N PRO A 443 2.44 -18.95 19.06
CA PRO A 443 1.98 -20.26 19.55
C PRO A 443 1.79 -20.33 21.04
N GLN A 444 2.42 -19.45 21.82
CA GLN A 444 2.32 -19.52 23.26
C GLN A 444 1.22 -18.60 23.80
N LEU A 445 1.17 -17.36 23.31
CA LEU A 445 0.21 -16.40 23.81
C LEU A 445 -1.11 -16.44 23.06
N GLY A 446 -1.19 -17.16 21.95
CA GLY A 446 -2.46 -17.44 21.31
C GLY A 446 -3.11 -16.26 20.63
N TYR A 447 -2.42 -15.64 19.67
CA TYR A 447 -3.04 -14.58 18.88
C TYR A 447 -2.43 -14.59 17.49
N ILE A 448 -3.25 -14.23 16.51
CA ILE A 448 -2.83 -14.16 15.12
C ILE A 448 -2.59 -12.71 14.75
N SER A 449 -1.69 -12.52 13.78
CA SER A 449 -1.35 -11.23 13.23
C SER A 449 -1.43 -11.35 11.72
N LEU A 450 -2.46 -10.78 11.13
CA LEU A 450 -2.68 -10.87 9.70
C LEU A 450 -1.69 -9.97 8.95
N GLN A 451 -1.40 -10.33 7.72
CA GLN A 451 -0.54 -9.49 6.89
C GLN A 451 -1.29 -8.33 6.26
N GLN A 452 -2.62 -8.40 6.22
CA GLN A 452 -3.45 -7.39 5.62
C GLN A 452 -4.52 -6.95 6.61
N ARG A 453 -4.74 -5.66 6.70
CA ARG A 453 -5.71 -5.11 7.64
C ARG A 453 -7.12 -5.39 7.16
N LEU A 454 -8.00 -5.72 8.10
CA LEU A 454 -9.42 -5.92 7.84
C LEU A 454 -10.18 -4.73 8.41
N ALA A 455 -10.25 -3.65 7.63
CA ALA A 455 -10.90 -2.43 8.07
C ALA A 455 -12.32 -2.30 7.54
N ASN A 456 -12.85 -3.34 6.92
CA ASN A 456 -14.18 -3.31 6.33
C ASN A 456 -14.94 -4.54 6.83
N ASP A 457 -16.04 -4.85 6.18
CA ASP A 457 -16.97 -5.91 6.54
C ASP A 457 -16.40 -7.31 6.39
N GLU A 458 -15.11 -7.46 6.12
CA GLU A 458 -14.51 -8.77 6.00
C GLU A 458 -14.69 -9.55 7.29
N ILE A 459 -14.95 -10.85 7.16
CA ILE A 459 -15.18 -11.74 8.29
C ILE A 459 -13.92 -12.58 8.51
N LEU A 460 -13.52 -12.69 9.77
CA LEU A 460 -12.39 -13.53 10.16
C LEU A 460 -12.90 -14.71 10.98
N ALA A 461 -12.57 -15.92 10.55
CA ALA A 461 -12.97 -17.11 11.28
C ALA A 461 -11.77 -18.04 11.38
N VAL A 462 -11.65 -18.73 12.51
CA VAL A 462 -10.50 -19.58 12.74
C VAL A 462 -10.93 -20.96 13.22
N ALA A 463 -10.06 -21.92 12.96
CA ALA A 463 -10.12 -23.24 13.58
C ALA A 463 -8.70 -23.61 13.97
N PHE A 464 -8.46 -23.78 15.27
CA PHE A 464 -7.10 -24.06 15.72
C PHE A 464 -7.09 -25.22 16.69
N GLU A 465 -5.94 -25.87 16.75
CA GLU A 465 -5.69 -26.98 17.65
C GLU A 465 -4.39 -26.72 18.39
N TYR A 466 -4.44 -26.76 19.72
CA TYR A 466 -3.29 -26.52 20.56
C TYR A 466 -3.13 -27.64 21.57
N THR A 467 -1.97 -27.68 22.22
CA THR A 467 -1.64 -28.69 23.20
C THR A 467 -1.33 -28.04 24.53
N VAL A 468 -1.87 -28.61 25.59
CA VAL A 468 -1.52 -28.26 26.96
C VAL A 468 -0.87 -29.51 27.55
N GLY A 469 0.45 -29.57 27.47
CA GLY A 469 1.18 -30.75 27.92
C GLY A 469 0.83 -31.99 27.13
N GLY A 470 0.12 -32.91 27.77
CA GLY A 470 -0.36 -34.10 27.11
C GLY A 470 -1.77 -34.04 26.61
N LYS A 471 -2.49 -32.95 26.88
CA LYS A 471 -3.86 -32.78 26.42
C LYS A 471 -3.87 -32.00 25.12
N VAL A 472 -4.83 -32.33 24.25
CA VAL A 472 -4.99 -31.67 22.96
C VAL A 472 -6.38 -31.08 22.90
N TYR A 473 -6.47 -29.80 22.56
CA TYR A 473 -7.74 -29.10 22.45
C TYR A 473 -7.89 -28.55 21.04
N GLN A 474 -9.13 -28.57 20.56
CA GLN A 474 -9.49 -28.05 19.24
C GLN A 474 -10.72 -27.19 19.40
N VAL A 475 -10.78 -26.08 18.65
CA VAL A 475 -11.86 -25.10 18.80
C VAL A 475 -12.67 -24.91 17.53
N GLY A 476 -12.17 -25.27 16.36
CA GLY A 476 -13.01 -25.22 15.19
C GLY A 476 -13.12 -26.56 14.48
N GLU A 477 -13.60 -26.53 13.25
CA GLU A 477 -13.60 -27.71 12.39
C GLU A 477 -12.59 -27.49 11.28
N PHE A 478 -11.63 -28.40 11.16
CA PHE A 478 -10.66 -28.30 10.07
C PHE A 478 -11.22 -28.96 8.82
N GLY A 479 -10.58 -28.66 7.69
CA GLY A 479 -10.93 -29.37 6.46
C GLY A 479 -10.66 -30.86 6.55
N SER A 480 -9.63 -31.24 7.31
CA SER A 480 -9.28 -32.65 7.43
C SER A 480 -10.32 -33.42 8.22
N ASP A 481 -10.81 -32.87 9.33
CA ASP A 481 -11.73 -33.56 10.21
C ASP A 481 -13.14 -32.99 10.19
N GLY A 482 -13.42 -32.01 9.35
CA GLY A 482 -14.77 -31.50 9.21
C GLY A 482 -15.61 -32.36 8.30
N VAL A 483 -16.87 -31.95 8.14
CA VAL A 483 -17.74 -32.66 7.22
C VAL A 483 -17.29 -32.44 5.78
N ASP A 484 -17.69 -33.35 4.91
CA ASP A 484 -17.38 -33.22 3.50
C ASP A 484 -18.09 -32.00 2.92
N ALA A 485 -17.44 -31.36 1.95
CA ALA A 485 -17.99 -30.14 1.37
C ALA A 485 -19.35 -30.39 0.73
N THR A 486 -19.48 -31.49 -0.02
CA THR A 486 -20.72 -31.77 -0.73
C THR A 486 -21.02 -33.26 -0.66
N VAL A 487 -22.29 -33.57 -0.42
CA VAL A 487 -22.81 -34.93 -0.47
C VAL A 487 -23.92 -34.98 -1.50
N VAL A 488 -23.84 -35.93 -2.42
CA VAL A 488 -24.75 -36.00 -3.55
C VAL A 488 -25.51 -37.32 -3.47
N THR A 489 -26.84 -37.24 -3.59
CA THR A 489 -27.72 -38.40 -3.49
C THR A 489 -28.51 -38.53 -4.78
N GLY A 490 -28.15 -39.50 -5.62
CA GLY A 490 -28.87 -39.71 -6.86
C GLY A 490 -28.01 -40.28 -7.97
N ASN A 491 -28.62 -40.53 -9.13
CA ASN A 491 -27.92 -41.11 -10.27
C ASN A 491 -27.60 -40.11 -11.36
N ASN A 492 -28.58 -39.37 -11.85
CA ASN A 492 -28.37 -38.39 -12.91
C ASN A 492 -28.89 -37.05 -12.44
N SER A 493 -28.69 -36.01 -13.27
CA SER A 493 -28.98 -34.64 -12.87
C SER A 493 -30.48 -34.39 -12.65
N SER A 494 -31.35 -35.31 -13.09
CA SER A 494 -32.78 -35.11 -12.89
C SER A 494 -33.20 -35.41 -11.45
N ASN A 495 -32.57 -36.40 -10.81
CA ASN A 495 -32.96 -36.81 -9.46
C ASN A 495 -31.87 -36.58 -8.43
N GLN A 496 -30.72 -36.04 -8.82
CA GLN A 496 -29.64 -35.81 -7.86
C GLN A 496 -30.03 -34.72 -6.86
N ALA A 497 -29.66 -34.94 -5.60
CA ALA A 497 -29.82 -33.95 -4.55
C ALA A 497 -28.44 -33.57 -4.03
N ILE A 498 -28.15 -32.28 -4.03
CA ILE A 498 -26.86 -31.75 -3.61
C ILE A 498 -27.00 -31.20 -2.20
N ILE A 499 -26.05 -31.53 -1.33
CA ILE A 499 -26.04 -31.04 0.05
C ILE A 499 -24.65 -30.47 0.29
N THR A 500 -24.52 -29.16 0.21
CA THR A 500 -23.26 -28.50 0.50
C THR A 500 -23.24 -28.10 1.97
N GLN A 501 -22.21 -28.52 2.68
CA GLN A 501 -22.14 -28.38 4.13
C GLN A 501 -21.06 -27.39 4.52
N SER A 502 -21.26 -26.75 5.67
CA SER A 502 -20.40 -25.68 6.15
C SER A 502 -19.47 -26.18 7.24
N LEU A 503 -18.27 -25.61 7.30
CA LEU A 503 -17.41 -25.79 8.44
C LEU A 503 -17.84 -24.86 9.56
N VAL A 504 -17.80 -25.36 10.79
CA VAL A 504 -18.13 -24.57 11.98
C VAL A 504 -16.83 -24.05 12.56
N LEU A 505 -16.63 -22.74 12.48
CA LEU A 505 -15.41 -22.09 12.95
C LEU A 505 -15.75 -21.13 14.07
N LYS A 506 -14.72 -20.47 14.59
CA LYS A 506 -14.90 -19.46 15.63
C LYS A 506 -14.71 -18.09 15.02
N MET A 507 -15.63 -17.17 15.31
CA MET A 507 -15.58 -15.83 14.76
C MET A 507 -14.60 -14.99 15.56
N LEU A 508 -13.64 -14.38 14.86
CA LEU A 508 -12.72 -13.42 15.47
C LEU A 508 -13.08 -11.99 15.11
N LYS A 509 -13.45 -11.74 13.87
CA LYS A 509 -13.98 -10.45 13.45
C LYS A 509 -15.34 -10.67 12.82
N SER A 510 -16.30 -9.83 13.16
CA SER A 510 -17.67 -9.99 12.71
C SER A 510 -17.93 -9.21 11.43
N ASN A 511 -19.06 -9.52 10.81
CA ASN A 511 -19.45 -8.83 9.58
C ASN A 511 -19.87 -7.39 9.88
N LEU A 512 -20.62 -7.19 10.94
CA LEU A 512 -21.08 -5.87 11.37
C LEU A 512 -20.41 -5.52 12.68
N THR A 513 -19.77 -4.35 12.72
CA THR A 513 -18.98 -3.97 13.88
C THR A 513 -19.88 -3.60 15.05
N ASN A 514 -19.73 -4.31 16.16
CA ASN A 514 -20.43 -4.01 17.40
C ASN A 514 -19.40 -3.98 18.51
N VAL A 515 -19.24 -2.83 19.17
CA VAL A 515 -18.25 -2.71 20.22
C VAL A 515 -18.75 -3.20 21.57
N LYS A 516 -20.05 -3.42 21.71
CA LYS A 516 -20.62 -3.97 22.94
C LYS A 516 -20.71 -5.48 22.90
N ASN A 517 -19.88 -6.14 22.10
CA ASN A 517 -19.83 -7.58 21.94
C ASN A 517 -18.46 -8.12 22.34
N PRO A 518 -18.41 -9.33 22.89
CA PRO A 518 -17.11 -9.94 23.21
C PRO A 518 -16.22 -10.18 22.01
N VAL A 519 -16.78 -10.33 20.81
CA VAL A 519 -15.93 -10.52 19.63
C VAL A 519 -15.13 -9.25 19.34
N TRP A 520 -15.59 -8.10 19.81
CA TRP A 520 -14.82 -6.87 19.68
C TRP A 520 -13.55 -6.93 20.52
N ASN A 521 -13.64 -7.58 21.69
CA ASN A 521 -12.51 -7.67 22.60
C ASN A 521 -11.41 -8.60 22.09
N LEU A 522 -11.68 -9.41 21.07
CA LEU A 522 -10.66 -10.31 20.56
C LEU A 522 -9.61 -9.59 19.74
N MET A 523 -9.90 -8.39 19.27
CA MET A 523 -8.92 -7.61 18.54
C MET A 523 -7.93 -7.00 19.53
N MET A 524 -6.64 -7.13 19.22
CA MET A 524 -5.59 -6.68 20.13
C MET A 524 -5.31 -5.20 19.90
N LYS A 525 -5.45 -4.40 20.94
CA LYS A 525 -5.23 -2.96 20.88
C LYS A 525 -3.97 -2.56 21.65
N ASN A 526 -3.03 -3.48 21.78
CA ASN A 526 -1.77 -3.22 22.47
C ASN A 526 -0.57 -3.42 21.55
N VAL A 527 -0.78 -3.50 20.25
CA VAL A 527 0.29 -3.70 19.27
C VAL A 527 0.45 -2.40 18.50
N TYR A 528 1.69 -1.90 18.46
CA TYR A 528 2.00 -0.63 17.80
C TYR A 528 3.03 -0.89 16.72
N GLN A 529 2.67 -0.54 15.48
CA GLN A 529 3.58 -0.71 14.36
C GLN A 529 4.56 0.45 14.33
N ILE A 530 5.85 0.14 14.49
CA ILE A 530 6.88 1.16 14.35
C ILE A 530 6.90 1.60 12.89
N PRO A 531 6.77 2.89 12.60
CA PRO A 531 6.57 3.31 11.20
C PRO A 531 7.73 2.93 10.30
N GLN A 532 7.44 2.07 9.31
CA GLN A 532 8.36 1.64 8.28
C GLN A 532 9.54 0.83 8.82
N ALA A 533 9.42 0.31 10.04
CA ALA A 533 10.42 -0.60 10.57
C ALA A 533 10.25 -1.99 9.96
N TYR A 534 11.37 -2.65 9.70
CA TYR A 534 11.31 -3.95 9.06
C TYR A 534 11.91 -5.06 9.90
N GLN A 535 13.16 -4.92 10.35
CA GLN A 535 13.88 -5.99 11.03
C GLN A 535 14.56 -5.46 12.28
N ILE A 536 13.81 -4.73 13.11
CA ILE A 536 14.38 -4.06 14.27
C ILE A 536 15.19 -5.04 15.10
N LYS A 537 16.41 -4.65 15.42
CA LYS A 537 17.34 -5.48 16.19
C LYS A 537 17.75 -4.73 17.44
N GLN A 538 18.07 -5.49 18.49
CA GLN A 538 18.48 -4.90 19.74
C GLN A 538 19.83 -4.21 19.59
N ASP A 539 20.12 -3.31 20.53
CA ASP A 539 21.30 -2.45 20.53
C ASP A 539 21.20 -1.41 19.42
N ASP A 540 20.16 -1.50 18.61
CA ASP A 540 19.82 -0.53 17.58
C ASP A 540 18.34 -0.18 17.67
N PHE A 541 17.81 -0.09 18.89
CA PHE A 541 16.39 0.19 19.07
C PHE A 541 16.16 0.68 20.49
N ARG A 542 15.70 1.92 20.62
CA ARG A 542 15.35 2.52 21.90
C ARG A 542 13.89 2.94 21.85
N LEU A 543 13.16 2.66 22.92
CA LEU A 543 11.77 3.08 23.07
C LEU A 543 11.60 3.74 24.42
N ASN A 544 10.68 4.71 24.49
CA ASN A 544 10.36 5.39 25.73
C ASN A 544 8.90 5.81 25.67
N ILE A 545 8.30 5.94 26.84
CA ILE A 545 6.92 6.40 26.97
C ILE A 545 6.96 7.74 27.72
N LEU A 546 6.30 8.74 27.15
CA LEU A 546 6.32 10.09 27.68
C LEU A 546 4.89 10.57 27.86
N TYR A 547 4.71 11.52 28.75
CA TYR A 547 3.41 12.17 28.93
C TYR A 547 3.56 13.61 28.44
N THR A 548 3.00 13.89 27.28
CA THR A 548 3.08 15.21 26.67
C THR A 548 1.88 16.03 27.14
N ASP A 549 2.14 16.97 28.05
CA ASP A 549 1.07 17.81 28.58
C ASP A 549 1.64 19.08 29.20
N PRO A 550 2.13 20.03 28.39
CA PRO A 550 2.28 19.96 26.93
C PRO A 550 3.66 19.51 26.50
N SER A 551 4.52 19.23 27.47
CA SER A 551 5.91 18.92 27.23
C SER A 551 6.20 17.45 27.53
N PRO A 552 7.15 16.86 26.81
CA PRO A 552 7.51 15.47 27.07
C PRO A 552 8.11 15.26 28.45
N ILE A 553 7.43 14.48 29.27
CA ILE A 553 7.85 14.22 30.65
C ILE A 553 7.88 12.71 30.86
N ASN A 554 8.93 12.23 31.53
CA ASN A 554 9.19 10.80 31.69
C ASN A 554 8.52 10.22 32.92
N TYR A 555 7.48 10.87 33.46
CA TYR A 555 6.81 10.35 34.64
C TYR A 555 5.44 11.01 34.74
N ILE A 556 4.72 10.67 35.81
CA ILE A 556 3.33 11.06 36.00
C ILE A 556 3.18 11.70 37.37
N THR A 557 2.57 12.88 37.41
CA THR A 557 2.28 13.58 38.66
C THR A 557 0.80 13.45 39.01
N PRO A 558 0.47 13.34 40.29
CA PRO A 558 -0.94 13.24 40.67
C PRO A 558 -1.70 14.53 40.39
N VAL A 559 -3.01 14.37 40.17
CA VAL A 559 -3.86 15.54 40.01
C VAL A 559 -3.83 16.36 41.28
N GLN A 560 -3.68 17.67 41.14
CA GLN A 560 -3.56 18.54 42.30
C GLN A 560 -4.81 18.44 43.17
N GLY A 561 -4.61 18.39 44.49
CA GLY A 561 -5.67 18.12 45.42
C GLY A 561 -5.82 16.66 45.80
N SER A 562 -5.08 15.76 45.16
CA SER A 562 -5.11 14.35 45.48
C SER A 562 -3.70 13.79 45.32
N SER A 563 -3.55 12.50 45.58
CA SER A 563 -2.23 11.87 45.51
C SER A 563 -2.39 10.40 45.13
N PHE A 564 -1.28 9.83 44.66
CA PHE A 564 -1.27 8.45 44.22
C PHE A 564 -1.49 7.50 45.40
N PRO A 565 -1.94 6.28 45.14
CA PRO A 565 -2.25 5.34 46.22
C PRO A 565 -1.05 5.10 47.11
N PRO A 566 -1.25 5.01 48.42
CA PRO A 566 -0.13 4.86 49.35
C PRO A 566 0.35 3.42 49.45
N ASN A 567 1.63 3.28 49.76
CA ASN A 567 2.30 1.99 49.95
C ASN A 567 1.99 1.02 48.82
N PRO A 568 2.44 1.31 47.61
CA PRO A 568 2.19 0.39 46.49
C PRO A 568 3.14 -0.79 46.52
N ALA A 569 2.80 -1.82 45.75
CA ALA A 569 3.69 -2.94 45.54
C ALA A 569 4.92 -2.47 44.76
N PRO A 570 6.03 -3.20 44.85
CA PRO A 570 7.23 -2.79 44.09
C PRO A 570 7.01 -2.74 42.59
N ASP A 571 6.01 -3.45 42.06
CA ASP A 571 5.66 -3.38 40.66
C ASP A 571 4.50 -2.43 40.38
N SER A 572 3.97 -1.76 41.40
CA SER A 572 2.86 -0.83 41.22
C SER A 572 3.28 0.60 41.56
N LYS A 573 4.58 0.89 41.57
CA LYS A 573 5.04 2.25 41.82
C LYS A 573 4.66 3.16 40.66
N VAL A 574 4.03 4.28 40.98
CA VAL A 574 3.73 5.32 40.00
C VAL A 574 4.43 6.62 40.34
N GLU A 575 4.55 6.95 41.62
CA GLU A 575 5.17 8.20 42.04
C GLU A 575 6.65 8.21 41.68
N GLN A 576 7.07 9.26 40.97
CA GLN A 576 8.48 9.47 40.63
C GLN A 576 9.07 8.26 39.92
N THR A 577 8.26 7.63 39.09
CA THR A 577 8.64 6.39 38.42
C THR A 577 8.61 6.59 36.91
N PRO A 578 9.64 6.16 36.18
CA PRO A 578 9.61 6.29 34.72
C PRO A 578 8.45 5.50 34.13
N LEU A 579 7.96 5.97 32.98
CA LEU A 579 6.74 5.41 32.41
C LEU A 579 6.96 4.02 31.83
N LEU A 580 8.18 3.63 31.51
CA LEU A 580 8.43 2.26 31.13
C LEU A 580 8.14 1.31 32.29
N ASN A 581 8.52 1.71 33.51
CA ASN A 581 8.21 0.89 34.67
C ASN A 581 6.73 0.91 35.00
N VAL A 582 6.05 2.03 34.71
CA VAL A 582 4.62 2.11 34.99
C VAL A 582 3.83 1.15 34.10
N PHE A 583 4.21 1.05 32.83
CA PHE A 583 3.50 0.21 31.88
C PHE A 583 4.16 -1.15 31.71
N ASN A 584 5.00 -1.56 32.66
CA ASN A 584 5.55 -2.91 32.72
C ASN A 584 6.39 -3.25 31.50
N LEU A 585 6.99 -2.25 30.86
CA LEU A 585 7.87 -2.47 29.72
C LEU A 585 9.34 -2.42 30.09
N ASP A 586 9.66 -2.34 31.38
CA ASP A 586 11.05 -2.33 31.81
C ASP A 586 11.13 -2.98 33.18
N ARG A 587 11.56 -4.24 33.21
CA ARG A 587 11.85 -4.92 34.47
C ARG A 587 13.09 -5.81 34.37
N LEU A 588 13.81 -5.76 33.26
CA LEU A 588 14.96 -6.63 33.02
C LEU A 588 16.15 -5.78 32.60
N ASN A 589 17.35 -6.32 32.84
CA ASN A 589 18.57 -5.64 32.45
C ASN A 589 18.86 -5.92 30.97
N TYR A 590 20.08 -5.61 30.53
CA TYR A 590 20.43 -5.77 29.12
C TYR A 590 20.33 -7.22 28.69
N ASN A 591 20.78 -8.14 29.54
CA ASN A 591 20.79 -9.56 29.21
C ASN A 591 19.47 -10.24 29.54
N ASN A 592 18.39 -9.48 29.68
CA ASN A 592 17.07 -9.98 29.99
C ASN A 592 17.01 -10.65 31.35
N ASP A 593 17.96 -10.36 32.23
CA ASP A 593 17.75 -10.88 33.58
C ASP A 593 16.98 -9.85 34.41
N PRO A 594 16.08 -10.30 35.28
CA PRO A 594 15.29 -9.36 36.06
C PRO A 594 16.16 -8.44 36.91
N GLN A 595 15.73 -7.19 37.02
CA GLN A 595 16.40 -6.18 37.83
C GLN A 595 15.36 -5.45 38.65
N ALA A 596 15.79 -4.88 39.77
CA ALA A 596 14.87 -4.29 40.74
C ALA A 596 14.00 -3.21 40.11
N GLY A 597 14.61 -2.10 39.68
CA GLY A 597 13.86 -1.03 39.07
C GLY A 597 14.01 -0.99 37.56
N GLY A 598 14.50 -2.08 36.98
CA GLY A 598 14.83 -2.09 35.58
C GLY A 598 16.12 -1.35 35.33
N ASP A 599 16.48 -1.27 34.05
CA ASP A 599 17.65 -0.50 33.64
C ASP A 599 17.26 0.78 32.89
N GLY A 600 15.98 1.15 32.90
CA GLY A 600 15.54 2.32 32.21
C GLY A 600 15.43 2.18 30.70
N PHE A 601 15.56 0.97 30.18
CA PHE A 601 15.48 0.71 28.76
C PHE A 601 14.34 -0.27 28.47
N PHE A 602 13.73 -0.11 27.30
CA PHE A 602 12.65 -0.98 26.88
C PHE A 602 13.11 -2.42 26.83
N ASP A 603 12.31 -3.33 27.40
CA ASP A 603 12.65 -4.74 27.47
C ASP A 603 12.40 -5.37 26.10
N TYR A 604 13.49 -5.69 25.40
CA TYR A 604 13.42 -6.23 24.05
C TYR A 604 13.47 -7.74 24.14
N ILE A 605 12.30 -8.37 24.15
CA ILE A 605 12.17 -9.82 24.08
C ILE A 605 11.51 -10.16 22.74
N PRO A 606 12.18 -10.87 21.85
CA PRO A 606 11.69 -11.01 20.47
C PRO A 606 10.46 -11.88 20.30
N GLY A 607 9.83 -12.29 21.39
CA GLY A 607 8.63 -13.10 21.27
C GLY A 607 7.50 -12.64 22.15
N VAL A 608 7.79 -11.71 23.06
CA VAL A 608 6.82 -11.22 24.03
C VAL A 608 6.49 -9.75 23.79
N THR A 609 7.52 -8.90 23.76
CA THR A 609 7.31 -7.47 23.66
C THR A 609 7.66 -6.89 22.30
N VAL A 610 8.17 -7.70 21.38
CA VAL A 610 8.66 -7.19 20.11
C VAL A 610 8.38 -8.23 19.02
N ASP A 611 8.04 -7.76 17.83
CA ASP A 611 7.88 -8.59 16.65
C ASP A 611 8.97 -8.18 15.66
N VAL A 612 10.00 -9.01 15.52
CA VAL A 612 11.22 -8.59 14.85
C VAL A 612 10.99 -8.42 13.35
N GLN A 613 10.29 -9.37 12.72
CA GLN A 613 10.19 -9.37 11.27
C GLN A 613 9.25 -8.32 10.73
N ASN A 614 8.37 -7.76 11.56
CA ASN A 614 7.43 -6.74 11.11
C ASN A 614 7.60 -5.42 11.82
N GLY A 615 8.52 -5.32 12.77
CA GLY A 615 8.77 -4.07 13.46
C GLY A 615 7.61 -3.58 14.31
N ARG A 616 7.02 -4.48 15.08
CA ARG A 616 5.91 -4.14 15.95
C ARG A 616 6.31 -4.29 17.41
N VAL A 617 5.79 -3.40 18.24
CA VAL A 617 6.00 -3.43 19.68
C VAL A 617 4.69 -3.85 20.33
N ILE A 618 4.73 -4.92 21.09
CA ILE A 618 3.56 -5.44 21.80
C ILE A 618 3.76 -5.16 23.28
N PHE A 619 2.72 -4.63 23.92
CA PHE A 619 2.78 -4.41 25.36
C PHE A 619 2.49 -5.70 26.10
N THR A 620 3.02 -5.79 27.32
CA THR A 620 2.87 -6.98 28.14
C THR A 620 1.48 -7.10 28.77
N THR A 621 0.63 -6.09 28.60
CA THR A 621 -0.75 -6.14 29.02
C THR A 621 -1.64 -5.83 27.83
N LYS A 622 -2.85 -6.38 27.83
CA LYS A 622 -3.71 -6.23 26.67
C LYS A 622 -4.30 -4.82 26.58
N GLU A 623 -4.41 -4.13 27.71
CA GLU A 623 -4.91 -2.76 27.76
C GLU A 623 -3.96 -1.95 28.63
N PRO A 624 -2.79 -1.58 28.10
CA PRO A 624 -1.81 -0.90 28.93
C PRO A 624 -2.25 0.47 29.43
N PHE A 625 -2.87 1.28 28.55
CA PHE A 625 -3.32 2.61 28.92
C PHE A 625 -4.73 2.60 29.47
N GLY A 626 -5.31 1.43 29.67
CA GLY A 626 -6.63 1.29 30.25
C GLY A 626 -6.59 0.67 31.62
N GLU A 627 -6.83 -0.65 31.68
CA GLU A 627 -6.95 -1.35 32.95
C GLU A 627 -5.64 -1.38 33.73
N LEU A 628 -4.50 -1.37 33.05
CA LEU A 628 -3.22 -1.42 33.75
C LEU A 628 -3.01 -0.19 34.61
N ILE A 629 -3.01 0.99 33.98
CA ILE A 629 -2.83 2.22 34.74
C ILE A 629 -4.01 2.49 35.66
N PHE A 630 -5.19 1.95 35.34
CA PHE A 630 -6.30 2.03 36.27
C PHE A 630 -5.99 1.27 37.55
N ASN A 631 -5.40 0.08 37.43
CA ASN A 631 -5.04 -0.70 38.61
C ASN A 631 -3.89 -0.06 39.37
N LYS A 632 -2.96 0.58 38.65
CA LYS A 632 -1.88 1.29 39.33
C LYS A 632 -2.40 2.42 40.19
N LEU A 633 -3.40 3.15 39.70
CA LEU A 633 -3.94 4.33 40.37
C LEU A 633 -5.12 4.03 41.26
N GLN A 634 -5.49 2.77 41.43
CA GLN A 634 -6.71 2.42 42.16
C GLN A 634 -6.49 2.60 43.65
N THR A 635 -7.39 3.35 44.30
CA THR A 635 -7.29 3.63 45.72
C THR A 635 -8.24 2.80 46.57
N GLY A 636 -8.99 1.89 45.97
CA GLY A 636 -9.89 1.05 46.75
C GLY A 636 -10.73 0.18 45.85
N ALA A 637 -11.41 -0.78 46.47
CA ALA A 637 -12.25 -1.73 45.74
C ALA A 637 -13.54 -1.10 45.23
N GLY A 638 -13.86 0.12 45.64
CA GLY A 638 -15.07 0.78 45.20
C GLY A 638 -15.02 1.36 43.80
N GLU A 639 -13.86 1.27 43.14
CA GLU A 639 -13.70 1.75 41.78
C GLU A 639 -13.60 0.55 40.84
N SER A 640 -14.42 0.55 39.80
CA SER A 640 -14.43 -0.52 38.81
C SER A 640 -14.07 0.05 37.44
N TYR A 641 -13.19 -0.65 36.74
CA TYR A 641 -12.71 -0.16 35.44
C TYR A 641 -13.84 0.00 34.45
N ASN A 642 -14.90 -0.80 34.57
CA ASN A 642 -16.00 -0.79 33.61
C ASN A 642 -17.09 0.20 33.97
N ASP A 643 -16.92 0.97 35.04
CA ASP A 643 -17.87 2.01 35.45
C ASP A 643 -17.11 3.31 35.58
N PRO A 644 -16.98 4.09 34.50
CA PRO A 644 -16.18 5.32 34.56
C PRO A 644 -16.78 6.41 35.43
N THR A 645 -17.92 6.19 36.05
CA THR A 645 -18.50 7.15 36.98
C THR A 645 -17.88 7.08 38.38
N THR A 646 -17.10 6.03 38.66
CA THR A 646 -16.54 5.80 39.97
C THR A 646 -15.04 6.10 40.06
N TYR A 647 -14.45 6.66 39.00
CA TYR A 647 -13.02 6.93 39.01
C TYR A 647 -12.70 8.04 40.02
N ASN A 648 -11.47 8.01 40.52
CA ASN A 648 -11.08 8.79 41.68
C ASN A 648 -10.31 10.06 41.32
N ALA A 649 -10.62 10.67 40.18
CA ALA A 649 -10.09 11.97 39.77
C ALA A 649 -8.62 11.90 39.40
N ASN A 650 -7.99 10.75 39.65
CA ASN A 650 -6.68 10.44 39.09
C ASN A 650 -6.80 9.48 37.91
N GLN A 651 -7.76 8.58 37.96
CA GLN A 651 -8.13 7.77 36.82
C GLN A 651 -8.95 8.56 35.81
N GLN A 652 -9.62 9.61 36.24
CA GLN A 652 -10.36 10.48 35.32
C GLN A 652 -9.43 11.27 34.41
N LYS A 653 -8.13 11.28 34.67
CA LYS A 653 -7.16 11.99 33.86
C LYS A 653 -6.27 11.08 33.02
N TYR A 654 -5.89 9.92 33.56
CA TYR A 654 -4.87 9.09 32.93
C TYR A 654 -5.41 7.80 32.31
N VAL A 655 -6.60 7.36 32.69
CA VAL A 655 -7.15 6.09 32.18
C VAL A 655 -7.84 6.36 30.85
N PHE A 656 -7.28 5.83 29.77
CA PHE A 656 -7.86 5.97 28.44
C PHE A 656 -8.70 4.73 28.13
N ARG A 657 -9.86 4.66 28.77
CA ARG A 657 -10.72 3.50 28.62
C ARG A 657 -11.36 3.44 27.23
N ASN A 658 -11.67 4.59 26.66
CA ASN A 658 -12.47 4.64 25.44
C ASN A 658 -11.67 4.32 24.19
N MET A 659 -10.36 4.14 24.27
CA MET A 659 -9.64 3.62 23.12
C MET A 659 -9.71 2.11 23.03
N TYR A 660 -10.12 1.44 24.11
CA TYR A 660 -10.30 0.00 24.12
C TYR A 660 -11.76 -0.43 24.07
N ARG A 661 -12.67 0.42 24.52
CA ARG A 661 -14.11 0.14 24.45
C ARG A 661 -14.76 0.73 23.21
N ASN A 662 -13.99 1.43 22.38
CA ASN A 662 -14.56 2.11 21.22
C ASN A 662 -13.52 2.13 20.11
N THR A 663 -13.99 2.35 18.89
CA THR A 663 -13.11 2.39 17.74
C THR A 663 -12.18 3.61 17.83
N GLN A 664 -11.15 3.62 17.00
CA GLN A 664 -10.22 4.75 16.99
C GLN A 664 -10.94 6.04 16.61
N ALA A 665 -11.77 5.97 15.58
CA ALA A 665 -12.56 7.15 15.19
C ALA A 665 -13.51 7.56 16.30
N GLY A 666 -14.10 6.57 16.98
CA GLY A 666 -14.96 6.89 18.11
C GLY A 666 -14.20 7.35 19.33
N ALA A 667 -12.92 6.96 19.43
CA ALA A 667 -12.07 7.42 20.53
C ALA A 667 -11.47 8.79 20.25
N LEU A 668 -11.53 9.28 19.02
CA LEU A 668 -11.09 10.65 18.75
C LEU A 668 -11.95 11.67 19.49
N GLN A 669 -13.16 11.30 19.89
CA GLN A 669 -13.99 12.21 20.66
C GLN A 669 -13.38 12.52 22.02
N ASP A 670 -12.82 11.51 22.68
CA ASP A 670 -12.14 11.73 23.97
C ASP A 670 -10.76 12.29 23.66
N SER A 671 -10.67 13.62 23.65
CA SER A 671 -9.45 14.29 23.22
C SER A 671 -8.42 14.42 24.33
N ASP A 672 -8.86 14.48 25.58
CA ASP A 672 -7.97 14.81 26.68
C ASP A 672 -7.18 13.61 27.20
N LYS A 673 -7.39 12.43 26.64
CA LYS A 673 -6.72 11.23 27.13
C LYS A 673 -5.52 10.82 26.29
N ASN A 674 -5.51 11.14 25.00
CA ASN A 674 -4.43 10.72 24.10
C ASN A 674 -3.20 11.59 24.33
N LYS A 675 -2.63 11.44 25.52
CA LYS A 675 -1.47 12.21 25.92
C LYS A 675 -0.20 11.38 26.09
N PHE A 676 -0.29 10.06 26.03
CA PHE A 676 0.87 9.20 26.18
C PHE A 676 1.51 8.98 24.81
N LEU A 677 2.79 9.29 24.71
CA LEU A 677 3.54 9.27 23.47
C LEU A 677 4.61 8.19 23.53
N LEU A 678 4.59 7.29 22.56
CA LEU A 678 5.63 6.28 22.41
C LEU A 678 6.70 6.87 21.49
N ARG A 679 7.80 7.32 22.07
CA ARG A 679 8.86 8.00 21.33
C ARG A 679 10.11 7.16 21.34
N GLY A 680 10.73 6.99 20.19
CA GLY A 680 11.93 6.17 20.17
C GLY A 680 12.69 6.32 18.88
N LYS A 681 13.72 5.49 18.76
CA LYS A 681 14.53 5.45 17.55
C LYS A 681 14.89 4.01 17.25
N TYR A 682 15.12 3.72 15.97
CA TYR A 682 15.64 2.43 15.55
C TYR A 682 16.64 2.65 14.43
N LYS A 683 17.71 1.87 14.44
CA LYS A 683 18.80 2.05 13.51
C LYS A 683 18.72 0.98 12.42
N SER A 684 18.71 1.44 11.17
CA SER A 684 18.66 0.57 10.01
C SER A 684 19.99 0.66 9.27
N SER A 685 20.73 -0.45 9.25
CA SER A 685 22.01 -0.52 8.55
C SER A 685 21.96 -1.46 7.35
N GLY A 686 21.57 -2.71 7.56
CA GLY A 686 21.43 -3.65 6.46
C GLY A 686 22.76 -4.09 5.88
N SER A 687 23.46 -3.16 5.23
CA SER A 687 24.72 -3.43 4.58
C SER A 687 25.83 -2.62 5.24
N ASN A 688 27.03 -2.75 4.69
CA ASN A 688 28.19 -2.03 5.20
C ASN A 688 28.19 -0.61 4.64
N GLY A 689 28.00 0.37 5.50
CA GLY A 689 27.98 1.76 5.09
C GLY A 689 26.66 2.44 5.44
N ILE A 690 26.68 3.76 5.41
CA ILE A 690 25.52 4.57 5.74
C ILE A 690 24.72 4.80 4.45
N PRO A 691 23.50 4.31 4.36
CA PRO A 691 22.66 4.60 3.18
C PRO A 691 22.07 5.99 3.26
N ILE A 692 22.59 6.91 2.44
CA ILE A 692 22.18 8.31 2.51
C ILE A 692 20.79 8.56 1.93
N GLY A 693 20.11 7.51 1.47
CA GLY A 693 18.75 7.67 0.99
C GLY A 693 18.62 8.32 -0.38
N ALA A 694 19.68 8.26 -1.19
CA ALA A 694 19.63 8.78 -2.54
C ALA A 694 20.65 8.04 -3.39
N PHE A 695 20.46 8.12 -4.70
CA PHE A 695 21.31 7.41 -5.65
C PHE A 695 21.78 8.36 -6.74
N ASN A 696 23.03 8.16 -7.18
CA ASN A 696 23.67 9.04 -8.14
C ASN A 696 23.65 10.48 -7.65
N VAL A 697 24.15 10.69 -6.44
CA VAL A 697 24.21 12.01 -5.84
C VAL A 697 25.29 12.82 -6.54
N PRO A 698 25.17 14.15 -6.59
CA PRO A 698 26.19 14.96 -7.24
C PRO A 698 27.53 14.84 -6.55
N GLN A 699 28.60 14.90 -7.35
CA GLN A 699 29.94 14.86 -6.82
C GLN A 699 30.18 16.04 -5.88
N GLY A 700 30.73 15.76 -4.71
CA GLY A 700 31.05 16.82 -3.77
C GLY A 700 29.87 17.45 -3.08
N SER A 701 28.68 16.85 -3.18
CA SER A 701 27.50 17.38 -2.52
C SER A 701 27.29 16.80 -1.13
N VAL A 702 28.14 15.89 -0.69
CA VAL A 702 27.97 15.20 0.59
C VAL A 702 28.88 15.86 1.61
N VAL A 703 28.29 16.28 2.73
CA VAL A 703 29.04 16.84 3.85
C VAL A 703 28.75 15.99 5.06
N VAL A 704 29.81 15.47 5.70
CA VAL A 704 29.70 14.58 6.84
C VAL A 704 30.33 15.25 8.05
N THR A 705 29.57 15.34 9.13
CA THR A 705 30.02 15.95 10.38
C THR A 705 29.91 14.93 11.50
N ALA A 706 31.02 14.69 12.19
CA ALA A 706 31.04 13.66 13.23
C ALA A 706 30.50 14.18 14.56
N ALA A 707 31.18 15.15 15.16
CA ALA A 707 30.80 15.66 16.47
C ALA A 707 30.87 17.17 16.48
N GLY A 708 30.28 17.80 15.47
CA GLY A 708 30.40 19.23 15.27
C GLY A 708 31.57 19.63 14.40
N ARG A 709 32.41 18.68 14.00
CA ARG A 709 33.54 18.95 13.11
C ARG A 709 33.31 18.26 11.77
N VAL A 710 33.73 18.90 10.70
CA VAL A 710 33.53 18.39 9.35
C VAL A 710 34.67 17.47 8.99
N LEU A 711 34.35 16.25 8.57
CA LEU A 711 35.36 15.29 8.16
C LEU A 711 35.85 15.61 6.76
N VAL A 712 36.99 15.01 6.42
CA VAL A 712 37.61 15.16 5.10
C VAL A 712 37.17 14.00 4.23
N GLU A 713 36.69 14.31 3.03
CA GLU A 713 36.15 13.28 2.15
C GLU A 713 37.21 12.31 1.65
N GLY A 714 38.49 12.66 1.77
CA GLY A 714 39.53 11.77 1.32
C GLY A 714 40.21 11.00 2.42
N ILE A 715 39.94 11.37 3.67
CA ILE A 715 40.64 10.82 4.83
C ILE A 715 39.69 10.03 5.73
N ASP A 716 38.69 10.70 6.30
CA ASP A 716 37.87 10.11 7.36
C ASP A 716 36.69 9.30 6.84
N TYR A 717 36.34 9.42 5.56
CA TYR A 717 35.23 8.64 5.01
C TYR A 717 35.39 8.58 3.50
N SER A 718 34.61 7.68 2.89
CA SER A 718 34.55 7.52 1.46
C SER A 718 33.09 7.46 1.02
N VAL A 719 32.83 7.93 -0.19
CA VAL A 719 31.47 8.02 -0.70
C VAL A 719 31.37 7.20 -1.98
N ASP A 720 30.42 6.28 -2.00
CA ASP A 720 30.01 5.57 -3.22
C ASP A 720 28.74 6.27 -3.71
N TYR A 721 28.90 7.12 -4.73
CA TYR A 721 27.80 7.98 -5.16
C TYR A 721 26.69 7.20 -5.84
N GLN A 722 27.05 6.24 -6.70
CA GLN A 722 26.02 5.52 -7.45
C GLN A 722 25.10 4.73 -6.52
N LEU A 723 25.67 4.06 -5.51
CA LEU A 723 24.87 3.32 -4.55
C LEU A 723 24.42 4.17 -3.37
N GLY A 724 24.89 5.42 -3.27
CA GLY A 724 24.51 6.28 -2.19
C GLY A 724 24.94 5.78 -0.83
N ARG A 725 26.20 5.37 -0.71
CA ARG A 725 26.73 4.84 0.53
C ARG A 725 27.85 5.73 1.04
N VAL A 726 27.89 5.94 2.35
CA VAL A 726 29.00 6.63 3.00
C VAL A 726 29.61 5.67 3.99
N GLN A 727 30.90 5.37 3.78
CA GLN A 727 31.64 4.43 4.62
C GLN A 727 32.62 5.23 5.46
N ILE A 728 32.57 5.06 6.77
CA ILE A 728 33.44 5.80 7.68
C ILE A 728 34.75 5.03 7.80
N LEU A 729 35.83 5.62 7.32
CA LEU A 729 37.13 4.98 7.31
C LEU A 729 37.99 5.34 8.52
N ASP A 730 37.54 6.27 9.36
CA ASP A 730 38.32 6.68 10.52
C ASP A 730 38.24 5.59 11.59
N PRO A 731 39.37 5.00 11.99
CA PRO A 731 39.29 3.91 12.99
C PRO A 731 38.70 4.36 14.31
N SER A 732 39.06 5.53 14.80
CA SER A 732 38.58 5.98 16.11
C SER A 732 37.13 6.45 16.04
N LEU A 733 36.62 6.72 14.83
CA LEU A 733 35.25 7.20 14.71
C LEU A 733 34.27 6.06 14.49
N GLN A 734 34.71 4.95 13.89
CA GLN A 734 33.83 3.81 13.71
C GLN A 734 33.34 3.26 15.05
N ALA A 735 34.27 3.03 15.97
CA ALA A 735 33.92 2.58 17.32
C ALA A 735 33.91 3.77 18.29
N SER A 736 32.96 4.67 18.07
CA SER A 736 32.85 5.87 18.90
C SER A 736 31.44 6.21 19.34
N ASN A 737 30.41 5.59 18.76
CA ASN A 737 29.01 5.83 19.10
C ASN A 737 28.57 7.27 18.85
N THR A 738 29.42 8.08 18.23
CA THR A 738 29.10 9.48 17.99
C THR A 738 28.11 9.60 16.83
N PRO A 739 27.03 10.36 16.99
CA PRO A 739 26.05 10.52 15.90
C PRO A 739 26.65 11.31 14.74
N ILE A 740 26.71 10.67 13.58
CA ILE A 740 27.31 11.26 12.39
C ILE A 740 26.19 11.82 11.52
N GLU A 741 26.26 13.12 11.22
CA GLU A 741 25.26 13.78 10.40
C GLU A 741 25.78 13.87 8.96
N VAL A 742 25.01 13.32 8.02
CA VAL A 742 25.36 13.35 6.61
C VAL A 742 24.30 14.17 5.88
N SER A 743 24.73 15.24 5.22
CA SER A 743 23.85 16.08 4.44
C SER A 743 24.21 15.98 2.96
N LEU A 744 23.19 15.86 2.12
CA LEU A 744 23.39 15.64 0.69
C LEU A 744 22.32 16.37 -0.10
N GLU A 745 22.69 16.85 -1.28
CA GLU A 745 21.77 17.55 -2.17
C GLU A 745 21.34 16.58 -3.26
N ASN A 746 20.22 15.92 -3.07
CA ASN A 746 19.74 14.93 -4.01
C ASN A 746 18.82 15.58 -5.04
N ASN A 747 19.10 15.32 -6.32
CA ASN A 747 18.30 15.89 -7.41
C ASN A 747 17.19 14.96 -7.86
N SER A 748 17.02 13.82 -7.21
CA SER A 748 15.92 12.90 -7.53
C SER A 748 14.62 13.31 -6.85
N ILE A 749 14.20 14.56 -7.05
CA ILE A 749 13.01 15.11 -6.42
C ILE A 749 11.96 15.36 -7.49
N PHE A 750 10.69 15.15 -7.13
CA PHE A 750 9.57 15.34 -8.04
C PHE A 750 8.46 16.06 -7.28
N GLY A 751 8.05 17.22 -7.77
CA GLY A 751 7.01 18.01 -7.14
C GLY A 751 7.52 19.19 -6.34
N GLN A 752 8.81 19.31 -6.08
CA GLN A 752 9.33 20.45 -5.35
C GLN A 752 9.17 21.73 -6.16
N GLN A 753 8.84 22.81 -5.46
CA GLN A 753 8.63 24.09 -6.12
C GLN A 753 9.92 24.57 -6.79
N THR A 754 9.76 25.45 -7.76
CA THR A 754 10.92 26.01 -8.46
C THR A 754 11.70 26.91 -7.51
N ARG A 755 12.99 26.63 -7.37
CA ARG A 755 13.86 27.35 -6.45
C ARG A 755 14.84 28.20 -7.25
N ARG A 756 14.75 29.52 -7.07
CA ARG A 756 15.69 30.44 -7.69
C ARG A 756 16.85 30.67 -6.74
N PHE A 757 18.05 30.29 -7.16
CA PHE A 757 19.26 30.44 -6.36
C PHE A 757 20.15 31.46 -7.07
N MET A 758 20.47 32.55 -6.38
CA MET A 758 21.33 33.57 -6.97
C MET A 758 22.29 34.09 -5.92
N GLY A 759 23.32 34.78 -6.38
CA GLY A 759 24.26 35.38 -5.45
C GLY A 759 25.69 35.38 -5.94
N PHE A 760 26.57 36.02 -5.20
CA PHE A 760 27.96 36.16 -5.61
C PHE A 760 28.88 35.75 -4.46
N ASN A 761 30.17 35.74 -4.76
CA ASN A 761 31.19 35.25 -3.83
C ASN A 761 32.50 35.94 -4.16
N ILE A 762 33.02 36.71 -3.20
CA ILE A 762 34.29 37.40 -3.35
C ILE A 762 35.38 36.52 -2.76
N GLU A 763 36.57 36.58 -3.37
CA GLU A 763 37.70 35.74 -2.95
C GLU A 763 38.98 36.56 -2.89
N HIS A 764 38.93 37.69 -2.19
CA HIS A 764 40.10 38.56 -2.09
C HIS A 764 41.27 37.79 -1.50
N LYS A 765 42.45 38.01 -2.06
CA LYS A 765 43.66 37.29 -1.65
C LYS A 765 44.62 38.30 -1.04
N ILE A 766 44.60 38.40 0.30
CA ILE A 766 45.42 39.41 0.98
C ILE A 766 46.90 39.18 0.71
N SER A 767 47.33 37.92 0.82
CA SER A 767 48.70 37.56 0.54
C SER A 767 48.68 36.18 -0.13
N ASP A 768 49.87 35.59 -0.28
CA ASP A 768 49.96 34.27 -0.89
C ASP A 768 49.40 33.17 0.00
N LYS A 769 49.08 33.47 1.26
CA LYS A 769 48.59 32.47 2.20
C LYS A 769 47.43 32.98 3.04
N PHE A 770 46.69 33.98 2.55
CA PHE A 770 45.64 34.62 3.32
C PHE A 770 44.51 34.97 2.38
N VAL A 771 43.32 34.44 2.65
CA VAL A 771 42.16 34.61 1.78
C VAL A 771 41.00 35.15 2.59
N ILE A 772 40.24 36.08 2.01
CA ILE A 772 39.04 36.64 2.62
C ILE A 772 37.91 36.54 1.62
N GLY A 773 36.80 35.95 2.04
CA GLY A 773 35.65 35.75 1.18
C GLY A 773 34.42 36.43 1.74
N GLY A 774 33.52 36.83 0.85
CA GLY A 774 32.34 37.61 1.21
C GLY A 774 31.05 37.06 0.64
N THR A 775 30.87 35.74 0.69
CA THR A 775 29.74 35.07 0.06
C THR A 775 28.40 35.73 0.40
N TYR A 776 27.58 35.93 -0.62
CA TYR A 776 26.21 36.38 -0.48
C TYR A 776 25.34 35.49 -1.36
N LEU A 777 24.27 34.93 -0.78
CA LEU A 777 23.38 34.05 -1.50
C LEU A 777 21.93 34.37 -1.15
N LYS A 778 21.04 34.12 -2.11
CA LYS A 778 19.61 34.34 -1.92
C LYS A 778 18.88 33.20 -2.60
N MET A 779 18.04 32.50 -1.83
CA MET A 779 17.22 31.41 -2.35
C MET A 779 15.75 31.77 -2.18
N THR A 780 15.05 31.86 -3.30
CA THR A 780 13.61 32.11 -3.33
C THR A 780 12.91 30.87 -3.87
N GLU A 781 11.65 30.71 -3.51
CA GLU A 781 10.84 29.64 -4.04
C GLU A 781 9.57 30.20 -4.67
N ARG A 782 9.11 29.51 -5.71
CA ARG A 782 7.91 29.93 -6.44
C ARG A 782 6.79 28.95 -6.17
N PRO A 783 5.83 29.28 -5.30
CA PRO A 783 4.76 28.34 -4.98
C PRO A 783 3.87 28.08 -6.18
N PHE A 784 3.30 26.87 -6.23
CA PHE A 784 2.40 26.52 -7.31
C PHE A 784 1.11 27.34 -7.27
N THR A 785 0.72 27.80 -6.08
CA THR A 785 -0.51 28.56 -5.89
C THR A 785 -0.23 29.78 -5.04
N GLN A 786 -1.14 30.75 -5.10
CA GLN A 786 -1.05 31.93 -4.26
C GLN A 786 -1.30 31.62 -2.78
N LYS A 787 -1.88 30.47 -2.47
CA LYS A 787 -2.14 30.06 -1.10
C LYS A 787 -1.15 28.97 -0.70
N SER A 788 -0.51 29.16 0.45
CA SER A 788 0.43 28.18 0.99
C SER A 788 -0.23 27.49 2.17
N THR A 789 -0.37 26.17 2.09
CA THR A 789 -0.89 25.41 3.21
C THR A 789 0.23 25.10 4.20
N TYR A 790 -0.16 24.68 5.39
CA TYR A 790 0.82 24.36 6.42
C TYR A 790 1.63 23.14 6.01
N GLY A 791 2.94 23.24 6.12
CA GLY A 791 3.82 22.15 5.71
C GLY A 791 4.44 22.40 4.35
N GLN A 792 3.64 22.91 3.42
CA GLN A 792 4.13 23.28 2.10
C GLN A 792 4.39 24.79 2.04
N GLU A 793 5.36 25.22 2.85
CA GLU A 793 5.69 26.62 2.98
C GLU A 793 6.85 26.98 2.07
N SER A 794 6.80 28.17 1.48
CA SER A 794 7.83 28.65 0.58
C SER A 794 8.77 29.58 1.32
N VAL A 795 10.04 29.57 0.90
CA VAL A 795 11.08 30.33 1.58
C VAL A 795 11.65 31.37 0.63
N ASN A 796 12.06 32.50 1.19
CA ASN A 796 12.68 33.61 0.48
C ASN A 796 13.91 34.09 1.23
N ASN A 797 14.79 33.14 1.56
CA ASN A 797 15.86 33.40 2.51
C ASN A 797 17.08 34.02 1.85
N THR A 798 17.83 34.77 2.66
CA THR A 798 19.10 35.35 2.24
C THR A 798 20.14 34.99 3.29
N ILE A 799 21.35 34.64 2.85
CA ILE A 799 22.44 34.35 3.77
C ILE A 799 23.72 34.97 3.24
N PHE A 800 24.39 35.77 4.07
CA PHE A 800 25.62 36.40 3.66
C PHE A 800 26.66 36.27 4.75
N GLY A 801 27.90 36.01 4.36
CA GLY A 801 28.94 35.73 5.33
C GLY A 801 30.30 36.21 4.89
N PHE A 802 31.15 36.44 5.89
CA PHE A 802 32.54 36.80 5.68
C PHE A 802 33.41 35.71 6.30
N ASN A 803 34.31 35.16 5.50
CA ASN A 803 35.20 34.11 5.98
C ASN A 803 36.64 34.47 5.68
N GLY A 804 37.55 33.86 6.43
CA GLY A 804 38.96 34.09 6.29
C GLY A 804 39.78 32.85 6.54
N ASN A 805 40.67 32.54 5.61
CA ASN A 805 41.55 31.38 5.70
C ASN A 805 42.99 31.84 5.76
N TYR A 806 43.78 31.22 6.64
CA TYR A 806 45.17 31.60 6.84
C TYR A 806 45.96 30.33 7.10
N SER A 807 46.73 29.89 6.11
CA SER A 807 47.53 28.67 6.20
C SER A 807 49.00 29.04 6.12
N THR A 808 49.78 28.56 7.09
CA THR A 808 51.20 28.87 7.18
C THR A 808 51.98 27.62 7.52
N GLU A 809 53.29 27.67 7.29
CA GLU A 809 54.21 26.63 7.72
C GLU A 809 54.98 27.13 8.93
N VAL A 810 55.08 26.29 9.95
CA VAL A 810 55.75 26.63 11.20
C VAL A 810 56.95 25.70 11.37
N PRO A 811 58.14 26.14 10.96
CA PRO A 811 59.34 25.31 11.19
C PRO A 811 59.66 25.11 12.66
N PHE A 812 59.13 25.96 13.54
CA PHE A 812 59.37 25.80 14.98
C PHE A 812 58.85 24.47 15.47
N LEU A 813 57.64 24.08 15.06
CA LEU A 813 57.09 22.80 15.45
C LEU A 813 57.91 21.64 14.88
N THR A 814 58.40 21.77 13.65
CA THR A 814 59.23 20.73 13.08
C THR A 814 60.52 20.56 13.86
N ARG A 815 61.16 21.66 14.25
CA ARG A 815 62.38 21.55 15.05
C ARG A 815 62.09 20.99 16.43
N LEU A 816 60.95 21.37 17.01
CA LEU A 816 60.57 20.81 18.31
C LEU A 816 60.36 19.31 18.23
N ALA A 817 59.72 18.84 17.15
CA ALA A 817 59.57 17.40 16.95
C ALA A 817 60.91 16.73 16.73
N ASN A 818 61.84 17.39 16.01
CA ASN A 818 63.17 16.84 15.86
C ASN A 818 63.90 16.76 17.20
N LYS A 819 63.53 17.61 18.15
CA LYS A 819 64.09 17.52 19.50
C LYS A 819 63.57 16.33 20.28
N LEU A 820 62.56 15.61 19.77
CA LEU A 820 62.07 14.42 20.44
C LEU A 820 63.08 13.28 20.30
N PRO A 821 62.99 12.25 21.18
CA PRO A 821 64.04 11.23 21.22
C PRO A 821 64.37 10.56 19.89
N ASN A 822 63.38 9.94 19.24
CA ASN A 822 63.64 9.12 18.06
C ASN A 822 62.89 9.64 16.84
N ILE A 823 62.82 10.95 16.69
CA ILE A 823 62.18 11.57 15.52
C ILE A 823 63.16 12.56 14.91
N ASP A 824 63.49 12.36 13.63
CA ASP A 824 64.35 13.27 12.90
C ASP A 824 63.81 13.49 11.49
N THR A 825 62.49 13.66 11.36
CA THR A 825 61.87 13.83 10.06
C THR A 825 61.98 15.29 9.61
N ASP A 826 61.94 15.48 8.29
CA ASP A 826 62.08 16.80 7.69
C ASP A 826 60.78 17.32 7.08
N VAL A 827 59.67 16.64 7.32
CA VAL A 827 58.38 17.13 6.79
C VAL A 827 57.98 18.39 7.55
N PRO A 828 57.63 19.48 6.86
CA PRO A 828 57.30 20.72 7.57
C PRO A 828 55.97 20.63 8.30
N SER A 829 55.88 21.36 9.39
CA SER A 829 54.62 21.48 10.13
C SER A 829 53.74 22.54 9.49
N ASN A 830 52.43 22.40 9.68
CA ASN A 830 51.48 23.32 9.10
C ASN A 830 50.48 23.79 10.14
N LEU A 831 50.06 25.05 10.01
CA LEU A 831 48.99 25.63 10.80
C LEU A 831 47.96 26.22 9.84
N SER A 832 46.69 26.14 10.21
CA SER A 832 45.63 26.65 9.36
C SER A 832 44.48 27.14 10.22
N ILE A 833 44.15 28.42 10.09
CA ILE A 833 43.05 29.04 10.83
C ILE A 833 41.99 29.43 9.82
N ARG A 834 40.79 28.90 9.99
CA ARG A 834 39.67 29.20 9.10
C ARG A 834 38.52 29.73 9.96
N GLY A 835 38.26 31.02 9.86
CA GLY A 835 37.13 31.65 10.54
C GLY A 835 36.05 31.96 9.54
N GLU A 836 34.80 32.00 10.02
CA GLU A 836 33.70 32.36 9.13
C GLU A 836 32.53 32.82 9.98
N VAL A 837 31.87 33.89 9.52
CA VAL A 837 30.68 34.43 10.16
C VAL A 837 29.59 34.51 9.10
N ALA A 838 28.40 34.02 9.44
CA ALA A 838 27.28 33.98 8.52
C ALA A 838 26.06 34.59 9.18
N PHE A 839 25.30 35.38 8.39
CA PHE A 839 24.06 35.97 8.83
C PHE A 839 22.94 35.48 7.93
N LEU A 840 21.85 35.05 8.53
CA LEU A 840 20.68 34.56 7.81
C LEU A 840 19.52 35.50 8.04
N ARG A 841 19.08 36.19 6.99
CA ARG A 841 17.87 36.99 7.03
C ARG A 841 16.79 36.27 6.24
N PRO A 842 15.83 35.64 6.91
CA PRO A 842 14.79 34.88 6.20
C PRO A 842 13.57 35.75 5.91
N ASP A 843 12.70 35.22 5.07
CA ASP A 843 11.50 35.93 4.65
C ASP A 843 10.59 34.92 3.96
N ALA A 844 9.41 35.39 3.55
CA ALA A 844 8.49 34.61 2.76
C ALA A 844 8.24 35.32 1.43
N PRO A 845 8.08 34.58 0.34
CA PRO A 845 7.94 35.23 -0.97
C PRO A 845 6.70 36.09 -1.03
N LYS A 846 6.80 37.21 -1.75
CA LYS A 846 5.69 38.13 -1.88
C LYS A 846 4.52 37.52 -2.64
N ALA A 847 4.74 36.45 -3.40
CA ALA A 847 3.66 35.81 -4.12
C ALA A 847 2.64 35.21 -3.15
N SER A 848 3.10 34.59 -2.08
CA SER A 848 2.22 33.98 -1.08
C SER A 848 1.92 34.95 0.06
N ASP A 849 1.45 36.13 -0.28
CA ASP A 849 1.08 37.14 0.71
C ASP A 849 -0.38 37.52 0.52
N PHE A 850 -1.14 37.48 1.61
CA PHE A 850 -2.54 37.86 1.60
C PHE A 850 -2.68 39.21 2.28
N GLN A 851 -3.09 40.21 1.51
CA GLN A 851 -3.25 41.58 2.00
C GLN A 851 -1.93 42.11 2.58
N GLY A 852 -0.82 41.76 1.94
CA GLY A 852 0.46 42.36 2.24
C GLY A 852 1.27 41.72 3.35
N GLU A 853 0.85 40.58 3.87
CA GLU A 853 1.58 39.90 4.94
C GLU A 853 1.81 38.45 4.59
N ALA A 854 2.95 37.92 5.02
CA ALA A 854 3.27 36.52 4.81
C ALA A 854 2.23 35.63 5.48
N THR A 855 1.58 34.78 4.70
CA THR A 855 0.44 34.02 5.15
C THR A 855 0.70 32.53 5.00
N ILE A 856 0.35 31.77 6.04
CA ILE A 856 0.30 30.32 5.99
C ILE A 856 -1.11 29.90 6.39
N TYR A 857 -1.71 29.00 5.62
CA TYR A 857 -3.10 28.62 5.80
C TYR A 857 -3.18 27.38 6.68
N VAL A 858 -3.65 27.56 7.91
CA VAL A 858 -3.94 26.41 8.77
C VAL A 858 -5.05 25.56 8.15
N ASP A 859 -6.10 26.21 7.65
CA ASP A 859 -7.13 25.52 6.88
C ASP A 859 -7.89 26.55 6.06
N ASP A 860 -7.79 26.44 4.74
CA ASP A 860 -8.60 27.24 3.83
C ASP A 860 -9.96 26.62 3.54
N PHE A 861 -10.22 25.44 4.10
CA PHE A 861 -11.49 24.73 4.02
C PHE A 861 -11.83 24.28 2.61
N GLU A 862 -10.85 24.22 1.72
CA GLU A 862 -11.08 23.67 0.38
C GLU A 862 -10.79 22.19 0.29
N GLY A 863 -9.95 21.65 1.17
CA GLY A 863 -9.61 20.24 1.14
C GLY A 863 -10.61 19.32 1.81
N SER A 864 -11.66 19.85 2.41
CA SER A 864 -12.67 19.02 3.04
C SER A 864 -13.73 18.58 2.04
N GLN A 865 -14.62 17.71 2.51
CA GLN A 865 -15.79 17.27 1.74
C GLN A 865 -15.39 16.61 0.43
N SER A 866 -14.72 15.47 0.56
CA SER A 866 -14.48 14.61 -0.59
C SER A 866 -15.72 13.76 -0.85
N THR A 867 -16.01 13.53 -2.11
CA THR A 867 -17.24 12.88 -2.53
C THR A 867 -16.95 11.53 -3.16
N ILE A 868 -17.81 10.56 -2.86
CA ILE A 868 -17.81 9.25 -3.50
C ILE A 868 -18.99 9.22 -4.46
N ASP A 869 -18.71 9.10 -5.75
CA ASP A 869 -19.74 9.21 -6.76
C ASP A 869 -20.61 7.95 -6.80
N MET A 870 -21.92 8.14 -6.76
CA MET A 870 -22.88 7.04 -6.66
C MET A 870 -23.82 6.96 -7.85
N ARG A 871 -23.57 7.71 -8.92
CA ARG A 871 -24.53 7.83 -10.01
C ARG A 871 -24.16 7.00 -11.23
N SER A 872 -23.26 6.03 -11.07
CA SER A 872 -22.99 5.09 -12.15
C SER A 872 -24.19 4.19 -12.34
N ALA A 873 -24.62 4.05 -13.60
CA ALA A 873 -25.87 3.33 -13.87
C ALA A 873 -25.71 1.83 -13.71
N TYR A 874 -24.60 1.26 -14.18
CA TYR A 874 -24.43 -0.18 -14.16
C TYR A 874 -24.17 -0.73 -12.76
N ALA A 875 -23.89 0.12 -11.78
CA ALA A 875 -23.64 -0.33 -10.43
C ALA A 875 -24.90 -0.44 -9.59
N TRP A 876 -26.05 -0.07 -10.14
CA TRP A 876 -27.33 -0.25 -9.47
C TRP A 876 -28.03 -1.48 -10.02
N SER A 877 -28.79 -2.14 -9.17
CA SER A 877 -29.52 -3.33 -9.55
C SER A 877 -30.89 -3.29 -8.90
N LEU A 878 -31.76 -4.21 -9.32
CA LEU A 878 -33.10 -4.26 -8.78
C LEU A 878 -33.07 -4.47 -7.27
N ALA A 879 -33.97 -3.81 -6.58
CA ALA A 879 -33.94 -3.78 -5.12
C ALA A 879 -34.95 -4.76 -4.54
N SER A 880 -34.73 -5.11 -3.27
CA SER A 880 -35.68 -5.89 -2.51
C SER A 880 -36.85 -5.02 -2.09
N THR A 881 -37.92 -5.66 -1.66
CA THR A 881 -39.07 -4.91 -1.17
C THR A 881 -38.71 -4.23 0.15
N PRO A 882 -38.94 -2.94 0.30
CA PRO A 882 -38.46 -2.21 1.47
C PRO A 882 -39.49 -2.18 2.61
N PHE A 883 -38.99 -1.72 3.76
CA PHE A 883 -39.82 -1.39 4.92
C PHE A 883 -39.84 0.12 5.08
N ILE A 884 -40.95 0.64 5.59
CA ILE A 884 -41.12 2.09 5.68
C ILE A 884 -41.00 2.57 7.11
N THR A 885 -41.91 2.14 7.98
CA THR A 885 -41.93 2.67 9.34
C THR A 885 -40.99 1.90 10.26
N SER A 886 -41.01 0.58 10.18
CA SER A 886 -40.16 -0.26 11.01
C SER A 886 -40.09 -1.64 10.37
N ILE A 887 -39.48 -2.58 11.10
CA ILE A 887 -39.45 -3.96 10.63
C ILE A 887 -40.83 -4.61 10.74
N ASN A 888 -41.75 -4.00 11.48
CA ASN A 888 -43.10 -4.52 11.67
C ASN A 888 -44.11 -3.86 10.74
N ASP A 889 -43.66 -3.03 9.81
CA ASP A 889 -44.54 -2.30 8.91
C ASP A 889 -44.66 -3.07 7.59
N ASN A 890 -45.83 -3.64 7.34
CA ASN A 890 -46.08 -4.40 6.12
C ASN A 890 -46.81 -3.51 5.10
N THR A 891 -46.13 -2.46 4.68
CA THR A 891 -46.70 -1.53 3.72
C THR A 891 -46.60 -2.07 2.29
N PHE A 892 -45.42 -2.50 1.89
CA PHE A 892 -45.18 -3.04 0.56
C PHE A 892 -45.13 -4.57 0.56
N ASN A 893 -45.72 -5.21 1.58
CA ASN A 893 -45.72 -6.67 1.71
C ASN A 893 -44.31 -7.22 1.83
N ALA A 894 -43.45 -6.52 2.58
CA ALA A 894 -42.07 -6.95 2.73
C ALA A 894 -41.91 -8.08 3.75
N ASN A 895 -42.95 -8.36 4.54
CA ASN A 895 -42.90 -9.44 5.52
C ASN A 895 -43.45 -10.76 4.99
N SER A 896 -44.20 -10.73 3.90
CA SER A 896 -44.82 -11.95 3.38
C SER A 896 -43.76 -12.90 2.82
N ASN A 897 -44.07 -14.20 2.88
CA ASN A 897 -43.19 -15.24 2.38
C ASN A 897 -43.74 -15.90 1.13
N THR A 898 -44.60 -15.20 0.38
CA THR A 898 -45.18 -15.73 -0.84
C THR A 898 -44.92 -14.77 -1.99
N LEU A 899 -45.60 -14.99 -3.13
CA LEU A 899 -45.43 -14.08 -4.26
C LEU A 899 -45.95 -12.68 -3.95
N GLU A 900 -46.75 -12.54 -2.89
CA GLU A 900 -47.23 -11.21 -2.49
C GLU A 900 -46.08 -10.31 -2.10
N TYR A 901 -44.90 -10.87 -1.85
CA TYR A 901 -43.71 -10.07 -1.61
C TYR A 901 -43.42 -9.12 -2.76
N GLY A 902 -43.87 -9.45 -3.96
CA GLY A 902 -43.65 -8.60 -5.12
C GLY A 902 -44.88 -7.92 -5.69
N PHE A 903 -46.00 -7.89 -4.97
CA PHE A 903 -47.24 -7.38 -5.56
C PHE A 903 -47.26 -5.87 -5.68
N LYS A 904 -46.43 -5.15 -4.93
CA LYS A 904 -46.45 -3.69 -4.93
C LYS A 904 -45.32 -3.09 -5.75
N ARG A 905 -44.62 -3.88 -6.56
CA ARG A 905 -43.49 -3.39 -7.32
C ARG A 905 -43.97 -2.86 -8.66
N ALA A 906 -43.81 -1.56 -8.88
CA ALA A 906 -44.13 -0.93 -10.14
C ALA A 906 -42.87 -0.85 -11.00
N LYS A 907 -43.01 -0.38 -12.24
CA LYS A 907 -41.89 -0.41 -13.15
C LYS A 907 -40.93 0.73 -12.85
N LEU A 908 -39.63 0.43 -12.84
CA LEU A 908 -38.62 1.45 -12.69
C LEU A 908 -37.50 1.17 -13.66
N SER A 909 -37.13 2.18 -14.45
CA SER A 909 -35.98 2.09 -15.32
C SER A 909 -34.94 3.09 -14.85
N TRP A 910 -33.70 2.64 -14.74
CA TRP A 910 -32.58 3.49 -14.35
C TRP A 910 -31.50 3.37 -15.41
N TYR A 911 -30.96 4.49 -15.86
CA TYR A 911 -30.06 4.45 -17.00
C TYR A 911 -29.30 5.76 -17.10
N THR A 912 -28.46 5.85 -18.13
CA THR A 912 -27.80 7.09 -18.53
C THR A 912 -27.91 7.17 -20.04
N ILE A 913 -28.62 8.19 -20.54
CA ILE A 913 -28.91 8.24 -21.97
C ILE A 913 -27.62 8.21 -22.76
N ASP A 914 -27.54 7.29 -23.71
CA ASP A 914 -26.31 7.07 -24.43
C ASP A 914 -25.96 8.29 -25.28
N PRO A 915 -24.68 8.62 -25.42
CA PRO A 915 -24.30 9.73 -26.29
C PRO A 915 -24.66 9.52 -27.75
N VAL A 916 -24.94 8.27 -28.16
CA VAL A 916 -25.31 8.01 -29.54
C VAL A 916 -26.62 8.70 -29.91
N PHE A 917 -27.45 9.05 -28.92
CA PHE A 917 -28.69 9.74 -29.22
C PHE A 917 -28.43 11.18 -29.66
N TYR A 918 -27.43 11.82 -29.06
CA TYR A 918 -27.15 13.22 -29.36
C TYR A 918 -26.08 13.39 -30.44
N SER A 919 -25.10 12.49 -30.50
CA SER A 919 -24.00 12.66 -31.44
C SER A 919 -24.40 12.18 -32.84
N SER A 920 -24.70 10.90 -32.97
CA SER A 920 -25.10 10.30 -34.24
C SER A 920 -26.52 9.78 -34.07
N LYS A 921 -27.50 10.65 -34.33
CA LYS A 921 -28.89 10.41 -34.00
C LYS A 921 -29.38 9.10 -34.64
N PRO A 922 -29.96 8.20 -33.86
CA PRO A 922 -30.39 6.91 -34.40
C PRO A 922 -31.70 7.03 -35.18
N SER A 923 -32.13 5.89 -35.72
CA SER A 923 -33.36 5.84 -36.50
C SER A 923 -34.57 5.92 -35.59
N GLY A 924 -35.60 6.63 -36.05
CA GLY A 924 -36.82 6.79 -35.29
C GLY A 924 -36.77 7.84 -34.21
N ILE A 925 -35.66 8.53 -34.05
CA ILE A 925 -35.52 9.59 -33.06
C ILE A 925 -35.46 10.92 -33.79
N SER A 926 -36.25 11.88 -33.34
CA SER A 926 -36.27 13.22 -33.91
C SER A 926 -35.58 14.19 -32.96
N ASN A 927 -35.31 15.40 -33.48
CA ASN A 927 -34.74 16.44 -32.63
C ASN A 927 -35.73 16.91 -31.56
N ASP A 928 -37.01 16.63 -31.74
CA ASP A 928 -37.99 16.94 -30.70
C ASP A 928 -37.95 15.94 -29.56
N ASP A 929 -37.42 14.74 -29.80
CA ASP A 929 -37.28 13.76 -28.73
C ASP A 929 -36.11 14.07 -27.82
N LEU A 930 -35.15 14.88 -28.28
CA LEU A 930 -33.98 15.22 -27.51
C LEU A 930 -34.09 16.57 -26.82
N SER A 931 -35.28 17.19 -26.85
CA SER A 931 -35.53 18.47 -26.18
C SER A 931 -36.79 18.30 -25.35
N LEU A 932 -36.66 17.73 -24.16
CA LEU A 932 -37.78 17.55 -23.26
C LEU A 932 -37.49 17.89 -21.81
N ASN A 933 -36.24 18.19 -21.45
CA ASN A 933 -35.81 18.43 -20.07
C ASN A 933 -35.85 17.14 -19.25
N THR A 934 -36.32 16.07 -19.87
CA THR A 934 -36.17 14.72 -19.33
C THR A 934 -35.35 13.83 -20.24
N THR A 935 -35.16 14.22 -21.50
CA THR A 935 -34.32 13.51 -22.43
C THR A 935 -33.20 14.37 -23.00
N ARG A 936 -33.19 15.66 -22.70
CA ARG A 936 -32.20 16.55 -23.29
C ARG A 936 -30.83 16.36 -22.64
N ARG A 937 -29.80 16.87 -23.30
CA ARG A 937 -28.44 16.76 -22.80
C ARG A 937 -28.15 17.86 -21.81
N ILE A 938 -27.46 17.51 -20.73
CA ILE A 938 -27.05 18.46 -19.71
C ILE A 938 -25.58 18.76 -19.90
N TYR A 939 -25.24 20.04 -20.00
CA TYR A 939 -23.85 20.47 -20.09
C TYR A 939 -23.41 21.02 -18.73
N SER A 940 -22.13 20.84 -18.43
CA SER A 940 -21.61 21.30 -17.15
C SER A 940 -21.70 22.81 -17.00
N ARG A 941 -21.71 23.54 -18.12
CA ARG A 941 -21.85 25.00 -18.03
C ARG A 941 -23.22 25.40 -17.53
N GLU A 942 -24.18 24.48 -17.51
CA GLU A 942 -25.50 24.75 -16.98
C GLU A 942 -25.60 24.40 -15.50
N LEU A 943 -25.14 23.20 -15.13
CA LEU A 943 -25.19 22.78 -13.74
C LEU A 943 -24.11 23.45 -12.91
N TYR A 944 -22.94 23.68 -13.48
CA TYR A 944 -21.83 24.32 -12.78
C TYR A 944 -21.30 25.47 -13.63
N PRO A 945 -22.04 26.58 -13.70
CA PRO A 945 -21.60 27.69 -14.54
C PRO A 945 -20.30 28.35 -14.09
N ASN A 946 -19.95 28.24 -12.81
CA ASN A 946 -18.71 28.82 -12.30
C ASN A 946 -17.52 27.88 -12.43
N THR A 947 -17.74 26.61 -12.70
CA THR A 947 -16.64 25.66 -12.81
C THR A 947 -15.96 25.78 -14.16
N ASP A 948 -14.64 25.79 -14.16
CA ASP A 948 -13.85 25.83 -15.38
C ASP A 948 -13.42 24.41 -15.74
N ILE A 949 -13.62 24.04 -17.01
CA ILE A 949 -13.31 22.71 -17.50
C ILE A 949 -12.19 22.83 -18.53
N ALA A 950 -11.20 21.95 -18.41
CA ALA A 950 -10.09 21.96 -19.35
C ALA A 950 -10.57 21.65 -20.76
N GLN A 951 -9.86 22.20 -21.74
CA GLN A 951 -10.23 22.02 -23.13
C GLN A 951 -10.02 20.58 -23.57
N GLY A 952 -11.04 20.02 -24.22
CA GLY A 952 -10.96 18.68 -24.75
C GLY A 952 -11.42 17.59 -23.82
N GLN A 953 -11.70 17.91 -22.56
CA GLN A 953 -12.16 16.91 -21.60
C GLN A 953 -13.67 16.77 -21.69
N ILE A 954 -14.27 16.09 -20.72
CA ILE A 954 -15.71 15.89 -20.72
C ILE A 954 -16.40 17.21 -20.41
N GLN A 955 -17.31 17.62 -21.29
CA GLN A 955 -18.05 18.86 -21.13
C GLN A 955 -19.49 18.66 -20.71
N VAL A 956 -19.97 17.42 -20.67
CA VAL A 956 -21.37 17.12 -20.42
C VAL A 956 -21.50 16.42 -19.08
N VAL A 957 -22.69 16.55 -18.49
CA VAL A 957 -23.04 15.88 -17.25
C VAL A 957 -23.82 14.63 -17.61
N ASN A 958 -23.28 13.46 -17.24
CA ASN A 958 -23.96 12.19 -17.48
C ASN A 958 -24.89 11.92 -16.30
N THR A 959 -26.06 12.54 -16.37
CA THR A 959 -27.05 12.38 -15.32
C THR A 959 -27.55 10.95 -15.27
N LEU A 960 -27.90 10.49 -14.06
CA LEU A 960 -28.51 9.19 -13.87
C LEU A 960 -30.02 9.39 -13.89
N ASP A 961 -30.68 8.89 -14.92
CA ASP A 961 -32.11 9.06 -15.06
C ASP A 961 -32.84 7.89 -14.44
N LEU A 962 -33.91 8.19 -13.70
CA LEU A 962 -34.80 7.20 -13.12
C LEU A 962 -36.20 7.52 -13.58
N THR A 963 -36.75 6.70 -14.46
CA THR A 963 -38.14 6.84 -14.90
C THR A 963 -38.98 5.81 -14.18
N TYR A 964 -39.98 6.27 -13.45
CA TYR A 964 -40.82 5.44 -12.60
C TYR A 964 -42.22 5.42 -13.18
N TYR A 965 -42.70 4.22 -13.47
CA TYR A 965 -44.07 3.99 -13.95
C TYR A 965 -44.85 3.29 -12.84
N PRO A 966 -45.64 4.02 -12.05
CA PRO A 966 -46.49 3.34 -11.06
C PRO A 966 -47.63 2.55 -11.66
N GLY A 967 -48.06 2.88 -12.88
CA GLY A 967 -49.12 2.13 -13.52
C GLY A 967 -48.66 0.92 -14.30
N GLU A 968 -47.36 0.73 -14.44
CA GLU A 968 -46.80 -0.41 -15.16
C GLU A 968 -46.36 -1.46 -14.17
N ARG A 969 -46.62 -2.72 -14.50
CA ARG A 969 -46.24 -3.83 -13.63
C ARG A 969 -44.73 -3.97 -13.59
N GLY A 970 -44.19 -4.21 -12.40
CA GLY A 970 -42.77 -4.35 -12.21
C GLY A 970 -42.30 -5.74 -12.54
N PRO A 971 -40.98 -5.95 -12.50
CA PRO A 971 -40.46 -7.30 -12.74
C PRO A 971 -40.90 -8.25 -11.64
N TYR A 972 -41.27 -9.47 -12.06
CA TYR A 972 -41.60 -10.56 -11.15
C TYR A 972 -42.80 -10.22 -10.27
N ASN A 973 -43.62 -9.28 -10.70
CA ASN A 973 -44.85 -8.92 -10.03
C ASN A 973 -45.97 -9.80 -10.57
N ASN A 974 -46.75 -10.37 -9.67
CA ASN A 974 -47.83 -11.29 -10.02
C ASN A 974 -49.15 -10.84 -9.41
N ASN A 975 -49.33 -9.53 -9.31
CA ASN A 975 -50.54 -8.98 -8.70
C ASN A 975 -51.73 -9.25 -9.61
N PRO A 976 -52.73 -10.01 -9.15
CA PRO A 976 -53.91 -10.25 -10.02
C PRO A 976 -54.66 -8.98 -10.37
N SER A 977 -54.76 -8.03 -9.44
CA SER A 977 -55.45 -6.77 -9.66
C SER A 977 -54.43 -5.65 -9.48
N PHE A 978 -53.72 -5.32 -10.56
CA PHE A 978 -52.74 -4.25 -10.54
C PHE A 978 -53.24 -2.98 -11.20
N GLY A 979 -54.06 -3.10 -12.25
CA GLY A 979 -54.64 -1.93 -12.87
C GLY A 979 -55.69 -1.24 -12.03
N ALA A 980 -56.33 -1.97 -11.11
CA ALA A 980 -57.32 -1.40 -10.22
C ALA A 980 -56.73 -0.87 -8.92
N SER A 981 -55.46 -1.16 -8.64
CA SER A 981 -54.79 -0.69 -7.43
C SER A 981 -54.42 0.78 -7.58
N ASN A 982 -54.41 1.48 -6.46
CA ASN A 982 -54.00 2.88 -6.47
C ASN A 982 -52.51 2.97 -6.75
N PRO A 983 -52.10 3.68 -7.80
CA PRO A 983 -50.67 3.68 -8.16
C PRO A 983 -49.76 4.29 -7.12
N SER A 984 -50.28 5.10 -6.20
CA SER A 984 -49.45 5.69 -5.17
C SER A 984 -49.02 4.68 -4.11
N ALA A 985 -49.61 3.49 -4.10
CA ALA A 985 -49.25 2.46 -3.14
C ALA A 985 -48.10 1.58 -3.61
N ASN A 986 -47.60 1.79 -4.81
CA ASN A 986 -46.53 0.99 -5.36
C ASN A 986 -45.18 1.66 -5.12
N PHE A 987 -44.11 0.90 -5.34
CA PHE A 987 -42.76 1.38 -5.20
C PHE A 987 -41.92 0.93 -6.38
N GLY A 988 -40.87 1.69 -6.67
CA GLY A 988 -39.88 1.24 -7.62
C GLY A 988 -38.49 1.59 -7.13
N GLY A 989 -37.63 0.60 -6.95
CA GLY A 989 -36.40 0.82 -6.22
C GLY A 989 -35.20 0.16 -6.86
N ILE A 990 -34.03 0.71 -6.53
CA ILE A 990 -32.75 0.16 -6.91
C ILE A 990 -31.85 0.13 -5.69
N MET A 991 -30.87 -0.76 -5.71
CA MET A 991 -29.92 -0.85 -4.61
C MET A 991 -28.53 -1.12 -5.14
N ARG A 992 -27.54 -0.86 -4.30
CA ARG A 992 -26.15 -0.77 -4.70
C ARG A 992 -25.30 -1.09 -3.49
N ALA A 993 -24.10 -1.59 -3.73
CA ALA A 993 -23.17 -1.89 -2.66
C ALA A 993 -22.12 -0.79 -2.55
N LEU A 994 -21.83 -0.38 -1.32
CA LEU A 994 -20.80 0.61 -1.06
C LEU A 994 -19.45 -0.05 -0.89
N ASN A 995 -18.42 0.53 -1.52
CA ASN A 995 -17.08 -0.03 -1.42
C ASN A 995 -16.51 0.14 -0.02
N SER A 996 -16.60 1.35 0.53
CA SER A 996 -16.14 1.64 1.88
C SER A 996 -17.36 1.66 2.80
N THR A 997 -17.40 0.72 3.73
CA THR A 997 -18.56 0.51 4.57
C THR A 997 -18.43 1.16 5.94
N ASN A 998 -17.29 1.76 6.26
CA ASN A 998 -17.06 2.37 7.56
C ASN A 998 -17.33 3.87 7.44
N PHE A 999 -18.55 4.28 7.78
CA PHE A 999 -18.90 5.68 7.73
C PHE A 999 -18.37 6.48 8.91
N GLU A 1000 -18.07 5.82 10.02
CA GLU A 1000 -17.51 6.52 11.18
C GLU A 1000 -16.05 6.89 10.94
N GLN A 1001 -15.27 5.95 10.38
CA GLN A 1001 -13.87 6.25 10.10
C GLN A 1001 -13.74 7.16 8.89
N GLY A 1002 -14.52 6.91 7.85
CA GLY A 1002 -14.52 7.77 6.69
C GLY A 1002 -15.20 9.09 6.91
N ASN A 1003 -15.96 9.23 8.00
CA ASN A 1003 -16.67 10.46 8.34
C ASN A 1003 -17.59 10.88 7.21
N VAL A 1004 -18.39 9.93 6.72
CA VAL A 1004 -19.35 10.24 5.66
C VAL A 1004 -20.43 11.11 6.26
N GLU A 1005 -20.47 12.37 5.83
CA GLU A 1005 -21.33 13.36 6.47
C GLU A 1005 -22.74 13.40 5.89
N TYR A 1006 -22.90 13.34 4.58
CA TYR A 1006 -24.25 13.39 4.05
C TYR A 1006 -24.33 12.78 2.66
N ILE A 1007 -25.55 12.69 2.15
CA ILE A 1007 -25.83 12.31 0.77
C ILE A 1007 -26.18 13.57 0.02
N GLN A 1008 -25.36 13.94 -0.97
CA GLN A 1008 -25.59 15.17 -1.71
C GLN A 1008 -25.94 14.81 -3.15
N PHE A 1009 -27.08 15.31 -3.63
CA PHE A 1009 -27.40 15.13 -5.04
C PHE A 1009 -28.01 16.39 -5.63
N TRP A 1010 -27.48 16.78 -6.79
CA TRP A 1010 -28.11 17.75 -7.67
C TRP A 1010 -29.08 17.00 -8.56
N VAL A 1011 -30.36 17.32 -8.44
CA VAL A 1011 -31.42 16.67 -9.19
C VAL A 1011 -32.17 17.74 -9.97
N LEU A 1012 -32.90 17.32 -10.99
CA LEU A 1012 -33.62 18.23 -11.87
C LEU A 1012 -35.09 18.24 -11.49
N ASP A 1013 -35.63 19.43 -11.26
CA ASP A 1013 -37.03 19.56 -10.86
C ASP A 1013 -37.93 19.08 -11.99
N PRO A 1014 -38.78 18.08 -11.76
CA PRO A 1014 -39.58 17.53 -12.86
C PRO A 1014 -40.89 18.26 -13.10
N TYR A 1015 -41.02 19.48 -12.57
CA TYR A 1015 -42.27 20.23 -12.70
C TYR A 1015 -42.09 21.57 -13.40
N VAL A 1016 -40.94 21.82 -14.02
CA VAL A 1016 -40.63 23.13 -14.58
C VAL A 1016 -40.41 23.08 -16.08
N GLY A 1017 -39.63 22.12 -16.57
CA GLY A 1017 -39.17 22.14 -17.93
C GLY A 1017 -40.26 21.85 -18.96
N ASN A 1018 -39.79 21.52 -20.17
CA ASN A 1018 -40.71 21.25 -21.28
C ASN A 1018 -41.49 19.97 -21.04
N GLY A 1019 -40.81 18.91 -20.61
CA GLY A 1019 -41.49 17.67 -20.29
C GLY A 1019 -41.89 17.59 -18.84
N GLU A 1020 -42.66 18.58 -18.39
CA GLU A 1020 -43.02 18.67 -16.99
C GLU A 1020 -44.07 17.63 -16.63
N SER A 1021 -44.00 17.14 -15.40
CA SER A 1021 -45.05 16.29 -14.85
C SER A 1021 -46.24 17.16 -14.44
N PRO A 1022 -47.43 16.58 -14.31
CA PRO A 1022 -48.56 17.34 -13.78
C PRO A 1022 -48.30 17.78 -12.36
N ALA A 1023 -48.88 18.92 -11.99
CA ALA A 1023 -48.66 19.48 -10.66
C ALA A 1023 -49.18 18.56 -9.56
N THR A 1024 -50.12 17.67 -9.87
CA THR A 1024 -50.67 16.76 -8.88
C THR A 1024 -49.83 15.49 -8.71
N ASN A 1025 -48.77 15.33 -9.50
CA ASN A 1025 -47.93 14.13 -9.44
C ASN A 1025 -46.82 14.37 -8.42
N ALA A 1026 -47.19 14.29 -7.15
CA ALA A 1026 -46.25 14.45 -6.05
C ALA A 1026 -45.97 13.09 -5.41
N GLY A 1027 -44.75 12.92 -4.93
CA GLY A 1027 -44.38 11.65 -4.32
C GLY A 1027 -43.23 11.76 -3.34
N LYS A 1028 -42.61 10.63 -3.01
CA LYS A 1028 -41.47 10.62 -2.12
C LYS A 1028 -40.37 9.76 -2.72
N ILE A 1029 -39.13 10.12 -2.44
CA ILE A 1029 -37.97 9.30 -2.76
C ILE A 1029 -37.31 8.92 -1.45
N TYR A 1030 -37.24 7.63 -1.16
CA TYR A 1030 -36.62 7.12 0.05
C TYR A 1030 -35.23 6.62 -0.23
N PHE A 1031 -34.31 6.89 0.69
CA PHE A 1031 -32.99 6.31 0.71
C PHE A 1031 -32.86 5.45 1.96
N ASN A 1032 -32.17 4.33 1.82
CA ASN A 1032 -31.88 3.43 2.93
C ASN A 1032 -30.39 3.15 2.92
N LEU A 1033 -29.76 3.24 4.08
CA LEU A 1033 -28.34 2.98 4.23
C LEU A 1033 -28.13 1.94 5.31
N GLY A 1034 -27.40 0.89 4.99
CA GLY A 1034 -27.08 -0.11 6.00
C GLY A 1034 -27.07 -1.53 5.49
N GLU A 1035 -27.57 -2.47 6.29
CA GLU A 1035 -27.69 -3.87 5.89
C GLU A 1035 -29.07 -4.09 5.29
N ILE A 1036 -29.10 -4.28 3.98
CA ILE A 1036 -30.33 -4.45 3.22
C ILE A 1036 -30.32 -5.84 2.60
N SER A 1037 -31.44 -6.55 2.72
CA SER A 1037 -31.52 -7.90 2.19
C SER A 1037 -31.31 -7.91 0.69
N GLU A 1038 -30.25 -8.57 0.23
CA GLU A 1038 -30.00 -8.68 -1.20
C GLU A 1038 -30.66 -9.89 -1.82
N ASP A 1039 -31.53 -10.58 -1.06
CA ASP A 1039 -32.42 -11.59 -1.60
C ASP A 1039 -33.57 -10.86 -2.29
N VAL A 1040 -33.34 -10.51 -3.56
CA VAL A 1040 -34.32 -9.71 -4.31
C VAL A 1040 -35.63 -10.46 -4.44
N LEU A 1041 -35.55 -11.73 -4.81
CA LEU A 1041 -36.71 -12.63 -4.84
C LEU A 1041 -36.68 -13.44 -3.56
N LYS A 1042 -37.49 -13.05 -2.59
CA LYS A 1042 -37.36 -13.52 -1.21
C LYS A 1042 -37.79 -14.96 -1.11
N ASP A 1043 -36.83 -15.88 -1.17
CA ASP A 1043 -37.08 -17.29 -0.93
C ASP A 1043 -36.02 -17.96 -0.07
N GLY A 1044 -34.99 -17.22 0.36
CA GLY A 1044 -33.93 -17.78 1.18
C GLY A 1044 -32.76 -18.36 0.41
N ARG A 1045 -32.84 -18.41 -0.92
CA ARG A 1045 -31.81 -18.99 -1.74
C ARG A 1045 -31.26 -17.94 -2.71
N LYS A 1046 -29.96 -18.01 -2.96
CA LYS A 1046 -29.32 -17.12 -3.91
C LYS A 1046 -29.48 -17.66 -5.32
N GLN A 1047 -29.95 -16.81 -6.22
CA GLN A 1047 -30.15 -17.15 -7.62
C GLN A 1047 -29.03 -16.55 -8.44
N TYR A 1048 -28.19 -17.40 -9.02
CA TYR A 1048 -27.17 -16.99 -9.97
C TYR A 1048 -27.44 -17.72 -11.28
N GLU A 1049 -27.56 -16.97 -12.37
CA GLU A 1049 -28.06 -17.55 -13.60
C GLU A 1049 -26.97 -18.18 -14.46
N ASN A 1050 -25.72 -18.11 -14.05
CA ASN A 1050 -24.70 -18.90 -14.72
C ASN A 1050 -24.71 -20.36 -14.27
N GLY A 1051 -25.53 -20.69 -13.27
CA GLY A 1051 -25.69 -22.05 -12.81
C GLY A 1051 -26.97 -22.72 -13.28
N LEU A 1052 -27.66 -22.16 -14.25
CA LEU A 1052 -28.90 -22.72 -14.76
C LEU A 1052 -28.63 -23.51 -16.04
N GLY A 1053 -29.66 -24.20 -16.52
CA GLY A 1053 -29.56 -24.98 -17.73
C GLY A 1053 -30.44 -26.21 -17.69
N PRO A 1054 -30.37 -27.02 -18.75
CA PRO A 1054 -31.18 -28.25 -18.79
C PRO A 1054 -30.48 -29.42 -18.11
N ASP A 1055 -29.15 -29.39 -18.06
CA ASP A 1055 -28.36 -30.48 -17.53
C ASP A 1055 -27.84 -30.21 -16.12
N GLN A 1056 -28.33 -29.17 -15.47
CA GLN A 1056 -27.88 -28.80 -14.13
C GLN A 1056 -28.88 -29.28 -13.08
N VAL A 1057 -28.38 -29.42 -11.86
CA VAL A 1057 -29.22 -29.86 -10.74
C VAL A 1057 -29.90 -28.64 -10.14
N MET A 1058 -31.22 -28.71 -9.99
CA MET A 1058 -32.01 -27.64 -9.41
C MET A 1058 -32.60 -28.09 -8.09
N VAL A 1059 -33.05 -27.10 -7.29
CA VAL A 1059 -33.72 -27.41 -6.05
C VAL A 1059 -34.91 -28.31 -6.32
N ASN A 1060 -35.02 -29.40 -5.56
CA ASN A 1060 -35.96 -30.47 -5.92
C ASN A 1060 -37.41 -29.99 -5.99
N PRO A 1061 -37.93 -29.23 -5.01
CA PRO A 1061 -39.18 -28.50 -5.26
C PRO A 1061 -38.89 -27.08 -5.72
N GLN A 1062 -39.65 -26.56 -6.68
CA GLN A 1062 -39.40 -25.22 -7.18
C GLN A 1062 -39.66 -24.19 -6.07
N PRO A 1063 -38.70 -23.33 -5.77
CA PRO A 1063 -38.83 -22.41 -4.63
C PRO A 1063 -39.56 -21.11 -4.97
N LEU A 1064 -40.80 -21.23 -5.46
CA LEU A 1064 -41.79 -20.15 -5.44
C LEU A 1064 -41.50 -19.02 -6.42
N TRP A 1065 -40.32 -19.03 -7.04
CA TRP A 1065 -39.99 -18.02 -8.03
C TRP A 1065 -39.44 -18.61 -9.32
N GLY A 1066 -39.09 -19.88 -9.35
CA GLY A 1066 -38.51 -20.52 -10.51
C GLY A 1066 -37.32 -21.37 -10.12
N ASP A 1067 -36.70 -21.97 -11.13
CA ASP A 1067 -35.57 -22.85 -10.90
C ASP A 1067 -34.41 -22.09 -10.27
N VAL A 1068 -33.83 -22.69 -9.23
CA VAL A 1068 -32.63 -22.17 -8.58
C VAL A 1068 -31.60 -23.29 -8.57
N PRO A 1069 -30.38 -23.05 -9.02
CA PRO A 1069 -29.39 -24.13 -9.04
C PRO A 1069 -29.06 -24.62 -7.64
N ALA A 1070 -28.98 -25.94 -7.49
CA ALA A 1070 -28.65 -26.54 -6.21
C ALA A 1070 -27.16 -26.61 -5.96
N SER A 1071 -26.35 -26.37 -6.98
CA SER A 1071 -24.90 -26.43 -6.83
C SER A 1071 -24.41 -25.21 -6.04
N GLN A 1072 -23.09 -25.14 -5.90
CA GLN A 1072 -22.44 -24.02 -5.23
C GLN A 1072 -21.72 -23.17 -6.26
N SER A 1073 -22.05 -21.87 -6.28
CA SER A 1073 -21.43 -20.97 -7.24
C SER A 1073 -19.94 -20.84 -6.96
N LEU A 1074 -19.16 -20.76 -8.04
CA LEU A 1074 -17.72 -20.58 -7.94
C LEU A 1074 -17.27 -19.24 -8.50
N ILE A 1075 -17.62 -18.96 -9.75
CA ILE A 1075 -17.32 -17.69 -10.40
C ILE A 1075 -18.62 -17.15 -10.99
N TYR A 1076 -18.88 -15.86 -10.78
CA TYR A 1076 -20.04 -15.21 -11.37
C TYR A 1076 -19.71 -14.75 -12.78
N ALA A 1077 -19.66 -15.72 -13.68
CA ALA A 1077 -19.33 -15.45 -15.07
C ALA A 1077 -19.96 -16.52 -15.95
N PHE A 1078 -20.57 -16.10 -17.05
CA PHE A 1078 -21.02 -17.04 -18.06
C PHE A 1078 -19.83 -17.61 -18.81
N ASP A 1079 -20.08 -18.69 -19.54
CA ASP A 1079 -19.17 -19.16 -20.57
C ASP A 1079 -19.41 -18.34 -21.82
N THR A 1080 -18.84 -18.76 -22.96
CA THR A 1080 -19.05 -18.06 -24.21
C THR A 1080 -19.71 -18.96 -25.26
N ASN A 1081 -20.50 -19.94 -24.83
CA ASN A 1081 -21.25 -20.77 -25.75
C ASN A 1081 -22.65 -20.19 -25.93
N PRO A 1082 -23.06 -19.84 -27.13
CA PRO A 1082 -24.36 -19.17 -27.31
C PRO A 1082 -25.55 -20.00 -26.85
N ASP A 1083 -25.50 -21.32 -27.01
CA ASP A 1083 -26.60 -22.15 -26.53
C ASP A 1083 -26.68 -22.15 -25.01
N ASN A 1084 -25.53 -22.30 -24.35
CA ASN A 1084 -25.49 -22.18 -22.90
C ASN A 1084 -25.95 -20.81 -22.45
N ARG A 1085 -25.54 -19.76 -23.17
CA ARG A 1085 -25.97 -18.41 -22.80
C ARG A 1085 -27.47 -18.25 -22.91
N LYS A 1086 -28.07 -18.81 -23.95
CA LYS A 1086 -29.52 -18.73 -24.09
C LYS A 1086 -30.23 -19.53 -23.00
N ASN A 1087 -29.66 -20.67 -22.60
CA ASN A 1087 -30.26 -21.46 -21.54
C ASN A 1087 -30.05 -20.86 -20.16
N GLN A 1088 -29.04 -20.01 -19.99
CA GLN A 1088 -28.66 -19.47 -18.69
C GLN A 1088 -29.19 -18.07 -18.45
N ASP A 1089 -29.00 -17.15 -19.40
CA ASP A 1089 -29.41 -15.77 -19.24
C ASP A 1089 -30.92 -15.70 -19.40
N VAL A 1090 -31.63 -16.03 -18.32
CA VAL A 1090 -33.08 -16.08 -18.31
C VAL A 1090 -33.69 -15.18 -17.25
N GLY A 1091 -32.88 -14.49 -16.46
CA GLY A 1091 -33.39 -13.56 -15.46
C GLY A 1091 -33.32 -14.13 -14.06
N LEU A 1092 -33.75 -13.31 -13.11
CA LEU A 1092 -33.79 -13.74 -11.72
C LEU A 1092 -34.88 -14.78 -11.48
N ASP A 1093 -35.84 -14.92 -12.39
CA ASP A 1093 -36.83 -15.97 -12.26
C ASP A 1093 -36.21 -17.35 -12.45
N GLY A 1094 -35.20 -17.46 -13.31
CA GLY A 1094 -34.66 -18.75 -13.68
C GLY A 1094 -35.41 -19.47 -14.77
N LEU A 1095 -36.44 -18.85 -15.34
CA LEU A 1095 -37.28 -19.46 -16.36
C LEU A 1095 -37.20 -18.65 -17.66
N PRO A 1096 -37.17 -19.32 -18.81
CA PRO A 1096 -36.92 -18.63 -20.09
C PRO A 1096 -38.18 -18.11 -20.79
N SER A 1097 -39.04 -17.42 -20.03
CA SER A 1097 -40.20 -16.71 -20.58
C SER A 1097 -41.18 -17.63 -21.30
N SER A 1098 -40.90 -18.93 -21.31
CA SER A 1098 -41.83 -19.94 -21.81
C SER A 1098 -42.39 -20.81 -20.69
N ARG A 1099 -41.62 -21.00 -19.63
CA ARG A 1099 -42.08 -21.67 -18.43
C ARG A 1099 -42.42 -20.69 -17.32
N GLU A 1100 -42.36 -19.39 -17.58
CA GLU A 1100 -42.72 -18.40 -16.58
C GLU A 1100 -44.20 -18.47 -16.22
N GLY A 1101 -45.06 -18.76 -17.19
CA GLY A 1101 -46.49 -18.78 -16.93
C GLY A 1101 -46.92 -19.79 -15.91
N SER A 1102 -46.09 -20.80 -15.64
CA SER A 1102 -46.41 -21.76 -14.58
C SER A 1102 -46.33 -21.11 -13.21
N ILE A 1103 -45.37 -20.20 -13.02
CA ILE A 1103 -45.23 -19.50 -11.75
C ILE A 1103 -46.12 -18.26 -11.70
N TYR A 1104 -46.05 -17.41 -12.73
CA TYR A 1104 -46.80 -16.17 -12.78
C TYR A 1104 -48.10 -16.43 -13.52
N THR A 1105 -49.04 -17.04 -12.79
CA THR A 1105 -50.28 -17.50 -13.40
C THR A 1105 -51.15 -16.34 -13.88
N ASN A 1106 -51.18 -15.24 -13.12
CA ASN A 1106 -52.08 -14.14 -13.43
C ASN A 1106 -51.72 -13.44 -14.74
N TYR A 1107 -50.53 -13.68 -15.27
CA TYR A 1107 -50.09 -13.08 -16.52
C TYR A 1107 -49.45 -14.12 -17.42
N ALA A 1108 -50.00 -15.34 -17.39
CA ALA A 1108 -49.45 -16.42 -18.18
C ALA A 1108 -49.69 -16.23 -19.67
N GLY A 1109 -50.77 -15.51 -20.03
CA GLY A 1109 -51.09 -15.30 -21.43
C GLY A 1109 -50.22 -14.29 -22.13
N GLU A 1110 -49.47 -13.48 -21.40
CA GLU A 1110 -48.60 -12.50 -22.01
C GLU A 1110 -47.35 -13.18 -22.59
N ALA A 1111 -46.63 -12.42 -23.42
CA ALA A 1111 -45.38 -12.93 -23.97
C ALA A 1111 -44.29 -13.02 -22.93
N ASP A 1112 -44.32 -12.14 -21.93
CA ASP A 1112 -43.33 -12.10 -20.84
C ASP A 1112 -44.08 -12.11 -19.52
N PRO A 1113 -44.47 -13.28 -19.02
CA PRO A 1113 -45.25 -13.31 -17.78
C PRO A 1113 -44.57 -12.68 -16.59
N ALA A 1114 -43.25 -12.82 -16.46
CA ALA A 1114 -42.54 -12.23 -15.33
C ALA A 1114 -42.20 -10.77 -15.54
N GLY A 1115 -42.37 -10.24 -16.75
CA GLY A 1115 -42.07 -8.85 -17.01
C GLY A 1115 -40.62 -8.48 -16.84
N ASP A 1116 -39.70 -9.38 -17.18
CA ASP A 1116 -38.28 -9.16 -16.94
C ASP A 1116 -37.44 -9.41 -18.19
N ASP A 1117 -38.02 -9.27 -19.37
CA ASP A 1117 -37.24 -9.38 -20.59
C ASP A 1117 -36.49 -8.08 -20.85
N TYR A 1118 -35.37 -8.20 -21.54
CA TYR A 1118 -34.49 -7.07 -21.84
C TYR A 1118 -34.62 -6.69 -23.30
N THR A 1119 -34.85 -5.41 -23.56
CA THR A 1119 -34.86 -4.87 -24.91
C THR A 1119 -33.82 -3.78 -25.02
N TYR A 1120 -32.96 -3.88 -26.02
CA TYR A 1120 -31.94 -2.89 -26.28
C TYR A 1120 -32.59 -1.56 -26.68
N TYR A 1121 -31.94 -0.46 -26.31
CA TYR A 1121 -32.54 0.85 -26.58
C TYR A 1121 -32.49 1.23 -28.05
N LEU A 1122 -31.45 0.80 -28.77
CA LEU A 1122 -31.44 0.98 -30.22
C LEU A 1122 -32.30 -0.05 -30.93
N ASN A 1123 -32.82 -1.04 -30.21
CA ASN A 1123 -33.72 -2.05 -30.76
C ASN A 1123 -35.17 -1.77 -30.44
N ALA A 1124 -35.45 -0.76 -29.63
CA ALA A 1124 -36.81 -0.43 -29.23
C ALA A 1124 -37.40 0.62 -30.17
N ASP A 1125 -38.58 1.12 -29.81
CA ASP A 1125 -39.30 2.09 -30.61
C ASP A 1125 -39.82 3.21 -29.72
N GLY A 1126 -39.98 4.39 -30.31
CA GLY A 1126 -40.51 5.53 -29.62
C GLY A 1126 -39.45 6.55 -29.26
N GLY A 1127 -39.76 7.35 -28.26
CA GLY A 1127 -38.85 8.37 -27.79
C GLY A 1127 -37.70 7.77 -27.00
N VAL A 1128 -36.88 8.65 -26.45
CA VAL A 1128 -35.70 8.20 -25.71
C VAL A 1128 -36.10 7.46 -24.44
N LEU A 1129 -37.16 7.91 -23.79
CA LEU A 1129 -37.58 7.27 -22.55
C LEU A 1129 -38.13 5.87 -22.78
N GLU A 1130 -38.91 5.69 -23.85
CA GLU A 1130 -39.48 4.37 -24.13
C GLU A 1130 -38.42 3.36 -24.54
N ARG A 1131 -37.36 3.82 -25.21
CA ARG A 1131 -36.30 2.92 -25.61
C ARG A 1131 -35.57 2.33 -24.41
N TYR A 1132 -35.56 3.04 -23.28
CA TYR A 1132 -34.90 2.58 -22.07
C TYR A 1132 -35.88 1.94 -21.09
N LYS A 1133 -37.12 1.73 -21.49
CA LYS A 1133 -38.13 1.22 -20.56
C LYS A 1133 -37.80 -0.19 -20.10
N ASN A 1134 -37.33 -1.04 -21.01
CA ASN A 1134 -37.00 -2.42 -20.70
C ASN A 1134 -35.50 -2.68 -20.74
N TYR A 1135 -34.68 -1.62 -20.68
CA TYR A 1135 -33.24 -1.77 -20.72
C TYR A 1135 -32.68 -2.38 -19.45
N ASN A 1136 -33.47 -2.49 -18.39
CA ASN A 1136 -33.01 -3.05 -17.14
C ASN A 1136 -33.53 -4.46 -16.89
N GLY A 1137 -34.20 -5.05 -17.87
CA GLY A 1137 -34.63 -6.43 -17.73
C GLY A 1137 -33.45 -7.37 -17.59
N THR A 1138 -33.64 -8.42 -16.80
CA THR A 1138 -32.57 -9.33 -16.45
C THR A 1138 -32.52 -10.57 -17.34
N GLU A 1139 -33.46 -10.73 -18.27
CA GLU A 1139 -33.49 -11.87 -19.17
C GLU A 1139 -33.04 -11.44 -20.56
N GLY A 1140 -32.01 -12.10 -21.08
CA GLY A 1140 -31.55 -11.80 -22.42
C GLY A 1140 -30.66 -10.60 -22.54
N ASN A 1141 -30.11 -10.10 -21.44
CA ASN A 1141 -29.24 -8.93 -21.46
C ASN A 1141 -27.76 -9.30 -21.45
N SER A 1142 -27.43 -10.52 -21.81
CA SER A 1142 -26.03 -10.95 -21.86
C SER A 1142 -25.78 -11.78 -23.11
N ALA A 1143 -26.27 -11.30 -24.26
CA ALA A 1143 -26.03 -11.99 -25.51
C ALA A 1143 -24.53 -12.11 -25.78
N VAL A 1144 -24.12 -13.24 -26.34
CA VAL A 1144 -22.70 -13.54 -26.48
C VAL A 1144 -22.04 -12.55 -27.44
N SER A 1145 -22.64 -12.35 -28.61
CA SER A 1145 -22.05 -11.51 -29.63
C SER A 1145 -22.47 -10.06 -29.42
N ILE A 1146 -21.55 -9.13 -29.70
CA ILE A 1146 -21.87 -7.72 -29.58
C ILE A 1146 -22.71 -7.24 -30.75
N ASN A 1147 -22.79 -8.03 -31.82
CA ASN A 1147 -23.53 -7.65 -33.02
C ASN A 1147 -24.97 -8.12 -33.02
N ASP A 1148 -25.42 -8.78 -31.95
CA ASP A 1148 -26.81 -9.22 -31.87
C ASP A 1148 -27.73 -7.99 -31.87
N PRO A 1149 -28.90 -8.10 -32.49
CA PRO A 1149 -29.84 -6.96 -32.45
C PRO A 1149 -30.19 -6.53 -31.04
N ASN A 1150 -30.29 -7.46 -30.10
CA ASN A 1150 -30.42 -7.14 -28.68
C ASN A 1150 -29.02 -7.20 -28.08
N ARG A 1151 -28.28 -6.11 -28.26
CA ARG A 1151 -26.94 -6.02 -27.70
C ARG A 1151 -27.00 -6.12 -26.17
N GLY A 1152 -26.01 -6.79 -25.60
CA GLY A 1152 -26.02 -7.21 -24.21
C GLY A 1152 -26.41 -6.18 -23.16
N SER A 1153 -25.59 -5.15 -22.98
CA SER A 1153 -25.59 -4.17 -21.90
C SER A 1153 -24.93 -4.72 -20.63
N THR A 1154 -24.53 -5.98 -20.61
CA THR A 1154 -23.71 -6.54 -19.55
C THR A 1154 -23.21 -7.89 -20.02
N THR A 1155 -22.23 -8.43 -19.30
CA THR A 1155 -21.75 -9.78 -19.52
C THR A 1155 -21.79 -10.62 -18.25
N LEU A 1156 -22.22 -10.07 -17.16
CA LEU A 1156 -22.24 -10.82 -15.91
C LEU A 1156 -23.61 -11.45 -15.70
N PRO A 1157 -23.66 -12.64 -15.12
CA PRO A 1157 -24.94 -13.22 -14.74
C PRO A 1157 -25.61 -12.38 -13.65
N ASP A 1158 -26.94 -12.40 -13.67
CA ASP A 1158 -27.72 -11.66 -12.69
C ASP A 1158 -27.83 -12.49 -11.43
N VAL A 1159 -27.14 -12.06 -10.37
CA VAL A 1159 -27.04 -12.81 -9.13
C VAL A 1159 -27.72 -12.05 -8.01
N GLU A 1160 -28.25 -12.78 -7.04
CA GLU A 1160 -28.77 -12.18 -5.82
C GLU A 1160 -27.65 -11.97 -4.80
N ASP A 1161 -26.59 -11.30 -5.25
CA ASP A 1161 -25.42 -11.02 -4.41
C ASP A 1161 -24.78 -9.75 -4.97
N ILE A 1162 -25.01 -8.63 -4.30
CA ILE A 1162 -24.69 -7.32 -4.86
C ILE A 1162 -23.26 -6.91 -4.56
N ASN A 1163 -22.74 -7.26 -3.38
CA ASN A 1163 -21.40 -6.85 -2.98
C ASN A 1163 -20.33 -7.86 -3.38
N ARG A 1164 -20.69 -8.91 -4.13
CA ARG A 1164 -19.74 -9.85 -4.71
C ARG A 1164 -18.87 -10.52 -3.66
N ASP A 1165 -19.46 -10.86 -2.52
CA ASP A 1165 -18.76 -11.64 -1.50
C ASP A 1165 -19.30 -13.07 -1.41
N ASN A 1166 -19.98 -13.53 -2.46
CA ASN A 1166 -20.49 -14.89 -2.64
C ASN A 1166 -21.62 -15.22 -1.68
N THR A 1167 -21.97 -14.35 -0.74
CA THR A 1167 -22.97 -14.65 0.26
C THR A 1167 -24.18 -13.74 0.07
N MET A 1168 -25.36 -14.32 0.16
CA MET A 1168 -26.60 -13.56 0.02
C MET A 1168 -27.07 -13.13 1.40
N SER A 1169 -26.96 -11.83 1.69
CA SER A 1169 -27.41 -11.31 2.95
C SER A 1169 -28.94 -11.34 3.04
N THR A 1170 -29.44 -11.39 4.28
CA THR A 1170 -30.87 -11.41 4.54
C THR A 1170 -31.26 -10.48 5.67
N ILE A 1171 -30.31 -9.72 6.22
CA ILE A 1171 -30.60 -8.81 7.31
C ILE A 1171 -31.26 -7.53 6.76
N ASN A 1172 -32.00 -6.85 7.62
CA ASN A 1172 -32.73 -5.64 7.28
C ASN A 1172 -32.53 -4.56 8.32
N ALA A 1173 -31.28 -4.28 8.66
CA ALA A 1173 -30.93 -3.28 9.66
C ALA A 1173 -30.36 -2.06 8.95
N TYR A 1174 -31.21 -1.04 8.74
CA TYR A 1174 -30.76 0.13 8.00
C TYR A 1174 -31.46 1.38 8.52
N TYR A 1175 -30.93 2.52 8.10
CA TYR A 1175 -31.52 3.82 8.36
C TYR A 1175 -32.27 4.30 7.13
N GLU A 1176 -33.39 4.98 7.36
CA GLU A 1176 -34.25 5.45 6.29
C GLU A 1176 -34.34 6.97 6.32
N TYR A 1177 -34.05 7.58 5.17
CA TYR A 1177 -34.20 9.00 4.91
C TYR A 1177 -35.16 9.16 3.75
N SER A 1178 -35.76 10.34 3.62
CA SER A 1178 -36.70 10.54 2.53
C SER A 1178 -36.78 12.01 2.16
N ILE A 1179 -36.99 12.26 0.88
CA ILE A 1179 -37.28 13.60 0.38
C ILE A 1179 -38.63 13.57 -0.29
N ASP A 1180 -39.32 14.71 -0.27
CA ASP A 1180 -40.56 14.88 -1.00
C ASP A 1180 -40.26 15.43 -2.38
N VAL A 1181 -41.03 14.98 -3.36
CA VAL A 1181 -40.96 15.49 -4.73
C VAL A 1181 -42.30 16.15 -4.99
N LYS A 1182 -42.32 17.47 -4.93
CA LYS A 1182 -43.50 18.30 -5.04
C LYS A 1182 -43.22 19.45 -5.99
N PRO A 1183 -44.27 20.03 -6.59
CA PRO A 1183 -44.03 21.13 -7.55
C PRO A 1183 -43.35 22.35 -6.93
N GLY A 1184 -43.63 22.68 -5.68
CA GLY A 1184 -43.18 23.93 -5.12
C GLY A 1184 -42.08 23.81 -4.07
N MET A 1185 -41.10 22.96 -4.31
CA MET A 1185 -40.02 22.77 -3.36
C MET A 1185 -39.14 24.01 -3.28
N GLN A 1186 -38.87 24.47 -2.06
CA GLN A 1186 -38.12 25.70 -1.81
C GLN A 1186 -37.00 25.45 -0.82
N VAL A 1187 -36.00 26.32 -0.87
CA VAL A 1187 -34.82 26.18 -0.01
C VAL A 1187 -35.22 26.34 1.45
N GLY A 1188 -34.49 25.66 2.33
CA GLY A 1188 -34.70 25.74 3.76
C GLY A 1188 -35.46 24.58 4.35
N GLU A 1189 -36.10 23.77 3.52
CA GLU A 1189 -36.85 22.61 3.99
C GLU A 1189 -36.64 21.46 3.03
N ASN A 1190 -36.95 20.24 3.51
CA ASN A 1190 -36.88 19.03 2.71
C ASN A 1190 -35.45 18.71 2.28
N TYR A 1191 -34.46 19.19 3.03
CA TYR A 1191 -33.03 19.05 2.76
C TYR A 1191 -32.57 19.83 1.56
N ILE A 1192 -33.41 20.72 1.02
CA ILE A 1192 -33.03 21.56 -0.11
C ILE A 1192 -32.08 22.64 0.40
N THR A 1193 -30.86 22.64 -0.11
CA THR A 1193 -29.86 23.61 0.31
C THR A 1193 -29.54 24.64 -0.77
N ASP A 1194 -29.96 24.42 -2.01
CA ASP A 1194 -29.64 25.32 -3.10
C ASP A 1194 -30.58 25.04 -4.26
N ILE A 1195 -30.94 26.10 -4.98
CA ILE A 1195 -31.75 25.98 -6.19
C ILE A 1195 -31.14 26.87 -7.26
N ARG A 1196 -30.84 26.30 -8.41
CA ARG A 1196 -30.31 27.03 -9.56
C ARG A 1196 -31.39 27.04 -10.64
N GLU A 1197 -31.93 28.22 -10.94
CA GLU A 1197 -32.94 28.36 -11.97
C GLU A 1197 -32.25 28.74 -13.29
N VAL A 1198 -32.44 27.92 -14.31
CA VAL A 1198 -31.90 28.16 -15.64
C VAL A 1198 -33.02 28.76 -16.48
N THR A 1199 -32.77 29.93 -17.05
CA THR A 1199 -33.84 30.70 -17.68
C THR A 1199 -34.19 30.18 -19.06
N ASN A 1200 -33.23 30.24 -19.98
CA ASN A 1200 -33.45 29.79 -21.35
C ASN A 1200 -32.29 28.92 -21.78
N VAL A 1201 -32.57 27.66 -22.07
CA VAL A 1201 -31.57 26.70 -22.54
C VAL A 1201 -31.85 26.43 -24.01
N ASP A 1202 -30.81 26.54 -24.83
CA ASP A 1202 -30.96 26.27 -26.25
C ASP A 1202 -31.17 24.78 -26.47
N LEU A 1203 -32.34 24.42 -26.93
CA LEU A 1203 -32.74 23.04 -27.20
C LEU A 1203 -32.32 22.65 -28.62
N PRO A 1204 -32.09 21.35 -28.86
CA PRO A 1204 -31.63 20.92 -30.19
C PRO A 1204 -32.63 21.21 -31.31
N ASN A 1205 -33.90 21.41 -30.99
CA ASN A 1205 -34.90 21.72 -32.01
C ASN A 1205 -35.00 23.21 -32.30
N GLY A 1206 -34.13 24.02 -31.72
CA GLY A 1206 -34.15 25.45 -31.93
C GLY A 1206 -34.98 26.24 -30.95
N GLY A 1207 -35.74 25.57 -30.07
CA GLY A 1207 -36.54 26.23 -29.07
C GLY A 1207 -35.74 26.53 -27.82
N THR A 1208 -36.46 26.96 -26.78
CA THR A 1208 -35.87 27.24 -25.48
C THR A 1208 -36.79 26.71 -24.40
N THR A 1209 -36.19 26.34 -23.26
CA THR A 1209 -36.94 25.84 -22.12
C THR A 1209 -36.33 26.35 -20.83
N ASN A 1210 -37.09 26.25 -19.76
CA ASN A 1210 -36.65 26.62 -18.43
C ASN A 1210 -36.26 25.36 -17.66
N ALA A 1211 -35.34 25.52 -16.71
CA ALA A 1211 -34.89 24.41 -15.90
C ALA A 1211 -34.77 24.86 -14.45
N ARG A 1212 -34.83 23.89 -13.55
CA ARG A 1212 -34.68 24.18 -12.12
C ARG A 1212 -33.91 23.02 -11.49
N TRP A 1213 -32.65 23.24 -11.19
CA TRP A 1213 -31.84 22.26 -10.48
C TRP A 1213 -31.97 22.49 -8.99
N ILE A 1214 -32.13 21.41 -8.24
CA ILE A 1214 -32.29 21.45 -6.79
C ILE A 1214 -31.21 20.60 -6.16
N GLN A 1215 -30.53 21.14 -5.16
CA GLN A 1215 -29.48 20.43 -4.45
C GLN A 1215 -30.03 19.95 -3.12
N PHE A 1216 -29.98 18.64 -2.90
CA PHE A 1216 -30.34 18.07 -1.61
C PHE A 1216 -29.07 17.61 -0.90
N LYS A 1217 -29.00 17.90 0.40
CA LYS A 1217 -27.96 17.39 1.27
C LYS A 1217 -28.64 16.72 2.45
N ILE A 1218 -28.81 15.40 2.37
CA ILE A 1218 -29.46 14.63 3.43
C ILE A 1218 -28.39 14.26 4.46
N PRO A 1219 -28.42 14.81 5.67
CA PRO A 1219 -27.40 14.48 6.67
C PRO A 1219 -27.54 13.04 7.12
N VAL A 1220 -26.49 12.25 6.89
CA VAL A 1220 -26.51 10.83 7.27
C VAL A 1220 -26.71 10.68 8.77
N SER A 1221 -26.20 11.62 9.56
CA SER A 1221 -26.21 11.52 11.01
C SER A 1221 -27.60 11.64 11.63
N GLN A 1222 -28.61 12.04 10.86
CA GLN A 1222 -29.94 12.30 11.39
C GLN A 1222 -30.97 11.50 10.59
N PRO A 1223 -31.04 10.19 10.81
CA PRO A 1223 -31.99 9.37 10.06
C PRO A 1223 -33.41 9.67 10.45
N GLN A 1224 -34.30 9.59 9.46
CA GLN A 1224 -35.72 9.79 9.75
C GLN A 1224 -36.35 8.58 10.39
N ASN A 1225 -35.89 7.38 10.05
CA ASN A 1225 -36.37 6.18 10.72
C ASN A 1225 -35.25 5.15 10.79
N THR A 1226 -35.44 4.16 11.66
CA THR A 1226 -34.52 3.05 11.80
C THR A 1226 -35.31 1.76 11.65
N ILE A 1227 -34.98 0.97 10.64
CA ILE A 1227 -35.60 -0.34 10.44
C ILE A 1227 -34.61 -1.39 10.92
N GLY A 1228 -35.06 -2.27 11.81
CA GLY A 1228 -34.18 -3.29 12.34
C GLY A 1228 -33.30 -2.76 13.46
N ASN A 1229 -32.32 -3.58 13.83
CA ASN A 1229 -31.46 -3.29 14.97
C ASN A 1229 -30.11 -2.78 14.45
N ILE A 1230 -30.07 -1.49 14.17
CA ILE A 1230 -28.84 -0.80 13.78
C ILE A 1230 -28.68 0.41 14.69
N THR A 1231 -27.45 0.66 15.14
CA THR A 1231 -27.19 1.75 16.08
C THR A 1231 -26.05 2.66 15.68
N ASP A 1232 -25.16 2.25 14.77
CA ASP A 1232 -24.01 3.04 14.41
C ASP A 1232 -23.80 2.96 12.90
N PHE A 1233 -22.83 3.75 12.42
CA PHE A 1233 -22.47 3.78 11.00
C PHE A 1233 -21.14 3.09 10.74
N ARG A 1234 -20.76 2.15 11.60
CA ARG A 1234 -19.50 1.44 11.44
C ARG A 1234 -19.56 0.35 10.39
N SER A 1235 -20.75 -0.01 9.92
CA SER A 1235 -20.88 -1.00 8.85
C SER A 1235 -22.11 -0.64 8.04
N ILE A 1236 -21.91 0.12 6.97
CA ILE A 1236 -22.96 0.53 6.05
C ILE A 1236 -22.61 -0.10 4.70
N ARG A 1237 -23.18 -1.27 4.42
CA ARG A 1237 -22.75 -2.06 3.28
C ARG A 1237 -23.58 -1.83 2.03
N PHE A 1238 -24.82 -1.35 2.16
CA PHE A 1238 -25.71 -1.18 1.02
C PHE A 1238 -26.41 0.16 1.07
N MET A 1239 -26.71 0.68 -0.12
CA MET A 1239 -27.49 1.89 -0.29
C MET A 1239 -28.62 1.57 -1.27
N ARG A 1240 -29.85 1.86 -0.86
CA ARG A 1240 -31.02 1.64 -1.69
C ARG A 1240 -31.76 2.95 -1.84
N MET A 1241 -32.30 3.21 -3.03
CA MET A 1241 -33.24 4.33 -3.17
C MET A 1241 -34.43 3.85 -3.97
N PHE A 1242 -35.63 4.19 -3.47
CA PHE A 1242 -36.85 3.82 -4.16
C PHE A 1242 -37.83 4.97 -4.16
N MET A 1243 -38.50 5.14 -5.30
CA MET A 1243 -39.54 6.14 -5.46
C MET A 1243 -40.88 5.52 -5.15
N THR A 1244 -41.76 6.31 -4.54
CA THR A 1244 -43.11 5.84 -4.22
C THR A 1244 -44.05 7.03 -4.15
N GLY A 1245 -45.34 6.74 -4.11
CA GLY A 1245 -46.35 7.75 -3.92
C GLY A 1245 -46.74 8.52 -5.16
N PHE A 1246 -46.14 8.25 -6.30
CA PHE A 1246 -46.48 8.96 -7.53
C PHE A 1246 -47.68 8.31 -8.20
N ASN A 1247 -48.40 9.12 -8.98
CA ASN A 1247 -49.58 8.62 -9.69
C ASN A 1247 -49.30 8.33 -11.15
N SER A 1248 -48.46 9.13 -11.79
CA SER A 1248 -48.15 9.01 -13.21
C SER A 1248 -46.65 8.84 -13.39
N GLN A 1249 -46.24 8.65 -14.64
CA GLN A 1249 -44.83 8.47 -14.95
C GLN A 1249 -44.02 9.67 -14.46
N MET A 1250 -42.91 9.38 -13.78
CA MET A 1250 -42.11 10.42 -13.14
C MET A 1250 -40.64 10.17 -13.44
N THR A 1251 -39.98 11.14 -14.04
CA THR A 1251 -38.56 11.04 -14.37
C THR A 1251 -37.77 11.97 -13.47
N VAL A 1252 -36.76 11.43 -12.80
CA VAL A 1252 -35.85 12.21 -11.97
C VAL A 1252 -34.45 12.01 -12.53
N ARG A 1253 -33.78 13.12 -12.87
CA ARG A 1253 -32.44 13.07 -13.43
C ARG A 1253 -31.47 13.57 -12.37
N PHE A 1254 -30.62 12.67 -11.88
CA PHE A 1254 -29.59 13.03 -10.91
C PHE A 1254 -28.40 13.57 -11.69
N GLY A 1255 -28.28 14.91 -11.71
CA GLY A 1255 -27.10 15.52 -12.27
C GLY A 1255 -25.86 15.20 -11.49
N ALA A 1256 -25.98 15.05 -10.17
CA ALA A 1256 -24.87 14.56 -9.38
C ALA A 1256 -25.44 13.82 -8.19
N LEU A 1257 -24.80 12.73 -7.79
CA LEU A 1257 -25.22 11.95 -6.63
C LEU A 1257 -23.99 11.36 -5.97
N ASP A 1258 -23.66 11.84 -4.77
CA ASP A 1258 -22.46 11.39 -4.08
C ASP A 1258 -22.77 11.20 -2.60
N LEU A 1259 -21.92 10.41 -1.97
CA LEU A 1259 -21.78 10.39 -0.51
C LEU A 1259 -20.61 11.29 -0.16
N VAL A 1260 -20.89 12.35 0.60
CA VAL A 1260 -19.90 13.38 0.90
C VAL A 1260 -19.40 13.17 2.32
N ARG A 1261 -18.08 13.07 2.46
CA ARG A 1261 -17.42 12.88 3.73
C ARG A 1261 -16.48 14.05 4.00
N GLY A 1262 -16.48 14.52 5.24
CA GLY A 1262 -15.71 15.70 5.59
C GLY A 1262 -14.53 15.46 6.51
N GLU A 1263 -13.58 16.41 6.50
CA GLU A 1263 -12.43 16.35 7.39
C GLU A 1263 -12.74 16.88 8.80
N TRP A 1264 -13.88 17.54 8.99
CA TRP A 1264 -14.25 18.11 10.27
C TRP A 1264 -15.35 17.27 10.89
N ARG A 1265 -15.06 16.65 12.01
CA ARG A 1265 -16.01 15.78 12.70
C ARG A 1265 -16.81 16.58 13.69
N ARG A 1266 -18.13 16.37 13.70
CA ARG A 1266 -18.97 16.98 14.72
C ARG A 1266 -18.57 16.44 16.08
N TYR A 1267 -18.44 17.35 17.05
CA TYR A 1267 -18.05 16.97 18.41
C TYR A 1267 -19.30 16.51 19.14
N THR A 1268 -19.44 15.19 19.31
CA THR A 1268 -20.58 14.61 19.99
C THR A 1268 -20.24 14.47 21.46
N GLY A 1269 -20.44 15.53 22.21
CA GLY A 1269 -20.06 15.59 23.62
C GLY A 1269 -20.27 17.00 24.10
N THR A 1270 -20.52 17.12 25.41
CA THR A 1270 -20.90 18.41 25.97
C THR A 1270 -19.76 19.42 25.86
N LEU A 1271 -20.15 20.67 25.63
CA LEU A 1271 -19.21 21.78 25.66
C LEU A 1271 -19.49 22.76 26.81
N ASP A 1272 -20.64 22.65 27.46
CA ASP A 1272 -20.92 23.36 28.70
C ASP A 1272 -21.17 22.34 29.80
N ALA A 1273 -20.61 22.61 30.98
CA ALA A 1273 -20.61 21.64 32.07
C ALA A 1273 -21.95 21.55 32.80
N ASN A 1274 -23.03 22.11 32.24
CA ASN A 1274 -24.30 22.10 32.95
C ASN A 1274 -25.25 21.03 32.42
N ASP A 1275 -25.38 20.89 31.11
CA ASP A 1275 -26.34 19.93 30.56
C ASP A 1275 -25.79 18.51 30.64
N GLN A 1276 -24.57 18.28 30.16
CA GLN A 1276 -23.85 17.02 30.19
C GLN A 1276 -24.47 15.95 29.29
N ASN A 1277 -25.59 16.24 28.62
CA ASN A 1277 -26.22 15.31 27.70
C ASN A 1277 -26.51 16.04 26.39
N PRO A 1278 -25.49 16.29 25.57
CA PRO A 1278 -25.71 16.99 24.31
C PRO A 1278 -26.49 16.19 23.29
N ASP A 1279 -26.67 14.88 23.50
CA ASP A 1279 -27.48 14.10 22.58
C ASP A 1279 -28.95 14.29 22.95
N ASP A 1280 -29.34 15.55 23.11
CA ASP A 1280 -30.68 15.96 23.46
C ASP A 1280 -30.89 17.36 22.90
N ASP A 1281 -31.88 18.07 23.43
CA ASP A 1281 -32.11 19.49 23.14
C ASP A 1281 -32.66 19.69 21.74
N GLY A 1282 -32.72 18.62 20.94
CA GLY A 1282 -33.26 18.72 19.60
C GLY A 1282 -32.56 19.73 18.72
N VAL A 1283 -31.24 19.79 18.77
CA VAL A 1283 -30.46 20.74 18.00
C VAL A 1283 -29.93 20.03 16.77
N GLU A 1284 -30.56 20.28 15.62
CA GLU A 1284 -30.07 19.75 14.35
C GLU A 1284 -28.82 20.53 13.97
N PHE A 1285 -27.67 19.92 14.19
CA PHE A 1285 -26.38 20.58 13.99
C PHE A 1285 -25.69 19.91 12.81
N ASP A 1286 -25.60 20.64 11.70
CA ASP A 1286 -25.03 20.13 10.46
C ASP A 1286 -23.74 20.88 10.14
N VAL A 1287 -22.77 20.17 9.59
CA VAL A 1287 -21.56 20.78 9.07
C VAL A 1287 -21.41 20.37 7.61
N ALA A 1288 -21.33 21.36 6.73
CA ALA A 1288 -21.19 21.13 5.31
C ALA A 1288 -20.17 22.12 4.77
N ALA A 1289 -20.08 22.23 3.46
CA ALA A 1289 -19.19 23.20 2.85
C ALA A 1289 -19.92 23.92 1.74
N VAL A 1290 -19.71 25.24 1.67
CA VAL A 1290 -20.29 26.07 0.62
C VAL A 1290 -19.14 26.54 -0.26
N ASN A 1291 -19.26 26.31 -1.56
CA ASN A 1291 -18.24 26.70 -2.50
C ASN A 1291 -18.84 27.55 -3.62
N ILE A 1292 -17.97 28.24 -4.34
CA ILE A 1292 -18.42 29.14 -5.39
C ILE A 1292 -18.87 28.39 -6.64
N GLN A 1293 -18.43 27.14 -6.81
CA GLN A 1293 -18.81 26.38 -7.99
C GLN A 1293 -20.23 25.85 -7.90
N GLU A 1294 -20.71 25.52 -6.70
CA GLU A 1294 -22.05 24.98 -6.50
C GLU A 1294 -22.99 25.94 -5.81
N ASN A 1295 -22.59 26.50 -4.68
CA ASN A 1295 -23.49 27.27 -3.82
C ASN A 1295 -23.48 28.76 -4.16
N GLY A 1296 -23.02 29.13 -5.35
CA GLY A 1296 -23.06 30.51 -5.77
C GLY A 1296 -24.44 31.08 -6.00
N THR A 1297 -25.49 30.32 -5.68
CA THR A 1297 -26.88 30.75 -5.85
C THR A 1297 -27.72 30.37 -4.64
N LYS A 1298 -27.12 30.35 -3.46
CA LYS A 1298 -27.85 29.99 -2.25
C LYS A 1298 -28.95 31.01 -1.95
N CYS A 1299 -30.00 30.56 -1.27
CA CYS A 1299 -31.18 31.39 -1.11
C CYS A 1299 -31.00 32.50 -0.09
N PRO A 1300 -30.53 32.24 1.15
CA PRO A 1300 -30.35 33.37 2.08
C PRO A 1300 -29.29 34.34 1.59
N VAL A 1301 -28.08 33.83 1.36
CA VAL A 1301 -26.96 34.64 0.88
C VAL A 1301 -26.21 33.81 -0.15
N ASN A 1302 -26.04 34.36 -1.36
CA ASN A 1302 -25.17 33.72 -2.33
C ASN A 1302 -23.75 33.66 -1.79
N TYR A 1303 -23.10 32.51 -1.97
CA TYR A 1303 -21.73 32.40 -1.50
C TYR A 1303 -20.81 33.25 -2.36
N VAL A 1304 -20.03 34.10 -1.71
CA VAL A 1304 -19.03 34.92 -2.38
C VAL A 1304 -17.73 34.83 -1.59
N MET A 1305 -16.62 34.96 -2.29
CA MET A 1305 -15.32 34.88 -1.63
C MET A 1305 -15.13 36.08 -0.71
N PRO A 1306 -14.39 35.91 0.38
CA PRO A 1306 -14.15 37.02 1.28
C PRO A 1306 -13.35 38.11 0.58
N PRO A 1307 -13.52 39.37 0.99
CA PRO A 1307 -12.82 40.46 0.32
C PRO A 1307 -11.30 40.26 0.34
N GLY A 1308 -10.72 40.17 -0.84
CA GLY A 1308 -9.30 39.95 -1.01
C GLY A 1308 -8.91 38.53 -1.37
N VAL A 1309 -9.79 37.57 -1.18
CA VAL A 1309 -9.52 36.19 -1.52
C VAL A 1309 -9.79 35.98 -3.01
N GLN A 1310 -8.95 35.17 -3.66
CA GLN A 1310 -9.07 34.90 -5.08
C GLN A 1310 -8.98 33.40 -5.32
N ARG A 1311 -9.56 32.97 -6.43
CA ARG A 1311 -9.53 31.57 -6.81
C ARG A 1311 -8.15 31.18 -7.32
N GLU A 1312 -7.60 30.09 -6.81
CA GLU A 1312 -6.31 29.61 -7.27
C GLU A 1312 -6.39 29.22 -8.73
N GLN A 1313 -5.35 29.57 -9.49
CA GLN A 1313 -5.30 29.29 -10.92
C GLN A 1313 -4.18 28.29 -11.20
N LEU A 1314 -4.52 27.23 -11.92
CA LEU A 1314 -3.58 26.18 -12.26
C LEU A 1314 -3.58 25.96 -13.77
N TYR A 1315 -2.53 25.29 -14.25
CA TYR A 1315 -2.41 24.93 -15.66
C TYR A 1315 -2.41 23.41 -15.76
N ASN A 1316 -3.48 22.85 -16.32
CA ASN A 1316 -3.51 21.39 -16.45
C ASN A 1316 -3.05 20.94 -17.84
N ASN A 1317 -3.60 21.53 -18.90
CA ASN A 1317 -3.16 21.24 -20.27
C ASN A 1317 -3.38 22.52 -21.08
N ASN A 1318 -2.36 23.38 -21.10
CA ASN A 1318 -2.38 24.63 -21.85
C ASN A 1318 -3.62 25.48 -21.52
N THR A 1319 -4.23 25.25 -20.37
CA THR A 1319 -5.46 25.91 -19.96
C THR A 1319 -5.27 26.51 -18.59
N VAL A 1320 -6.03 27.57 -18.30
CA VAL A 1320 -6.04 28.18 -16.98
C VAL A 1320 -7.33 27.76 -16.29
N ILE A 1321 -7.21 27.01 -15.19
CA ILE A 1321 -8.35 26.51 -14.44
C ILE A 1321 -8.38 27.25 -13.11
N ASN A 1322 -9.47 27.93 -12.84
CA ASN A 1322 -9.68 28.59 -11.55
C ASN A 1322 -10.16 27.55 -10.55
N GLN A 1323 -9.30 27.22 -9.59
CA GLN A 1323 -9.65 26.19 -8.61
C GLN A 1323 -10.82 26.65 -7.76
N ASN A 1324 -11.47 25.68 -7.12
CA ASN A 1324 -12.64 25.95 -6.30
C ASN A 1324 -12.24 26.74 -5.06
N GLU A 1325 -13.18 27.56 -4.59
CA GLU A 1325 -13.02 28.34 -3.36
C GLU A 1325 -14.14 27.93 -2.42
N GLN A 1326 -13.78 27.46 -1.24
CA GLN A 1326 -14.72 26.78 -0.36
C GLN A 1326 -14.60 27.31 1.06
N ALA A 1327 -15.72 27.25 1.79
CA ALA A 1327 -15.81 27.63 3.18
C ALA A 1327 -16.60 26.57 3.92
N LEU A 1328 -16.39 26.50 5.23
CA LEU A 1328 -17.05 25.51 6.07
C LEU A 1328 -18.30 26.12 6.67
N ALA A 1329 -19.46 25.55 6.36
CA ALA A 1329 -20.73 26.04 6.87
C ALA A 1329 -21.20 25.18 8.03
N VAL A 1330 -21.73 25.82 9.06
CA VAL A 1330 -22.27 25.16 10.23
C VAL A 1330 -23.70 25.67 10.40
N ARG A 1331 -24.66 24.75 10.38
CA ARG A 1331 -26.07 25.08 10.43
C ARG A 1331 -26.64 24.57 11.75
N ILE A 1332 -27.21 25.48 12.55
CA ILE A 1332 -27.83 25.15 13.83
C ILE A 1332 -29.32 25.39 13.67
N GLY A 1333 -30.09 24.33 13.64
CA GLY A 1333 -31.54 24.45 13.51
C GLY A 1333 -32.28 23.49 14.42
N GLY A 1334 -33.55 23.26 14.15
CA GLY A 1334 -34.34 22.38 14.98
C GLY A 1334 -34.93 23.13 16.16
N ALA A 1335 -34.38 22.91 17.34
CA ALA A 1335 -34.81 23.64 18.52
C ALA A 1335 -33.90 24.82 18.87
N GLY A 1336 -32.67 24.82 18.36
CA GLY A 1336 -31.74 25.91 18.60
C GLY A 1336 -30.89 25.68 19.83
N LEU A 1337 -29.80 26.44 19.90
CA LEU A 1337 -28.86 26.33 21.01
C LEU A 1337 -29.50 26.81 22.31
N GLN A 1338 -29.01 26.27 23.41
CA GLN A 1338 -29.42 26.73 24.74
C GLN A 1338 -28.75 28.08 25.01
N TYR A 1339 -28.90 28.59 26.23
CA TYR A 1339 -28.28 29.88 26.55
C TYR A 1339 -26.77 29.82 26.44
N GLN A 1340 -26.15 28.79 27.00
CA GLN A 1340 -24.70 28.67 27.00
C GLN A 1340 -24.20 27.45 26.25
N ASP A 1341 -25.08 26.59 25.76
CA ASP A 1341 -24.66 25.42 25.01
C ASP A 1341 -23.99 25.84 23.71
N SER A 1342 -23.05 25.03 23.26
CA SER A 1342 -22.29 25.33 22.05
C SER A 1342 -22.10 24.06 21.25
N ARG A 1343 -21.99 24.22 19.93
CA ARG A 1343 -21.79 23.11 19.01
C ARG A 1343 -20.58 23.38 18.15
N ALA A 1344 -19.73 22.37 17.97
CA ALA A 1344 -18.46 22.60 17.32
C ALA A 1344 -18.05 21.38 16.51
N VAL A 1345 -17.16 21.62 15.56
CA VAL A 1345 -16.55 20.58 14.73
C VAL A 1345 -15.04 20.66 14.93
N PHE A 1346 -14.40 19.50 15.05
CA PHE A 1346 -12.99 19.45 15.40
C PHE A 1346 -12.18 18.78 14.30
N LYS A 1347 -10.87 18.79 14.49
CA LYS A 1347 -9.93 18.30 13.49
C LYS A 1347 -8.59 18.06 14.16
N ASN A 1348 -8.01 16.87 13.93
CA ASN A 1348 -6.69 16.55 14.46
C ASN A 1348 -5.64 17.04 13.48
N VAL A 1349 -4.75 17.92 13.94
CA VAL A 1349 -3.73 18.53 13.11
C VAL A 1349 -2.42 18.53 13.89
N SER A 1350 -1.39 19.12 13.28
CA SER A 1350 -0.10 19.36 13.94
C SER A 1350 0.40 20.70 13.42
N VAL A 1351 0.09 21.77 14.15
CA VAL A 1351 0.39 23.13 13.72
C VAL A 1351 1.31 23.78 14.74
N ASP A 1352 2.45 24.27 14.27
CA ASP A 1352 3.39 25.06 15.07
C ASP A 1352 3.25 26.50 14.61
N MET A 1353 2.60 27.32 15.42
CA MET A 1353 2.34 28.72 15.09
C MET A 1353 3.15 29.68 15.96
N ARG A 1354 4.40 29.34 16.23
CA ARG A 1354 5.25 30.19 17.05
C ARG A 1354 6.08 31.16 16.23
N GLN A 1355 6.24 30.92 14.93
CA GLN A 1355 6.96 31.84 14.06
C GLN A 1355 6.07 32.90 13.45
N TYR A 1356 4.76 32.85 13.69
CA TYR A 1356 3.82 33.80 13.13
C TYR A 1356 3.16 34.58 14.25
N LYS A 1357 2.91 35.86 13.99
CA LYS A 1357 2.40 36.75 15.04
C LYS A 1357 0.89 36.76 15.14
N LYS A 1358 0.18 36.64 14.02
CA LYS A 1358 -1.27 36.79 14.01
C LYS A 1358 -1.93 35.51 13.52
N LEU A 1359 -3.11 35.24 14.07
CA LEU A 1359 -4.01 34.20 13.59
C LEU A 1359 -5.28 34.88 13.12
N LYS A 1360 -5.65 34.66 11.86
CA LYS A 1360 -6.76 35.36 11.25
C LYS A 1360 -7.75 34.37 10.67
N MET A 1361 -9.00 34.82 10.57
CA MET A 1361 -10.08 34.00 10.07
C MET A 1361 -11.23 34.90 9.63
N PHE A 1362 -12.02 34.41 8.68
CA PHE A 1362 -13.23 35.07 8.22
C PHE A 1362 -14.44 34.31 8.74
N LEU A 1363 -15.41 35.03 9.30
CA LEU A 1363 -16.65 34.43 9.76
C LEU A 1363 -17.83 35.19 9.19
N HIS A 1364 -18.92 34.47 8.96
CA HIS A 1364 -20.15 35.03 8.42
C HIS A 1364 -21.32 34.38 9.15
N ALA A 1365 -22.30 35.20 9.54
CA ALA A 1365 -23.48 34.69 10.22
C ALA A 1365 -24.73 35.11 9.46
N GLU A 1366 -25.71 34.21 9.42
CA GLU A 1366 -26.97 34.51 8.75
C GLU A 1366 -28.09 33.76 9.45
N SER A 1367 -29.31 34.28 9.27
CA SER A 1367 -30.48 33.62 9.82
C SER A 1367 -30.91 32.48 8.92
N LEU A 1368 -31.54 31.48 9.53
CA LEU A 1368 -32.08 30.38 8.75
C LEU A 1368 -33.33 30.84 8.00
N PRO A 1369 -33.55 30.36 6.77
CA PRO A 1369 -34.81 30.64 6.09
C PRO A 1369 -35.98 30.00 6.82
N ASN A 1370 -37.12 30.71 6.82
CA ASN A 1370 -38.35 30.24 7.45
C ASN A 1370 -38.18 30.00 8.95
N GLN A 1371 -37.32 30.78 9.60
CA GLN A 1371 -37.07 30.67 11.02
C GLN A 1371 -37.00 32.08 11.59
N PRO A 1372 -37.20 32.23 12.91
CA PRO A 1372 -37.04 33.55 13.52
C PRO A 1372 -35.64 34.10 13.29
N THR A 1373 -35.58 35.40 13.02
CA THR A 1373 -34.33 36.01 12.59
C THR A 1373 -33.30 36.01 13.72
N LEU A 1374 -32.08 35.64 13.39
CA LEU A 1374 -30.97 35.71 14.33
C LEU A 1374 -30.50 37.16 14.43
N GLU A 1375 -30.32 37.65 15.65
CA GLU A 1375 -29.93 39.03 15.89
C GLU A 1375 -28.43 39.14 16.12
N ASP A 1376 -27.94 40.37 16.03
CA ASP A 1376 -26.52 40.62 16.21
C ASP A 1376 -26.10 40.37 17.66
N ASP A 1377 -24.87 39.87 17.82
CA ASP A 1377 -24.28 39.57 19.12
C ASP A 1377 -25.12 38.57 19.91
N GLU A 1378 -25.65 37.56 19.23
CA GLU A 1378 -26.31 36.44 19.89
C GLU A 1378 -25.56 35.14 19.72
N MET A 1379 -25.11 34.83 18.50
CA MET A 1379 -24.30 33.66 18.25
C MET A 1379 -22.84 34.08 18.21
N VAL A 1380 -21.99 33.34 18.92
CA VAL A 1380 -20.58 33.67 19.08
C VAL A 1380 -19.77 32.64 18.32
N GLY A 1381 -19.02 33.08 17.32
CA GLY A 1381 -18.15 32.16 16.62
C GLY A 1381 -16.87 31.99 17.38
N PHE A 1382 -16.48 30.75 17.69
CA PHE A 1382 -15.29 30.54 18.50
C PHE A 1382 -14.36 29.52 17.85
N ILE A 1383 -13.08 29.74 18.06
CA ILE A 1383 -12.03 28.76 17.78
C ILE A 1383 -11.52 28.26 19.12
N ARG A 1384 -11.11 27.00 19.16
CA ARG A 1384 -10.55 26.39 20.36
C ARG A 1384 -9.45 25.46 19.90
N PHE A 1385 -8.21 25.79 20.22
CA PHE A 1385 -7.10 25.01 19.73
C PHE A 1385 -6.12 24.69 20.86
N GLY A 1386 -5.50 23.52 20.76
CA GLY A 1386 -4.56 23.11 21.78
C GLY A 1386 -4.34 21.61 21.82
N ASN A 1387 -4.11 21.08 23.02
CA ASN A 1387 -3.91 19.65 23.15
C ASN A 1387 -5.22 18.88 23.11
N ASP A 1388 -6.31 19.49 23.56
CA ASP A 1388 -7.62 18.85 23.56
C ASP A 1388 -8.69 19.93 23.60
N PHE A 1389 -9.94 19.52 23.82
CA PHE A 1389 -11.07 20.43 23.84
C PHE A 1389 -11.74 20.50 25.20
N THR A 1390 -11.21 19.83 26.21
CA THR A 1390 -11.84 19.79 27.53
C THR A 1390 -10.92 20.14 28.67
N GLN A 1391 -9.60 20.07 28.51
CA GLN A 1391 -8.71 20.27 29.64
C GLN A 1391 -7.56 21.22 29.36
N ASN A 1392 -7.15 21.37 28.09
CA ASN A 1392 -5.99 22.19 27.77
C ASN A 1392 -6.21 22.83 26.40
N PHE A 1393 -6.63 24.10 26.38
CA PHE A 1393 -6.91 24.76 25.11
C PHE A 1393 -6.87 26.27 25.28
N TYR A 1394 -6.67 26.95 24.16
CA TYR A 1394 -6.96 28.36 24.01
C TYR A 1394 -8.31 28.49 23.32
N GLN A 1395 -9.12 29.44 23.78
CA GLN A 1395 -10.41 29.72 23.18
C GLN A 1395 -10.47 31.19 22.77
N VAL A 1396 -10.80 31.42 21.51
CA VAL A 1396 -10.95 32.76 20.95
C VAL A 1396 -12.38 32.87 20.45
N GLU A 1397 -13.17 33.73 21.09
CA GLU A 1397 -14.57 33.93 20.75
C GLU A 1397 -14.77 35.30 20.13
N ILE A 1398 -15.76 35.40 19.25
CA ILE A 1398 -16.13 36.70 18.68
C ILE A 1398 -17.64 36.75 18.47
N PRO A 1399 -18.33 37.76 19.00
CA PRO A 1399 -19.75 37.90 18.68
C PRO A 1399 -19.94 38.25 17.22
N LEU A 1400 -20.93 37.62 16.61
CA LEU A 1400 -21.13 37.69 15.17
C LEU A 1400 -22.18 38.72 14.81
N LYS A 1401 -21.90 39.49 13.76
CA LYS A 1401 -22.87 40.40 13.18
C LYS A 1401 -23.60 39.68 12.05
N VAL A 1402 -24.92 39.57 12.17
CA VAL A 1402 -25.70 38.80 11.21
C VAL A 1402 -25.82 39.58 9.91
N THR A 1403 -25.58 38.90 8.79
CA THR A 1403 -25.76 39.50 7.48
C THR A 1403 -27.24 39.76 7.24
N LYS A 1404 -27.60 41.01 6.99
CA LYS A 1404 -28.99 41.37 6.76
C LYS A 1404 -29.47 40.78 5.45
N THR A 1405 -30.62 40.09 5.50
CA THR A 1405 -31.18 39.48 4.30
C THR A 1405 -32.64 39.91 4.12
N GLY A 1406 -33.32 39.35 3.14
CA GLY A 1406 -34.72 39.66 2.91
C GLY A 1406 -35.02 40.06 1.47
N GLY A 1407 -34.10 40.79 0.86
CA GLY A 1407 -34.27 41.21 -0.51
C GLY A 1407 -33.53 40.33 -1.49
N SER A 1408 -32.61 40.92 -2.25
CA SER A 1408 -31.80 40.15 -3.18
C SER A 1408 -30.91 39.18 -2.44
N CYS A 1409 -30.75 37.98 -3.01
CA CYS A 1409 -29.89 36.98 -2.40
C CYS A 1409 -28.41 37.23 -2.69
N SER A 1410 -28.09 38.08 -3.66
CA SER A 1410 -26.71 38.39 -3.99
C SER A 1410 -26.29 39.65 -3.23
N ILE A 1411 -25.47 39.47 -2.20
CA ILE A 1411 -24.99 40.57 -1.37
C ILE A 1411 -23.51 40.75 -1.64
N SER A 1412 -23.04 41.99 -1.51
CA SER A 1412 -21.64 42.28 -1.74
C SER A 1412 -20.77 41.54 -0.73
N PRO A 1413 -19.57 41.12 -1.12
CA PRO A 1413 -18.74 40.33 -0.18
C PRO A 1413 -18.41 41.06 1.10
N ASP A 1414 -18.28 42.39 1.07
CA ASP A 1414 -17.99 43.14 2.29
C ASP A 1414 -19.18 43.17 3.24
N LEU A 1415 -20.37 42.86 2.75
CA LEU A 1415 -21.53 42.72 3.64
C LEU A 1415 -21.78 41.27 4.03
N VAL A 1416 -21.20 40.31 3.32
CA VAL A 1416 -21.28 38.91 3.70
C VAL A 1416 -20.19 38.62 4.71
N TRP A 1417 -18.94 38.88 4.31
CA TRP A 1417 -17.78 38.68 5.18
C TRP A 1417 -17.39 40.04 5.77
N MET A 1418 -18.12 40.44 6.80
CA MET A 1418 -17.84 41.72 7.45
C MET A 1418 -16.49 41.68 8.16
N ASP A 1419 -15.87 42.86 8.28
CA ASP A 1419 -14.63 42.95 9.04
C ASP A 1419 -14.85 42.90 10.54
N ASP A 1420 -16.06 43.22 11.02
CA ASP A 1420 -16.35 43.11 12.44
C ASP A 1420 -16.36 41.67 12.92
N ASN A 1421 -16.53 40.71 12.00
CA ASN A 1421 -16.56 39.30 12.36
C ASN A 1421 -15.24 38.58 12.13
N SER A 1422 -14.32 39.18 11.38
CA SER A 1422 -13.04 38.55 11.12
C SER A 1422 -12.23 38.48 12.40
N ILE A 1423 -11.72 37.30 12.72
CA ILE A 1423 -10.83 37.11 13.87
C ILE A 1423 -9.42 37.51 13.44
N ASP A 1424 -8.81 38.40 14.22
CA ASP A 1424 -7.42 38.82 14.01
C ASP A 1424 -6.76 38.88 15.39
N LEU A 1425 -6.16 37.76 15.81
CA LEU A 1425 -5.69 37.58 17.17
C LEU A 1425 -4.17 37.52 17.19
N ALA A 1426 -3.56 38.38 18.01
CA ALA A 1426 -2.12 38.33 18.19
C ALA A 1426 -1.79 37.27 19.24
N LEU A 1427 -0.91 36.34 18.88
CA LEU A 1427 -0.60 35.23 19.78
C LEU A 1427 0.14 35.69 21.04
N ASP A 1428 0.75 36.88 21.02
CA ASP A 1428 1.36 37.40 22.23
C ASP A 1428 0.30 37.76 23.27
N LEU A 1429 -0.93 38.08 22.83
CA LEU A 1429 -2.03 38.22 23.78
C LEU A 1429 -2.32 36.89 24.45
N LEU A 1430 -2.25 35.79 23.70
CA LEU A 1430 -2.42 34.47 24.29
C LEU A 1430 -1.31 34.16 25.29
N THR A 1431 -0.08 34.54 24.96
CA THR A 1431 1.02 34.33 25.90
C THR A 1431 0.82 35.14 27.18
N ARG A 1432 0.40 36.40 27.05
CA ARG A 1432 0.12 37.21 28.22
C ARG A 1432 -1.00 36.59 29.06
N MET A 1433 -2.04 36.08 28.41
CA MET A 1433 -3.14 35.45 29.14
C MET A 1433 -2.66 34.20 29.86
N LYS A 1434 -1.79 33.41 29.21
CA LYS A 1434 -1.25 32.21 29.85
C LYS A 1434 -0.43 32.56 31.07
N ILE A 1435 0.41 33.60 30.96
CA ILE A 1435 1.24 34.00 32.10
C ILE A 1435 0.36 34.52 33.22
N LYS A 1436 -0.71 35.25 32.89
CA LYS A 1436 -1.61 35.74 33.93
C LYS A 1436 -2.38 34.59 34.59
N ALA A 1437 -2.76 33.59 33.82
CA ALA A 1437 -3.52 32.46 34.36
C ALA A 1437 -2.65 31.45 35.09
N MET A 1438 -1.33 31.53 34.94
CA MET A 1438 -0.45 30.66 35.73
C MET A 1438 -0.69 30.84 37.23
N SER A 1439 -1.12 32.04 37.65
CA SER A 1439 -1.37 32.31 39.06
C SER A 1439 -2.81 32.05 39.48
N ILE A 1440 -3.66 31.59 38.57
CA ILE A 1440 -5.07 31.38 38.86
C ILE A 1440 -5.27 29.92 39.25
N ASP A 1441 -5.90 29.69 40.40
CA ASP A 1441 -6.12 28.34 40.89
C ASP A 1441 -7.09 27.59 39.99
N ILE A 1442 -6.93 26.26 39.95
CA ILE A 1442 -7.80 25.43 39.13
C ILE A 1442 -9.23 25.46 39.62
N ASN A 1443 -9.44 25.69 40.92
CA ASN A 1443 -10.78 25.81 41.50
C ASN A 1443 -11.14 27.26 41.81
N SER A 1444 -10.46 28.22 41.20
CA SER A 1444 -10.71 29.63 41.49
C SER A 1444 -12.09 30.05 41.00
N SER A 1445 -12.61 31.10 41.62
CA SER A 1445 -13.89 31.66 41.22
C SER A 1445 -13.81 32.45 39.92
N LYS A 1446 -12.61 32.84 39.49
CA LYS A 1446 -12.45 33.52 38.21
C LYS A 1446 -12.71 32.59 37.03
N ARG A 1447 -12.42 31.29 37.18
CA ARG A 1447 -12.84 30.32 36.19
C ARG A 1447 -14.35 30.16 36.23
N ASP A 1448 -14.94 29.90 35.06
CA ASP A 1448 -16.38 29.72 34.96
C ASP A 1448 -16.72 28.27 35.31
N VAL A 1449 -17.97 27.88 35.02
CA VAL A 1449 -18.40 26.51 35.27
C VAL A 1449 -17.62 25.53 34.42
N ASN A 1450 -17.24 25.93 33.21
CA ASN A 1450 -16.45 25.08 32.33
C ASN A 1450 -14.98 25.04 32.70
N GLY A 1451 -14.53 25.89 33.62
CA GLY A 1451 -13.13 25.91 34.01
C GLY A 1451 -12.24 26.78 33.16
N ILE A 1452 -12.79 27.54 32.23
CA ILE A 1452 -12.02 28.42 31.37
C ILE A 1452 -11.85 29.76 32.07
N TYR A 1453 -10.68 30.38 31.90
CA TYR A 1453 -10.37 31.65 32.52
C TYR A 1453 -10.43 32.75 31.47
N TYR A 1454 -11.44 33.62 31.58
CA TYR A 1454 -11.57 34.76 30.68
C TYR A 1454 -11.03 36.00 31.38
N PRO A 1455 -9.97 36.63 30.87
CA PRO A 1455 -9.47 37.86 31.50
C PRO A 1455 -10.48 38.98 31.51
N ASP A 1456 -11.43 39.00 30.57
CA ASP A 1456 -12.42 40.06 30.54
C ASP A 1456 -13.29 40.06 31.80
N ASN A 1457 -13.72 38.87 32.24
CA ASN A 1457 -14.59 38.73 33.39
C ASN A 1457 -13.83 38.70 34.71
N ASP A 1458 -12.58 39.18 34.72
CA ASP A 1458 -11.78 39.24 35.93
C ASP A 1458 -11.74 40.67 36.41
N PRO A 1459 -12.40 41.01 37.53
CA PRO A 1459 -12.37 42.41 38.00
C PRO A 1459 -10.97 42.90 38.35
N ASP A 1460 -10.10 42.01 38.83
CA ASP A 1460 -8.76 42.42 39.26
C ASP A 1460 -7.80 42.68 38.10
N LEU A 1461 -8.21 42.41 36.86
CA LEU A 1461 -7.34 42.57 35.71
C LEU A 1461 -7.77 43.80 34.91
N GLU A 1462 -6.81 44.66 34.61
CA GLU A 1462 -7.07 45.92 33.91
C GLU A 1462 -6.89 45.74 32.41
N GLY A 1463 -7.86 46.23 31.64
CA GLY A 1463 -7.79 46.17 30.20
C GLY A 1463 -8.28 44.88 29.58
N GLY A 1464 -8.72 43.91 30.40
CA GLY A 1464 -9.16 42.66 29.84
C GLY A 1464 -8.01 41.84 29.27
N ASP A 1465 -8.30 41.14 28.18
CA ASP A 1465 -7.32 40.30 27.51
C ASP A 1465 -6.54 41.05 26.44
N GLY A 1466 -6.65 42.38 26.40
CA GLY A 1466 -5.92 43.17 25.43
C GLY A 1466 -6.53 43.21 24.06
N ASP A 1467 -7.69 42.59 23.85
CA ASP A 1467 -8.37 42.60 22.56
C ASP A 1467 -9.80 43.07 22.79
N GLY A 1468 -10.16 44.19 22.15
CA GLY A 1468 -11.48 44.77 22.34
C GLY A 1468 -12.59 44.12 21.56
N LYS A 1469 -12.25 43.40 20.48
CA LYS A 1469 -13.24 42.72 19.67
C LYS A 1469 -13.38 41.25 20.00
N LEU A 1470 -12.30 40.60 20.45
CA LEU A 1470 -12.28 39.18 20.74
C LEU A 1470 -12.36 38.93 22.25
N THR A 1471 -12.87 37.76 22.60
CA THR A 1471 -12.86 37.26 23.97
C THR A 1471 -11.89 36.10 24.05
N LEU A 1472 -10.92 36.18 24.94
CA LEU A 1472 -9.91 35.15 25.05
C LEU A 1472 -10.10 34.35 26.34
N GLY A 1473 -9.77 33.07 26.27
CA GLY A 1473 -9.86 32.21 27.45
C GLY A 1473 -8.84 31.10 27.35
N ILE A 1474 -8.50 30.56 28.51
CA ILE A 1474 -7.47 29.52 28.61
C ILE A 1474 -7.88 28.57 29.73
N LYS A 1475 -7.60 27.29 29.55
CA LYS A 1475 -8.07 26.26 30.47
C LYS A 1475 -6.96 25.55 31.22
N GLY A 1476 -6.02 24.93 30.51
CA GLY A 1476 -5.14 23.98 31.17
C GLY A 1476 -3.69 23.98 30.77
N ASN A 1477 -3.12 25.15 30.51
CA ASN A 1477 -1.75 25.24 30.00
C ASN A 1477 -1.64 24.54 28.65
N PRO A 1478 -2.24 25.10 27.60
CA PRO A 1478 -2.07 24.53 26.26
C PRO A 1478 -0.77 24.94 25.62
N ASN A 1479 -0.59 24.62 24.34
CA ASN A 1479 0.66 24.90 23.65
C ASN A 1479 0.32 25.14 22.18
N PHE A 1480 0.53 26.37 21.70
CA PHE A 1480 0.37 26.64 20.28
C PHE A 1480 1.68 26.46 19.52
N GLY A 1481 2.73 25.98 20.18
CA GLY A 1481 3.87 25.48 19.44
C GLY A 1481 3.66 24.13 18.82
N LEU A 1482 2.65 23.40 19.28
CA LEU A 1482 2.20 22.16 18.63
C LEU A 1482 0.72 22.05 18.92
N VAL A 1483 -0.09 22.54 17.99
CA VAL A 1483 -1.55 22.46 18.10
C VAL A 1483 -1.96 21.10 17.55
N ARG A 1484 -2.33 20.19 18.44
CA ARG A 1484 -2.72 18.86 18.02
C ARG A 1484 -4.21 18.76 17.71
N ASN A 1485 -5.02 19.63 18.28
CA ASN A 1485 -6.46 19.60 18.11
C ASN A 1485 -6.97 21.01 17.83
N LEU A 1486 -7.75 21.16 16.76
CA LEU A 1486 -8.31 22.44 16.35
C LEU A 1486 -9.81 22.31 16.19
N MET A 1487 -10.56 23.21 16.79
CA MET A 1487 -12.02 23.12 16.79
C MET A 1487 -12.60 24.48 16.46
N VAL A 1488 -13.65 24.50 15.63
CA VAL A 1488 -14.38 25.72 15.33
C VAL A 1488 -15.85 25.46 15.60
N GLY A 1489 -16.53 26.44 16.17
CA GLY A 1489 -17.92 26.20 16.52
C GLY A 1489 -18.65 27.47 16.84
N VAL A 1490 -19.88 27.30 17.29
CA VAL A 1490 -20.76 28.41 17.65
C VAL A 1490 -21.27 28.20 19.06
N LYS A 1491 -21.25 29.28 19.84
CA LYS A 1491 -21.77 29.34 21.19
C LYS A 1491 -22.94 30.31 21.19
N SER A 1492 -23.70 30.33 22.27
CA SER A 1492 -24.88 31.18 22.35
C SER A 1492 -24.73 32.20 23.47
N ARG A 1493 -25.37 33.36 23.28
CA ARG A 1493 -25.35 34.43 24.26
C ARG A 1493 -26.73 34.96 24.59
N ALA A 1494 -27.78 34.46 23.94
CA ALA A 1494 -29.14 34.94 24.18
C ALA A 1494 -29.72 34.24 25.41
N ASP A 1495 -30.09 35.03 26.42
CA ASP A 1495 -30.54 34.46 27.69
C ASP A 1495 -31.82 33.63 27.53
N HIS A 1496 -32.92 34.30 27.23
CA HIS A 1496 -34.21 33.62 27.09
C HIS A 1496 -34.56 33.42 25.61
N LYS A 1497 -33.73 32.62 24.94
CA LYS A 1497 -33.91 32.40 23.51
C LYS A 1497 -33.08 31.21 23.08
N ASP A 1498 -33.55 30.54 22.03
CA ASP A 1498 -32.83 29.45 21.38
C ASP A 1498 -32.57 29.87 19.94
N ILE A 1499 -31.30 30.08 19.61
CA ILE A 1499 -30.93 30.71 18.35
C ILE A 1499 -30.67 29.64 17.28
N LYS A 1500 -31.17 29.90 16.09
CA LYS A 1500 -30.91 29.08 14.91
C LYS A 1500 -30.29 29.94 13.84
N GLY A 1501 -29.25 29.43 13.19
CA GLY A 1501 -28.57 30.22 12.18
C GLY A 1501 -27.50 29.42 11.49
N GLU A 1502 -26.93 30.02 10.45
CA GLU A 1502 -25.87 29.40 9.66
C GLU A 1502 -24.63 30.28 9.70
N VAL A 1503 -23.50 29.68 10.01
CA VAL A 1503 -22.23 30.40 10.17
C VAL A 1503 -21.20 29.78 9.25
N TRP A 1504 -20.56 30.60 8.43
CA TRP A 1504 -19.49 30.17 7.55
C TRP A 1504 -18.15 30.59 8.14
N PHE A 1505 -17.19 29.67 8.12
CA PHE A 1505 -15.80 29.94 8.47
C PHE A 1505 -14.96 29.79 7.21
N ASN A 1506 -14.02 30.71 7.02
CA ASN A 1506 -13.20 30.63 5.82
C ASN A 1506 -11.83 31.23 6.08
N GLU A 1507 -10.82 30.68 5.40
CA GLU A 1507 -9.47 31.22 5.39
C GLU A 1507 -8.90 31.35 6.80
N LEU A 1508 -8.77 30.21 7.47
CA LEU A 1508 -8.10 30.16 8.77
C LEU A 1508 -6.61 30.11 8.54
N ARG A 1509 -5.91 31.21 8.85
CA ARG A 1509 -4.54 31.37 8.42
C ARG A 1509 -3.70 31.99 9.51
N LEU A 1510 -2.38 31.86 9.35
CA LEU A 1510 -1.39 32.53 10.18
C LEU A 1510 -0.70 33.60 9.36
N ALA A 1511 -0.51 34.77 9.94
CA ALA A 1511 0.06 35.91 9.24
C ALA A 1511 1.11 36.59 10.12
N ASP A 1512 1.82 37.53 9.50
CA ASP A 1512 2.85 38.34 10.16
C ASP A 1512 3.99 37.46 10.68
N LEU A 1513 4.70 36.86 9.74
CA LEU A 1513 5.85 36.02 10.06
C LEU A 1513 6.92 36.82 10.78
N GLU A 1514 7.58 36.18 11.74
CA GLU A 1514 8.74 36.76 12.42
C GLU A 1514 9.97 36.52 11.56
N ASN A 1515 10.46 37.58 10.90
CA ASN A 1515 11.56 37.44 9.96
C ASN A 1515 12.89 37.95 10.51
N LYS A 1516 13.00 38.07 11.85
CA LYS A 1516 14.30 38.35 12.44
C LYS A 1516 15.26 37.22 12.15
N GLY A 1517 16.47 37.56 11.73
CA GLY A 1517 17.43 36.58 11.27
C GLY A 1517 18.18 35.92 12.39
N GLY A 1518 19.35 35.39 12.05
CA GLY A 1518 20.23 34.76 13.01
C GLY A 1518 21.67 34.89 12.57
N MET A 1519 22.57 34.59 13.50
CA MET A 1519 24.00 34.70 13.26
C MET A 1519 24.66 33.38 13.64
N ALA A 1520 25.76 33.07 12.96
CA ALA A 1520 26.57 31.91 13.31
C ALA A 1520 28.02 32.22 13.01
N ALA A 1521 28.91 31.53 13.72
CA ALA A 1521 30.34 31.72 13.57
C ALA A 1521 31.04 30.39 13.78
N ILE A 1522 32.10 30.16 13.02
CA ILE A 1522 32.90 28.95 13.10
C ILE A 1522 34.37 29.34 13.07
N LEU A 1523 35.18 28.64 13.86
CA LEU A 1523 36.62 28.88 13.89
C LEU A 1523 37.31 27.53 14.00
N ASN A 1524 38.01 27.13 12.93
CA ASN A 1524 38.74 25.88 12.90
C ASN A 1524 40.23 26.15 12.90
N VAL A 1525 40.93 25.63 13.89
CA VAL A 1525 42.39 25.72 13.96
C VAL A 1525 42.92 24.31 13.80
N ASP A 1526 43.51 24.02 12.64
CA ASP A 1526 44.03 22.70 12.33
C ASP A 1526 45.53 22.80 12.11
N THR A 1527 46.30 22.05 12.87
CA THR A 1527 47.75 22.04 12.78
C THR A 1527 48.26 20.61 12.75
N ASN A 1528 49.34 20.40 12.00
CA ASN A 1528 50.03 19.13 11.99
C ASN A 1528 51.51 19.37 12.25
N MET A 1529 52.13 18.44 12.98
CA MET A 1529 53.49 18.58 13.49
C MET A 1529 54.28 17.35 13.06
N ALA A 1530 55.03 17.51 11.96
CA ALA A 1530 56.07 16.56 11.54
C ALA A 1530 55.53 15.13 11.47
N ASP A 1531 54.34 14.97 10.92
CA ASP A 1531 53.64 13.69 10.79
C ASP A 1531 53.60 12.92 12.11
N PHE A 1532 53.84 13.60 13.22
CA PHE A 1532 53.78 13.03 14.56
C PHE A 1532 52.57 13.48 15.35
N ALA A 1533 52.18 14.75 15.24
CA ALA A 1533 51.03 15.26 15.96
C ALA A 1533 50.03 15.88 14.99
N THR A 1534 48.76 15.86 15.37
CA THR A 1534 47.72 16.51 14.58
C THR A 1534 46.64 17.00 15.53
N VAL A 1535 46.49 18.32 15.64
CA VAL A 1535 45.54 18.93 16.55
C VAL A 1535 44.54 19.74 15.74
N SER A 1536 43.26 19.42 15.88
CA SER A 1536 42.20 20.09 15.14
C SER A 1536 41.14 20.54 16.14
N ALA A 1537 41.05 21.86 16.36
CA ALA A 1537 40.10 22.43 17.30
C ALA A 1537 39.06 23.23 16.53
N THR A 1538 37.79 22.83 16.66
CA THR A 1538 36.68 23.50 16.02
C THR A 1538 35.83 24.19 17.08
N GLY A 1539 35.46 25.43 16.82
CA GLY A 1539 34.56 26.14 17.72
C GLY A 1539 33.43 26.79 16.97
N ARG A 1540 32.21 26.42 17.30
CA ARG A 1540 31.02 26.90 16.60
C ARG A 1540 30.11 27.62 17.59
N LYS A 1541 29.45 28.67 17.12
CA LYS A 1541 28.56 29.45 17.97
C LYS A 1541 27.48 30.06 17.09
N SER A 1542 26.25 29.61 17.28
CA SER A 1542 25.11 30.04 16.49
C SER A 1542 24.04 30.62 17.40
N THR A 1543 23.30 31.59 16.86
CA THR A 1543 22.24 32.27 17.60
C THR A 1543 20.88 31.76 17.15
N ILE A 1544 19.83 32.24 17.84
CA ILE A 1544 18.48 31.78 17.56
C ILE A 1544 18.02 32.29 16.21
N GLY A 1545 17.35 31.42 15.45
CA GLY A 1545 16.82 31.78 14.15
C GLY A 1545 17.74 31.51 12.99
N PHE A 1546 18.98 31.09 13.24
CA PHE A 1546 19.89 30.76 12.16
C PHE A 1546 19.51 29.41 11.54
N GLY A 1547 19.94 29.22 10.30
CA GLY A 1547 19.66 27.98 9.61
C GLY A 1547 20.20 28.03 8.20
N SER A 1548 19.75 27.09 7.39
CA SER A 1548 20.12 27.05 5.99
C SER A 1548 19.09 27.77 5.13
N LEU A 1549 19.43 27.94 3.86
CA LEU A 1549 18.52 28.61 2.94
C LEU A 1549 17.24 27.80 2.74
N GLU A 1550 17.36 26.48 2.67
CA GLU A 1550 16.23 25.63 2.34
C GLU A 1550 15.29 25.40 3.52
N GLN A 1551 15.64 25.86 4.71
CA GLN A 1551 14.83 25.60 5.89
C GLN A 1551 13.76 26.67 6.05
N GLY A 1552 12.55 26.25 6.36
CA GLY A 1552 11.42 27.14 6.51
C GLY A 1552 11.33 27.73 7.91
N ALA A 1553 10.13 28.22 8.22
CA ALA A 1553 9.94 28.90 9.50
C ALA A 1553 10.17 27.96 10.68
N ASN A 1554 9.66 26.73 10.58
CA ASN A 1554 9.73 25.78 11.68
C ASN A 1554 10.93 24.84 11.59
N GLU A 1555 11.80 25.03 10.62
CA GLU A 1555 13.01 24.21 10.49
C GLU A 1555 14.27 24.93 10.93
N ARG A 1556 14.21 26.24 11.14
CA ARG A 1556 15.38 26.98 11.58
C ARG A 1556 15.63 26.74 13.07
N ASP A 1557 16.81 27.14 13.52
CA ASP A 1557 17.23 26.86 14.89
C ASP A 1557 16.50 27.77 15.86
N ARG A 1558 15.66 27.19 16.72
CA ARG A 1558 15.07 27.92 17.83
C ARG A 1558 15.89 27.74 19.11
N GLU A 1559 17.20 27.98 19.03
CA GLU A 1559 18.08 27.76 20.18
C GLU A 1559 19.48 28.27 19.88
N ASP A 1560 20.11 28.86 20.90
CA ASP A 1560 21.50 29.28 20.81
C ASP A 1560 22.40 28.07 21.03
N VAL A 1561 23.27 27.80 20.06
CA VAL A 1561 24.20 26.68 20.12
C VAL A 1561 25.59 27.24 20.36
N GLN A 1562 26.36 26.56 21.21
CA GLN A 1562 27.73 26.98 21.51
C GLN A 1562 28.54 25.73 21.79
N GLN A 1563 29.39 25.33 20.85
CA GLN A 1563 30.07 24.06 20.95
C GLN A 1563 31.53 24.20 20.55
N TYR A 1564 32.33 23.24 21.00
CA TYR A 1564 33.70 23.10 20.53
C TYR A 1564 34.07 21.62 20.53
N ASN A 1565 35.17 21.31 19.85
CA ASN A 1565 35.60 19.93 19.65
C ASN A 1565 37.07 19.93 19.28
N ILE A 1566 37.89 19.32 20.12
CA ILE A 1566 39.34 19.26 19.92
C ILE A 1566 39.72 17.79 19.71
N VAL A 1567 40.34 17.51 18.58
CA VAL A 1567 40.75 16.16 18.22
C VAL A 1567 42.26 16.13 18.06
N THR A 1568 42.91 15.18 18.72
CA THR A 1568 44.37 15.08 18.72
C THR A 1568 44.77 13.68 18.29
N ASN A 1569 45.72 13.60 17.37
CA ASN A 1569 46.27 12.33 16.92
C ASN A 1569 47.78 12.35 17.12
N LEU A 1570 48.29 11.31 17.76
CA LEU A 1570 49.72 11.16 18.00
C LEU A 1570 50.18 9.81 17.49
N ASN A 1571 51.36 9.78 16.88
CA ASN A 1571 52.00 8.52 16.47
C ASN A 1571 53.05 8.19 17.53
N LEU A 1572 52.58 7.68 18.67
CA LEU A 1572 53.49 7.35 19.76
C LEU A 1572 54.50 6.30 19.33
N GLY A 1573 54.14 5.43 18.39
CA GLY A 1573 55.07 4.44 17.89
C GLY A 1573 56.29 5.03 17.23
N LYS A 1574 56.21 6.28 16.77
CA LYS A 1574 57.36 6.95 16.20
C LYS A 1574 58.30 7.53 17.26
N LEU A 1575 57.88 7.56 18.52
CA LEU A 1575 58.80 7.94 19.59
C LEU A 1575 59.83 6.86 19.88
N LEU A 1576 59.62 5.65 19.38
CA LEU A 1576 60.51 4.51 19.50
C LEU A 1576 61.26 4.30 18.18
N PRO A 1577 62.49 3.76 18.23
CA PRO A 1577 63.27 3.61 17.01
C PRO A 1577 62.57 2.72 15.99
N LYS A 1578 62.72 3.09 14.71
CA LYS A 1578 62.02 2.40 13.63
C LYS A 1578 62.62 1.05 13.29
N LYS A 1579 63.75 0.69 13.89
CA LYS A 1579 64.33 -0.62 13.63
C LYS A 1579 63.38 -1.73 14.07
N TRP A 1580 62.76 -1.58 15.22
CA TRP A 1580 61.68 -2.47 15.66
C TRP A 1580 60.39 -1.65 15.63
N GLY A 1581 59.76 -1.62 14.45
CA GLY A 1581 58.61 -0.77 14.21
C GLY A 1581 57.40 -1.08 15.09
N ILE A 1582 56.89 -0.05 15.75
CA ILE A 1582 55.69 -0.15 16.57
C ILE A 1582 54.66 0.82 16.00
N ASN A 1583 53.46 0.32 15.73
CA ASN A 1583 52.36 1.13 15.23
C ASN A 1583 51.42 1.39 16.40
N LEU A 1584 51.58 2.55 17.04
CA LEU A 1584 50.82 2.91 18.23
C LEU A 1584 50.18 4.28 18.01
N PRO A 1585 49.06 4.33 17.30
CA PRO A 1585 48.33 5.59 17.17
C PRO A 1585 47.49 5.86 18.42
N PHE A 1586 47.45 7.13 18.81
CA PHE A 1586 46.72 7.56 20.00
C PHE A 1586 45.81 8.72 19.61
N ASN A 1587 44.50 8.50 19.72
CA ASN A 1587 43.51 9.50 19.34
C ASN A 1587 42.77 9.96 20.59
N TYR A 1588 42.75 11.28 20.82
CA TYR A 1588 42.07 11.86 21.97
C TYR A 1588 41.16 12.96 21.45
N ALA A 1589 39.85 12.74 21.51
CA ALA A 1589 38.87 13.68 20.97
C ALA A 1589 37.92 14.08 22.08
N ILE A 1590 38.03 15.33 22.52
CA ILE A 1590 37.10 15.88 23.50
C ILE A 1590 36.21 16.87 22.78
N GLY A 1591 35.06 17.15 23.38
CA GLY A 1591 34.17 18.15 22.82
C GLY A 1591 32.96 18.33 23.70
N GLU A 1592 32.27 19.45 23.48
CA GLU A 1592 31.05 19.68 24.23
C GLU A 1592 30.23 20.77 23.56
N GLU A 1593 28.92 20.68 23.72
CA GLU A 1593 27.98 21.64 23.18
C GLU A 1593 26.98 22.05 24.25
N VAL A 1594 26.58 23.32 24.20
CA VAL A 1594 25.56 23.88 25.07
C VAL A 1594 24.49 24.48 24.19
N ILE A 1595 23.23 24.12 24.43
CA ILE A 1595 22.10 24.55 23.64
C ILE A 1595 21.10 25.20 24.58
N THR A 1596 20.90 26.50 24.41
CA THR A 1596 19.93 27.22 25.20
C THR A 1596 18.68 27.46 24.35
N PRO A 1597 17.55 26.86 24.67
CA PRO A 1597 16.37 26.97 23.81
C PRO A 1597 15.80 28.39 23.80
N GLU A 1598 15.11 28.70 22.70
CA GLU A 1598 14.42 29.98 22.62
C GLU A 1598 13.16 29.97 23.49
N TYR A 1599 12.41 28.87 23.46
CA TYR A 1599 11.17 28.74 24.20
C TYR A 1599 11.38 27.85 25.41
N ASP A 1600 10.73 28.18 26.51
CA ASP A 1600 10.86 27.39 27.72
C ASP A 1600 10.40 25.96 27.45
N PRO A 1601 11.17 24.95 27.84
CA PRO A 1601 10.73 23.57 27.60
C PRO A 1601 9.39 23.26 28.27
N PHE A 1602 9.13 23.83 29.43
CA PHE A 1602 7.80 23.82 30.02
C PHE A 1602 6.97 24.91 29.36
N ASN A 1603 5.69 24.61 29.14
CA ASN A 1603 4.70 25.46 28.47
C ASN A 1603 4.99 25.56 26.98
N GLN A 1604 6.20 25.20 26.56
CA GLN A 1604 6.55 24.89 25.17
C GLN A 1604 6.33 26.04 24.19
N ASP A 1605 5.74 27.15 24.63
CA ASP A 1605 5.43 28.24 23.70
C ASP A 1605 5.67 29.62 24.28
N ILE A 1606 6.19 29.74 25.49
CA ILE A 1606 6.58 31.01 26.06
C ILE A 1606 8.09 31.14 25.98
N LYS A 1607 8.57 32.25 25.43
CA LYS A 1607 10.01 32.45 25.30
C LYS A 1607 10.66 32.42 26.68
N LEU A 1608 11.86 31.87 26.73
CA LEU A 1608 12.53 31.66 28.02
C LEU A 1608 12.78 32.97 28.73
N ASP A 1609 13.22 34.00 28.00
CA ASP A 1609 13.49 35.29 28.62
C ASP A 1609 12.22 35.90 29.20
N GLN A 1610 11.11 35.84 28.47
CA GLN A 1610 9.87 36.43 28.96
C GLN A 1610 9.37 35.71 30.20
N LEU A 1611 9.48 34.39 30.24
CA LEU A 1611 9.07 33.64 31.42
C LEU A 1611 9.98 33.95 32.60
N ILE A 1612 11.27 34.08 32.35
CA ILE A 1612 12.21 34.40 33.43
C ILE A 1612 11.90 35.77 34.02
N ARG A 1613 11.63 36.75 33.17
CA ARG A 1613 11.31 38.09 33.67
C ARG A 1613 10.03 38.09 34.49
N GLU A 1614 8.99 37.43 34.01
CA GLU A 1614 7.69 37.44 34.67
C GLU A 1614 7.52 36.24 35.60
N THR A 1615 8.47 36.06 36.51
CA THR A 1615 8.38 35.02 37.53
C THR A 1615 8.48 35.57 38.95
N THR A 1616 9.41 36.50 39.19
CA THR A 1616 9.56 37.16 40.50
C THR A 1616 9.72 36.13 41.62
N ASP A 1617 10.54 35.12 41.37
CA ASP A 1617 10.81 34.10 42.38
C ASP A 1617 12.19 33.53 42.07
N GLN A 1618 13.17 33.86 42.91
CA GLN A 1618 14.56 33.55 42.57
C GLN A 1618 14.79 32.04 42.45
N ALA A 1619 14.21 31.26 43.37
CA ALA A 1619 14.34 29.80 43.27
C ALA A 1619 13.73 29.28 41.99
N GLU A 1620 12.53 29.76 41.65
CA GLU A 1620 11.87 29.31 40.43
C GLU A 1620 12.57 29.84 39.18
N LYS A 1621 13.11 31.05 39.23
CA LYS A 1621 13.86 31.56 38.09
C LYS A 1621 15.10 30.72 37.85
N ASP A 1622 15.82 30.35 38.92
CA ASP A 1622 16.97 29.47 38.76
C ASP A 1622 16.55 28.10 38.23
N ASN A 1623 15.44 27.58 38.72
CA ASN A 1623 14.95 26.28 38.25
C ASN A 1623 14.65 26.33 36.76
N ILE A 1624 13.98 27.38 36.30
CA ILE A 1624 13.65 27.52 34.89
C ILE A 1624 14.93 27.63 34.05
N ARG A 1625 15.83 28.53 34.44
CA ARG A 1625 17.03 28.77 33.67
C ARG A 1625 17.93 27.55 33.64
N THR A 1626 17.87 26.71 34.66
CA THR A 1626 18.71 25.52 34.70
C THR A 1626 18.08 24.34 33.97
N ARG A 1627 16.77 24.14 34.09
CA ARG A 1627 16.11 23.07 33.36
C ARG A 1627 16.02 23.34 31.87
N ALA A 1628 16.20 24.60 31.45
CA ALA A 1628 16.15 24.90 30.03
C ALA A 1628 17.39 24.41 29.30
N ILE A 1629 18.57 24.59 29.91
CA ILE A 1629 19.83 24.39 29.20
C ILE A 1629 20.03 22.92 28.86
N ASP A 1630 20.56 22.66 27.66
CA ASP A 1630 20.87 21.31 27.17
C ASP A 1630 22.38 21.23 27.00
N TYR A 1631 23.05 20.51 27.89
CA TYR A 1631 24.49 20.39 27.88
C TYR A 1631 24.90 18.97 27.49
N THR A 1632 25.96 18.86 26.71
CA THR A 1632 26.50 17.57 26.29
C THR A 1632 28.01 17.66 26.22
N LYS A 1633 28.69 16.63 26.73
CA LYS A 1633 30.15 16.59 26.71
C LYS A 1633 30.60 15.19 26.36
N ARG A 1634 31.35 15.05 25.27
CA ARG A 1634 31.87 13.77 24.82
C ARG A 1634 33.38 13.76 24.97
N LYS A 1635 33.93 12.60 25.31
CA LYS A 1635 35.37 12.43 25.49
C LYS A 1635 35.76 11.03 25.06
N SER A 1636 36.63 10.91 24.06
CA SER A 1636 36.98 9.64 23.47
C SER A 1636 38.49 9.47 23.46
N ILE A 1637 38.95 8.27 23.83
CA ILE A 1637 40.35 7.90 23.79
C ILE A 1637 40.47 6.60 23.01
N ASN A 1638 41.46 6.52 22.13
CA ASN A 1638 41.56 5.38 21.23
C ASN A 1638 43.02 4.99 21.03
N PHE A 1639 43.27 3.68 21.19
CA PHE A 1639 44.53 2.99 20.96
C PHE A 1639 44.29 1.83 20.00
N ILE A 1640 43.72 2.14 18.85
CA ILE A 1640 43.28 1.11 17.91
C ILE A 1640 44.43 0.78 16.97
N GLY A 1641 44.69 -0.52 16.77
CA GLY A 1641 45.67 -0.92 15.79
C GLY A 1641 47.08 -0.95 16.33
N VAL A 1642 47.22 -1.36 17.59
CA VAL A 1642 48.53 -1.46 18.21
C VAL A 1642 49.16 -2.79 17.81
N ARG A 1643 50.29 -2.73 17.11
CA ARG A 1643 50.96 -3.93 16.64
C ARG A 1643 52.41 -3.60 16.34
N LYS A 1644 53.23 -4.63 16.26
CA LYS A 1644 54.62 -4.50 15.85
C LYS A 1644 54.74 -4.83 14.37
N ASP A 1645 55.24 -3.89 13.59
CA ASP A 1645 55.35 -4.07 12.15
C ASP A 1645 56.41 -5.12 11.83
N ARG A 1646 56.11 -5.95 10.83
CA ARG A 1646 57.05 -6.97 10.40
C ARG A 1646 58.29 -6.33 9.81
N ALA A 1647 59.45 -6.93 10.09
CA ALA A 1647 60.69 -6.44 9.51
C ALA A 1647 60.72 -6.72 8.02
N PRO A 1648 61.43 -5.91 7.24
CA PRO A 1648 61.51 -6.16 5.79
C PRO A 1648 62.06 -7.53 5.44
N GLU A 1649 63.00 -8.05 6.23
CA GLU A 1649 63.56 -9.38 6.03
C GLU A 1649 63.37 -10.14 7.34
N GLN A 1650 62.20 -10.76 7.51
CA GLN A 1650 61.87 -11.48 8.74
C GLN A 1650 61.13 -12.76 8.39
N LYS A 1651 61.52 -13.85 9.03
CA LYS A 1651 60.87 -15.13 8.80
C LYS A 1651 59.58 -15.20 9.63
N PRO A 1652 58.42 -15.43 9.00
CA PRO A 1652 57.19 -15.59 9.79
C PRO A 1652 57.30 -16.76 10.75
N HIS A 1653 56.71 -16.59 11.93
CA HIS A 1653 56.78 -17.61 12.96
C HIS A 1653 55.49 -17.59 13.76
N VAL A 1654 55.14 -18.75 14.31
CA VAL A 1654 53.86 -18.87 15.02
C VAL A 1654 53.89 -18.07 16.32
N TYR A 1655 55.03 -18.04 17.00
CA TYR A 1655 55.14 -17.33 18.27
C TYR A 1655 55.56 -15.87 18.10
N ASP A 1656 55.70 -15.39 16.87
CA ASP A 1656 56.06 -14.00 16.66
C ASP A 1656 54.99 -13.07 17.22
N ILE A 1657 55.43 -12.02 17.91
CA ILE A 1657 54.51 -11.02 18.44
C ILE A 1657 53.92 -10.13 17.36
N GLU A 1658 54.49 -10.17 16.15
CA GLU A 1658 53.97 -9.35 15.05
C GLU A 1658 52.59 -9.80 14.60
N ASN A 1659 52.16 -11.01 14.98
CA ASN A 1659 50.84 -11.49 14.61
C ASN A 1659 49.73 -10.86 15.43
N PHE A 1660 50.01 -10.46 16.67
CA PHE A 1660 49.00 -9.88 17.54
C PHE A 1660 48.65 -8.47 17.10
N THR A 1661 47.45 -8.04 17.50
CA THR A 1661 46.98 -6.69 17.25
C THR A 1661 46.09 -6.27 18.41
N PHE A 1662 46.27 -5.05 18.89
CA PHE A 1662 45.55 -4.57 20.06
C PHE A 1662 44.73 -3.33 19.70
N SER A 1663 43.56 -3.21 20.31
CA SER A 1663 42.69 -2.06 20.05
C SER A 1663 41.95 -1.71 21.33
N GLN A 1664 42.21 -0.51 21.84
CA GLN A 1664 41.53 0.00 23.02
C GLN A 1664 40.65 1.19 22.63
N SER A 1665 39.47 1.26 23.23
CA SER A 1665 38.58 2.40 22.99
C SER A 1665 37.85 2.73 24.28
N TYR A 1666 37.69 4.03 24.54
CA TYR A 1666 36.97 4.50 25.72
C TYR A 1666 36.21 5.76 25.35
N ASN A 1667 34.88 5.67 25.35
CA ASN A 1667 34.02 6.79 25.01
C ASN A 1667 33.12 7.13 26.19
N GLN A 1668 33.14 8.39 26.62
CA GLN A 1668 32.33 8.85 27.73
C GLN A 1668 31.46 10.00 27.25
N VAL A 1669 30.20 9.98 27.64
CA VAL A 1669 29.23 11.02 27.29
C VAL A 1669 28.51 11.45 28.56
N GLU A 1670 28.54 12.75 28.83
CA GLU A 1670 27.86 13.33 29.97
C GLU A 1670 26.88 14.39 29.45
N ARG A 1671 25.59 14.12 29.58
CA ARG A 1671 24.56 15.00 29.09
C ARG A 1671 23.63 15.41 30.23
N HIS A 1672 22.92 16.51 30.01
CA HIS A 1672 21.78 16.84 30.85
C HIS A 1672 20.95 17.90 30.16
N ASP A 1673 19.66 17.67 30.07
CA ASP A 1673 18.75 18.54 29.34
C ASP A 1673 17.41 18.53 30.06
N TYR A 1674 16.36 18.95 29.36
CA TYR A 1674 15.05 19.04 30.00
C TYR A 1674 14.57 17.69 30.51
N GLU A 1675 14.96 16.60 29.85
CA GLU A 1675 14.53 15.28 30.31
C GLU A 1675 15.46 14.70 31.38
N VAL A 1676 16.72 14.52 31.05
CA VAL A 1676 17.69 13.88 31.94
C VAL A 1676 18.37 14.95 32.78
N ALA A 1677 18.27 14.84 34.09
CA ALA A 1677 19.00 15.72 34.98
C ALA A 1677 20.49 15.43 34.93
N ASP A 1678 20.87 14.17 34.77
CA ASP A 1678 22.28 13.79 34.61
C ASP A 1678 22.32 12.43 33.94
N TYR A 1679 22.79 12.39 32.69
CA TYR A 1679 22.90 11.16 31.92
C TYR A 1679 24.37 10.89 31.67
N GLU A 1680 24.87 9.78 32.20
CA GLU A 1680 26.26 9.38 32.01
C GLU A 1680 26.29 8.08 31.22
N ASP A 1681 27.21 8.00 30.26
CA ASP A 1681 27.36 6.80 29.44
C ASP A 1681 28.84 6.58 29.18
N GLU A 1682 29.41 5.57 29.82
CA GLU A 1682 30.81 5.21 29.64
C GLU A 1682 30.89 3.86 28.93
N GLN A 1683 31.75 3.76 27.94
CA GLN A 1683 31.95 2.54 27.18
C GLN A 1683 33.43 2.27 27.03
N SER A 1684 33.85 1.05 27.36
CA SER A 1684 35.21 0.60 27.15
C SER A 1684 35.19 -0.65 26.28
N ASN A 1685 36.13 -0.72 25.35
CA ASN A 1685 36.19 -1.85 24.42
C ASN A 1685 37.65 -2.18 24.16
N SER A 1686 38.11 -3.31 24.70
CA SER A 1686 39.46 -3.78 24.52
C SER A 1686 39.44 -5.05 23.69
N ALA A 1687 40.24 -5.10 22.63
CA ALA A 1687 40.25 -6.23 21.72
C ALA A 1687 41.69 -6.65 21.46
N VAL A 1688 41.93 -7.96 21.50
CA VAL A 1688 43.20 -8.57 21.14
C VAL A 1688 42.93 -9.57 20.04
N ASN A 1689 43.57 -9.40 18.89
CA ASN A 1689 43.38 -10.27 17.74
C ASN A 1689 44.69 -10.99 17.42
N TYR A 1690 44.58 -12.25 17.02
CA TYR A 1690 45.70 -13.06 16.58
C TYR A 1690 45.34 -13.74 15.28
N ALA A 1691 46.28 -13.76 14.34
CA ALA A 1691 46.02 -14.36 13.02
C ALA A 1691 47.34 -14.79 12.41
N TYR A 1692 47.55 -16.10 12.31
CA TYR A 1692 48.76 -16.65 11.73
C TYR A 1692 48.40 -17.57 10.57
N THR A 1693 49.23 -17.53 9.52
CA THR A 1693 48.99 -18.31 8.31
C THR A 1693 50.24 -19.12 8.02
N PHE A 1694 50.16 -20.43 8.23
CA PHE A 1694 51.28 -21.32 7.91
C PHE A 1694 51.52 -21.35 6.41
N GLN A 1695 52.79 -21.50 6.04
CA GLN A 1695 53.19 -21.64 4.65
C GLN A 1695 54.14 -22.82 4.52
N PRO A 1696 54.17 -23.48 3.35
CA PRO A 1696 55.08 -24.61 3.14
C PRO A 1696 56.53 -24.17 3.02
N ASN A 1721 48.07 -42.41 8.93
CA ASN A 1721 48.93 -41.27 9.21
C ASN A 1721 48.70 -40.15 8.19
N PHE A 1722 48.69 -38.91 8.67
CA PHE A 1722 48.49 -37.76 7.79
C PHE A 1722 49.01 -36.51 8.51
N ASN A 1723 48.98 -35.39 7.78
CA ASN A 1723 49.47 -34.13 8.33
C ASN A 1723 48.61 -33.67 9.49
N TYR A 1724 49.27 -33.12 10.52
CA TYR A 1724 48.59 -32.58 11.70
C TYR A 1724 48.95 -31.12 11.94
N LEU A 1725 49.43 -30.41 10.90
CA LEU A 1725 49.84 -29.03 11.04
C LEU A 1725 48.75 -28.12 10.49
N PRO A 1726 48.08 -27.31 11.32
CA PRO A 1726 47.02 -26.45 10.82
C PRO A 1726 47.56 -25.42 9.82
N SER A 1727 46.74 -25.13 8.81
CA SER A 1727 47.15 -24.16 7.79
C SER A 1727 47.08 -22.73 8.32
N ASN A 1728 46.06 -22.41 9.10
CA ASN A 1728 45.95 -21.09 9.68
C ASN A 1728 45.20 -21.19 11.01
N ILE A 1729 45.58 -20.31 11.94
CA ILE A 1729 44.97 -20.24 13.26
C ILE A 1729 44.57 -18.78 13.50
N SER A 1730 43.34 -18.58 13.96
CA SER A 1730 42.85 -17.26 14.31
C SER A 1730 42.27 -17.29 15.72
N PHE A 1731 42.41 -16.19 16.43
CA PHE A 1731 41.92 -16.08 17.80
C PHE A 1731 41.82 -14.61 18.15
N ASN A 1732 40.60 -14.12 18.38
CA ASN A 1732 40.43 -12.73 18.78
C ASN A 1732 39.50 -12.64 19.97
N THR A 1733 39.89 -11.82 20.94
CA THR A 1733 39.19 -11.60 22.18
C THR A 1733 38.66 -10.17 22.21
N ASN A 1734 37.74 -9.90 23.14
CA ASN A 1734 37.09 -8.61 23.22
C ASN A 1734 36.50 -8.47 24.61
N ILE A 1735 36.72 -7.32 25.24
CA ILE A 1735 36.13 -7.00 26.54
C ILE A 1735 35.31 -5.73 26.35
N LEU A 1736 34.00 -5.87 26.21
CA LEU A 1736 33.12 -4.76 25.90
C LEU A 1736 32.32 -4.40 27.14
N ARG A 1737 32.52 -3.21 27.66
CA ARG A 1737 31.81 -2.74 28.85
C ARG A 1737 31.06 -1.46 28.51
N GLN A 1738 29.76 -1.46 28.76
CA GLN A 1738 28.91 -0.28 28.62
C GLN A 1738 28.27 0.02 29.96
N SER A 1739 28.24 1.29 30.33
CA SER A 1739 27.71 1.69 31.63
C SER A 1739 26.95 2.99 31.45
N ASN A 1740 25.62 2.90 31.42
CA ASN A 1740 24.75 4.07 31.32
C ASN A 1740 24.10 4.33 32.67
N ARG A 1741 24.24 5.55 33.17
CA ARG A 1741 23.46 6.04 34.28
C ARG A 1741 22.52 7.10 33.76
N GLN A 1742 21.24 6.95 34.05
CA GLN A 1742 20.20 7.79 33.48
C GLN A 1742 19.25 8.20 34.59
N GLN A 1743 19.33 9.45 35.00
CA GLN A 1743 18.45 10.01 36.02
C GLN A 1743 17.60 11.09 35.37
N PHE A 1744 16.29 10.91 35.42
CA PHE A 1744 15.37 11.91 34.90
C PHE A 1744 15.10 12.97 35.96
N ARG A 1745 14.63 14.12 35.51
CA ARG A 1745 14.47 15.26 36.41
C ARG A 1745 13.00 15.46 36.77
N GLU A 1746 12.78 16.01 37.96
CA GLU A 1746 11.49 16.60 38.31
C GLU A 1746 11.48 18.03 37.77
N VAL A 1747 10.66 18.28 36.76
CA VAL A 1747 10.68 19.56 36.06
C VAL A 1747 10.06 20.64 36.95
N GLU A 1748 9.62 20.25 38.15
CA GLU A 1748 9.03 21.20 39.08
C GLU A 1748 10.13 21.92 39.87
N VAL A 1749 10.93 21.17 40.62
CA VAL A 1749 11.98 21.74 41.45
C VAL A 1749 13.24 20.90 41.30
N GLU A 1750 14.40 21.56 41.34
CA GLU A 1750 15.69 20.88 41.27
C GLU A 1750 16.24 20.53 42.64
N GLY A 1751 15.43 19.85 43.46
CA GLY A 1751 15.84 19.52 44.81
C GLY A 1751 16.03 18.05 45.07
N ILE A 1752 15.25 17.20 44.39
CA ILE A 1752 15.25 15.77 44.69
C ILE A 1752 15.63 14.99 43.44
N GLY A 1753 14.81 15.10 42.40
CA GLY A 1753 15.02 14.33 41.19
C GLY A 1753 14.48 12.90 41.32
N LEU A 1754 14.62 12.16 40.23
CA LEU A 1754 14.22 10.77 40.19
C LEU A 1754 15.37 9.86 40.58
N ASP A 1755 15.06 8.59 40.77
CA ASP A 1755 16.08 7.61 41.13
C ASP A 1755 16.88 7.23 39.89
N PRO A 1756 18.21 7.25 39.95
CA PRO A 1756 19.01 6.92 38.76
C PRO A 1756 18.81 5.48 38.34
N LEU A 1757 18.85 5.27 37.02
CA LEU A 1757 18.69 3.95 36.43
C LEU A 1757 20.02 3.53 35.79
N TYR A 1758 20.48 2.34 36.13
CA TYR A 1758 21.77 1.85 35.67
C TYR A 1758 21.58 0.71 34.69
N ARG A 1759 22.19 0.84 33.52
CA ARG A 1759 22.34 -0.25 32.57
C ARG A 1759 23.81 -0.58 32.44
N ARG A 1760 24.15 -1.86 32.56
CA ARG A 1760 25.52 -2.32 32.42
C ARG A 1760 25.56 -3.53 31.50
N ASN A 1761 26.50 -3.53 30.58
CA ASN A 1761 26.67 -4.57 29.58
C ASN A 1761 28.09 -5.09 29.59
N PHE A 1762 28.59 -5.42 30.77
CA PHE A 1762 29.94 -5.97 30.88
C PHE A 1762 29.95 -7.35 30.24
N ALA A 1763 30.70 -7.48 29.14
CA ALA A 1763 30.73 -8.72 28.37
C ALA A 1763 32.16 -9.05 27.98
N PHE A 1764 32.44 -10.34 27.87
CA PHE A 1764 33.74 -10.86 27.47
C PHE A 1764 33.50 -11.85 26.34
N ASN A 1765 33.83 -11.45 25.13
CA ASN A 1765 33.67 -12.31 23.96
C ASN A 1765 35.03 -12.81 23.53
N TYR A 1766 35.05 -14.00 22.94
CA TYR A 1766 36.29 -14.51 22.35
C TYR A 1766 35.94 -15.59 21.34
N GLN A 1767 36.51 -15.50 20.15
CA GLN A 1767 36.32 -16.51 19.14
C GLN A 1767 37.68 -16.98 18.65
N TYR A 1768 37.71 -18.22 18.17
CA TYR A 1768 38.93 -18.79 17.63
C TYR A 1768 38.57 -19.80 16.56
N GLY A 1769 39.59 -20.24 15.84
CA GLY A 1769 39.37 -21.21 14.77
C GLY A 1769 40.68 -21.60 14.15
N PHE A 1770 40.63 -22.69 13.40
CA PHE A 1770 41.82 -23.17 12.72
C PHE A 1770 41.42 -24.03 11.52
N GLY A 1771 42.32 -24.07 10.54
CA GLY A 1771 42.09 -24.83 9.34
C GLY A 1771 43.16 -25.87 9.05
N PHE A 1772 42.79 -27.14 9.10
CA PHE A 1772 43.67 -28.25 8.78
C PHE A 1772 43.48 -28.65 7.32
N ASN A 1773 44.57 -29.13 6.72
CA ASN A 1773 44.59 -29.70 5.38
C ASN A 1773 45.21 -31.10 5.44
N LEU A 1774 44.69 -31.93 6.35
CA LEU A 1774 45.24 -33.22 6.71
C LEU A 1774 45.77 -34.00 5.52
N THR A 1775 45.07 -33.95 4.39
CA THR A 1775 45.52 -34.54 3.15
C THR A 1775 45.30 -33.53 2.03
N LYS A 1776 45.73 -33.90 0.82
CA LYS A 1776 45.47 -33.05 -0.34
C LYS A 1776 43.99 -32.93 -0.63
N SER A 1777 43.18 -33.90 -0.19
CA SER A 1777 41.74 -33.90 -0.39
C SER A 1777 40.98 -33.36 0.82
N LEU A 1778 41.32 -33.82 2.02
CA LEU A 1778 40.62 -33.39 3.22
C LEU A 1778 40.83 -31.90 3.49
N LYS A 1779 39.87 -31.31 4.18
CA LYS A 1779 39.94 -29.89 4.56
C LYS A 1779 39.01 -29.70 5.74
N LEU A 1780 39.56 -29.33 6.89
CA LEU A 1780 38.81 -29.30 8.14
C LEU A 1780 38.93 -27.91 8.75
N ASN A 1781 37.84 -27.14 8.68
CA ASN A 1781 37.80 -25.80 9.24
C ASN A 1781 36.96 -25.81 10.50
N TYR A 1782 37.55 -25.43 11.62
CA TYR A 1782 36.85 -25.42 12.90
C TYR A 1782 36.83 -24.01 13.45
N SER A 1783 35.74 -23.67 14.14
CA SER A 1783 35.62 -22.36 14.78
C SER A 1783 34.74 -22.48 16.01
N ALA A 1784 35.00 -21.62 16.99
CA ALA A 1784 34.23 -21.61 18.22
C ALA A 1784 34.20 -20.19 18.76
N THR A 1785 33.00 -19.64 18.94
CA THR A 1785 32.82 -18.29 19.44
C THR A 1785 32.02 -18.35 20.73
N SER A 1786 32.56 -17.75 21.79
CA SER A 1786 31.90 -17.73 23.09
C SER A 1786 31.71 -16.30 23.55
N ASN A 1787 30.63 -16.07 24.28
CA ASN A 1787 30.31 -14.77 24.87
C ASN A 1787 29.87 -15.00 26.30
N ASN A 1788 30.64 -14.49 27.25
CA ASN A 1788 30.29 -14.53 28.66
C ASN A 1788 29.88 -13.13 29.11
N ILE A 1789 29.10 -13.07 30.19
CA ILE A 1789 28.67 -11.80 30.76
C ILE A 1789 29.24 -11.68 32.16
N VAL A 1790 29.87 -10.55 32.44
CA VAL A 1790 30.34 -10.26 33.79
C VAL A 1790 29.17 -9.69 34.60
N ARG A 1791 28.91 -10.29 35.76
CA ARG A 1791 27.75 -9.92 36.57
C ARG A 1791 28.16 -9.60 37.99
N ASN A 1792 29.37 -9.12 38.20
CA ASN A 1792 29.85 -8.79 39.53
C ASN A 1792 29.34 -7.44 40.03
N PHE A 1793 28.65 -6.67 39.19
CA PHE A 1793 28.16 -5.36 39.57
C PHE A 1793 26.84 -5.40 40.31
N LEU A 1794 26.26 -6.59 40.50
CA LEU A 1794 24.99 -6.73 41.20
C LEU A 1794 25.24 -7.18 42.64
N ASN A 1795 24.24 -6.94 43.48
CA ASN A 1795 24.29 -7.37 44.87
C ASN A 1795 23.83 -8.82 44.98
N ASP A 1796 23.59 -9.29 46.21
CA ASP A 1796 23.06 -10.64 46.38
C ASP A 1796 21.68 -10.78 45.75
N ASP A 1797 20.85 -9.75 45.87
CA ASP A 1797 19.60 -9.68 45.15
C ASP A 1797 19.84 -9.09 43.76
N ASN A 1798 18.76 -8.77 43.05
CA ASN A 1798 18.87 -8.14 41.74
C ASN A 1798 18.75 -6.62 41.86
N SER A 1799 19.65 -6.06 42.68
CA SER A 1799 19.72 -4.62 42.90
C SER A 1799 21.08 -4.10 42.48
N PRO A 1800 21.17 -3.35 41.38
CA PRO A 1800 22.48 -2.86 40.94
C PRO A 1800 23.10 -1.92 41.96
N LYS A 1801 24.42 -1.99 42.08
CA LYS A 1801 25.15 -1.08 42.95
C LYS A 1801 25.33 0.27 42.28
N GLU A 1802 25.43 1.31 43.11
CA GLU A 1802 25.55 2.67 42.59
C GLU A 1802 26.99 2.96 42.15
N ASP A 1803 27.93 2.90 43.08
CA ASP A 1803 29.31 3.31 42.83
C ASP A 1803 30.20 2.16 42.39
N PHE A 1804 29.80 1.49 41.31
CA PHE A 1804 30.60 0.43 40.70
C PHE A 1804 31.25 1.00 39.44
N ASN A 1805 32.57 1.15 39.48
CA ASN A 1805 33.28 1.71 38.34
C ASN A 1805 33.30 0.73 37.17
N ILE A 1806 33.43 1.27 35.96
CA ILE A 1806 33.51 0.43 34.77
C ILE A 1806 34.85 -0.28 34.68
N TRP A 1807 35.90 0.28 35.26
CA TRP A 1807 37.21 -0.35 35.28
C TRP A 1807 37.45 -1.15 36.55
N ASP A 1808 36.38 -1.47 37.30
CA ASP A 1808 36.52 -2.05 38.62
C ASP A 1808 37.25 -3.39 38.59
N ASP A 1809 36.67 -4.38 37.94
CA ASP A 1809 37.27 -5.70 37.79
C ASP A 1809 37.28 -6.01 36.30
N TYR A 1810 38.34 -5.56 35.61
CA TYR A 1810 38.32 -5.58 34.16
C TYR A 1810 38.57 -6.98 33.60
N LEU A 1811 39.73 -7.56 33.90
CA LEU A 1811 40.09 -8.87 33.36
C LEU A 1811 39.33 -9.98 34.10
N ASP A 1812 38.02 -9.97 33.90
CA ASP A 1812 37.11 -10.91 34.54
C ASP A 1812 36.35 -11.66 33.45
N ILE A 1813 36.38 -12.98 33.52
CA ILE A 1813 35.61 -13.82 32.61
C ILE A 1813 34.37 -14.30 33.35
N GLY A 1814 33.22 -13.79 32.95
CA GLY A 1814 31.99 -14.10 33.64
C GLY A 1814 31.46 -15.47 33.29
N THR A 1815 30.31 -15.79 33.87
CA THR A 1815 29.64 -17.04 33.53
C THR A 1815 29.26 -17.04 32.06
N PRO A 1816 29.35 -18.17 31.38
CA PRO A 1816 29.06 -18.19 29.94
C PRO A 1816 27.61 -17.81 29.66
N ASN A 1817 27.41 -17.10 28.55
CA ASN A 1817 26.10 -16.70 28.10
C ASN A 1817 25.73 -17.28 26.74
N GLN A 1818 26.71 -17.56 25.90
CA GLN A 1818 26.46 -18.18 24.60
C GLN A 1818 27.75 -18.82 24.12
N HIS A 1819 27.61 -19.94 23.43
CA HIS A 1819 28.79 -20.66 22.94
C HIS A 1819 28.41 -21.42 21.67
N ALA A 1820 29.01 -21.06 20.55
CA ALA A 1820 28.71 -21.67 19.27
C ALA A 1820 29.96 -22.33 18.71
N GLN A 1821 29.79 -23.55 18.19
CA GLN A 1821 30.86 -24.28 17.52
C GLN A 1821 30.43 -24.60 16.10
N GLN A 1822 31.41 -24.60 15.19
CA GLN A 1822 31.18 -24.97 13.81
C GLN A 1822 32.36 -25.79 13.31
N LEU A 1823 32.05 -26.85 12.56
CA LEU A 1823 33.05 -27.74 11.98
C LEU A 1823 32.68 -27.95 10.52
N VAL A 1824 33.67 -27.90 9.64
CA VAL A 1824 33.45 -28.10 8.20
C VAL A 1824 34.47 -29.11 7.71
N LEU A 1825 33.98 -30.22 7.16
CA LEU A 1825 34.81 -31.25 6.56
C LEU A 1825 34.55 -31.28 5.06
N ASN A 1826 35.62 -31.27 4.27
CA ASN A 1826 35.54 -31.49 2.84
C ASN A 1826 36.46 -32.63 2.47
N TYR A 1827 35.93 -33.59 1.70
CA TYR A 1827 36.66 -34.80 1.34
C TYR A 1827 36.41 -35.06 -0.14
N ASP A 1828 37.45 -35.53 -0.84
CA ASP A 1828 37.30 -35.91 -2.24
C ASP A 1828 37.29 -37.41 -2.45
N ILE A 1829 37.39 -38.20 -1.38
CA ILE A 1829 37.25 -39.66 -1.43
C ILE A 1829 38.18 -40.23 -2.49
N PRO A 1830 39.50 -40.30 -2.25
CA PRO A 1830 40.43 -40.69 -3.31
C PRO A 1830 40.22 -42.13 -3.77
N ILE A 1831 39.12 -42.37 -4.47
CA ILE A 1831 38.86 -43.68 -5.06
C ILE A 1831 39.44 -43.81 -6.45
N ASN A 1832 39.87 -42.70 -7.06
CA ASN A 1832 40.51 -42.76 -8.36
C ASN A 1832 41.84 -43.52 -8.32
N LYS A 1833 42.48 -43.61 -7.15
CA LYS A 1833 43.71 -44.38 -7.05
C LYS A 1833 43.45 -45.87 -7.31
N ILE A 1834 42.25 -46.34 -7.00
CA ILE A 1834 41.85 -47.71 -7.32
C ILE A 1834 41.66 -47.77 -8.83
N PRO A 1835 42.39 -48.64 -9.54
CA PRO A 1835 42.27 -48.66 -11.01
C PRO A 1835 41.09 -49.49 -11.49
N ILE A 1836 39.93 -49.30 -10.88
CA ILE A 1836 38.67 -49.87 -11.35
C ILE A 1836 37.64 -48.75 -11.36
N PHE A 1837 37.85 -47.75 -10.50
CA PHE A 1837 36.90 -46.65 -10.32
C PHE A 1837 37.59 -45.32 -10.58
N GLY A 1838 38.38 -45.24 -11.65
CA GLY A 1838 39.11 -44.03 -11.95
C GLY A 1838 38.28 -42.90 -12.51
N PHE A 1839 36.97 -43.11 -12.69
CA PHE A 1839 36.08 -42.09 -13.22
C PHE A 1839 35.27 -41.36 -12.16
N VAL A 1840 35.12 -41.96 -10.98
CA VAL A 1840 34.30 -41.35 -9.93
C VAL A 1840 34.93 -40.04 -9.47
N LYS A 1841 34.09 -39.05 -9.23
CA LYS A 1841 34.53 -37.75 -8.74
C LYS A 1841 33.78 -37.41 -7.46
N ALA A 1842 33.72 -38.37 -6.54
CA ALA A 1842 32.95 -38.19 -5.31
C ALA A 1842 33.50 -37.02 -4.50
N SER A 1843 32.58 -36.31 -3.85
CA SER A 1843 32.93 -35.12 -3.08
C SER A 1843 31.96 -35.02 -1.90
N TYR A 1844 32.47 -35.30 -0.70
CA TYR A 1844 31.66 -35.30 0.50
C TYR A 1844 31.91 -34.04 1.29
N SER A 1845 30.86 -33.46 1.84
CA SER A 1845 30.94 -32.28 2.67
C SER A 1845 30.10 -32.50 3.92
N TYR A 1846 30.61 -32.06 5.06
CA TYR A 1846 29.90 -32.24 6.33
C TYR A 1846 30.11 -31.01 7.18
N THR A 1847 29.06 -30.23 7.38
CA THR A 1847 29.09 -29.06 8.24
C THR A 1847 28.28 -29.35 9.48
N ALA A 1848 28.91 -29.28 10.64
CA ALA A 1848 28.27 -29.49 11.92
C ALA A 1848 28.26 -28.18 12.69
N ASP A 1849 27.15 -27.87 13.33
CA ASP A 1849 27.00 -26.68 14.13
C ASP A 1849 26.38 -27.03 15.47
N TYR A 1850 26.86 -26.36 16.52
CA TYR A 1850 26.34 -26.54 17.86
C TYR A 1850 26.23 -25.18 18.51
N MET A 1851 25.24 -25.02 19.38
CA MET A 1851 25.06 -23.74 20.04
C MET A 1851 24.41 -23.93 21.40
N TRP A 1852 25.03 -23.39 22.44
CA TRP A 1852 24.49 -23.39 23.78
C TRP A 1852 24.14 -21.95 24.16
N GLN A 1853 22.90 -21.72 24.56
CA GLN A 1853 22.40 -20.41 24.89
C GLN A 1853 21.89 -20.43 26.31
N ARG A 1854 22.41 -19.50 27.14
CA ARG A 1854 22.02 -19.43 28.54
C ARG A 1854 20.66 -18.76 28.67
N SER A 1855 19.74 -19.45 29.34
CA SER A 1855 18.44 -18.86 29.62
C SER A 1855 18.59 -17.73 30.63
N SER A 1856 17.71 -16.73 30.51
CA SER A 1856 17.71 -15.62 31.44
C SER A 1856 17.49 -16.12 32.86
N THR A 1857 17.73 -15.23 33.82
CA THR A 1857 17.53 -15.60 35.22
C THR A 1857 16.05 -15.78 35.57
N ALA A 1858 15.14 -15.38 34.70
CA ALA A 1858 13.74 -15.68 34.91
C ALA A 1858 13.43 -17.17 34.76
N PHE A 1859 14.31 -17.91 34.08
CA PHE A 1859 14.17 -19.35 33.91
C PHE A 1859 15.05 -20.14 34.86
N SER A 1860 16.34 -19.77 34.95
CA SER A 1860 17.28 -20.54 35.76
C SER A 1860 16.95 -20.45 37.25
N GLU A 1861 16.24 -19.41 37.66
CA GLU A 1861 15.85 -19.23 39.05
C GLU A 1861 14.36 -18.95 39.14
N TYR A 1862 13.55 -19.73 38.42
CA TYR A 1862 12.11 -19.54 38.44
C TYR A 1862 11.57 -19.89 39.82
N GLU A 1863 10.63 -19.08 40.29
CA GLU A 1863 10.02 -19.24 41.61
C GLU A 1863 8.53 -19.47 41.43
N ASP A 1864 8.10 -20.72 41.57
CA ASP A 1864 6.71 -21.06 41.35
C ASP A 1864 5.85 -20.48 42.48
N PRO A 1865 4.54 -20.33 42.25
CA PRO A 1865 3.69 -19.72 43.28
C PRO A 1865 3.67 -20.47 44.60
N ASN A 1866 4.03 -21.75 44.62
CA ASN A 1866 4.19 -22.46 45.88
C ASN A 1866 5.49 -22.11 46.58
N GLY A 1867 6.38 -21.35 45.94
CA GLY A 1867 7.62 -20.93 46.53
C GLY A 1867 8.84 -21.75 46.13
N THR A 1868 8.64 -22.93 45.54
CA THR A 1868 9.77 -23.76 45.13
C THR A 1868 10.53 -23.09 43.99
N VAL A 1869 11.85 -23.12 44.08
CA VAL A 1869 12.72 -22.55 43.06
C VAL A 1869 13.11 -23.65 42.08
N TYR A 1870 12.86 -23.43 40.80
CA TYR A 1870 13.14 -24.41 39.76
C TYR A 1870 14.18 -23.88 38.79
N ASP A 1871 15.08 -24.76 38.37
CA ASP A 1871 16.02 -24.45 37.28
C ASP A 1871 15.39 -24.97 36.00
N LEU A 1872 15.00 -24.04 35.11
CA LEU A 1872 14.41 -24.42 33.84
C LEU A 1872 15.43 -24.59 32.74
N GLY A 1873 16.71 -24.39 33.02
CA GLY A 1873 17.77 -24.81 32.13
C GLY A 1873 17.95 -23.91 30.93
N ASN A 1874 19.03 -24.17 30.21
CA ASN A 1874 19.45 -23.43 29.03
C ASN A 1874 18.93 -24.14 27.78
N THR A 1875 19.41 -23.71 26.61
CA THR A 1875 18.99 -24.31 25.35
C THR A 1875 20.22 -24.77 24.59
N ILE A 1876 20.11 -25.91 23.91
CA ILE A 1876 21.16 -26.40 23.03
C ILE A 1876 20.56 -26.70 21.66
N GLN A 1877 21.25 -26.25 20.62
CA GLN A 1877 20.84 -26.44 19.24
C GLN A 1877 21.95 -27.16 18.49
N ASN A 1878 21.54 -27.98 17.52
CA ASN A 1878 22.44 -28.82 16.75
C ASN A 1878 22.10 -28.67 15.27
N SER A 1879 23.07 -28.99 14.41
CA SER A 1879 22.82 -28.89 12.98
C SER A 1879 23.83 -29.69 12.19
N ASN A 1880 23.35 -30.41 11.17
CA ASN A 1880 24.18 -31.11 10.20
C ASN A 1880 23.89 -30.58 8.80
N SER A 1881 24.88 -30.71 7.92
CA SER A 1881 24.75 -30.30 6.53
C SER A 1881 25.43 -31.29 5.59
N ASN A 1882 25.17 -32.57 5.77
CA ASN A 1882 25.73 -33.60 4.90
C ASN A 1882 25.46 -33.27 3.43
N THR A 1883 26.45 -33.56 2.59
CA THR A 1883 26.32 -33.35 1.15
C THR A 1883 27.24 -34.33 0.44
N LEU A 1884 26.77 -34.89 -0.68
CA LEU A 1884 27.54 -35.88 -1.42
C LEU A 1884 27.32 -35.66 -2.90
N THR A 1885 28.30 -35.06 -3.57
CA THR A 1885 28.22 -34.78 -5.01
C THR A 1885 29.13 -35.75 -5.74
N THR A 1886 28.54 -36.60 -6.58
CA THR A 1886 29.27 -37.61 -7.34
C THR A 1886 29.03 -37.39 -8.82
N THR A 1887 30.09 -37.52 -9.62
CA THR A 1887 29.97 -37.36 -11.06
C THR A 1887 29.76 -38.69 -11.78
N LEU A 1888 30.44 -39.75 -11.33
CA LEU A 1888 30.21 -41.11 -11.80
C LEU A 1888 30.22 -41.18 -13.33
N ASN A 1889 31.24 -40.57 -13.93
CA ASN A 1889 31.38 -40.54 -15.39
C ASN A 1889 31.44 -41.95 -15.94
N MET A 1890 30.42 -42.35 -16.71
CA MET A 1890 30.37 -43.72 -17.20
C MET A 1890 31.41 -44.01 -18.27
N ASN A 1891 32.06 -42.99 -18.82
CA ASN A 1891 33.21 -43.23 -19.69
C ASN A 1891 34.38 -43.78 -18.87
N THR A 1892 35.12 -44.71 -19.48
CA THR A 1892 36.24 -45.37 -18.83
C THR A 1892 35.82 -46.03 -17.51
N VAL A 1941 25.15 -53.29 -24.12
CA VAL A 1941 24.28 -52.34 -24.82
C VAL A 1941 24.03 -51.12 -23.94
N LEU A 1942 24.57 -51.15 -22.73
CA LEU A 1942 24.39 -50.06 -21.76
C LEU A 1942 25.52 -49.05 -21.81
N THR A 1943 26.45 -49.18 -22.76
CA THR A 1943 27.56 -48.24 -22.88
C THR A 1943 27.14 -46.87 -23.38
N SER A 1944 25.84 -46.63 -23.57
CA SER A 1944 25.39 -45.35 -24.09
C SER A 1944 25.58 -44.22 -23.10
N ILE A 1945 25.40 -44.51 -21.79
CA ILE A 1945 25.45 -43.47 -20.78
C ILE A 1945 26.85 -42.85 -20.73
N LYS A 1946 26.90 -41.52 -20.64
CA LYS A 1946 28.14 -40.78 -20.55
C LYS A 1946 28.45 -40.29 -19.15
N ASN A 1947 27.47 -39.71 -18.47
CA ASN A 1947 27.65 -39.18 -17.12
C ASN A 1947 26.42 -39.53 -16.28
N VAL A 1948 26.64 -39.70 -14.98
CA VAL A 1948 25.55 -39.86 -14.02
C VAL A 1948 25.86 -38.92 -12.85
N GLN A 1949 25.35 -37.69 -12.92
CA GLN A 1949 25.55 -36.72 -11.85
C GLN A 1949 24.60 -37.04 -10.70
N ILE A 1950 25.15 -37.12 -9.49
CA ILE A 1950 24.36 -37.44 -8.30
C ILE A 1950 24.66 -36.41 -7.23
N ASN A 1951 23.63 -35.70 -6.79
CA ASN A 1951 23.72 -34.77 -5.66
C ASN A 1951 22.76 -35.24 -4.58
N TYR A 1952 23.22 -35.22 -3.32
CA TYR A 1952 22.41 -35.68 -2.20
C TYR A 1952 22.73 -34.83 -0.99
N THR A 1953 21.82 -33.91 -0.65
CA THR A 1953 21.97 -33.06 0.51
C THR A 1953 21.06 -33.56 1.62
N LYS A 1954 21.56 -33.57 2.86
CA LYS A 1954 20.78 -34.02 4.01
C LYS A 1954 21.09 -33.10 5.19
N ASN A 1955 20.20 -32.16 5.44
CA ASN A 1955 20.32 -31.25 6.56
C ASN A 1955 19.54 -31.78 7.75
N SER A 1956 20.02 -31.48 8.94
CA SER A 1956 19.35 -31.91 10.15
C SER A 1956 19.54 -30.84 11.22
N GLY A 1957 18.69 -30.89 12.24
CA GLY A 1957 18.79 -29.95 13.33
C GLY A 1957 17.99 -30.43 14.52
N THR A 1958 18.45 -30.04 15.71
CA THR A 1958 17.81 -30.46 16.94
C THR A 1958 17.89 -29.33 17.96
N VAL A 1959 16.75 -28.94 18.50
CA VAL A 1959 16.65 -27.96 19.57
C VAL A 1959 16.13 -28.67 20.81
N LEU A 1960 16.96 -28.69 21.85
CA LEU A 1960 16.62 -29.33 23.12
C LEU A 1960 16.60 -28.28 24.22
N PRO A 1961 15.44 -27.79 24.60
CA PRO A 1961 15.36 -26.80 25.68
C PRO A 1961 15.35 -27.48 27.04
N GLY A 1962 15.52 -26.66 28.08
CA GLY A 1962 15.53 -27.17 29.43
C GLY A 1962 16.79 -27.91 29.82
N TYR A 1963 17.90 -27.64 29.16
CA TYR A 1963 19.15 -28.36 29.38
C TYR A 1963 19.95 -27.60 30.44
N THR A 1964 19.94 -28.10 31.67
CA THR A 1964 20.46 -27.32 32.80
C THR A 1964 21.95 -27.03 32.75
N PRO A 1965 22.85 -27.99 32.52
CA PRO A 1965 24.28 -27.73 32.78
C PRO A 1965 24.88 -26.71 31.83
N SER A 1966 25.93 -26.05 32.32
CA SER A 1966 26.61 -24.99 31.58
C SER A 1966 27.66 -25.58 30.66
N VAL A 1967 28.52 -24.72 30.11
CA VAL A 1967 29.60 -25.14 29.22
C VAL A 1967 30.92 -24.71 29.82
N GLY A 1968 32.01 -25.18 29.20
CA GLY A 1968 33.35 -24.85 29.63
C GLY A 1968 33.96 -23.71 28.82
N PHE A 1969 35.22 -23.43 29.12
CA PHE A 1969 35.90 -22.34 28.44
C PHE A 1969 36.16 -22.66 26.98
N LEU A 1970 36.70 -23.85 26.70
CA LEU A 1970 37.03 -24.25 25.35
C LEU A 1970 35.90 -24.99 24.65
N GLY A 1971 34.75 -25.14 25.30
CA GLY A 1971 33.65 -25.86 24.71
C GLY A 1971 33.00 -26.80 25.68
N THR A 1972 32.39 -27.87 25.18
CA THR A 1972 31.76 -28.85 26.06
C THR A 1972 31.58 -30.16 25.30
N SER A 1973 31.38 -31.22 26.07
CA SER A 1973 30.95 -32.50 25.53
C SER A 1973 29.95 -33.16 26.46
N LYS A 1974 29.24 -32.38 27.27
CA LYS A 1974 28.39 -32.94 28.31
C LYS A 1974 27.24 -33.77 27.77
N PRO A 1975 26.43 -33.32 26.79
CA PRO A 1975 25.33 -34.18 26.31
C PRO A 1975 25.88 -35.45 25.69
N SER A 1976 26.74 -35.26 24.69
CA SER A 1976 27.52 -36.33 24.07
C SER A 1976 28.50 -35.66 23.12
N LEU A 1977 29.67 -36.27 22.97
CA LEU A 1977 30.68 -35.71 22.08
C LEU A 1977 30.17 -35.63 20.65
N GLY A 1978 29.34 -36.59 20.23
CA GLY A 1978 28.78 -36.54 18.90
C GLY A 1978 27.81 -35.40 18.71
N PHE A 1979 26.99 -35.11 19.73
CA PHE A 1979 25.96 -34.09 19.60
C PHE A 1979 26.56 -32.74 19.27
N VAL A 1980 27.71 -32.42 19.87
CA VAL A 1980 28.39 -31.16 19.58
C VAL A 1980 28.77 -31.08 18.11
N PHE A 1981 28.98 -32.23 17.47
CA PHE A 1981 29.33 -32.30 16.06
C PHE A 1981 28.19 -32.85 15.21
N GLY A 1982 26.94 -32.63 15.64
CA GLY A 1982 25.77 -33.01 14.87
C GLY A 1982 25.54 -34.49 14.76
N SER A 1983 25.40 -35.18 15.89
CA SER A 1983 25.15 -36.62 15.85
C SER A 1983 23.71 -36.94 15.46
N GLN A 1984 22.76 -36.13 15.94
CA GLN A 1984 21.33 -36.28 15.72
C GLN A 1984 20.74 -37.52 16.37
N ASP A 1985 21.55 -38.32 17.07
CA ASP A 1985 21.01 -39.46 17.79
C ASP A 1985 20.26 -39.01 19.04
N ASP A 1986 19.38 -39.88 19.51
CA ASP A 1986 18.52 -39.53 20.64
C ASP A 1986 19.34 -39.33 21.90
N VAL A 1987 19.46 -38.08 22.33
CA VAL A 1987 20.11 -37.73 23.59
C VAL A 1987 19.12 -37.32 24.65
N ARG A 1988 17.82 -37.31 24.35
CA ARG A 1988 16.82 -36.95 25.34
C ARG A 1988 16.80 -37.94 26.49
N TYR A 1989 16.79 -39.23 26.17
CA TYR A 1989 16.72 -40.24 27.22
C TYR A 1989 18.01 -40.30 28.02
N GLU A 1990 19.16 -40.21 27.33
CA GLU A 1990 20.44 -40.18 28.04
C GLU A 1990 20.52 -38.96 28.96
N ALA A 1991 20.12 -37.79 28.47
CA ALA A 1991 20.17 -36.58 29.29
C ALA A 1991 19.22 -36.68 30.47
N ALA A 1992 18.02 -37.22 30.25
CA ALA A 1992 17.06 -37.36 31.34
C ALA A 1992 17.56 -38.32 32.40
N LYS A 1993 18.13 -39.46 31.98
CA LYS A 1993 18.67 -40.41 32.95
C LYS A 1993 19.85 -39.82 33.71
N ARG A 1994 20.75 -39.13 33.01
CA ARG A 1994 21.88 -38.48 33.67
C ARG A 1994 21.44 -37.41 34.65
N GLY A 1995 20.24 -36.88 34.48
CA GLY A 1995 19.69 -35.92 35.43
C GLY A 1995 19.93 -34.47 35.09
N TRP A 1996 20.31 -34.15 33.87
CA TRP A 1996 20.55 -32.76 33.48
C TRP A 1996 19.56 -32.27 32.44
N LEU A 1997 18.29 -32.61 32.63
CA LEU A 1997 17.17 -31.92 32.02
C LEU A 1997 16.33 -31.30 33.13
N THR A 1998 15.53 -30.30 32.77
CA THR A 1998 14.77 -29.57 33.77
C THR A 1998 13.81 -30.50 34.50
N THR A 1999 13.64 -30.27 35.79
CA THR A 1999 12.72 -31.05 36.62
C THR A 1999 11.36 -30.39 36.77
N TYR A 2000 11.12 -29.27 36.10
CA TYR A 2000 9.80 -28.63 36.12
C TYR A 2000 8.78 -29.54 35.46
N GLN A 2001 7.64 -29.73 36.11
CA GLN A 2001 6.61 -30.64 35.63
C GLN A 2001 5.58 -29.96 34.76
N ASP A 2002 5.66 -28.64 34.57
CA ASP A 2002 4.80 -27.90 33.67
C ASP A 2002 5.59 -27.18 32.60
N PHE A 2003 6.71 -27.79 32.18
CA PHE A 2003 7.61 -27.15 31.21
C PHE A 2003 6.88 -26.93 29.89
N ASN A 2004 7.03 -25.73 29.33
CA ASN A 2004 6.27 -25.32 28.17
C ASN A 2004 7.14 -25.08 26.94
N GLN A 2005 8.30 -25.70 26.88
CA GLN A 2005 9.19 -25.59 25.73
C GLN A 2005 9.24 -26.93 25.00
N SER A 2006 9.37 -26.86 23.68
CA SER A 2006 9.23 -28.01 22.81
C SER A 2006 10.57 -28.47 22.30
N PHE A 2007 10.87 -29.75 22.50
CA PHE A 2007 11.96 -30.40 21.79
C PHE A 2007 11.60 -30.47 20.30
N THR A 2008 12.54 -30.05 19.45
CA THR A 2008 12.29 -29.87 18.03
C THR A 2008 13.37 -30.55 17.21
N GLN A 2009 12.96 -31.21 16.12
CA GLN A 2009 13.89 -31.79 15.17
C GLN A 2009 13.51 -31.38 13.76
N VAL A 2010 14.51 -31.24 12.91
CA VAL A 2010 14.33 -30.88 11.50
C VAL A 2010 15.19 -31.81 10.66
N SER A 2011 14.65 -32.29 9.54
CA SER A 2011 15.41 -33.14 8.64
C SER A 2011 14.97 -32.89 7.21
N ASN A 2012 15.89 -32.44 6.37
CA ASN A 2012 15.66 -32.21 4.95
C ASN A 2012 16.53 -33.17 4.14
N LYS A 2013 15.93 -33.83 3.16
CA LYS A 2013 16.66 -34.64 2.19
C LYS A 2013 16.38 -34.10 0.80
N LEU A 2014 17.39 -34.11 -0.06
CA LEU A 2014 17.27 -33.53 -1.38
C LEU A 2014 18.18 -34.29 -2.34
N LEU A 2015 17.59 -35.03 -3.27
CA LEU A 2015 18.30 -35.86 -4.23
C LEU A 2015 18.11 -35.28 -5.62
N LYS A 2016 19.19 -35.20 -6.38
CA LYS A 2016 19.22 -34.48 -7.66
C LYS A 2016 19.95 -35.31 -8.72
N VAL A 2017 19.55 -36.57 -8.90
CA VAL A 2017 20.24 -37.43 -9.85
C VAL A 2017 20.09 -36.88 -11.27
N THR A 2018 21.15 -37.01 -12.06
CA THR A 2018 21.14 -36.53 -13.45
C THR A 2018 22.03 -37.45 -14.28
N ALA A 2019 21.61 -37.71 -15.52
CA ALA A 2019 22.32 -38.64 -16.39
C ALA A 2019 22.24 -38.17 -17.83
N ASN A 2020 23.20 -38.61 -18.63
CA ASN A 2020 23.23 -38.33 -20.06
C ASN A 2020 23.34 -39.63 -20.84
N ILE A 2021 22.65 -39.69 -21.98
CA ILE A 2021 22.63 -40.87 -22.84
C ILE A 2021 22.77 -40.40 -24.28
N ASP A 2022 23.51 -41.16 -25.08
CA ASP A 2022 23.78 -40.85 -26.49
C ASP A 2022 23.40 -42.02 -27.38
N LEU A 2023 22.17 -42.51 -27.22
CA LEU A 2023 21.64 -43.65 -27.97
C LEU A 2023 22.01 -43.62 -29.45
N LEU A 2024 21.97 -42.43 -30.05
CA LEU A 2024 22.37 -42.23 -31.43
C LEU A 2024 23.54 -41.26 -31.48
N PRO A 2025 24.32 -41.26 -32.57
CA PRO A 2025 25.48 -40.36 -32.64
C PRO A 2025 25.12 -38.88 -32.50
N ASP A 2026 23.93 -38.48 -32.94
CA ASP A 2026 23.54 -37.07 -32.91
C ASP A 2026 22.38 -36.80 -31.95
N LEU A 2027 21.80 -37.84 -31.35
CA LEU A 2027 20.66 -37.70 -30.45
C LEU A 2027 21.15 -37.72 -29.02
N LYS A 2028 20.95 -36.61 -28.31
CA LYS A 2028 21.42 -36.43 -26.94
C LYS A 2028 20.23 -36.38 -26.00
N VAL A 2029 20.23 -37.26 -25.01
CA VAL A 2029 19.14 -37.35 -24.03
C VAL A 2029 19.71 -37.03 -22.65
N ASP A 2030 19.03 -36.17 -21.91
CA ASP A 2030 19.38 -35.88 -20.52
C ASP A 2030 18.21 -36.28 -19.63
N LEU A 2031 18.50 -37.10 -18.63
CA LEU A 2031 17.50 -37.55 -17.67
C LEU A 2031 17.77 -36.91 -16.32
N SER A 2032 16.70 -36.59 -15.60
CA SER A 2032 16.79 -36.00 -14.28
C SER A 2032 15.84 -36.69 -13.33
N MET A 2033 16.22 -36.76 -12.07
CA MET A 2033 15.43 -37.38 -11.03
C MET A 2033 15.58 -36.53 -9.78
N ASP A 2034 14.52 -35.82 -9.41
CA ASP A 2034 14.54 -34.91 -8.28
C ASP A 2034 13.65 -35.43 -7.17
N ARG A 2035 14.10 -35.28 -5.93
CA ARG A 2035 13.30 -35.68 -4.77
C ARG A 2035 13.63 -34.74 -3.63
N SER A 2036 12.62 -34.34 -2.87
CA SER A 2036 12.78 -33.47 -1.71
C SER A 2036 11.84 -33.93 -0.62
N TYR A 2037 12.34 -33.99 0.61
CA TYR A 2037 11.53 -34.42 1.74
C TYR A 2037 11.98 -33.64 2.96
N SER A 2038 11.15 -32.69 3.39
CA SER A 2038 11.41 -31.92 4.59
C SER A 2038 10.44 -32.35 5.68
N GLU A 2039 10.95 -32.59 6.88
CA GLU A 2039 10.14 -33.08 7.98
C GLU A 2039 10.59 -32.41 9.27
N ASN A 2040 9.67 -31.72 9.92
CA ASN A 2040 9.90 -31.11 11.22
C ASN A 2040 9.03 -31.82 12.25
N THR A 2041 9.67 -32.30 13.31
CA THR A 2041 8.99 -32.95 14.42
C THR A 2041 9.09 -32.06 15.64
N SER A 2042 8.02 -32.00 16.42
CA SER A 2042 8.01 -31.22 17.64
C SER A 2042 7.27 -31.98 18.72
N GLU A 2043 7.65 -31.72 19.97
CA GLU A 2043 6.96 -32.34 21.08
C GLU A 2043 7.26 -31.55 22.34
N GLN A 2044 6.41 -31.71 23.34
CA GLN A 2044 6.76 -31.24 24.68
C GLN A 2044 7.22 -32.44 25.48
N TYR A 2045 7.74 -32.18 26.68
CA TYR A 2045 8.25 -33.31 27.45
C TYR A 2045 8.23 -33.00 28.93
N SER A 2046 8.33 -34.06 29.72
CA SER A 2046 8.54 -33.96 31.15
C SER A 2046 9.57 -34.99 31.56
N VAL A 2047 10.08 -34.86 32.78
CA VAL A 2047 10.97 -35.82 33.38
C VAL A 2047 10.33 -36.33 34.65
N ASP A 2048 10.15 -37.64 34.75
CA ASP A 2048 9.50 -38.23 35.91
C ASP A 2048 10.32 -37.93 37.16
N PRO A 2049 9.69 -37.45 38.24
CA PRO A 2049 10.47 -37.13 39.44
C PRO A 2049 11.25 -38.32 39.99
N SER A 2050 10.70 -39.53 39.86
CA SER A 2050 11.41 -40.74 40.23
C SER A 2050 11.90 -41.45 38.98
N THR A 2051 13.11 -41.99 39.06
CA THR A 2051 13.78 -42.75 37.99
C THR A 2051 14.22 -41.84 36.84
N ASN A 2052 13.84 -40.57 36.88
CA ASN A 2052 14.19 -39.59 35.86
C ASN A 2052 13.92 -40.12 34.46
N GLU A 2053 12.67 -40.53 34.24
CA GLU A 2053 12.25 -41.11 32.98
C GLU A 2053 11.71 -40.01 32.06
N TYR A 2054 12.29 -39.88 30.88
CA TYR A 2054 11.84 -38.90 29.90
C TYR A 2054 10.47 -39.31 29.37
N LYS A 2055 9.53 -38.38 29.40
CA LYS A 2055 8.17 -38.65 28.93
C LYS A 2055 7.79 -37.65 27.85
N PRO A 2056 7.69 -38.07 26.59
CA PRO A 2056 7.19 -37.17 25.55
C PRO A 2056 5.71 -36.88 25.74
N LEU A 2057 5.30 -35.73 25.23
CA LEU A 2057 3.93 -35.25 25.40
C LEU A 2057 3.50 -34.55 24.12
N SER A 2058 2.42 -35.05 23.53
CA SER A 2058 1.85 -34.52 22.30
C SER A 2058 2.90 -34.30 21.21
N PRO A 2059 3.55 -35.37 20.75
CA PRO A 2059 4.45 -35.21 19.60
C PRO A 2059 3.65 -35.09 18.31
N TYR A 2060 4.14 -34.24 17.41
CA TYR A 2060 3.49 -34.07 16.11
C TYR A 2060 4.56 -33.81 15.07
N THR A 2061 4.19 -34.04 13.82
CA THR A 2061 5.10 -33.95 12.69
C THR A 2061 4.43 -33.18 11.57
N TYR A 2062 5.22 -32.42 10.82
CA TYR A 2062 4.74 -31.78 9.62
C TYR A 2062 5.89 -31.70 8.63
N GLY A 2063 5.61 -31.23 7.44
CA GLY A 2063 6.67 -31.06 6.45
C GLY A 2063 6.13 -31.01 5.04
N MET A 2064 7.06 -31.09 4.10
CA MET A 2064 6.78 -30.96 2.68
C MET A 2064 7.42 -32.11 1.92
N PHE A 2065 6.84 -32.46 0.78
CA PHE A 2065 7.36 -33.54 -0.04
C PHE A 2065 7.24 -33.16 -1.51
N SER A 2066 8.22 -33.60 -2.30
CA SER A 2066 8.20 -33.33 -3.73
C SER A 2066 9.00 -34.42 -4.42
N ILE A 2067 8.56 -34.83 -5.60
CA ILE A 2067 9.26 -35.88 -6.32
C ILE A 2067 9.02 -35.68 -7.81
N SER A 2068 9.94 -36.18 -8.63
CA SER A 2068 9.79 -36.13 -10.07
C SER A 2068 9.13 -37.42 -10.54
N THR A 2069 7.92 -37.29 -11.07
CA THR A 2069 7.15 -38.43 -11.56
C THR A 2069 6.97 -38.30 -13.07
N VAL A 2070 6.22 -39.23 -13.64
CA VAL A 2070 5.89 -39.21 -15.06
C VAL A 2070 4.39 -39.43 -15.20
N MET A 2071 3.72 -38.49 -15.85
CA MET A 2071 2.28 -38.57 -16.10
C MET A 2071 1.98 -38.37 -17.58
N ILE A 2072 2.96 -38.66 -18.45
CA ILE A 2072 2.76 -38.52 -19.89
C ILE A 2072 1.78 -39.55 -20.44
N LYS A 2073 1.47 -40.60 -19.67
CA LYS A 2073 0.56 -41.63 -20.16
C LYS A 2073 -0.86 -41.12 -20.30
N THR A 2074 -1.20 -40.00 -19.67
CA THR A 2074 -2.50 -39.37 -19.81
C THR A 2074 -2.39 -37.91 -20.25
N ALA A 2075 -1.24 -37.52 -20.80
CA ALA A 2075 -1.02 -36.12 -21.13
C ALA A 2075 -1.86 -35.67 -22.31
N PHE A 2076 -2.04 -36.55 -23.30
CA PHE A 2076 -2.65 -36.17 -24.56
C PHE A 2076 -4.10 -36.63 -24.68
N SER A 2077 -4.69 -37.14 -23.62
CA SER A 2077 -6.11 -37.46 -23.66
C SER A 2077 -6.91 -36.17 -23.75
N PRO A 2078 -8.02 -36.17 -24.50
CA PRO A 2078 -8.86 -34.96 -24.58
C PRO A 2078 -9.42 -34.60 -23.22
N SER A 2079 -9.52 -33.31 -22.95
CA SER A 2079 -10.01 -32.83 -21.66
C SER A 2079 -10.60 -31.44 -21.81
N ASP A 2080 -11.83 -31.27 -21.35
CA ASP A 2080 -12.51 -29.99 -21.38
C ASP A 2080 -13.64 -30.04 -20.34
N GLU A 2081 -14.53 -29.05 -20.38
CA GLU A 2081 -15.61 -29.00 -19.40
C GLU A 2081 -16.68 -30.04 -19.65
N THR A 2082 -16.52 -30.92 -20.63
CA THR A 2082 -17.52 -31.93 -20.93
C THR A 2082 -16.96 -33.36 -20.98
N GLN A 2083 -15.66 -33.54 -21.05
CA GLN A 2083 -15.11 -34.87 -21.20
C GLN A 2083 -13.70 -34.93 -20.64
N SER A 2084 -13.37 -36.04 -19.98
CA SER A 2084 -12.02 -36.32 -19.53
C SER A 2084 -11.92 -37.80 -19.21
N ALA A 2085 -11.02 -38.51 -19.87
CA ALA A 2085 -10.83 -39.93 -19.57
C ALA A 2085 -10.10 -40.11 -18.26
N ALA A 2086 -9.14 -39.24 -17.96
CA ALA A 2086 -8.42 -39.31 -16.69
C ALA A 2086 -9.36 -39.09 -15.52
N PHE A 2087 -10.30 -38.15 -15.65
CA PHE A 2087 -11.24 -37.92 -14.56
C PHE A 2087 -12.22 -39.07 -14.40
N ASP A 2088 -12.61 -39.71 -15.51
CA ASP A 2088 -13.42 -40.91 -15.39
C ASP A 2088 -12.66 -42.02 -14.68
N ASP A 2089 -11.37 -42.17 -14.97
CA ASP A 2089 -10.54 -43.11 -14.24
C ASP A 2089 -10.48 -42.74 -12.76
N PHE A 2090 -10.38 -41.45 -12.46
CA PHE A 2090 -10.38 -40.99 -11.07
C PHE A 2090 -11.66 -41.40 -10.37
N ARG A 2091 -12.80 -41.19 -11.02
CA ARG A 2091 -14.08 -41.56 -10.41
C ARG A 2091 -14.17 -43.07 -10.22
N SER A 2092 -13.64 -43.84 -11.16
CA SER A 2092 -13.77 -45.30 -11.08
C SER A 2092 -12.80 -45.93 -10.09
N ASN A 2093 -11.60 -45.38 -9.94
CA ASN A 2093 -10.58 -45.98 -9.10
C ASN A 2093 -10.86 -45.86 -7.61
N ARG A 2094 -11.78 -44.99 -7.21
CA ARG A 2094 -12.05 -44.82 -5.79
C ARG A 2094 -12.56 -46.10 -5.17
N LEU A 2095 -13.45 -46.81 -5.85
CA LEU A 2095 -13.97 -48.06 -5.30
C LEU A 2095 -12.90 -49.14 -5.25
N ILE A 2096 -12.05 -49.21 -6.29
CA ILE A 2096 -10.98 -50.21 -6.30
C ILE A 2096 -10.02 -49.96 -5.14
N ILE A 2097 -9.62 -48.71 -4.95
CA ILE A 2097 -8.70 -48.38 -3.87
C ILE A 2097 -9.35 -48.62 -2.52
N ALA A 2098 -10.64 -48.31 -2.39
CA ALA A 2098 -11.35 -48.55 -1.13
C ALA A 2098 -11.40 -50.03 -0.81
N ASN A 2099 -11.66 -50.87 -1.82
CA ASN A 2099 -11.67 -52.32 -1.59
C ASN A 2099 -10.29 -52.81 -1.19
N ARG A 2100 -9.24 -52.32 -1.85
CA ARG A 2100 -7.89 -52.73 -1.47
C ARG A 2100 -7.58 -52.34 -0.03
N LEU A 2101 -7.93 -51.11 0.35
CA LEU A 2101 -7.65 -50.66 1.71
C LEU A 2101 -8.48 -51.40 2.74
N ALA A 2102 -9.72 -51.78 2.40
CA ALA A 2102 -10.53 -52.56 3.32
C ALA A 2102 -9.97 -53.96 3.49
N GLU A 2103 -9.51 -54.58 2.40
CA GLU A 2103 -8.83 -55.87 2.53
C GLU A 2103 -7.57 -55.73 3.38
N GLY A 2104 -6.87 -54.60 3.26
CA GLY A 2104 -5.74 -54.36 4.13
C GLY A 2104 -6.12 -54.21 5.59
N HIS A 2105 -7.26 -53.58 5.85
CA HIS A 2105 -7.70 -53.33 7.22
C HIS A 2105 -8.37 -54.55 7.81
N TYR A 2106 -9.48 -54.97 7.23
CA TYR A 2106 -10.10 -56.25 7.59
C TYR A 2106 -9.34 -57.36 6.90
N GLY A 2107 -8.69 -58.23 7.66
CA GLY A 2107 -7.72 -59.13 7.10
C GLY A 2107 -8.27 -60.35 6.36
N SER A 2108 -9.32 -60.15 5.59
CA SER A 2108 -9.90 -61.13 4.67
C SER A 2108 -10.49 -62.35 5.37
N GLY A 2109 -10.39 -62.43 6.70
CA GLY A 2109 -10.99 -63.55 7.41
C GLY A 2109 -12.49 -63.42 7.59
N VAL A 2110 -13.03 -62.22 7.38
CA VAL A 2110 -14.45 -61.95 7.48
C VAL A 2110 -14.88 -61.13 6.28
N ALA A 2111 -16.17 -61.19 5.97
CA ALA A 2111 -16.71 -60.38 4.89
C ALA A 2111 -16.58 -58.90 5.25
N ILE A 2112 -16.09 -58.11 4.30
CA ILE A 2112 -15.86 -56.69 4.52
C ILE A 2112 -17.19 -55.99 4.76
N PRO A 2113 -17.36 -55.31 5.89
CA PRO A 2113 -18.62 -54.60 6.13
C PRO A 2113 -18.73 -53.39 5.21
N ARG A 2114 -19.91 -53.22 4.62
CA ARG A 2114 -20.14 -52.13 3.69
C ARG A 2114 -21.35 -51.31 4.13
N TYR A 2115 -21.73 -50.32 3.33
CA TYR A 2115 -22.78 -49.39 3.72
C TYR A 2115 -24.17 -49.82 3.30
N GLY A 2116 -24.31 -51.01 2.72
CA GLY A 2116 -25.62 -51.44 2.26
C GLY A 2116 -26.05 -52.79 2.78
N ASP A 2117 -25.20 -53.42 3.59
CA ASP A 2117 -25.54 -54.74 4.13
C ASP A 2117 -26.53 -54.61 5.28
N ALA A 2118 -27.00 -55.75 5.78
CA ALA A 2118 -27.94 -55.74 6.89
C ALA A 2118 -27.30 -55.24 8.18
N ASN A 2119 -25.99 -55.41 8.32
CA ASN A 2119 -25.30 -54.91 9.51
C ASN A 2119 -25.26 -53.40 9.53
N ASN A 2120 -25.15 -52.76 8.37
CA ASN A 2120 -25.09 -51.30 8.25
C ASN A 2120 -26.11 -50.84 7.23
N PRO A 2121 -27.39 -50.84 7.60
CA PRO A 2121 -28.42 -50.45 6.64
C PRO A 2121 -28.52 -48.94 6.50
N ILE A 2122 -29.15 -48.53 5.40
CA ILE A 2122 -29.34 -47.09 5.16
C ILE A 2122 -30.30 -46.54 6.20
N PRO A 2123 -29.92 -45.52 6.96
CA PRO A 2123 -30.79 -45.01 8.02
C PRO A 2123 -31.96 -44.23 7.44
N ALA A 2124 -32.91 -43.92 8.31
CA ALA A 2124 -34.04 -43.08 7.93
C ALA A 2124 -33.56 -41.64 7.72
N GLU A 2125 -34.41 -40.84 7.08
CA GLU A 2125 -34.03 -39.47 6.73
C GLU A 2125 -33.71 -38.64 7.97
N THR A 2126 -34.33 -38.96 9.11
CA THR A 2126 -34.08 -38.20 10.33
C THR A 2126 -32.64 -38.36 10.83
N ASP A 2127 -31.98 -39.46 10.49
CA ASP A 2127 -30.61 -39.66 10.92
C ASP A 2127 -29.68 -38.74 10.13
N PRO A 2128 -28.66 -38.16 10.76
CA PRO A 2128 -27.73 -37.29 10.02
C PRO A 2128 -26.97 -38.02 8.93
N ASN A 2129 -26.68 -39.31 9.09
CA ASN A 2129 -25.84 -40.06 8.17
C ASN A 2129 -26.63 -40.69 7.02
N TYR A 2130 -27.83 -40.18 6.73
CA TYR A 2130 -28.61 -40.73 5.62
C TYR A 2130 -27.93 -40.48 4.29
N ALA A 2131 -27.52 -39.22 4.05
CA ALA A 2131 -26.88 -38.89 2.77
C ALA A 2131 -25.50 -39.51 2.64
N VAL A 2132 -24.75 -39.59 3.75
CA VAL A 2132 -23.42 -40.20 3.69
C VAL A 2132 -23.53 -41.69 3.39
N TYR A 2133 -24.50 -42.37 4.00
CA TYR A 2133 -24.70 -43.79 3.70
C TYR A 2133 -25.19 -44.00 2.28
N THR A 2134 -26.09 -43.13 1.80
CA THR A 2134 -26.64 -43.31 0.45
C THR A 2134 -25.60 -43.03 -0.61
N ALA A 2135 -24.76 -42.00 -0.41
CA ALA A 2135 -23.81 -41.60 -1.44
C ALA A 2135 -22.80 -42.69 -1.74
N ASN A 2136 -22.41 -43.47 -0.74
CA ASN A 2136 -21.48 -44.59 -0.92
C ASN A 2136 -22.21 -45.86 -0.48
N GLN A 2137 -22.58 -46.70 -1.46
CA GLN A 2137 -23.34 -47.91 -1.18
C GLN A 2137 -22.47 -49.15 -1.11
N GLY A 2138 -21.68 -49.43 -2.14
CA GLY A 2138 -20.82 -50.59 -2.14
C GLY A 2138 -19.48 -50.42 -1.48
N TYR A 2139 -19.23 -49.26 -0.92
CA TYR A 2139 -17.95 -48.96 -0.30
C TYR A 2139 -17.87 -49.57 1.09
N PRO A 2140 -16.67 -49.95 1.52
CA PRO A 2140 -16.49 -50.45 2.88
C PRO A 2140 -16.74 -49.35 3.90
N ILE A 2141 -16.86 -49.76 5.17
CA ILE A 2141 -17.39 -48.87 6.20
C ILE A 2141 -16.46 -47.68 6.42
N GLY A 2142 -15.17 -47.93 6.60
CA GLY A 2142 -14.30 -46.82 6.91
C GLY A 2142 -13.78 -46.05 5.72
N TYR A 2143 -14.02 -46.53 4.51
CA TYR A 2143 -13.38 -46.00 3.30
C TYR A 2143 -14.47 -45.54 2.33
N THR A 2144 -14.89 -44.29 2.47
CA THR A 2144 -15.90 -43.71 1.60
C THR A 2144 -15.24 -43.09 0.37
N LYS A 2145 -16.06 -42.46 -0.47
CA LYS A 2145 -15.53 -41.79 -1.65
C LYS A 2145 -14.69 -40.57 -1.26
N SER A 2146 -14.99 -39.94 -0.14
CA SER A 2146 -14.33 -38.73 0.27
C SER A 2146 -13.16 -38.98 1.21
N ASN A 2147 -12.86 -40.24 1.53
CA ASN A 2147 -11.73 -40.54 2.39
C ASN A 2147 -10.43 -40.21 1.67
N GLN A 2148 -9.54 -39.48 2.34
CA GLN A 2148 -8.29 -39.08 1.72
C GLN A 2148 -7.45 -40.28 1.32
N ALA A 2149 -7.39 -41.29 2.18
CA ALA A 2149 -6.65 -42.50 1.87
C ALA A 2149 -7.21 -43.22 0.66
N VAL A 2150 -8.47 -42.98 0.32
CA VAL A 2150 -9.09 -43.63 -0.83
C VAL A 2150 -8.82 -42.86 -2.11
N LEU A 2151 -9.05 -41.55 -2.11
CA LEU A 2151 -9.02 -40.78 -3.34
C LEU A 2151 -7.70 -40.06 -3.59
N LEU A 2152 -6.72 -40.20 -2.70
CA LEU A 2152 -5.39 -39.72 -3.06
C LEU A 2152 -4.67 -40.71 -3.97
N PRO A 2153 -4.52 -41.99 -3.56
CA PRO A 2153 -3.93 -42.95 -4.49
C PRO A 2153 -4.78 -43.18 -5.73
N ALA A 2154 -6.10 -43.04 -5.62
CA ALA A 2154 -6.95 -43.09 -6.82
C ALA A 2154 -6.61 -41.96 -7.77
N PHE A 2155 -6.42 -40.76 -7.24
CA PHE A 2155 -6.03 -39.61 -8.06
C PHE A 2155 -4.69 -39.86 -8.74
N LEU A 2156 -3.72 -40.37 -7.98
CA LEU A 2156 -2.40 -40.61 -8.54
C LEU A 2156 -2.44 -41.70 -9.62
N ALA A 2157 -3.17 -42.78 -9.36
CA ALA A 2157 -3.26 -43.85 -10.35
C ALA A 2157 -4.01 -43.42 -11.60
N ALA A 2158 -5.00 -42.53 -11.43
CA ALA A 2158 -5.76 -42.07 -12.59
C ALA A 2158 -4.94 -41.11 -13.45
N TYR A 2159 -4.24 -40.17 -12.81
CA TYR A 2159 -3.54 -39.14 -13.58
C TYR A 2159 -2.09 -39.49 -13.88
N THR A 2160 -1.61 -40.64 -13.43
CA THR A 2160 -0.31 -41.15 -13.87
C THR A 2160 -0.44 -42.32 -14.83
N GLY A 2161 -1.67 -42.73 -15.15
CA GLY A 2161 -1.89 -43.81 -16.08
C GLY A 2161 -1.76 -45.20 -15.50
N SER A 2162 -1.46 -45.33 -14.22
CA SER A 2162 -1.30 -46.62 -13.59
C SER A 2162 -2.65 -47.29 -13.37
N ASP A 2163 -2.60 -48.59 -13.10
CA ASP A 2163 -3.81 -49.36 -12.81
C ASP A 2163 -4.07 -49.36 -11.32
N ALA A 2164 -5.33 -49.10 -10.94
CA ALA A 2164 -5.66 -48.95 -9.53
C ALA A 2164 -5.59 -50.26 -8.77
N SER A 2165 -5.68 -51.40 -9.45
CA SER A 2165 -5.67 -52.68 -8.77
C SER A 2165 -4.28 -53.13 -8.35
N SER A 2166 -3.23 -52.43 -8.79
CA SER A 2166 -1.87 -52.79 -8.41
C SER A 2166 -1.00 -51.61 -8.01
N SER A 2167 -1.44 -50.37 -8.22
CA SER A 2167 -0.61 -49.23 -7.89
C SER A 2167 -0.48 -49.07 -6.37
N SER A 2168 0.58 -48.37 -5.96
CA SER A 2168 0.87 -48.22 -4.54
C SER A 2168 -0.10 -47.23 -3.91
N THR A 2169 -0.68 -47.62 -2.77
CA THR A 2169 -1.61 -46.79 -2.04
C THR A 2169 -0.94 -46.00 -0.92
N ASN A 2170 0.34 -45.67 -1.07
CA ASN A 2170 1.06 -44.88 -0.11
C ASN A 2170 0.98 -43.40 -0.49
N ILE A 2171 1.29 -42.54 0.48
CA ILE A 2171 1.27 -41.11 0.24
C ILE A 2171 2.57 -40.66 -0.42
N PHE A 2172 3.70 -41.03 0.16
CA PHE A 2172 5.01 -40.66 -0.37
C PHE A 2172 5.54 -41.76 -1.27
N ARG A 2173 6.24 -41.35 -2.31
CA ARG A 2173 6.91 -42.28 -3.22
C ARG A 2173 8.38 -42.41 -2.83
N SER A 2174 9.03 -43.43 -3.39
CA SER A 2174 10.42 -43.74 -3.07
C SER A 2174 11.35 -43.45 -4.24
N PHE A 2175 11.07 -44.02 -5.41
CA PHE A 2175 11.95 -43.87 -6.55
C PHE A 2175 11.43 -42.79 -7.48
N PRO A 2176 12.18 -41.71 -7.71
CA PRO A 2176 11.71 -40.69 -8.64
C PRO A 2176 11.87 -41.14 -10.09
N ILE A 2177 10.76 -41.12 -10.82
CA ILE A 2177 10.76 -41.50 -12.23
C ILE A 2177 11.41 -40.37 -13.01
N PRO A 2178 12.32 -40.68 -13.94
CA PRO A 2178 13.08 -39.61 -14.60
C PRO A 2178 12.23 -38.75 -15.52
N ASN A 2179 12.53 -37.46 -15.53
CA ASN A 2179 12.08 -36.53 -16.56
C ASN A 2179 13.19 -36.37 -17.58
N TRP A 2180 12.84 -35.91 -18.78
CA TRP A 2180 13.81 -36.06 -19.87
C TRP A 2180 13.86 -34.83 -20.75
N SER A 2181 14.97 -34.73 -21.48
CA SER A 2181 15.23 -33.65 -22.44
C SER A 2181 15.98 -34.24 -23.62
N ILE A 2182 15.32 -34.30 -24.77
CA ILE A 2182 15.85 -34.91 -25.99
C ILE A 2182 16.21 -33.80 -26.96
N LYS A 2183 17.42 -33.86 -27.51
CA LYS A 2183 17.87 -32.95 -28.55
C LYS A 2183 18.35 -33.79 -29.72
N TYR A 2184 17.92 -33.43 -30.93
CA TYR A 2184 18.17 -34.27 -32.11
C TYR A 2184 18.57 -33.37 -33.27
N ASN A 2185 19.88 -33.25 -33.50
CA ASN A 2185 20.41 -32.65 -34.73
C ASN A 2185 20.78 -33.72 -35.74
N GLY A 2186 19.84 -34.62 -36.05
CA GLY A 2186 20.18 -35.79 -36.83
C GLY A 2186 19.56 -35.87 -38.20
N LEU A 2187 18.41 -35.21 -38.40
CA LEU A 2187 17.73 -35.27 -39.69
C LEU A 2187 18.57 -34.66 -40.80
N MET A 2188 19.41 -33.67 -40.47
CA MET A 2188 20.23 -33.01 -41.47
C MET A 2188 21.22 -33.97 -42.12
N ARG A 2189 21.67 -35.00 -41.39
CA ARG A 2189 22.70 -35.88 -41.89
C ARG A 2189 22.24 -36.71 -43.09
N TYR A 2190 20.97 -37.12 -43.11
CA TYR A 2190 20.51 -38.07 -44.12
C TYR A 2190 20.65 -37.52 -45.53
N LYS A 2191 19.81 -36.54 -45.88
CA LYS A 2191 19.86 -35.99 -47.23
C LYS A 2191 19.74 -34.46 -47.24
N TYR A 2192 19.76 -33.79 -46.09
CA TYR A 2192 19.52 -32.36 -46.04
C TYR A 2192 20.78 -31.53 -46.26
N PHE A 2193 21.92 -32.17 -46.54
CA PHE A 2193 23.11 -31.42 -46.93
C PHE A 2193 22.86 -30.65 -48.21
N LYS A 2194 22.01 -31.17 -49.09
CA LYS A 2194 21.66 -30.50 -50.34
C LYS A 2194 20.15 -30.36 -50.51
N ASP A 2195 19.38 -30.59 -49.44
CA ASP A 2195 17.93 -30.51 -49.49
C ASP A 2195 17.40 -29.19 -48.93
N LYS A 2196 18.14 -28.10 -49.15
CA LYS A 2196 17.79 -26.71 -48.80
C LYS A 2196 17.95 -26.38 -47.32
N PHE A 2197 18.58 -27.25 -46.53
CA PHE A 2197 18.80 -26.99 -45.11
C PHE A 2197 20.28 -26.80 -44.82
N LYS A 2198 20.60 -25.89 -43.90
CA LYS A 2198 21.95 -25.77 -43.37
C LYS A 2198 22.04 -25.98 -41.87
N ARG A 2199 20.93 -25.80 -41.15
CA ARG A 2199 20.87 -26.12 -39.72
C ARG A 2199 19.50 -26.73 -39.44
N PHE A 2200 19.47 -27.68 -38.51
CA PHE A 2200 18.23 -28.38 -38.19
C PHE A 2200 18.41 -29.05 -36.84
N SER A 2201 17.45 -28.84 -35.94
CA SER A 2201 17.51 -29.45 -34.62
C SER A 2201 16.11 -29.51 -34.03
N LEU A 2202 15.71 -30.69 -33.60
CA LEU A 2202 14.48 -30.87 -32.84
C LEU A 2202 14.82 -30.92 -31.35
N GLN A 2203 13.88 -30.46 -30.52
CA GLN A 2203 14.07 -30.47 -29.08
C GLN A 2203 12.77 -30.86 -28.42
N HIS A 2204 12.88 -31.44 -27.23
CA HIS A 2204 11.70 -31.90 -26.50
C HIS A 2204 12.06 -32.00 -25.03
N ASN A 2205 11.22 -31.44 -24.17
CA ASN A 2205 11.42 -31.53 -22.73
C ASN A 2205 10.15 -32.02 -22.08
N TYR A 2206 10.28 -32.92 -21.12
CA TYR A 2206 9.18 -33.33 -20.27
C TYR A 2206 9.63 -33.27 -18.83
N ARG A 2207 8.86 -32.56 -18.01
CA ARG A 2207 9.16 -32.38 -16.59
C ARG A 2207 7.86 -32.45 -15.82
N ALA A 2208 7.71 -33.47 -14.98
CA ALA A 2208 6.49 -33.67 -14.21
C ALA A 2208 6.83 -33.92 -12.76
N SER A 2209 6.14 -33.23 -11.87
CA SER A 2209 6.40 -33.31 -10.45
C SER A 2209 5.12 -33.62 -9.68
N TYR A 2210 5.28 -34.35 -8.58
CA TYR A 2210 4.22 -34.64 -7.63
C TYR A 2210 4.62 -34.04 -6.30
N THR A 2211 3.78 -33.16 -5.77
CA THR A 2211 4.17 -32.33 -4.63
C THR A 2211 3.07 -32.31 -3.58
N ILE A 2212 3.48 -32.40 -2.33
CA ILE A 2212 2.62 -32.17 -1.17
C ILE A 2212 3.23 -30.99 -0.43
N ASN A 2213 2.51 -29.86 -0.40
CA ASN A 2213 3.09 -28.64 0.14
C ASN A 2213 3.17 -28.68 1.66
N GLN A 2214 2.24 -29.37 2.31
CA GLN A 2214 2.27 -29.47 3.76
C GLN A 2214 1.45 -30.67 4.20
N PHE A 2215 2.12 -31.69 4.70
CA PHE A 2215 1.46 -32.80 5.36
C PHE A 2215 1.74 -32.72 6.85
N ARG A 2216 0.77 -33.16 7.65
CA ARG A 2216 0.90 -33.13 9.09
C ARG A 2216 0.52 -34.50 9.64
N SER A 2217 0.91 -34.75 10.88
CA SER A 2217 0.42 -35.91 11.60
C SER A 2217 -0.90 -35.56 12.26
N ASN A 2218 -1.86 -36.48 12.17
CA ASN A 2218 -3.20 -36.25 12.68
C ASN A 2218 -3.22 -36.54 14.18
N PHE A 2219 -3.64 -35.56 14.98
CA PHE A 2219 -3.78 -35.78 16.41
C PHE A 2219 -4.92 -36.74 16.74
N ASP A 2220 -5.86 -36.92 15.82
CA ASP A 2220 -6.96 -37.85 16.04
C ASP A 2220 -6.56 -39.30 15.75
N TYR A 2221 -5.44 -39.52 15.07
CA TYR A 2221 -4.93 -40.86 14.82
C TYR A 2221 -4.13 -41.28 16.04
N ASN A 2222 -4.83 -41.87 17.01
CA ASN A 2222 -4.23 -42.23 18.28
C ASN A 2222 -4.76 -43.61 18.69
N SER A 2223 -4.56 -43.95 19.96
CA SER A 2223 -4.97 -45.25 20.49
C SER A 2223 -6.38 -45.25 21.04
N SER A 2224 -7.09 -44.13 20.97
CA SER A 2224 -8.44 -44.07 21.50
C SER A 2224 -9.37 -44.95 20.68
N PRO A 2225 -10.44 -45.47 21.30
CA PRO A 2225 -11.39 -46.30 20.54
C PRO A 2225 -12.16 -45.54 19.48
N LYS A 2226 -12.13 -44.22 19.48
CA LYS A 2226 -12.78 -43.42 18.45
C LYS A 2226 -11.93 -43.43 17.21
N VAL A 2227 -12.35 -44.17 16.19
CA VAL A 2227 -11.55 -44.36 14.99
C VAL A 2227 -12.20 -43.79 13.74
N GLN A 2228 -13.39 -43.23 13.82
CA GLN A 2228 -14.07 -42.67 12.67
C GLN A 2228 -14.47 -41.23 12.95
N ASP A 2229 -14.44 -40.41 11.90
CA ASP A 2229 -14.78 -39.00 12.04
C ASP A 2229 -16.27 -38.80 11.75
N VAL A 2230 -16.68 -37.55 11.57
CA VAL A 2230 -18.08 -37.24 11.31
C VAL A 2230 -18.52 -37.84 9.97
N ASN A 2231 -17.61 -37.93 9.00
CA ASN A 2231 -17.89 -38.50 7.69
C ASN A 2231 -17.84 -40.02 7.68
N THR A 2232 -17.72 -40.65 8.85
CA THR A 2232 -17.59 -42.10 8.99
C THR A 2232 -16.36 -42.64 8.25
N ASN A 2233 -15.31 -41.83 8.16
CA ASN A 2233 -14.04 -42.26 7.57
C ASN A 2233 -13.04 -42.57 8.67
N PHE A 2234 -12.19 -43.55 8.42
CA PHE A 2234 -11.11 -43.83 9.36
C PHE A 2234 -10.12 -42.67 9.39
N TYR A 2235 -9.63 -42.36 10.58
CA TYR A 2235 -8.62 -41.32 10.71
C TYR A 2235 -7.34 -41.76 10.03
N ASN A 2236 -6.68 -40.82 9.36
CA ASN A 2236 -5.45 -41.10 8.63
C ASN A 2236 -4.25 -40.69 9.46
N GLU A 2237 -3.16 -41.45 9.33
CA GLU A 2237 -1.94 -41.12 10.05
C GLU A 2237 -1.39 -39.77 9.60
N ILE A 2238 -1.35 -39.54 8.30
CA ILE A 2238 -0.86 -38.30 7.72
C ILE A 2238 -2.01 -37.63 6.99
N ILE A 2239 -2.21 -36.34 7.26
CA ILE A 2239 -3.29 -35.58 6.65
C ILE A 2239 -2.68 -34.40 5.91
N MET A 2240 -3.20 -34.13 4.72
CA MET A 2240 -2.81 -32.98 3.93
C MET A 2240 -4.06 -32.24 3.47
N SER A 2241 -3.86 -31.08 2.88
CA SER A 2241 -4.94 -30.31 2.29
C SER A 2241 -4.93 -30.31 0.78
N ASN A 2242 -3.75 -30.27 0.17
CA ASN A 2242 -3.62 -30.20 -1.28
C ASN A 2242 -2.49 -31.09 -1.74
N VAL A 2243 -2.68 -31.69 -2.92
CA VAL A 2243 -1.59 -32.33 -3.65
C VAL A 2243 -1.58 -31.78 -5.06
N ASN A 2244 -0.38 -31.67 -5.65
CA ASN A 2244 -0.20 -31.03 -6.94
C ASN A 2244 0.54 -31.96 -7.88
N LEU A 2245 -0.06 -32.22 -9.04
CA LEU A 2245 0.60 -32.89 -10.15
C LEU A 2245 0.82 -31.86 -11.24
N VAL A 2246 2.08 -31.49 -11.47
CA VAL A 2246 2.42 -30.44 -12.42
C VAL A 2246 3.25 -31.08 -13.53
N GLU A 2247 2.67 -31.16 -14.72
CA GLU A 2247 3.34 -31.67 -15.90
C GLU A 2247 3.63 -30.53 -16.85
N GLN A 2248 4.78 -30.58 -17.53
CA GLN A 2248 5.21 -29.45 -18.34
C GLN A 2248 6.06 -29.96 -19.50
N PHE A 2249 5.55 -29.83 -20.72
CA PHE A 2249 6.34 -29.98 -21.93
C PHE A 2249 6.83 -28.59 -22.30
N SER A 2250 8.11 -28.33 -22.03
CA SER A 2250 8.71 -27.01 -22.27
C SER A 2250 10.04 -27.18 -23.01
N PRO A 2251 10.00 -27.33 -24.34
CA PRO A 2251 8.79 -27.36 -25.15
C PRO A 2251 8.33 -28.77 -25.48
N LEU A 2252 7.06 -28.93 -25.85
CA LEU A 2252 6.62 -30.20 -26.42
C LEU A 2252 7.42 -30.51 -27.67
N ILE A 2253 7.70 -29.49 -28.48
CA ILE A 2253 8.56 -29.68 -29.64
C ILE A 2253 9.15 -28.32 -30.00
N ARG A 2254 10.33 -28.33 -30.62
CA ARG A 2254 10.96 -27.10 -31.11
C ARG A 2254 11.68 -27.43 -32.41
N MET A 2255 11.00 -27.23 -33.52
CA MET A 2255 11.59 -27.40 -34.85
C MET A 2255 12.28 -26.08 -35.21
N ASP A 2256 13.61 -26.07 -35.10
CA ASP A 2256 14.41 -24.90 -35.43
C ASP A 2256 15.31 -25.27 -36.60
N PHE A 2257 15.09 -24.65 -37.75
CA PHE A 2257 15.89 -24.97 -38.92
C PHE A 2257 16.12 -23.72 -39.77
N GLU A 2258 17.34 -23.59 -40.29
CA GLU A 2258 17.70 -22.51 -41.20
C GLU A 2258 17.86 -23.08 -42.60
N LEU A 2259 17.13 -22.52 -43.55
CA LEU A 2259 17.26 -22.94 -44.92
C LEU A 2259 18.49 -22.31 -45.56
N LYS A 2260 18.83 -22.78 -46.75
CA LYS A 2260 19.95 -22.21 -47.49
C LYS A 2260 19.61 -20.86 -48.09
N SER A 2261 18.34 -20.48 -48.15
CA SER A 2261 17.90 -19.16 -48.56
C SER A 2261 17.75 -18.21 -47.39
N SER A 2262 18.42 -18.50 -46.27
CA SER A 2262 18.43 -17.67 -45.06
C SER A 2262 17.08 -17.58 -44.38
N LEU A 2263 16.12 -18.41 -44.78
CA LEU A 2263 14.80 -18.43 -44.15
C LEU A 2263 14.86 -19.31 -42.92
N ARG A 2264 15.09 -18.70 -41.76
CA ARG A 2264 15.17 -19.44 -40.51
C ARG A 2264 13.79 -19.53 -39.88
N VAL A 2265 13.43 -20.72 -39.41
CA VAL A 2265 12.12 -20.98 -38.81
C VAL A 2265 12.34 -21.59 -37.44
N LEU A 2266 11.64 -21.07 -36.45
CA LEU A 2266 11.69 -21.55 -35.07
C LEU A 2266 10.24 -21.78 -34.63
N SER A 2267 9.76 -23.01 -34.74
CA SER A 2267 8.38 -23.35 -34.42
C SER A 2267 8.36 -24.26 -33.20
N GLU A 2268 7.83 -23.76 -32.09
CA GLU A 2268 7.85 -24.50 -30.83
C GLU A 2268 6.46 -24.59 -30.24
N ILE A 2269 6.13 -25.76 -29.71
CA ILE A 2269 4.88 -26.03 -29.02
C ILE A 2269 5.19 -26.38 -27.58
N LYS A 2270 4.55 -25.69 -26.65
CA LYS A 2270 4.65 -25.95 -25.22
C LYS A 2270 3.29 -26.33 -24.66
N LYS A 2271 3.31 -27.18 -23.64
CA LYS A 2271 2.07 -27.64 -23.02
C LYS A 2271 2.29 -27.75 -21.52
N ASP A 2272 1.21 -27.64 -20.75
CA ASP A 2272 1.34 -27.64 -19.30
C ASP A 2272 0.02 -28.03 -18.66
N ARG A 2273 0.11 -28.84 -17.61
CA ARG A 2273 -1.02 -29.20 -16.77
C ARG A 2273 -0.64 -28.99 -15.31
N ALA A 2274 -1.60 -28.53 -14.52
CA ALA A 2274 -1.35 -28.17 -13.13
C ALA A 2274 -2.45 -28.73 -12.24
N LEU A 2275 -2.69 -30.03 -12.33
CA LEU A 2275 -3.72 -30.66 -11.51
C LEU A 2275 -3.48 -30.39 -10.04
N SER A 2276 -4.52 -29.99 -9.32
CA SER A 2276 -4.43 -29.72 -7.89
C SER A 2276 -5.64 -30.32 -7.21
N MET A 2277 -5.43 -31.36 -6.42
CA MET A 2277 -6.50 -32.01 -5.69
C MET A 2277 -6.55 -31.45 -4.28
N SER A 2278 -7.69 -30.92 -3.89
CA SER A 2278 -7.87 -30.34 -2.57
C SER A 2278 -8.79 -31.23 -1.75
N PHE A 2279 -8.33 -31.61 -0.56
CA PHE A 2279 -9.05 -32.48 0.35
C PHE A 2279 -9.86 -31.71 1.39
N ASP A 2280 -9.75 -30.38 1.41
CA ASP A 2280 -10.68 -29.59 2.22
C ASP A 2280 -12.09 -29.66 1.64
N ASN A 2281 -12.21 -29.46 0.33
CA ASN A 2281 -13.49 -29.58 -0.35
C ASN A 2281 -13.51 -30.72 -1.36
N ASN A 2282 -12.43 -31.48 -1.47
CA ASN A 2282 -12.35 -32.62 -2.38
C ASN A 2282 -12.69 -32.19 -3.81
N LEU A 2283 -12.00 -31.16 -4.28
CA LEU A 2283 -12.21 -30.64 -5.63
C LEU A 2283 -10.93 -30.75 -6.43
N LEU A 2284 -11.08 -30.94 -7.75
CA LEU A 2284 -9.92 -31.05 -8.63
C LEU A 2284 -9.83 -29.79 -9.47
N THR A 2285 -8.88 -28.92 -9.15
CA THR A 2285 -8.65 -27.71 -9.93
C THR A 2285 -7.62 -28.05 -11.01
N GLU A 2286 -8.03 -28.00 -12.27
CA GLU A 2286 -7.15 -28.36 -13.38
C GLU A 2286 -6.84 -27.10 -14.17
N VAL A 2287 -5.55 -26.80 -14.31
CA VAL A 2287 -5.09 -25.66 -15.10
C VAL A 2287 -4.34 -26.21 -16.30
N LYS A 2288 -4.87 -25.94 -17.49
CA LYS A 2288 -4.27 -26.39 -18.73
C LYS A 2288 -3.71 -25.19 -19.49
N GLY A 2289 -2.58 -25.40 -20.15
CA GLY A 2289 -1.97 -24.36 -20.94
C GLY A 2289 -1.34 -24.92 -22.20
N MET A 2290 -1.57 -24.25 -23.32
CA MET A 2290 -0.98 -24.63 -24.59
C MET A 2290 -0.43 -23.37 -25.25
N GLU A 2291 0.72 -23.48 -25.88
CA GLU A 2291 1.33 -22.30 -26.50
C GLU A 2291 2.05 -22.71 -27.77
N TYR A 2292 1.54 -22.24 -28.91
CA TYR A 2292 2.20 -22.40 -30.19
C TYR A 2292 2.96 -21.11 -30.49
N ILE A 2293 4.20 -21.24 -30.97
CA ILE A 2293 5.02 -20.10 -31.30
C ILE A 2293 5.70 -20.38 -32.63
N ILE A 2294 5.68 -19.42 -33.54
CA ILE A 2294 6.32 -19.53 -34.83
C ILE A 2294 7.17 -18.29 -35.06
N GLY A 2295 8.42 -18.48 -35.45
CA GLY A 2295 9.29 -17.36 -35.75
C GLY A 2295 9.97 -17.51 -37.09
N LEU A 2296 9.68 -16.61 -38.01
CA LEU A 2296 10.24 -16.63 -39.36
C LEU A 2296 11.22 -15.48 -39.53
N GLY A 2297 12.33 -15.77 -40.20
CA GLY A 2297 13.32 -14.75 -40.48
C GLY A 2297 13.86 -14.88 -41.89
N TYR A 2298 13.76 -13.81 -42.67
CA TYR A 2298 14.17 -13.82 -44.06
C TYR A 2298 15.03 -12.59 -44.34
N ARG A 2299 15.89 -12.69 -45.34
CA ARG A 2299 16.71 -11.56 -45.77
C ARG A 2299 16.59 -11.43 -47.29
N PHE A 2300 15.66 -10.58 -47.73
CA PHE A 2300 15.61 -10.23 -49.13
C PHE A 2300 16.88 -9.49 -49.53
N LYS A 2301 17.48 -9.90 -50.63
CA LYS A 2301 18.79 -9.42 -51.04
C LYS A 2301 18.66 -8.40 -52.16
N ASP A 2302 19.22 -7.21 -51.94
CA ASP A 2302 19.36 -6.17 -52.96
C ASP A 2302 18.00 -5.79 -53.56
N VAL A 2303 17.15 -5.23 -52.70
CA VAL A 2303 15.87 -4.69 -53.12
C VAL A 2303 16.06 -3.24 -53.52
N ILE A 2304 15.59 -2.89 -54.72
CA ILE A 2304 15.76 -1.55 -55.28
C ILE A 2304 14.51 -0.74 -55.01
N PHE A 2305 14.68 0.41 -54.36
CA PHE A 2305 13.56 1.29 -54.05
C PHE A 2305 13.13 2.10 -55.28
N ILE A 2316 17.16 2.92 -57.08
CA ILE A 2316 18.43 3.64 -57.16
C ILE A 2316 19.23 3.39 -55.90
N ILE A 2317 18.55 3.00 -54.83
CA ILE A 2317 19.17 2.67 -53.55
C ILE A 2317 18.99 1.18 -53.31
N LYS A 2318 20.08 0.51 -52.95
CA LYS A 2318 20.10 -0.94 -52.83
C LYS A 2318 20.58 -1.35 -51.44
N SER A 2319 19.82 -2.22 -50.78
CA SER A 2319 20.21 -2.81 -49.51
C SER A 2319 19.26 -3.98 -49.24
N ASP A 2320 19.55 -4.70 -48.16
CA ASP A 2320 18.82 -5.92 -47.84
C ASP A 2320 17.65 -5.62 -46.90
N ILE A 2321 16.54 -6.31 -47.13
CA ILE A 2321 15.34 -6.18 -46.30
C ILE A 2321 15.29 -7.36 -45.35
N ASN A 2322 15.34 -7.07 -44.05
CA ASN A 2322 15.26 -8.11 -43.03
C ASN A 2322 13.82 -8.24 -42.57
N ILE A 2323 13.19 -9.37 -42.89
CA ILE A 2323 11.83 -9.67 -42.49
C ILE A 2323 11.87 -10.55 -41.25
N LYS A 2324 11.11 -10.17 -40.23
CA LYS A 2324 11.03 -10.94 -38.99
C LYS A 2324 9.57 -11.04 -38.59
N ALA A 2325 9.05 -12.27 -38.53
CA ALA A 2325 7.66 -12.51 -38.19
C ALA A 2325 7.60 -13.36 -36.92
N ASP A 2326 6.77 -12.97 -35.97
CA ASP A 2326 6.60 -13.69 -34.72
C ASP A 2326 5.11 -13.92 -34.50
N PHE A 2327 4.65 -15.14 -34.76
CA PHE A 2327 3.28 -15.53 -34.48
C PHE A 2327 3.22 -16.31 -33.17
N SER A 2328 2.14 -16.13 -32.43
CA SER A 2328 1.99 -16.79 -31.14
C SER A 2328 0.52 -17.09 -30.90
N LEU A 2329 0.26 -18.12 -30.11
CA LEU A 2329 -1.11 -18.49 -29.76
C LEU A 2329 -1.07 -19.17 -28.40
N ARG A 2330 -1.58 -18.50 -27.38
CA ARG A 2330 -1.65 -19.03 -26.02
C ARG A 2330 -3.10 -19.34 -25.67
N ASN A 2331 -3.37 -20.59 -25.37
CA ASN A 2331 -4.62 -21.02 -24.78
C ASN A 2331 -4.37 -21.38 -23.32
N ASN A 2332 -5.30 -21.04 -22.46
CA ASN A 2332 -5.19 -21.30 -21.04
C ASN A 2332 -6.59 -21.54 -20.48
N GLU A 2333 -6.70 -22.52 -19.59
CA GLU A 2333 -7.98 -22.92 -19.05
C GLU A 2333 -7.80 -23.27 -17.58
N THR A 2334 -8.81 -22.99 -16.77
CA THR A 2334 -8.80 -23.35 -15.37
C THR A 2334 -10.20 -23.85 -15.02
N LEU A 2335 -10.33 -25.16 -14.91
CA LEU A 2335 -11.56 -25.84 -14.58
C LEU A 2335 -11.55 -26.28 -13.12
N VAL A 2336 -12.73 -26.42 -12.55
CA VAL A 2336 -12.90 -26.99 -11.22
C VAL A 2336 -13.86 -28.16 -11.37
N ARG A 2337 -13.40 -29.35 -11.02
CA ARG A 2337 -14.14 -30.58 -11.20
C ARG A 2337 -14.63 -31.09 -9.85
N TYR A 2338 -15.92 -31.39 -9.79
CA TYR A 2338 -16.54 -32.04 -8.64
C TYR A 2338 -16.57 -33.54 -8.89
N LEU A 2339 -16.15 -34.31 -7.91
CA LEU A 2339 -16.08 -35.76 -8.07
C LEU A 2339 -17.44 -36.42 -8.00
N ASP A 2340 -18.33 -35.91 -7.14
CA ASP A 2340 -19.56 -36.62 -6.86
C ASP A 2340 -20.56 -36.58 -8.00
N TYR A 2341 -20.49 -35.58 -8.87
CA TYR A 2341 -21.46 -35.45 -9.95
C TYR A 2341 -20.83 -34.61 -11.07
N ASP A 2342 -21.64 -34.25 -12.05
CA ASP A 2342 -21.16 -33.57 -13.26
C ASP A 2342 -21.36 -32.07 -13.08
N ASN A 2343 -20.33 -31.42 -12.52
CA ASN A 2343 -20.38 -29.99 -12.24
C ASN A 2343 -19.05 -29.33 -12.61
N ASN A 2344 -18.54 -29.65 -13.79
CA ASN A 2344 -17.28 -29.09 -14.24
C ASN A 2344 -17.43 -27.59 -14.48
N GLN A 2345 -16.82 -26.79 -13.60
CA GLN A 2345 -16.91 -25.34 -13.66
C GLN A 2345 -15.67 -24.77 -14.35
N LEU A 2346 -15.89 -23.84 -15.27
CA LEU A 2346 -14.80 -23.16 -15.97
C LEU A 2346 -14.44 -21.91 -15.16
N ALA A 2347 -13.47 -22.06 -14.27
CA ALA A 2347 -13.14 -20.97 -13.35
C ALA A 2347 -12.44 -19.82 -14.07
N ALA A 2348 -11.57 -20.12 -15.02
CA ALA A 2348 -10.81 -19.05 -15.67
C ALA A 2348 -10.35 -19.52 -17.04
N GLY A 2349 -9.82 -18.58 -17.82
CA GLY A 2349 -9.32 -18.92 -19.14
C GLY A 2349 -8.66 -17.74 -19.80
N GLN A 2350 -8.10 -18.02 -20.99
CA GLN A 2350 -7.41 -17.03 -21.81
C GLN A 2350 -7.22 -17.63 -23.19
N ASN A 2351 -7.37 -16.80 -24.22
CA ASN A 2351 -7.16 -17.28 -25.59
C ASN A 2351 -6.64 -16.08 -26.41
N ILE A 2352 -5.32 -15.97 -26.50
CA ILE A 2352 -4.68 -14.79 -27.08
C ILE A 2352 -3.80 -15.24 -28.23
N TRP A 2353 -4.08 -14.77 -29.44
CA TRP A 2353 -3.17 -14.98 -30.55
C TRP A 2353 -2.61 -13.65 -31.01
N SER A 2354 -1.38 -13.69 -31.52
CA SER A 2354 -0.63 -12.48 -31.80
C SER A 2354 0.27 -12.70 -33.01
N LEU A 2355 0.65 -11.59 -33.65
CA LEU A 2355 1.44 -11.64 -34.87
C LEU A 2355 2.19 -10.32 -34.98
N LYS A 2356 3.51 -10.38 -34.94
CA LYS A 2356 4.36 -9.19 -35.04
C LYS A 2356 5.25 -9.33 -36.27
N LEU A 2357 4.97 -8.53 -37.29
CA LEU A 2357 5.80 -8.45 -38.48
C LEU A 2357 6.68 -7.21 -38.39
N THR A 2358 7.93 -7.33 -38.85
CA THR A 2358 8.81 -6.18 -38.90
C THR A 2358 9.81 -6.34 -40.04
N ALA A 2359 9.87 -5.33 -40.89
CA ALA A 2359 10.77 -5.32 -42.05
C ALA A 2359 11.73 -4.14 -41.91
N ASP A 2360 13.02 -4.44 -41.77
CA ASP A 2360 14.05 -3.44 -41.63
C ASP A 2360 14.75 -3.23 -42.97
N TYR A 2361 15.01 -1.97 -43.31
CA TYR A 2361 15.62 -1.61 -44.58
C TYR A 2361 16.59 -0.46 -44.36
N SER A 2362 17.84 -0.62 -44.75
CA SER A 2362 18.87 0.39 -44.53
C SER A 2362 18.92 1.30 -45.74
N PHE A 2363 18.30 2.48 -45.62
CA PHE A 2363 18.37 3.46 -46.70
C PHE A 2363 19.77 4.02 -46.88
N SER A 2364 20.61 3.94 -45.86
CA SER A 2364 21.98 4.45 -45.92
C SER A 2364 22.77 3.80 -44.80
N LYS A 2365 24.00 4.29 -44.59
CA LYS A 2365 24.81 3.77 -43.50
C LYS A 2365 24.30 4.24 -42.14
N ASN A 2366 23.58 5.36 -42.11
CA ASN A 2366 23.04 5.92 -40.88
C ASN A 2366 21.54 5.76 -40.76
N LEU A 2367 20.79 6.12 -41.81
CA LEU A 2367 19.33 6.14 -41.75
C LEU A 2367 18.77 4.77 -42.09
N THR A 2368 17.95 4.23 -41.19
CA THR A 2368 17.27 2.96 -41.40
C THR A 2368 15.78 3.15 -41.18
N ALA A 2369 14.98 2.32 -41.84
CA ALA A 2369 13.52 2.39 -41.71
C ALA A 2369 12.98 1.01 -41.39
N ILE A 2370 12.11 0.94 -40.38
CA ILE A 2370 11.52 -0.31 -39.94
C ILE A 2370 10.02 -0.19 -40.10
N PHE A 2371 9.41 -1.11 -40.84
CA PHE A 2371 7.96 -1.19 -40.92
C PHE A 2371 7.48 -2.27 -39.97
N TYR A 2372 6.68 -1.88 -38.97
CA TYR A 2372 6.23 -2.80 -37.94
C TYR A 2372 4.71 -2.92 -37.98
N TYR A 2373 4.23 -4.10 -37.58
CA TYR A 2373 2.80 -4.39 -37.58
C TYR A 2373 2.55 -5.44 -36.49
N ASP A 2374 1.95 -5.02 -35.39
CA ASP A 2374 1.54 -5.92 -34.32
C ASP A 2374 0.03 -6.08 -34.37
N HIS A 2375 -0.43 -7.32 -34.34
CA HIS A 2375 -1.86 -7.63 -34.34
C HIS A 2375 -2.10 -8.67 -33.27
N SER A 2376 -2.92 -8.34 -32.28
CA SER A 2376 -3.24 -9.24 -31.18
C SER A 2376 -4.75 -9.32 -31.06
N PHE A 2377 -5.25 -10.53 -30.86
CA PHE A 2377 -6.67 -10.74 -30.59
C PHE A 2377 -6.81 -11.64 -29.38
N SER A 2378 -7.61 -11.20 -28.42
CA SER A 2378 -7.84 -11.93 -27.18
C SER A 2378 -9.33 -12.24 -27.06
N LYS A 2379 -9.67 -13.52 -27.19
CA LYS A 2379 -11.05 -13.95 -27.05
C LYS A 2379 -11.44 -14.03 -25.58
N ALA A 2380 -12.73 -14.25 -25.35
CA ALA A 2380 -13.26 -14.39 -24.00
C ALA A 2380 -13.52 -15.87 -23.74
N VAL A 2381 -12.90 -16.40 -22.69
CA VAL A 2381 -13.19 -17.76 -22.26
C VAL A 2381 -14.32 -17.78 -21.24
N ILE A 2382 -14.30 -16.86 -20.29
CA ILE A 2382 -15.43 -16.58 -19.43
C ILE A 2382 -15.93 -15.18 -19.76
N SER A 2383 -17.16 -14.88 -19.35
CA SER A 2383 -17.81 -13.66 -19.77
C SER A 2383 -17.28 -12.41 -19.06
N THR A 2384 -16.63 -12.57 -17.91
CA THR A 2384 -16.11 -11.40 -17.21
C THR A 2384 -15.02 -10.69 -18.00
N SER A 2385 -14.44 -11.34 -18.99
CA SER A 2385 -13.42 -10.75 -19.84
C SER A 2385 -14.01 -10.40 -21.20
N PHE A 2386 -13.47 -9.36 -21.82
CA PHE A 2386 -14.02 -8.94 -23.08
C PHE A 2386 -13.04 -9.19 -24.22
N PRO A 2387 -13.52 -9.57 -25.40
CA PRO A 2387 -12.62 -9.71 -26.54
C PRO A 2387 -11.94 -8.39 -26.84
N LEU A 2388 -10.65 -8.47 -27.20
CA LEU A 2388 -9.85 -7.27 -27.39
C LEU A 2388 -9.00 -7.44 -28.63
N THR A 2389 -9.14 -6.53 -29.59
CA THR A 2389 -8.32 -6.49 -30.78
C THR A 2389 -7.41 -5.27 -30.71
N ASN A 2390 -6.11 -5.49 -30.88
CA ASN A 2390 -5.12 -4.42 -30.89
C ASN A 2390 -4.32 -4.55 -32.18
N ILE A 2391 -4.17 -3.44 -32.90
CA ILE A 2391 -3.44 -3.42 -34.16
C ILE A 2391 -2.57 -2.16 -34.16
N ARG A 2392 -1.29 -2.31 -33.84
CA ARG A 2392 -0.34 -1.24 -34.05
C ARG A 2392 0.31 -1.45 -35.41
N SER A 2393 0.58 -0.35 -36.10
CA SER A 2393 1.27 -0.49 -37.38
C SER A 2393 1.94 0.83 -37.72
N GLY A 2394 2.93 0.76 -38.58
CA GLY A 2394 3.50 1.98 -39.10
C GLY A 2394 4.99 1.84 -39.36
N PHE A 2395 5.65 2.99 -39.44
CA PHE A 2395 7.06 3.09 -39.79
C PHE A 2395 7.84 3.68 -38.63
N THR A 2396 9.15 3.42 -38.65
CA THR A 2396 10.06 3.89 -37.61
C THR A 2396 11.38 4.22 -38.28
N LEU A 2397 11.72 5.51 -38.34
CA LEU A 2397 12.98 5.95 -38.93
C LEU A 2397 14.00 6.17 -37.83
N ARG A 2398 15.15 5.52 -37.95
CA ARG A 2398 16.22 5.64 -36.98
C ARG A 2398 17.45 6.24 -37.66
N TYR A 2399 17.96 7.33 -37.11
CA TYR A 2399 19.12 8.01 -37.64
C TYR A 2399 20.23 8.02 -36.59
N ASN A 2400 21.42 7.61 -36.99
CA ASN A 2400 22.57 7.56 -36.09
C ASN A 2400 23.66 8.52 -36.58
N PHE A 2401 24.42 9.04 -35.63
CA PHE A 2401 25.50 9.96 -35.95
C PHE A 2401 26.86 9.33 -35.73
N ASP B 22 -0.10 -55.52 -1.90
CA ASP B 22 -1.21 -56.33 -1.39
C ASP B 22 -0.68 -57.47 -0.52
N GLU B 23 -0.72 -57.25 0.80
CA GLU B 23 -0.21 -58.23 1.75
C GLU B 23 -1.22 -58.50 2.86
N VAL B 24 -2.48 -58.74 2.48
CA VAL B 24 -3.50 -58.99 3.49
C VAL B 24 -3.18 -60.27 4.24
N LYS B 25 -3.57 -60.31 5.52
CA LYS B 25 -3.27 -61.43 6.40
C LYS B 25 -4.50 -61.76 7.24
N ASP B 26 -4.74 -63.06 7.43
CA ASP B 26 -5.87 -63.54 8.20
C ASP B 26 -5.44 -63.83 9.63
N TYR B 27 -6.22 -63.36 10.59
CA TYR B 27 -5.91 -63.54 12.00
C TYR B 27 -7.08 -64.08 12.81
N THR B 28 -8.20 -64.42 12.18
CA THR B 28 -9.39 -64.80 12.92
C THR B 28 -9.14 -66.03 13.80
N ALA B 29 -8.57 -67.08 13.21
CA ALA B 29 -8.30 -68.29 13.98
C ALA B 29 -7.28 -68.03 15.08
N GLU B 30 -6.22 -67.29 14.77
CA GLU B 30 -5.20 -66.99 15.79
C GLU B 30 -5.78 -66.14 16.91
N ASN B 31 -6.59 -65.14 16.57
CA ASN B 31 -7.20 -64.31 17.60
C ASN B 31 -8.14 -65.14 18.48
N GLU B 32 -8.94 -66.01 17.88
CA GLU B 32 -9.84 -66.84 18.67
C GLU B 32 -9.07 -67.79 19.58
N LYS B 33 -7.99 -68.38 19.07
CA LYS B 33 -7.20 -69.27 19.91
C LYS B 33 -6.53 -68.51 21.04
N GLU B 34 -6.10 -67.28 20.78
CA GLU B 34 -5.49 -66.47 21.84
C GLU B 34 -6.52 -66.11 22.91
N ILE B 35 -7.75 -65.79 22.48
CA ILE B 35 -8.82 -65.51 23.43
C ILE B 35 -9.11 -66.73 24.28
N VAL B 36 -9.18 -67.91 23.65
CA VAL B 36 -9.46 -69.13 24.38
C VAL B 36 -8.33 -69.43 25.37
N ASP B 37 -7.08 -69.24 24.95
CA ASP B 37 -5.96 -69.47 25.86
C ASP B 37 -6.00 -68.52 27.05
N TYR B 38 -6.32 -67.25 26.81
CA TYR B 38 -6.42 -66.30 27.91
C TYR B 38 -7.56 -66.67 28.86
N LEU B 39 -8.71 -67.07 28.31
CA LEU B 39 -9.84 -67.45 29.14
C LEU B 39 -9.60 -68.78 29.86
N ALA B 40 -8.64 -69.58 29.39
CA ALA B 40 -8.31 -70.82 30.08
C ALA B 40 -7.31 -70.58 31.20
N GLN B 41 -6.25 -69.83 30.92
CA GLN B 41 -5.23 -69.58 31.94
C GLN B 41 -5.80 -68.80 33.11
N ASN B 42 -6.61 -67.77 32.84
CA ASN B 42 -7.29 -67.02 33.87
C ASN B 42 -8.72 -67.56 34.00
N ASN B 43 -9.15 -67.81 35.23
CA ASN B 43 -10.43 -68.45 35.44
C ASN B 43 -11.57 -67.48 35.13
N LEU B 44 -12.07 -67.53 33.89
CA LEU B 44 -13.12 -66.64 33.45
C LEU B 44 -14.06 -67.41 32.52
N THR B 45 -15.34 -67.07 32.60
CA THR B 45 -16.36 -67.61 31.70
C THR B 45 -16.91 -66.47 30.86
N ALA B 46 -16.81 -66.60 29.54
CA ALA B 46 -17.17 -65.52 28.63
C ALA B 46 -18.19 -66.02 27.61
N GLN B 47 -19.28 -65.27 27.46
CA GLN B 47 -20.24 -65.54 26.40
C GLN B 47 -19.69 -65.01 25.08
N ARG B 48 -20.09 -65.66 23.99
CA ARG B 48 -19.59 -65.33 22.67
C ARG B 48 -20.72 -64.84 21.77
N THR B 49 -20.44 -63.82 20.98
CA THR B 49 -21.37 -63.34 19.97
C THR B 49 -21.21 -64.16 18.69
N ASN B 50 -22.01 -63.83 17.68
CA ASN B 50 -21.91 -64.51 16.39
C ASN B 50 -20.86 -63.90 15.48
N SER B 51 -20.17 -62.85 15.92
CA SER B 51 -19.14 -62.19 15.13
C SER B 51 -17.74 -62.38 15.71
N GLY B 52 -17.61 -63.18 16.77
CA GLY B 52 -16.31 -63.44 17.36
C GLY B 52 -15.95 -62.55 18.53
N LEU B 53 -16.88 -61.80 19.08
CA LEU B 53 -16.63 -60.92 20.21
C LEU B 53 -17.04 -61.61 21.50
N TYR B 54 -16.13 -61.63 22.47
CA TYR B 54 -16.38 -62.23 23.78
C TYR B 54 -16.59 -61.12 24.79
N TYR B 55 -17.68 -61.21 25.55
CA TYR B 55 -18.03 -60.19 26.53
C TYR B 55 -18.40 -60.84 27.84
N ILE B 56 -17.99 -60.21 28.94
CA ILE B 56 -18.36 -60.62 30.29
C ILE B 56 -18.94 -59.42 31.01
N ILE B 57 -20.18 -59.54 31.45
CA ILE B 57 -20.88 -58.47 32.16
C ILE B 57 -20.60 -58.65 33.65
N THR B 58 -19.67 -57.86 34.19
CA THR B 58 -19.30 -58.04 35.59
C THR B 58 -20.39 -57.54 36.52
N LYS B 59 -21.04 -56.43 36.16
CA LYS B 59 -22.12 -55.88 36.96
C LYS B 59 -23.00 -55.02 36.05
N GLU B 60 -24.21 -54.75 36.54
CA GLU B 60 -25.19 -53.95 35.81
C GLU B 60 -25.68 -52.82 36.71
N GLY B 61 -26.47 -51.93 36.13
CA GLY B 61 -27.03 -50.82 36.88
C GLY B 61 -28.48 -50.55 36.56
N SER B 62 -29.01 -49.44 37.06
CA SER B 62 -30.41 -49.08 36.83
C SER B 62 -30.55 -48.08 35.69
N HIS B 90 -30.55 -49.24 27.45
CA HIS B 90 -29.60 -49.75 26.46
C HIS B 90 -29.26 -48.69 25.44
N PRO B 91 -27.97 -48.32 25.36
CA PRO B 91 -27.56 -47.36 24.34
C PRO B 91 -27.77 -47.91 22.94
N THR B 92 -28.17 -47.02 22.03
CA THR B 92 -28.47 -47.39 20.66
C THR B 92 -27.31 -47.01 19.75
N LEU B 93 -27.51 -47.16 18.44
CA LEU B 93 -26.48 -46.82 17.48
C LEU B 93 -26.18 -45.32 17.47
N ASN B 94 -27.12 -44.49 17.91
CA ASN B 94 -26.92 -43.05 18.02
C ASN B 94 -27.09 -42.66 19.49
N SER B 95 -25.99 -42.56 20.21
CA SER B 95 -26.03 -42.19 21.61
C SER B 95 -24.64 -41.77 22.07
N ASN B 96 -24.59 -40.68 22.84
CA ASN B 96 -23.33 -40.15 23.36
C ASN B 96 -23.06 -40.78 24.72
N ILE B 97 -22.24 -41.82 24.75
CA ILE B 97 -21.99 -42.58 25.96
C ILE B 97 -20.82 -41.95 26.72
N THR B 98 -20.72 -42.27 28.01
CA THR B 98 -19.60 -41.85 28.84
C THR B 98 -18.99 -43.09 29.48
N VAL B 99 -17.68 -43.24 29.38
CA VAL B 99 -17.01 -44.48 29.76
C VAL B 99 -15.77 -44.18 30.60
N ILE B 100 -15.39 -45.18 31.40
CA ILE B 100 -14.19 -45.14 32.23
C ILE B 100 -13.32 -46.34 31.88
N TYR B 101 -13.30 -46.71 30.60
CA TYR B 101 -12.69 -47.94 30.13
C TYR B 101 -11.19 -47.99 30.44
N LYS B 102 -10.62 -49.18 30.22
CA LYS B 102 -9.17 -49.38 30.21
C LYS B 102 -8.87 -50.54 29.28
N GLY B 103 -8.03 -50.32 28.28
CA GLY B 103 -7.74 -51.32 27.27
C GLY B 103 -6.28 -51.69 27.27
N TYR B 104 -6.02 -52.99 27.37
CA TYR B 104 -4.69 -53.57 27.41
C TYR B 104 -4.63 -54.75 26.45
N PHE B 105 -3.45 -55.39 26.40
CA PHE B 105 -3.25 -56.57 25.57
C PHE B 105 -3.57 -57.83 26.38
N THR B 106 -3.23 -58.99 25.82
CA THR B 106 -3.42 -60.24 26.55
C THR B 106 -2.37 -60.43 27.64
N ASN B 107 -1.27 -59.69 27.60
CA ASN B 107 -0.22 -59.78 28.61
C ASN B 107 -0.39 -58.77 29.74
N GLY B 108 -1.47 -57.99 29.73
CA GLY B 108 -1.73 -57.04 30.79
C GLY B 108 -1.15 -55.65 30.58
N LYS B 109 -0.41 -55.42 29.50
CA LYS B 109 0.20 -54.13 29.26
C LYS B 109 -0.84 -53.17 28.70
N VAL B 110 -1.15 -52.13 29.47
CA VAL B 110 -2.23 -51.21 29.09
C VAL B 110 -1.77 -50.34 27.92
N PHE B 111 -2.61 -50.26 26.89
CA PHE B 111 -2.33 -49.37 25.77
C PHE B 111 -3.20 -48.12 25.75
N ASP B 112 -4.36 -48.13 26.43
CA ASP B 112 -5.20 -46.94 26.46
C ASP B 112 -6.03 -46.98 27.74
N GLU B 113 -5.63 -46.20 28.73
CA GLU B 113 -6.37 -46.11 29.99
C GLU B 113 -7.07 -44.76 30.08
N SER B 114 -8.26 -44.77 30.66
CA SER B 114 -9.03 -43.55 30.91
C SER B 114 -9.72 -43.71 32.26
N THR B 115 -9.07 -43.21 33.31
CA THR B 115 -9.64 -43.25 34.65
C THR B 115 -10.69 -42.18 34.88
N GLU B 116 -10.78 -41.19 34.00
CA GLU B 116 -11.78 -40.14 34.07
C GLU B 116 -12.79 -40.32 32.95
N GLY B 117 -14.06 -40.07 33.25
CA GLY B 117 -15.13 -40.28 32.30
C GLY B 117 -14.93 -39.53 31.00
N VAL B 118 -14.96 -40.26 29.88
CA VAL B 118 -14.77 -39.69 28.56
C VAL B 118 -16.03 -39.96 27.74
N SER B 119 -16.45 -38.96 26.97
CA SER B 119 -17.69 -39.01 26.22
C SER B 119 -17.40 -39.31 24.75
N TYR B 120 -18.12 -40.29 24.21
CA TYR B 120 -17.99 -40.71 22.82
C TYR B 120 -19.37 -40.78 22.18
N SER B 121 -19.40 -41.03 20.88
CA SER B 121 -20.64 -41.03 20.11
C SER B 121 -21.16 -42.43 19.79
N LEU B 122 -20.35 -43.47 19.98
CA LEU B 122 -20.74 -44.87 19.85
C LEU B 122 -20.96 -45.26 18.38
N ARG B 123 -20.94 -44.28 17.48
CA ARG B 123 -20.91 -44.58 16.06
C ARG B 123 -19.51 -44.41 15.48
N THR B 124 -18.63 -43.73 16.20
CA THR B 124 -17.25 -43.53 15.79
C THR B 124 -16.30 -44.55 16.39
N LEU B 125 -16.79 -45.41 17.28
CA LEU B 125 -15.93 -46.36 17.99
C LEU B 125 -15.65 -47.57 17.12
N ILE B 126 -14.72 -48.41 17.60
CA ILE B 126 -14.34 -49.63 16.89
C ILE B 126 -15.53 -50.58 16.92
N PRO B 127 -15.64 -51.51 15.97
CA PRO B 127 -16.82 -52.40 15.95
C PRO B 127 -17.00 -53.21 17.23
N GLY B 128 -15.92 -53.56 17.91
CA GLY B 128 -16.04 -54.27 19.17
C GLY B 128 -16.87 -53.49 20.19
N TRP B 129 -16.61 -52.19 20.31
CA TRP B 129 -17.43 -51.37 21.19
C TRP B 129 -18.86 -51.28 20.68
N LYS B 130 -19.04 -51.10 19.36
CA LYS B 130 -20.38 -51.02 18.81
C LYS B 130 -21.21 -52.26 19.08
N GLU B 131 -20.55 -53.42 19.25
CA GLU B 131 -21.25 -54.66 19.55
C GLU B 131 -21.30 -55.00 21.03
N GLY B 132 -20.45 -54.38 21.85
CA GLY B 132 -20.44 -54.69 23.27
C GLY B 132 -21.16 -53.70 24.15
N ILE B 133 -21.00 -52.39 23.87
CA ILE B 133 -21.62 -51.38 24.71
C ILE B 133 -23.14 -51.51 24.76
N PRO B 134 -23.86 -51.74 23.66
CA PRO B 134 -25.34 -51.82 23.77
C PRO B 134 -25.83 -53.05 24.51
N LEU B 135 -24.93 -53.83 25.10
CA LEU B 135 -25.30 -55.01 25.87
C LEU B 135 -25.48 -54.73 27.36
N LEU B 136 -25.32 -53.48 27.78
CA LEU B 136 -25.47 -53.14 29.19
C LEU B 136 -26.10 -51.77 29.33
N LYS B 137 -26.75 -51.55 30.47
CA LYS B 137 -27.40 -50.29 30.79
C LYS B 137 -26.38 -49.34 31.42
N SER B 138 -26.88 -48.21 31.93
CA SER B 138 -26.01 -47.28 32.63
C SER B 138 -25.55 -47.84 33.96
N GLY B 139 -24.34 -47.47 34.37
CA GLY B 139 -23.80 -47.88 35.65
C GLY B 139 -23.20 -49.26 35.68
N GLY B 140 -23.24 -50.01 34.58
CA GLY B 140 -22.70 -51.34 34.56
C GLY B 140 -21.25 -51.38 34.11
N GLU B 141 -20.64 -52.57 34.26
CA GLU B 141 -19.27 -52.79 33.83
C GLU B 141 -19.22 -54.02 32.94
N ILE B 142 -18.55 -53.88 31.79
CA ILE B 142 -18.40 -54.97 30.85
C ILE B 142 -16.91 -55.15 30.56
N GLN B 143 -16.56 -56.35 30.11
CA GLN B 143 -15.20 -56.68 29.72
C GLN B 143 -15.24 -57.32 28.35
N LEU B 144 -14.57 -56.71 27.40
CA LEU B 144 -14.55 -57.16 26.01
C LEU B 144 -13.20 -57.76 25.67
N PHE B 145 -13.23 -58.70 24.72
CA PHE B 145 -12.04 -59.43 24.29
C PHE B 145 -11.88 -59.27 22.78
N VAL B 146 -11.90 -58.03 22.32
CA VAL B 146 -12.05 -57.70 20.90
C VAL B 146 -10.94 -58.35 20.10
N PRO B 147 -11.26 -59.08 19.02
CA PRO B 147 -10.21 -59.59 18.13
C PRO B 147 -9.63 -58.49 17.25
N ALA B 148 -8.77 -58.87 16.30
CA ALA B 148 -8.12 -57.88 15.46
C ALA B 148 -9.06 -57.26 14.43
N HIS B 149 -9.92 -58.09 13.82
CA HIS B 149 -10.82 -57.56 12.79
C HIS B 149 -11.91 -56.69 13.36
N LEU B 150 -12.27 -56.87 14.63
CA LEU B 150 -13.22 -56.00 15.31
C LEU B 150 -12.52 -54.86 16.06
N GLY B 151 -11.20 -54.80 16.03
CA GLY B 151 -10.47 -53.75 16.72
C GLY B 151 -9.81 -52.79 15.76
N TYR B 152 -8.48 -52.71 15.82
CA TYR B 152 -7.73 -51.81 14.96
C TYR B 152 -7.23 -52.49 13.69
N GLY B 153 -7.92 -53.51 13.22
CA GLY B 153 -7.62 -54.13 11.95
C GLY B 153 -6.38 -54.99 12.00
N SER B 154 -5.98 -55.45 10.81
CA SER B 154 -4.82 -56.31 10.66
C SER B 154 -3.54 -55.53 10.41
N ASN B 155 -3.61 -54.22 10.27
CA ASN B 155 -2.42 -53.40 10.07
C ASN B 155 -2.01 -52.64 11.33
N GLY B 156 -2.92 -52.45 12.28
CA GLY B 156 -2.58 -51.83 13.54
C GLY B 156 -2.28 -50.34 13.40
N ASN B 157 -1.77 -49.78 14.49
CA ASN B 157 -1.44 -48.37 14.57
C ASN B 157 -0.28 -48.21 15.54
N LYS B 158 -0.04 -46.98 16.00
CA LYS B 158 0.98 -46.75 17.01
C LYS B 158 0.58 -47.42 18.31
N THR B 159 1.52 -48.14 18.91
CA THR B 159 1.40 -48.88 20.17
C THR B 159 0.46 -50.08 20.07
N VAL B 160 -0.19 -50.30 18.92
CA VAL B 160 -1.07 -51.45 18.75
C VAL B 160 -0.67 -52.18 17.49
N PRO B 161 0.11 -53.26 17.57
CA PRO B 161 0.48 -54.00 16.37
C PRO B 161 -0.72 -54.67 15.72
N GLY B 162 -0.63 -54.86 14.42
CA GLY B 162 -1.70 -55.52 13.70
C GLY B 162 -1.86 -56.97 14.13
N GLY B 163 -3.09 -57.45 14.04
CA GLY B 163 -3.41 -58.81 14.45
C GLY B 163 -3.21 -59.05 15.93
N ALA B 164 -3.70 -58.15 16.76
CA ALA B 164 -3.57 -58.25 18.21
C ALA B 164 -4.95 -58.23 18.86
N VAL B 165 -5.13 -59.09 19.85
CA VAL B 165 -6.37 -59.12 20.63
C VAL B 165 -6.29 -58.07 21.73
N LEU B 166 -7.36 -57.31 21.89
CA LEU B 166 -7.41 -56.20 22.83
C LEU B 166 -8.47 -56.46 23.88
N ILE B 167 -8.10 -56.40 25.15
CA ILE B 167 -9.03 -56.61 26.26
C ILE B 167 -9.40 -55.25 26.84
N PHE B 168 -10.70 -54.98 26.90
CA PHE B 168 -11.23 -53.72 27.41
C PHE B 168 -12.02 -53.97 28.67
N GLU B 169 -11.90 -53.07 29.64
CA GLU B 169 -12.69 -53.06 30.86
C GLU B 169 -13.43 -51.72 30.88
N ILE B 170 -14.68 -51.75 30.45
CA ILE B 170 -15.46 -50.53 30.22
C ILE B 170 -16.49 -50.39 31.32
N THR B 171 -16.68 -49.16 31.80
CA THR B 171 -17.66 -48.85 32.84
C THR B 171 -18.59 -47.77 32.28
N LEU B 172 -19.68 -48.20 31.65
CA LEU B 172 -20.65 -47.26 31.13
C LEU B 172 -21.39 -46.58 32.26
N VAL B 173 -21.17 -45.27 32.41
CA VAL B 173 -21.76 -44.53 33.52
C VAL B 173 -22.84 -43.56 33.07
N SER B 174 -22.96 -43.25 31.79
CA SER B 174 -23.96 -42.31 31.33
C SER B 174 -24.31 -42.61 29.88
N VAL B 175 -25.58 -42.46 29.53
CA VAL B 175 -26.04 -42.65 28.17
C VAL B 175 -26.49 -41.31 27.60
N ASN B 176 -25.86 -40.24 28.07
CA ASN B 176 -26.20 -38.87 27.66
C ASN B 176 -26.04 -38.68 26.15
N ASP C 21 -5.32 39.40 -10.92
CA ASP C 21 -5.00 38.19 -11.66
C ASP C 21 -5.75 38.13 -12.98
N ILE C 22 -6.05 36.92 -13.44
CA ILE C 22 -6.74 36.73 -14.71
C ILE C 22 -8.24 36.86 -14.50
N GLU C 23 -8.89 37.67 -15.33
CA GLU C 23 -10.33 37.91 -15.26
C GLU C 23 -10.94 37.63 -16.63
N ARG C 24 -11.76 36.58 -16.71
CA ARG C 24 -12.51 36.18 -17.90
C ARG C 24 -11.61 36.04 -19.13
N PRO C 25 -10.67 35.09 -19.14
CA PRO C 25 -9.91 34.84 -20.37
C PRO C 25 -10.77 34.17 -21.42
N ILE C 26 -10.32 34.28 -22.67
CA ILE C 26 -11.08 33.76 -23.81
C ILE C 26 -10.99 32.24 -23.81
N THR C 27 -12.14 31.59 -24.00
CA THR C 27 -12.23 30.12 -23.98
C THR C 27 -12.22 29.62 -25.43
N THR C 28 -11.06 29.09 -25.85
CA THR C 28 -10.88 28.60 -27.20
C THR C 28 -10.44 27.14 -27.16
N GLY C 29 -10.90 26.37 -28.13
CA GLY C 29 -10.53 24.98 -28.22
C GLY C 29 -9.12 24.77 -28.72
N VAL C 30 -8.69 23.50 -28.66
CA VAL C 30 -7.36 23.02 -29.04
C VAL C 30 -6.28 24.05 -28.72
N PRO C 31 -6.04 24.36 -27.45
CA PRO C 31 -5.03 25.38 -27.13
C PRO C 31 -3.61 24.96 -27.44
N PHE C 32 -3.35 23.67 -27.67
CA PHE C 32 -1.99 23.21 -27.93
C PHE C 32 -1.43 23.77 -29.23
N LEU C 33 -2.28 24.35 -30.09
CA LEU C 33 -1.81 25.02 -31.29
C LEU C 33 -1.02 26.28 -30.97
N LEU C 34 -1.19 26.85 -29.78
CA LEU C 34 -0.53 28.09 -29.41
C LEU C 34 0.79 27.88 -28.71
N VAL C 35 1.18 26.63 -28.45
CA VAL C 35 2.41 26.33 -27.73
C VAL C 35 3.55 26.22 -28.73
N ALA C 36 4.66 26.90 -28.44
CA ALA C 36 5.83 26.83 -29.30
C ALA C 36 6.40 25.42 -29.28
N ALA C 37 6.46 24.79 -30.45
CA ALA C 37 6.97 23.43 -30.57
C ALA C 37 8.46 23.36 -30.86
N ASP C 38 9.01 24.36 -31.56
CA ASP C 38 10.41 24.37 -31.92
C ASP C 38 11.24 25.07 -30.86
N ALA C 39 12.50 24.65 -30.74
CA ALA C 39 13.38 25.22 -29.72
C ALA C 39 13.89 26.61 -30.10
N ARG C 40 13.99 26.91 -31.40
CA ARG C 40 14.49 28.23 -31.80
C ARG C 40 13.52 29.32 -31.39
N ALA C 41 12.24 29.19 -31.74
CA ALA C 41 11.26 30.19 -31.36
C ALA C 41 11.07 30.21 -29.85
N ALA C 42 11.06 29.04 -29.20
CA ALA C 42 10.90 28.99 -27.76
C ALA C 42 12.08 29.61 -27.03
N GLY C 43 13.25 29.66 -27.67
CA GLY C 43 14.37 30.41 -27.14
C GLY C 43 14.34 31.87 -27.48
N LEU C 44 13.62 32.24 -28.54
CA LEU C 44 13.39 33.64 -28.88
C LEU C 44 12.13 34.20 -28.25
N GLY C 45 11.71 33.65 -27.12
CA GLY C 45 10.50 34.13 -26.47
C GLY C 45 9.22 33.83 -27.21
N ASP C 46 9.10 32.65 -27.79
CA ASP C 46 7.89 32.19 -28.47
C ASP C 46 7.46 33.15 -29.57
N GLN C 47 8.42 33.55 -30.40
CA GLN C 47 8.10 34.40 -31.55
C GLN C 47 9.07 34.08 -32.68
N GLY C 48 8.53 33.88 -33.88
CA GLY C 48 9.34 33.64 -35.04
C GLY C 48 8.75 34.27 -36.29
N VAL C 49 7.72 35.10 -36.12
CA VAL C 49 6.99 35.63 -37.26
C VAL C 49 7.86 36.54 -38.13
N ALA C 50 8.92 37.13 -37.56
CA ALA C 50 9.76 38.05 -38.32
C ALA C 50 11.24 37.69 -38.25
N THR C 51 11.58 36.54 -37.67
CA THR C 51 12.98 36.14 -37.60
C THR C 51 13.48 35.73 -38.98
N SER C 52 14.73 35.28 -39.03
CA SER C 52 15.31 34.84 -40.28
C SER C 52 14.58 33.59 -40.80
N SER C 53 14.77 33.32 -42.09
CA SER C 53 14.13 32.15 -42.69
C SER C 53 14.59 30.89 -42.00
N ASP C 54 13.63 30.04 -41.64
CA ASP C 54 13.90 28.90 -40.77
C ASP C 54 13.10 27.70 -41.25
N VAL C 55 13.60 26.51 -40.92
CA VAL C 55 12.89 25.28 -41.25
C VAL C 55 11.65 25.15 -40.38
N PHE C 56 11.73 25.53 -39.11
CA PHE C 56 10.59 25.44 -38.20
C PHE C 56 9.52 26.48 -38.48
N SER C 57 9.69 27.31 -39.50
CA SER C 57 8.83 28.47 -39.70
C SER C 57 7.52 28.10 -40.39
N GLN C 58 6.82 27.10 -39.87
CA GLN C 58 5.48 26.74 -40.32
C GLN C 58 4.41 27.14 -39.32
N GLN C 59 4.69 26.97 -38.02
CA GLN C 59 3.75 27.38 -36.99
C GLN C 59 3.65 28.89 -36.88
N TRP C 60 4.73 29.61 -37.19
CA TRP C 60 4.79 31.05 -36.99
C TRP C 60 4.49 31.82 -38.27
N ASN C 61 5.23 31.56 -39.33
CA ASN C 61 5.05 32.30 -40.57
C ASN C 61 5.55 31.48 -41.75
N PRO C 62 4.69 30.73 -42.42
CA PRO C 62 5.15 29.93 -43.57
C PRO C 62 5.69 30.76 -44.72
N ALA C 63 5.35 32.05 -44.79
CA ALA C 63 5.68 32.86 -45.95
C ALA C 63 7.19 33.03 -46.17
N LYS C 64 8.01 32.73 -45.18
CA LYS C 64 9.46 32.84 -45.36
C LYS C 64 10.10 31.55 -45.83
N TYR C 65 9.31 30.49 -46.04
CA TYR C 65 9.87 29.29 -46.64
C TYR C 65 10.40 29.57 -48.05
N ALA C 66 9.86 30.59 -48.71
CA ALA C 66 10.37 30.98 -50.01
C ALA C 66 11.77 31.57 -49.94
N PHE C 67 12.18 32.05 -48.75
CA PHE C 67 13.49 32.67 -48.58
C PHE C 67 14.51 31.73 -47.97
N ALA C 68 14.19 30.44 -47.87
CA ALA C 68 15.12 29.48 -47.29
C ALA C 68 16.35 29.32 -48.16
N GLU C 69 17.51 29.20 -47.52
CA GLU C 69 18.76 29.05 -48.26
C GLU C 69 18.91 27.66 -48.87
N ASP C 70 18.53 26.61 -48.14
CA ASP C 70 18.73 25.24 -48.60
C ASP C 70 17.52 24.75 -49.39
N ALA C 71 17.76 23.77 -50.25
CA ALA C 71 16.71 23.28 -51.13
C ALA C 71 15.59 22.62 -50.35
N GLN C 72 15.91 21.79 -49.37
CA GLN C 72 14.87 21.16 -48.56
C GLN C 72 15.43 20.84 -47.19
N GLY C 73 14.51 20.60 -46.26
CA GLY C 73 14.90 20.35 -44.88
C GLY C 73 13.83 19.59 -44.12
N LEU C 74 14.29 18.83 -43.14
CA LEU C 74 13.44 18.10 -42.21
C LEU C 74 13.77 18.57 -40.80
N SER C 75 12.81 18.44 -39.89
CA SER C 75 13.00 18.94 -38.53
C SER C 75 12.19 18.11 -37.56
N ILE C 76 12.82 17.75 -36.45
CA ILE C 76 12.17 17.02 -35.35
C ILE C 76 12.35 17.83 -34.08
N SER C 77 11.25 18.17 -33.42
CA SER C 77 11.28 19.00 -32.23
C SER C 77 10.55 18.29 -31.10
N TYR C 78 11.10 18.40 -29.89
CA TYR C 78 10.57 17.74 -28.71
C TYR C 78 10.44 18.76 -27.58
N THR C 79 9.26 18.81 -26.97
CA THR C 79 8.99 19.70 -25.85
C THR C 79 8.40 18.87 -24.71
N PRO C 80 9.20 18.45 -23.74
CA PRO C 80 8.66 17.63 -22.66
C PRO C 80 7.74 18.42 -21.75
N TYR C 81 6.79 17.70 -21.15
CA TYR C 81 5.81 18.25 -20.25
C TYR C 81 5.92 17.56 -18.90
N LEU C 82 5.88 18.36 -17.83
CA LEU C 82 5.94 17.83 -16.47
C LEU C 82 7.10 16.87 -16.32
N THR C 83 8.31 17.31 -16.68
CA THR C 83 9.46 16.41 -16.77
C THR C 83 9.71 15.69 -15.45
N ASP C 84 9.53 16.39 -14.33
CA ASP C 84 9.81 15.81 -13.02
C ASP C 84 8.90 14.62 -12.74
N LEU C 85 7.61 14.75 -13.06
CA LEU C 85 6.65 13.70 -12.72
C LEU C 85 6.68 12.56 -13.74
N ALA C 86 6.32 12.86 -14.98
CA ALA C 86 6.19 11.84 -16.01
C ALA C 86 7.05 12.16 -17.21
N ASN C 87 7.66 11.13 -17.77
CA ASN C 87 8.48 11.25 -18.97
C ASN C 87 7.72 10.97 -20.26
N ASP C 88 6.42 10.70 -20.17
CA ASP C 88 5.60 10.39 -21.34
C ASP C 88 5.00 11.64 -21.98
N ILE C 89 4.43 12.53 -21.16
CA ILE C 89 3.74 13.70 -21.70
C ILE C 89 4.74 14.55 -22.47
N SER C 90 4.38 14.92 -23.69
CA SER C 90 5.28 15.72 -24.51
C SER C 90 4.51 16.31 -25.68
N LEU C 91 5.16 17.28 -26.34
CA LEU C 91 4.69 17.85 -27.60
C LEU C 91 5.81 17.67 -28.62
N GLY C 92 5.59 16.78 -29.58
CA GLY C 92 6.53 16.57 -30.66
C GLY C 92 6.07 17.26 -31.93
N GLN C 93 7.03 17.53 -32.81
CA GLN C 93 6.71 18.13 -34.09
C GLN C 93 7.67 17.60 -35.15
N VAL C 94 7.11 17.28 -36.32
CA VAL C 94 7.91 16.90 -37.48
C VAL C 94 7.54 17.83 -38.62
N THR C 95 8.52 18.54 -39.14
CA THR C 95 8.32 19.51 -40.21
C THR C 95 9.18 19.14 -41.40
N TYR C 96 8.65 19.33 -42.60
CA TYR C 96 9.40 19.08 -43.82
C TYR C 96 9.08 20.18 -44.82
N TYR C 97 10.11 20.87 -45.30
CA TYR C 97 9.92 21.90 -46.32
C TYR C 97 10.78 21.59 -47.52
N ASN C 98 10.29 21.99 -48.69
CA ASN C 98 10.99 21.75 -49.95
C ASN C 98 10.62 22.88 -50.90
N LYS C 99 11.61 23.65 -51.33
CA LYS C 99 11.39 24.71 -52.30
C LYS C 99 11.80 24.22 -53.68
N ILE C 100 10.85 24.25 -54.61
CA ILE C 100 11.10 23.76 -55.96
C ILE C 100 11.82 24.81 -56.79
N ASN C 101 11.21 25.98 -56.95
CA ASN C 101 11.80 27.08 -57.68
C ASN C 101 12.43 28.06 -56.68
N ASP C 102 12.89 29.19 -57.20
CA ASP C 102 13.35 30.27 -56.34
C ASP C 102 12.22 31.20 -55.91
N ARG C 103 10.98 30.89 -56.32
CA ARG C 103 9.83 31.72 -56.02
C ARG C 103 8.79 31.04 -55.14
N SER C 104 8.91 29.73 -54.91
CA SER C 104 7.86 28.99 -54.21
C SER C 104 8.47 27.91 -53.35
N ALA C 105 7.64 27.41 -52.43
CA ALA C 105 8.04 26.33 -51.53
C ALA C 105 6.80 25.66 -50.96
N PHE C 106 6.88 24.34 -50.79
CA PHE C 106 5.85 23.55 -50.14
C PHE C 106 6.35 23.11 -48.78
N ALA C 107 5.50 23.24 -47.77
CA ALA C 107 5.86 22.85 -46.41
C ALA C 107 4.76 21.99 -45.81
N GLY C 108 5.14 21.12 -44.89
CA GLY C 108 4.18 20.30 -44.19
C GLY C 108 4.66 19.94 -42.80
N SER C 109 3.84 20.22 -41.80
CA SER C 109 4.20 19.95 -40.42
C SER C 109 3.15 19.08 -39.76
N PHE C 110 3.58 18.41 -38.69
CA PHE C 110 2.75 17.49 -37.93
C PHE C 110 3.12 17.67 -36.46
N ARG C 111 2.25 18.35 -35.71
CA ARG C 111 2.42 18.52 -34.28
C ARG C 111 1.56 17.52 -33.53
N TYR C 112 2.16 16.84 -32.56
CA TYR C 112 1.50 15.77 -31.83
C TYR C 112 1.77 15.95 -30.35
N PHE C 113 0.74 16.33 -29.60
CA PHE C 113 0.82 16.39 -28.15
C PHE C 113 0.25 15.10 -27.59
N GLY C 114 1.04 14.39 -26.81
CA GLY C 114 0.65 13.07 -26.34
C GLY C 114 0.98 12.88 -24.87
N PHE C 115 0.15 12.07 -24.22
CA PHE C 115 0.33 11.66 -22.84
C PHE C 115 1.12 10.37 -22.71
N GLY C 116 1.62 9.84 -23.81
CA GLY C 116 2.32 8.56 -23.78
C GLY C 116 1.35 7.41 -23.97
N GLY C 117 1.21 6.57 -22.95
CA GLY C 117 0.26 5.48 -23.02
C GLY C 117 -0.15 4.96 -21.66
N ILE C 118 -1.45 4.86 -21.43
CA ILE C 118 -2.00 4.29 -20.20
C ILE C 118 -2.38 2.84 -20.49
N GLU C 119 -1.77 1.92 -19.76
CA GLU C 119 -1.96 0.48 -19.99
C GLU C 119 -3.00 0.00 -18.98
N LEU C 120 -4.26 0.28 -19.29
CA LEU C 120 -5.33 -0.04 -18.35
C LEU C 120 -5.60 -1.54 -18.36
N ARG C 121 -5.76 -2.09 -17.16
CA ARG C 121 -6.06 -3.49 -16.90
C ARG C 121 -6.98 -3.59 -15.70
N GLN C 122 -7.53 -4.78 -15.46
CA GLN C 122 -8.38 -4.99 -14.31
C GLN C 122 -8.13 -6.31 -13.59
N THR C 123 -7.04 -7.00 -13.88
CA THR C 123 -6.71 -8.25 -13.22
C THR C 123 -5.28 -8.15 -12.72
N GLY C 124 -4.78 -9.22 -12.09
CA GLY C 124 -3.47 -9.22 -11.46
C GLY C 124 -2.42 -10.02 -12.20
N ASP C 125 -2.82 -10.91 -13.11
CA ASP C 125 -1.87 -11.72 -13.86
C ASP C 125 -0.98 -10.84 -14.73
N PRO C 126 0.33 -11.10 -14.78
CA PRO C 126 1.23 -10.30 -15.61
C PRO C 126 1.20 -10.64 -17.09
N ASN C 127 0.21 -11.41 -17.55
CA ASN C 127 0.13 -11.79 -18.96
C ASN C 127 -1.25 -11.59 -19.57
N GLU C 128 -2.23 -11.14 -18.78
CA GLU C 128 -3.56 -10.93 -19.33
C GLU C 128 -3.54 -9.73 -20.29
N PRO C 129 -4.48 -9.70 -21.24
CA PRO C 129 -4.46 -8.62 -22.24
C PRO C 129 -4.79 -7.27 -21.62
N THR C 130 -3.90 -6.30 -21.84
CA THR C 130 -4.09 -4.93 -21.36
C THR C 130 -4.53 -4.04 -22.52
N ARG C 131 -5.36 -3.05 -22.20
CA ARG C 131 -5.84 -2.11 -23.21
C ARG C 131 -5.07 -0.81 -23.09
N GLU C 132 -4.48 -0.36 -24.19
CA GLU C 132 -3.71 0.87 -24.21
C GLU C 132 -4.60 2.02 -24.66
N VAL C 133 -4.57 3.12 -23.92
CA VAL C 133 -5.23 4.35 -24.31
C VAL C 133 -4.20 5.47 -24.30
N ASN C 134 -4.12 6.21 -25.40
CA ASN C 134 -3.17 7.32 -25.54
C ASN C 134 -3.94 8.56 -25.93
N PRO C 135 -4.47 9.30 -24.96
CA PRO C 135 -5.19 10.54 -25.27
C PRO C 135 -4.25 11.55 -25.91
N ASN C 136 -4.46 11.88 -27.17
CA ASN C 136 -3.50 12.71 -27.89
C ASN C 136 -4.22 13.85 -28.60
N GLU C 137 -3.44 14.66 -29.31
CA GLU C 137 -4.00 15.81 -30.01
C GLU C 137 -3.00 16.22 -31.06
N PHE C 138 -3.36 16.12 -32.34
CA PHE C 138 -2.39 16.42 -33.38
C PHE C 138 -2.98 17.33 -34.45
N ALA C 139 -2.14 18.21 -34.95
CA ALA C 139 -2.46 19.09 -36.06
C ALA C 139 -1.50 18.79 -37.20
N LEU C 140 -2.06 18.42 -38.35
CA LEU C 140 -1.30 18.16 -39.56
C LEU C 140 -1.62 19.26 -40.55
N ASP C 141 -0.63 20.08 -40.89
CA ASP C 141 -0.87 21.23 -41.76
C ASP C 141 0.10 21.21 -42.93
N GLY C 142 -0.36 21.79 -44.04
CA GLY C 142 0.45 21.92 -45.23
C GLY C 142 0.27 23.29 -45.85
N SER C 143 1.37 23.91 -46.25
CA SER C 143 1.36 25.29 -46.71
C SER C 143 2.09 25.42 -48.03
N TYR C 144 1.63 26.36 -48.84
CA TYR C 144 2.30 26.76 -50.07
C TYR C 144 2.67 28.23 -49.95
N SER C 145 3.95 28.54 -50.19
CA SER C 145 4.46 29.89 -50.10
C SER C 145 4.99 30.31 -51.46
N LEU C 146 4.53 31.46 -51.95
CA LEU C 146 4.95 32.02 -53.23
C LEU C 146 5.59 33.37 -53.00
N LYS C 147 6.74 33.59 -53.62
CA LYS C 147 7.48 34.85 -53.49
C LYS C 147 7.00 35.78 -54.60
N LEU C 148 6.07 36.67 -54.27
CA LEU C 148 5.49 37.58 -55.25
C LEU C 148 6.55 38.52 -55.82
N SER C 149 7.12 39.37 -54.97
CA SER C 149 8.18 40.27 -55.37
C SER C 149 9.53 39.65 -55.02
N GLU C 150 10.61 40.41 -55.17
CA GLU C 150 11.92 39.91 -54.79
C GLU C 150 12.16 40.00 -53.29
N THR C 151 11.35 40.80 -52.57
CA THR C 151 11.50 40.99 -51.14
C THR C 151 10.26 40.61 -50.35
N PHE C 152 9.16 40.24 -51.02
CA PHE C 152 7.90 39.99 -50.35
C PHE C 152 7.33 38.65 -50.83
N SER C 153 6.77 37.89 -49.90
CA SER C 153 6.19 36.60 -50.21
C SER C 153 4.92 36.40 -49.40
N MET C 154 4.02 35.57 -49.93
CA MET C 154 2.77 35.22 -49.27
C MET C 154 2.71 33.70 -49.11
N ALA C 155 1.82 33.24 -48.24
CA ALA C 155 1.69 31.81 -48.01
C ALA C 155 0.28 31.50 -47.53
N VAL C 156 -0.23 30.35 -47.97
CA VAL C 156 -1.54 29.86 -47.58
C VAL C 156 -1.36 28.44 -47.04
N ALA C 157 -1.91 28.18 -45.87
CA ALA C 157 -1.76 26.89 -45.20
C ALA C 157 -3.12 26.32 -44.84
N ALA C 158 -3.28 25.02 -45.05
CA ALA C 158 -4.48 24.30 -44.63
C ALA C 158 -4.09 23.30 -43.55
N ARG C 159 -4.80 23.32 -42.45
CA ARG C 159 -4.48 22.51 -41.28
C ARG C 159 -5.68 21.66 -40.90
N TYR C 160 -5.42 20.41 -40.54
CA TYR C 160 -6.42 19.52 -39.96
C TYR C 160 -6.05 19.25 -38.51
N ILE C 161 -6.99 19.49 -37.61
CA ILE C 161 -6.78 19.36 -36.17
C ILE C 161 -7.66 18.24 -35.66
N ARG C 162 -7.06 17.30 -34.92
CA ARG C 162 -7.82 16.23 -34.30
C ARG C 162 -7.46 16.15 -32.82
N SER C 163 -8.48 15.95 -32.00
CA SER C 163 -8.33 15.86 -30.55
C SER C 163 -8.93 14.55 -30.08
N ASN C 164 -8.13 13.76 -29.36
CA ASN C 164 -8.54 12.48 -28.80
C ASN C 164 -8.06 12.41 -27.36
N LEU C 165 -8.35 13.45 -26.58
CA LEU C 165 -7.89 13.56 -25.20
C LEU C 165 -8.82 12.88 -24.21
N LYS C 166 -9.73 12.03 -24.67
CA LYS C 166 -10.71 11.41 -23.81
C LYS C 166 -10.53 9.89 -23.82
N VAL C 167 -10.88 9.25 -22.71
CA VAL C 167 -10.74 7.82 -22.53
C VAL C 167 -12.13 7.20 -22.47
N ALA C 168 -12.38 6.21 -23.34
CA ALA C 168 -13.70 5.64 -23.48
C ALA C 168 -14.04 4.77 -22.27
N THR C 169 -15.10 5.13 -21.56
CA THR C 169 -15.64 4.29 -20.50
C THR C 169 -17.13 4.11 -20.70
N GLU C 170 -17.81 3.54 -19.72
CA GLU C 170 -19.27 3.46 -19.80
C GLU C 170 -19.86 4.85 -19.74
N GLU C 171 -20.99 5.03 -20.44
CA GLU C 171 -21.76 6.27 -20.49
C GLU C 171 -20.91 7.49 -20.86
N ILE C 172 -19.74 7.27 -21.46
CA ILE C 172 -18.88 8.34 -21.96
C ILE C 172 -18.31 7.89 -23.30
N ASP C 173 -18.37 8.77 -24.30
CA ASP C 173 -17.81 8.48 -25.61
C ASP C 173 -16.51 9.24 -25.81
N ALA C 174 -15.52 8.55 -26.36
CA ALA C 174 -14.19 9.12 -26.59
C ALA C 174 -13.91 9.36 -28.08
N SER C 175 -14.96 9.68 -28.84
CA SER C 175 -14.79 9.94 -30.26
C SER C 175 -13.94 11.19 -30.47
N ALA C 176 -13.00 11.11 -31.41
CA ALA C 176 -12.09 12.21 -31.65
C ALA C 176 -12.81 13.36 -32.35
N ALA C 177 -12.54 14.58 -31.90
CA ALA C 177 -13.14 15.78 -32.47
C ALA C 177 -12.19 16.39 -33.49
N GLY C 178 -12.69 16.64 -34.69
CA GLY C 178 -11.85 17.18 -35.74
C GLY C 178 -12.31 18.52 -36.28
N SER C 179 -11.40 19.24 -36.91
CA SER C 179 -11.72 20.53 -37.51
C SER C 179 -10.65 20.89 -38.53
N PHE C 180 -10.92 21.94 -39.28
CA PHE C 180 -10.02 22.44 -40.31
C PHE C 180 -9.75 23.91 -40.07
N ALA C 181 -8.58 24.37 -40.51
CA ALA C 181 -8.15 25.74 -40.31
C ALA C 181 -7.40 26.22 -41.54
N VAL C 182 -7.47 27.53 -41.77
CA VAL C 182 -6.79 28.17 -42.91
C VAL C 182 -5.95 29.31 -42.38
N ASP C 183 -4.67 29.32 -42.75
CA ASP C 183 -3.70 30.32 -42.31
C ASP C 183 -3.24 31.13 -43.51
N VAL C 184 -3.24 32.44 -43.37
CA VAL C 184 -2.75 33.36 -44.40
C VAL C 184 -1.59 34.15 -43.82
N ALA C 185 -0.43 34.09 -44.46
CA ALA C 185 0.77 34.70 -43.92
C ALA C 185 1.50 35.49 -45.01
N GLY C 186 2.26 36.48 -44.56
CA GLY C 186 3.07 37.29 -45.44
C GLY C 186 4.39 37.68 -44.80
N PHE C 187 5.47 37.67 -45.58
CA PHE C 187 6.80 37.91 -45.06
C PHE C 187 7.57 38.81 -46.03
N TYR C 188 8.12 39.90 -45.51
CA TYR C 188 8.89 40.85 -46.29
C TYR C 188 10.30 40.92 -45.74
N GLN C 189 11.30 40.74 -46.59
CA GLN C 189 12.70 40.77 -46.18
C GLN C 189 13.46 41.66 -47.13
N SER C 190 13.86 42.83 -46.65
CA SER C 190 14.57 43.79 -47.48
C SER C 190 15.99 43.30 -47.78
N GLU C 191 16.56 43.86 -48.84
CA GLU C 191 17.94 43.55 -49.19
C GLU C 191 18.89 44.13 -48.15
N GLU C 192 20.14 43.68 -48.19
CA GLU C 192 21.16 44.11 -47.24
C GLU C 192 21.43 45.60 -47.43
N ILE C 193 20.96 46.40 -46.47
CA ILE C 193 21.09 47.86 -46.54
C ILE C 193 22.24 48.28 -45.65
N ALA C 194 23.19 49.02 -46.21
CA ALA C 194 24.34 49.48 -45.46
C ALA C 194 24.01 50.77 -44.70
N TYR C 195 24.62 50.91 -43.53
CA TYR C 195 24.46 52.11 -42.72
C TYR C 195 25.82 52.69 -42.36
N SER C 196 25.85 53.66 -41.44
CA SER C 196 27.10 54.32 -41.08
C SER C 196 28.08 53.35 -40.45
N ASP C 197 27.60 52.48 -39.56
CA ASP C 197 28.48 51.58 -38.81
C ASP C 197 28.31 50.11 -39.17
N PHE C 198 27.20 49.73 -39.79
CA PHE C 198 26.95 48.32 -40.11
C PHE C 198 25.97 48.24 -41.26
N ASN C 199 25.92 47.07 -41.89
CA ASN C 199 25.01 46.80 -42.99
C ASN C 199 23.91 45.88 -42.46
N GLY C 200 22.80 46.47 -42.01
CA GLY C 200 21.72 45.72 -41.44
C GLY C 200 20.78 45.15 -42.49
N ARG C 201 19.65 44.62 -42.00
CA ARG C 201 18.65 44.03 -42.86
C ARG C 201 17.31 44.07 -42.14
N TRP C 202 16.28 44.53 -42.84
CA TRP C 202 14.95 44.69 -42.26
C TRP C 202 14.06 43.50 -42.62
N ARG C 203 13.22 43.10 -41.68
CA ARG C 203 12.25 42.04 -41.92
C ARG C 203 10.93 42.43 -41.25
N ALA C 204 9.83 42.00 -41.87
CA ALA C 204 8.50 42.19 -41.31
C ALA C 204 7.67 40.99 -41.68
N GLY C 205 6.64 40.72 -40.89
CA GLY C 205 5.80 39.57 -41.15
C GLY C 205 4.47 39.68 -40.46
N PHE C 206 3.45 39.12 -41.09
CA PHE C 206 2.13 38.99 -40.48
C PHE C 206 1.59 37.60 -40.75
N ASN C 207 0.73 37.13 -39.86
CA ASN C 207 0.21 35.77 -39.96
C ASN C 207 -1.13 35.70 -39.25
N ILE C 208 -2.16 35.32 -40.00
CA ILE C 208 -3.48 35.04 -39.43
C ILE C 208 -3.66 33.53 -39.44
N GLN C 209 -3.84 32.95 -38.27
CA GLN C 209 -3.81 31.52 -38.07
C GLN C 209 -5.14 30.99 -37.56
N ASN C 210 -5.44 29.75 -37.94
CA ASN C 210 -6.55 28.98 -37.38
C ASN C 210 -7.89 29.65 -37.67
N LEU C 211 -8.11 29.99 -38.93
CA LEU C 211 -9.40 30.48 -39.41
C LEU C 211 -10.19 29.25 -39.90
N GLY C 212 -11.13 28.80 -39.08
CA GLY C 212 -11.91 27.64 -39.42
C GLY C 212 -13.14 27.50 -38.56
N PRO C 213 -13.97 26.50 -38.87
CA PRO C 213 -15.19 26.30 -38.09
C PRO C 213 -14.89 25.87 -36.66
N LYS C 214 -15.87 26.09 -35.78
CA LYS C 214 -15.73 25.70 -34.40
C LYS C 214 -15.52 24.20 -34.27
N ILE C 215 -14.63 23.81 -33.36
CA ILE C 215 -14.41 22.40 -33.06
C ILE C 215 -15.35 22.00 -31.94
N SER C 216 -16.12 20.93 -32.16
CA SER C 216 -17.12 20.47 -31.22
C SER C 216 -16.61 19.21 -30.53
N TYR C 217 -16.27 19.31 -29.25
CA TYR C 217 -15.78 18.16 -28.51
C TYR C 217 -16.88 17.16 -28.19
N ASP C 218 -18.10 17.64 -28.01
CA ASP C 218 -19.24 16.78 -27.72
C ASP C 218 -19.92 16.25 -28.97
N HIS C 219 -19.44 16.63 -30.16
CA HIS C 219 -20.03 16.22 -31.43
C HIS C 219 -21.48 16.65 -31.54
N ASP C 220 -21.85 17.71 -30.82
CA ASP C 220 -23.19 18.24 -30.84
C ASP C 220 -23.18 19.64 -31.44
N ASP C 221 -24.32 20.05 -31.98
CA ASP C 221 -24.42 21.34 -32.64
C ASP C 221 -24.29 22.50 -31.66
N LEU C 222 -24.91 22.36 -30.48
CA LEU C 222 -25.01 23.49 -29.56
C LEU C 222 -23.69 23.82 -28.89
N SER C 223 -22.96 22.81 -28.42
CA SER C 223 -21.73 22.99 -27.65
C SER C 223 -20.54 22.92 -28.59
N ALA C 224 -20.04 24.07 -29.01
CA ALA C 224 -18.88 24.15 -29.89
C ALA C 224 -17.92 25.19 -29.35
N ASN C 225 -16.62 24.95 -29.56
CA ASN C 225 -15.58 25.84 -29.10
C ASN C 225 -14.85 26.45 -30.29
N PHE C 226 -14.51 27.72 -30.19
CA PHE C 226 -13.79 28.40 -31.27
C PHE C 226 -12.39 27.82 -31.44
N LEU C 227 -11.89 27.90 -32.66
CA LEU C 227 -10.48 27.62 -32.88
C LEU C 227 -9.65 28.79 -32.40
N PRO C 228 -8.42 28.55 -31.94
CA PRO C 228 -7.59 29.65 -31.45
C PRO C 228 -7.09 30.53 -32.58
N ALA C 229 -8.00 31.28 -33.21
CA ALA C 229 -7.61 32.18 -34.28
C ALA C 229 -6.62 33.20 -33.75
N ASN C 230 -5.52 33.39 -34.47
CA ASN C 230 -4.41 34.18 -33.98
C ASN C 230 -3.98 35.18 -35.04
N LEU C 231 -3.43 36.30 -34.59
CA LEU C 231 -2.88 37.32 -35.47
C LEU C 231 -1.52 37.74 -34.92
N ARG C 232 -0.46 37.49 -35.68
CA ARG C 232 0.89 37.86 -35.30
C ARG C 232 1.41 38.90 -36.29
N VAL C 233 1.94 40.00 -35.76
CA VAL C 233 2.60 41.02 -36.57
C VAL C 233 3.94 41.30 -35.94
N GLY C 234 5.03 41.11 -36.69
CA GLY C 234 6.35 41.24 -36.14
C GLY C 234 7.30 41.94 -37.08
N GLY C 235 8.35 42.49 -36.51
CA GLY C 235 9.38 43.14 -37.28
C GLY C 235 10.74 42.92 -36.64
N GLY C 236 11.77 42.87 -37.49
CA GLY C 236 13.10 42.58 -37.01
C GLY C 236 14.16 43.28 -37.81
N PHE C 237 15.34 43.40 -37.22
CA PHE C 237 16.47 44.06 -37.84
C PHE C 237 17.75 43.30 -37.53
N ASP C 238 18.61 43.15 -38.53
CA ASP C 238 19.88 42.44 -38.39
C ASP C 238 21.02 43.43 -38.49
N PHE C 239 21.84 43.50 -37.45
CA PHE C 239 23.14 44.16 -37.51
C PHE C 239 24.18 43.14 -37.96
N ILE C 240 24.93 43.46 -39.00
CA ILE C 240 25.92 42.55 -39.57
C ILE C 240 27.30 43.16 -39.37
N PHE C 241 28.15 42.45 -38.63
CA PHE C 241 29.54 42.83 -38.43
C PHE C 241 30.43 41.77 -39.08
N ASP C 242 31.36 42.22 -39.91
CA ASP C 242 32.36 41.38 -40.57
C ASP C 242 31.74 40.31 -41.47
N ASP C 243 30.43 40.39 -41.73
CA ASP C 243 29.65 39.48 -42.58
C ASP C 243 29.54 38.09 -41.96
N TYR C 244 30.18 37.83 -40.82
CA TYR C 244 30.08 36.54 -40.15
C TYR C 244 29.58 36.67 -38.71
N ASN C 245 29.30 37.88 -38.25
CA ASN C 245 28.67 38.11 -36.96
C ASN C 245 27.34 38.80 -37.19
N LYS C 246 26.28 38.26 -36.61
CA LYS C 246 24.94 38.82 -36.78
C LYS C 246 24.31 39.06 -35.42
N LEU C 247 23.54 40.13 -35.32
CA LEU C 247 22.73 40.41 -34.13
C LEU C 247 21.35 40.81 -34.63
N GLY C 248 20.38 39.90 -34.47
CA GLY C 248 19.03 40.14 -34.91
C GLY C 248 18.13 40.47 -33.75
N VAL C 249 17.48 41.63 -33.83
CA VAL C 249 16.54 42.08 -32.82
C VAL C 249 15.15 42.02 -33.42
N SER C 250 14.26 41.26 -32.79
CA SER C 250 12.92 41.03 -33.30
C SER C 250 11.90 41.41 -32.24
N LEU C 251 10.74 41.87 -32.70
CA LEU C 251 9.64 42.29 -31.83
C LEU C 251 8.34 41.87 -32.47
N GLU C 252 7.53 41.10 -31.74
CA GLU C 252 6.29 40.56 -32.25
C GLU C 252 5.13 40.92 -31.34
N LEU C 253 4.02 41.30 -31.93
CA LEU C 253 2.76 41.50 -31.23
C LEU C 253 1.77 40.44 -31.69
N THR C 254 1.00 39.92 -30.74
CA THR C 254 0.07 38.84 -31.01
C THR C 254 -1.28 39.18 -30.40
N LYS C 255 -2.35 38.76 -31.08
CA LYS C 255 -3.70 39.05 -30.63
C LYS C 255 -4.61 37.89 -31.00
N LEU C 256 -5.58 37.59 -30.12
CA LEU C 256 -6.54 36.54 -30.37
C LEU C 256 -7.78 37.13 -31.03
N LEU C 257 -8.27 36.45 -32.07
CA LEU C 257 -9.41 36.92 -32.86
C LEU C 257 -10.71 36.24 -32.45
N VAL C 258 -10.86 35.96 -31.16
CA VAL C 258 -12.03 35.29 -30.62
C VAL C 258 -12.70 36.24 -29.63
N PRO C 259 -14.00 36.46 -29.71
CA PRO C 259 -14.66 37.37 -28.77
C PRO C 259 -14.51 36.90 -27.33
N THR C 260 -14.32 37.87 -26.44
CA THR C 260 -14.15 37.58 -25.02
C THR C 260 -15.51 37.49 -24.33
N PRO C 261 -15.73 36.47 -23.51
CA PRO C 261 -17.00 36.37 -22.79
C PRO C 261 -17.19 37.57 -21.87
N PRO C 262 -18.43 38.04 -21.73
CA PRO C 262 -18.69 39.16 -20.83
C PRO C 262 -18.46 38.78 -19.38
N GLY C 263 -18.23 39.79 -18.55
CA GLY C 263 -17.90 39.58 -17.16
C GLY C 263 -19.12 39.59 -16.26
N PRO C 264 -19.24 40.64 -15.44
CA PRO C 264 -20.38 40.73 -14.51
C PRO C 264 -21.73 40.63 -15.23
N GLY C 265 -21.89 41.41 -16.29
CA GLY C 265 -23.11 41.33 -17.07
C GLY C 265 -23.49 42.63 -17.75
N THR C 266 -24.23 42.54 -18.85
CA THR C 266 -24.77 43.70 -19.55
C THR C 266 -26.26 43.46 -19.79
N PRO C 267 -27.10 43.61 -18.74
CA PRO C 267 -28.54 43.37 -18.85
C PRO C 267 -29.23 44.35 -19.80
N SER C 283 -33.73 37.61 -11.47
CA SER C 283 -32.88 37.55 -10.29
C SER C 283 -31.44 37.94 -10.62
N GLN C 284 -30.50 37.10 -10.23
CA GLN C 284 -29.08 37.35 -10.44
C GLN C 284 -28.46 36.41 -11.47
N SER C 285 -28.75 35.11 -11.37
CA SER C 285 -28.26 34.15 -12.36
C SER C 285 -28.88 34.37 -13.74
N GLN C 286 -30.01 35.05 -13.81
CA GLN C 286 -30.66 35.30 -15.10
C GLN C 286 -29.74 36.11 -16.01
N ALA C 287 -29.17 37.19 -15.49
CA ALA C 287 -28.29 38.03 -16.31
C ALA C 287 -27.05 37.28 -16.73
N ASP C 288 -26.45 36.50 -15.82
CA ASP C 288 -25.25 35.74 -16.15
C ASP C 288 -25.54 34.75 -17.27
N GLU C 289 -26.63 33.98 -17.13
CA GLU C 289 -26.97 32.99 -18.15
C GLU C 289 -27.31 33.66 -19.48
N ALA C 290 -28.02 34.79 -19.43
CA ALA C 290 -28.38 35.48 -20.66
C ALA C 290 -27.14 35.98 -21.38
N ASN C 291 -26.20 36.60 -20.65
CA ASN C 291 -24.98 37.10 -21.26
C ASN C 291 -24.13 35.97 -21.82
N TYR C 292 -24.01 34.86 -21.08
CA TYR C 292 -23.23 33.74 -21.58
C TYR C 292 -23.86 33.14 -22.83
N LYS C 293 -25.20 33.02 -22.85
CA LYS C 293 -25.88 32.48 -24.02
C LYS C 293 -25.73 33.41 -25.21
N LYS C 294 -25.79 34.73 -24.99
CA LYS C 294 -25.59 35.67 -26.07
C LYS C 294 -24.19 35.57 -26.64
N TYR C 295 -23.18 35.43 -25.77
CA TYR C 295 -21.81 35.28 -26.24
C TYR C 295 -21.62 33.97 -27.02
N LYS C 296 -22.20 32.88 -26.53
CA LYS C 296 -21.95 31.58 -27.15
C LYS C 296 -22.73 31.37 -28.44
N ASP C 297 -23.74 32.20 -28.71
CA ASP C 297 -24.46 32.14 -29.98
C ASP C 297 -23.88 33.12 -30.99
N ILE C 298 -22.56 33.06 -31.20
CA ILE C 298 -21.86 33.93 -32.13
C ILE C 298 -21.00 33.09 -33.05
N GLY C 299 -21.14 33.28 -34.36
CA GLY C 299 -20.34 32.55 -35.31
C GLY C 299 -18.91 33.07 -35.37
N TRP C 300 -18.02 32.21 -35.87
CA TRP C 300 -16.61 32.58 -35.97
C TRP C 300 -16.41 33.68 -37.00
N VAL C 301 -17.14 33.63 -38.12
CA VAL C 301 -17.01 34.66 -39.14
C VAL C 301 -17.40 36.02 -38.56
N SER C 302 -18.52 36.07 -37.84
CA SER C 302 -18.90 37.29 -37.14
C SER C 302 -18.00 37.53 -35.93
N GLY C 303 -17.49 36.47 -35.32
CA GLY C 303 -16.64 36.63 -34.16
C GLY C 303 -15.34 37.32 -34.46
N ILE C 304 -14.82 37.16 -35.69
CA ILE C 304 -13.58 37.85 -36.06
C ILE C 304 -13.77 39.35 -36.00
N PHE C 305 -14.90 39.85 -36.52
CA PHE C 305 -15.17 41.28 -36.47
C PHE C 305 -15.55 41.72 -35.06
N LYS C 306 -16.30 40.88 -34.34
CA LYS C 306 -16.74 41.22 -32.99
C LYS C 306 -15.61 41.19 -31.98
N SER C 307 -14.42 40.71 -32.35
CA SER C 307 -13.31 40.61 -31.40
C SER C 307 -12.88 41.99 -30.90
N PHE C 308 -12.84 42.98 -31.79
CA PHE C 308 -12.40 44.32 -31.43
C PHE C 308 -13.50 45.03 -30.65
N GLY C 309 -13.32 45.14 -29.34
CA GLY C 309 -14.28 45.83 -28.50
C GLY C 309 -14.98 44.94 -27.50
N ASP C 310 -16.32 44.85 -27.61
CA ASP C 310 -17.16 44.00 -26.78
C ASP C 310 -16.83 44.12 -25.29
N ALA C 311 -16.34 45.29 -24.87
CA ALA C 311 -16.01 45.54 -23.48
C ALA C 311 -16.49 46.94 -23.09
N PRO C 312 -16.87 47.13 -21.82
CA PRO C 312 -17.22 48.49 -21.37
C PRO C 312 -16.05 49.46 -21.42
N GLY C 313 -14.82 48.95 -21.42
CA GLY C 313 -13.67 49.82 -21.45
C GLY C 313 -13.46 50.46 -22.80
N GLY C 314 -12.57 51.47 -22.82
CA GLY C 314 -12.26 52.21 -24.02
C GLY C 314 -11.15 51.58 -24.82
N PHE C 315 -10.64 52.35 -25.80
CA PHE C 315 -9.58 51.85 -26.66
C PHE C 315 -8.29 51.61 -25.89
N SER C 316 -7.99 52.45 -24.89
CA SER C 316 -6.80 52.23 -24.07
C SER C 316 -6.90 50.92 -23.30
N GLU C 317 -8.08 50.62 -22.74
CA GLU C 317 -8.28 49.33 -22.08
C GLU C 317 -8.34 48.20 -23.09
N GLU C 318 -8.90 48.45 -24.28
CA GLU C 318 -8.97 47.41 -25.30
C GLU C 318 -7.59 47.00 -25.79
N LEU C 319 -6.64 47.93 -25.82
CA LEU C 319 -5.29 47.63 -26.31
C LEU C 319 -4.56 46.64 -25.41
N LYS C 320 -5.05 46.40 -24.20
CA LYS C 320 -4.41 45.43 -23.30
C LYS C 320 -4.43 44.01 -23.87
N GLU C 321 -5.33 43.72 -24.81
CA GLU C 321 -5.49 42.38 -25.34
C GLU C 321 -4.29 41.88 -26.14
N ILE C 322 -3.36 42.77 -26.48
CA ILE C 322 -2.22 42.41 -27.33
C ILE C 322 -1.06 41.97 -26.44
N THR C 323 -0.55 40.77 -26.70
CA THR C 323 0.67 40.29 -26.08
C THR C 323 1.85 40.67 -26.95
N TYR C 324 3.05 40.70 -26.35
CA TYR C 324 4.23 41.04 -27.13
C TYR C 324 5.41 40.19 -26.70
N SER C 325 6.44 40.19 -27.53
CA SER C 325 7.64 39.41 -27.26
C SER C 325 8.80 40.03 -28.01
N ALA C 326 9.90 40.27 -27.30
CA ALA C 326 11.09 40.88 -27.87
C ALA C 326 12.27 39.92 -27.69
N ALA C 327 13.05 39.74 -28.75
CA ALA C 327 14.13 38.77 -28.72
C ALA C 327 15.36 39.32 -29.41
N ALA C 328 16.52 38.82 -29.01
CA ALA C 328 17.80 39.16 -29.64
C ALA C 328 18.59 37.88 -29.83
N GLU C 329 19.04 37.65 -31.05
CA GLU C 329 19.76 36.43 -31.42
C GLU C 329 21.11 36.82 -32.01
N TYR C 330 22.18 36.26 -31.43
CA TYR C 330 23.54 36.50 -31.90
C TYR C 330 24.03 35.27 -32.63
N MET C 331 24.49 35.47 -33.86
CA MET C 331 24.98 34.39 -34.72
C MET C 331 26.46 34.60 -35.00
N TYR C 332 27.26 33.56 -34.78
CA TYR C 332 28.68 33.55 -35.07
C TYR C 332 28.98 32.48 -36.11
N GLN C 333 29.66 32.86 -37.17
CA GLN C 333 30.09 31.97 -38.25
C GLN C 333 28.94 31.18 -38.87
N ASP C 334 27.71 31.67 -38.72
CA ASP C 334 26.51 31.02 -39.23
C ASP C 334 26.33 29.60 -38.70
N ALA C 335 27.09 29.21 -37.68
CA ALA C 335 27.03 27.87 -37.11
C ALA C 335 26.91 27.86 -35.60
N PHE C 336 27.03 29.00 -34.92
CA PHE C 336 26.70 29.08 -33.50
C PHE C 336 25.71 30.20 -33.30
N ALA C 337 24.72 29.98 -32.43
CA ALA C 337 23.70 30.98 -32.18
C ALA C 337 23.34 30.98 -30.70
N MET C 338 23.29 32.17 -30.12
CA MET C 338 22.87 32.37 -28.72
C MET C 338 21.73 33.36 -28.72
N ARG C 339 20.59 32.96 -28.17
CA ARG C 339 19.36 33.74 -28.28
C ARG C 339 18.79 34.03 -26.91
N LEU C 340 18.36 35.28 -26.70
CA LEU C 340 17.59 35.68 -25.54
C LEU C 340 16.22 36.15 -25.99
N GLY C 341 15.23 35.91 -25.17
CA GLY C 341 13.87 36.32 -25.51
C GLY C 341 13.09 36.68 -24.27
N TYR C 342 12.08 37.53 -24.44
CA TYR C 342 11.19 37.92 -23.36
C TYR C 342 9.78 37.98 -23.90
N TYR C 343 8.88 37.18 -23.32
CA TYR C 343 7.50 37.09 -23.75
C TYR C 343 6.60 37.60 -22.64
N HIS C 344 5.68 38.50 -22.97
CA HIS C 344 4.79 39.10 -21.99
C HIS C 344 3.37 39.11 -22.53
N GLU C 345 2.43 38.71 -21.67
CA GLU C 345 1.00 38.83 -21.91
C GLU C 345 0.43 39.90 -20.99
N SER C 346 -0.88 40.04 -21.03
CA SER C 346 -1.50 41.03 -20.16
C SER C 346 -1.65 40.48 -18.74
N PRO C 347 -1.61 41.34 -17.73
CA PRO C 347 -1.83 40.87 -16.36
C PRO C 347 -3.20 40.24 -16.15
N MET C 348 -4.23 40.73 -16.84
CA MET C 348 -5.59 40.32 -16.59
C MET C 348 -6.05 39.15 -17.46
N LYS C 349 -5.22 38.68 -18.38
CA LYS C 349 -5.57 37.52 -19.20
C LYS C 349 -4.31 36.79 -19.59
N GLY C 350 -4.38 35.46 -19.57
CA GLY C 350 -3.22 34.64 -19.89
C GLY C 350 -2.21 34.60 -18.76
N ALA C 351 -1.60 35.74 -18.47
CA ALA C 351 -0.62 35.89 -17.39
C ALA C 351 0.52 34.89 -17.54
N LYS C 352 1.15 34.92 -18.72
CA LYS C 352 2.27 34.04 -19.04
C LYS C 352 3.41 34.92 -19.53
N GLN C 353 4.29 35.31 -18.60
CA GLN C 353 5.44 36.16 -18.88
C GLN C 353 6.70 35.40 -18.49
N PHE C 354 7.71 35.42 -19.37
CA PHE C 354 8.91 34.65 -19.10
C PHE C 354 10.07 35.16 -19.93
N PHE C 355 11.26 34.71 -19.56
CA PHE C 355 12.48 34.89 -20.32
C PHE C 355 12.91 33.54 -20.91
N SER C 356 13.66 33.60 -22.00
CA SER C 356 14.05 32.40 -22.71
C SER C 356 15.50 32.49 -23.13
N LEU C 357 16.25 31.41 -22.90
CA LEU C 357 17.60 31.26 -23.42
C LEU C 357 17.60 30.16 -24.46
N GLY C 358 18.42 30.32 -25.48
CA GLY C 358 18.51 29.32 -26.53
C GLY C 358 19.89 29.24 -27.11
N ALA C 359 20.28 28.05 -27.53
CA ALA C 359 21.58 27.83 -28.14
C ALA C 359 21.44 26.90 -29.33
N GLY C 360 22.10 27.24 -30.42
CA GLY C 360 22.05 26.45 -31.64
C GLY C 360 23.40 26.21 -32.27
N PHE C 361 23.64 24.98 -32.72
CA PHE C 361 24.92 24.57 -33.27
C PHE C 361 24.71 23.78 -34.56
N LYS C 362 25.55 24.04 -35.56
CA LYS C 362 25.48 23.34 -36.84
C LYS C 362 26.79 22.60 -37.08
N TYR C 363 26.72 21.27 -37.14
CA TYR C 363 27.95 20.48 -37.31
C TYR C 363 28.36 20.37 -38.78
N SER C 364 27.57 19.67 -39.57
CA SER C 364 27.74 19.63 -41.03
C SER C 364 26.48 20.04 -41.76
N MET C 365 25.37 19.36 -41.47
CA MET C 365 24.07 19.69 -42.02
C MET C 365 22.98 19.60 -40.97
N ILE C 366 23.31 19.25 -39.74
CA ILE C 366 22.35 19.06 -38.66
C ILE C 366 22.49 20.23 -37.70
N LYS C 367 21.41 20.97 -37.51
CA LYS C 367 21.37 22.06 -36.55
C LYS C 367 20.62 21.57 -35.30
N VAL C 368 21.28 21.69 -34.15
CA VAL C 368 20.73 21.29 -32.87
C VAL C 368 20.42 22.56 -32.09
N ASP C 369 19.21 22.64 -31.55
CA ASP C 369 18.77 23.80 -30.80
C ASP C 369 18.25 23.36 -29.44
N VAL C 370 18.65 24.07 -28.39
CA VAL C 370 18.20 23.80 -27.03
C VAL C 370 17.66 25.09 -26.44
N SER C 371 16.52 25.00 -25.76
CA SER C 371 15.84 26.16 -25.23
C SER C 371 15.46 25.94 -23.77
N TYR C 372 15.62 26.97 -22.96
CA TYR C 372 15.25 26.94 -21.54
C TYR C 372 14.45 28.19 -21.20
N LEU C 373 13.57 28.05 -20.21
CA LEU C 373 12.58 29.07 -19.89
C LEU C 373 12.65 29.41 -18.41
N PHE C 374 12.76 30.72 -18.12
CA PHE C 374 12.71 31.24 -16.75
C PHE C 374 11.41 32.00 -16.59
N SER C 375 10.50 31.45 -15.78
CA SER C 375 9.20 32.06 -15.61
C SER C 375 9.30 33.31 -14.73
N ALA C 376 8.34 34.22 -14.93
CA ALA C 376 8.27 35.43 -14.12
C ALA C 376 6.83 35.78 -13.75
N SER C 377 5.92 34.82 -13.84
CA SER C 377 4.50 35.05 -13.60
C SER C 377 4.05 34.30 -12.36
N LYS C 378 3.00 34.82 -11.71
CA LYS C 378 2.49 34.24 -10.49
C LYS C 378 1.85 32.87 -10.69
N VAL C 379 1.64 32.46 -11.93
CA VAL C 379 1.04 31.16 -12.23
C VAL C 379 2.13 30.22 -12.70
N LYS C 380 1.99 28.94 -12.34
CA LYS C 380 2.99 27.94 -12.66
C LYS C 380 2.94 27.60 -14.14
N ASN C 381 4.01 27.92 -14.87
CA ASN C 381 4.10 27.57 -16.28
C ASN C 381 4.54 26.11 -16.41
N PRO C 382 3.78 25.27 -17.13
CA PRO C 382 4.17 23.86 -17.27
C PRO C 382 5.46 23.65 -18.05
N LEU C 383 6.01 24.68 -18.67
CA LEU C 383 7.26 24.59 -19.40
C LEU C 383 8.47 24.98 -18.56
N GLU C 384 8.28 25.30 -17.28
CA GLU C 384 9.40 25.59 -16.41
C GLU C 384 10.21 24.32 -16.16
N ASN C 385 11.51 24.51 -15.95
CA ASN C 385 12.44 23.41 -15.70
C ASN C 385 12.43 22.39 -16.84
N THR C 386 12.19 22.86 -18.05
CA THR C 386 12.03 22.02 -19.22
C THR C 386 12.96 22.51 -20.32
N LEU C 387 13.80 21.61 -20.83
CA LEU C 387 14.76 21.93 -21.88
C LEU C 387 14.19 21.44 -23.20
N ARG C 388 13.66 22.36 -24.00
CA ARG C 388 13.13 22.00 -25.31
C ARG C 388 14.29 21.70 -26.27
N PHE C 389 14.07 20.74 -27.16
CA PHE C 389 15.10 20.24 -28.06
C PHE C 389 14.60 20.29 -29.49
N SER C 390 15.51 20.57 -30.42
CA SER C 390 15.16 20.59 -31.84
C SER C 390 16.35 20.12 -32.65
N LEU C 391 16.08 19.41 -33.73
CA LEU C 391 17.11 18.81 -34.56
C LEU C 391 16.64 18.91 -36.01
N THR C 392 17.34 19.71 -36.81
CA THR C 392 16.93 19.95 -38.19
C THR C 392 18.03 19.54 -39.15
N PHE C 393 17.68 18.70 -40.12
CA PHE C 393 18.57 18.31 -41.20
C PHE C 393 18.24 19.16 -42.42
N ASN C 394 19.27 19.60 -43.14
CA ASN C 394 19.09 20.39 -44.35
C ASN C 394 19.89 19.76 -45.47
N PHE C 395 19.24 19.55 -46.63
CA PHE C 395 19.89 18.89 -47.74
C PHE C 395 19.34 19.44 -49.05
N GLY C 396 20.10 19.23 -50.11
CA GLY C 396 19.78 19.78 -51.42
C GLY C 396 20.73 20.89 -51.81
N ASP C 397 20.41 21.51 -52.94
CA ASP C 397 21.23 22.60 -53.44
C ASP C 397 21.07 23.85 -52.58
N LYS C 398 22.10 24.69 -52.59
CA LYS C 398 22.11 25.91 -51.80
C LYS C 398 21.60 27.07 -52.66
N TYR C 399 20.52 27.71 -52.22
CA TYR C 399 19.93 28.84 -52.92
C TYR C 399 20.40 30.14 -52.29
N GLU C 400 20.74 31.11 -53.12
CA GLU C 400 21.16 32.41 -52.64
C GLU C 400 19.98 33.15 -52.00
N THR C 401 20.30 34.11 -51.15
CA THR C 401 19.29 34.90 -50.44
C THR C 401 19.46 36.37 -50.81
N TYR C 402 18.35 37.03 -51.11
CA TYR C 402 18.36 38.44 -51.47
C TYR C 402 17.96 39.31 -50.28
N SER D 1 5.01 -10.19 -12.79
CA SER D 1 4.98 -9.68 -11.44
C SER D 1 6.06 -8.62 -11.22
N ASP D 2 6.52 -8.03 -12.31
CA ASP D 2 7.56 -7.01 -12.22
C ASP D 2 7.03 -5.75 -11.54
N PHE D 3 6.00 -5.13 -12.11
CA PHE D 3 5.39 -3.93 -11.53
C PHE D 3 4.02 -3.75 -12.13
N LEU D 4 2.98 -3.88 -11.32
CA LEU D 4 1.60 -3.83 -11.80
C LEU D 4 0.76 -2.91 -10.92
N VAL D 5 -0.27 -2.33 -11.53
CA VAL D 5 -1.13 -1.32 -10.93
C VAL D 5 -2.58 -1.78 -11.01
N TYR D 6 -2.83 -3.08 -10.75
CA TYR D 6 -3.83 -3.90 -11.43
C TYR D 6 -5.05 -3.14 -11.94
N PRO D 7 -5.85 -2.46 -11.09
CA PRO D 7 -6.98 -1.69 -11.64
C PRO D 7 -6.51 -0.30 -12.05
N ASN D 8 -6.32 -0.10 -13.34
CA ASN D 8 -5.90 1.22 -13.76
C ASN D 8 -7.08 2.16 -13.87
N PRO D 9 -8.20 1.78 -14.53
CA PRO D 9 -9.40 2.64 -14.48
C PRO D 9 -10.32 2.26 -13.32
N THR D 10 -9.98 2.75 -12.13
CA THR D 10 -10.56 2.28 -10.89
C THR D 10 -11.46 3.31 -10.24
N LYS D 11 -12.58 2.83 -9.69
CA LYS D 11 -13.37 3.57 -8.72
C LYS D 11 -13.05 3.17 -7.29
N SER D 12 -11.86 2.63 -7.07
CA SER D 12 -11.44 2.07 -5.79
C SER D 12 -9.94 2.26 -5.65
N ASN D 13 -9.31 1.46 -4.80
CA ASN D 13 -7.91 1.61 -4.44
C ASN D 13 -7.00 1.08 -5.55
N ILE D 14 -5.70 1.01 -5.25
CA ILE D 14 -4.67 0.51 -6.17
C ILE D 14 -3.92 -0.60 -5.46
N SER D 15 -3.69 -1.71 -6.17
CA SER D 15 -3.12 -2.89 -5.54
C SER D 15 -1.61 -3.01 -5.69
N PHE D 16 -1.01 -2.37 -6.69
CA PHE D 16 0.42 -2.05 -6.70
C PHE D 16 1.32 -3.26 -6.42
N LEU D 17 1.37 -4.16 -7.40
CA LEU D 17 2.33 -5.25 -7.37
C LEU D 17 3.73 -4.76 -7.68
N PHE D 18 4.70 -5.20 -6.89
CA PHE D 18 6.10 -4.79 -7.06
C PHE D 18 7.01 -5.74 -6.28
N ASP D 19 8.27 -5.36 -6.13
CA ASP D 19 9.27 -6.17 -5.46
C ASP D 19 9.15 -6.02 -3.94
N ASN D 20 10.18 -6.48 -3.22
CA ASN D 20 10.13 -6.46 -1.76
C ASN D 20 10.28 -5.04 -1.21
N GLU D 21 11.19 -4.25 -1.77
CA GLU D 21 11.51 -2.94 -1.21
C GLU D 21 10.29 -2.03 -1.24
N THR D 22 10.04 -1.35 -0.12
CA THR D 22 8.79 -0.64 0.10
C THR D 22 8.63 0.52 -0.87
N ALA D 23 7.46 1.15 -0.85
CA ALA D 23 7.06 2.12 -1.85
C ALA D 23 6.77 3.48 -1.21
N SER D 24 6.85 4.51 -2.04
CA SER D 24 6.62 5.89 -1.65
C SER D 24 5.72 6.58 -2.68
N VAL D 25 4.60 5.93 -3.00
CA VAL D 25 3.75 6.39 -4.10
C VAL D 25 3.19 7.78 -3.81
N SER D 26 2.84 8.49 -4.88
CA SER D 26 2.30 9.84 -4.76
C SER D 26 1.38 10.11 -5.95
N ILE D 27 0.55 11.14 -5.80
CA ILE D 27 -0.46 11.48 -6.81
C ILE D 27 -0.49 13.00 -7.00
N TYR D 28 -0.62 13.44 -8.25
CA TYR D 28 -0.63 14.86 -8.60
C TYR D 28 -1.87 15.17 -9.45
N SER D 29 -2.20 14.23 -10.31
CA SER D 29 -3.53 13.87 -10.78
C SER D 29 -4.25 14.67 -11.85
N LEU D 30 -3.97 15.96 -12.07
CA LEU D 30 -4.17 16.50 -13.41
C LEU D 30 -3.29 17.72 -13.67
N LEU D 31 -3.00 18.47 -12.62
CA LEU D 31 -2.45 19.81 -12.72
C LEU D 31 -1.61 20.09 -11.49
N GLY D 32 -0.34 20.41 -11.69
CA GLY D 32 0.51 20.65 -10.54
C GLY D 32 0.63 19.40 -9.71
N GLN D 33 0.78 19.59 -8.40
CA GLN D 33 1.09 18.50 -7.49
C GLN D 33 0.11 18.53 -6.32
N LYS D 34 -0.49 17.39 -6.02
CA LYS D 34 -1.40 17.21 -4.89
C LYS D 34 -1.05 15.93 -4.13
N LEU D 35 0.24 15.81 -3.79
CA LEU D 35 0.84 14.61 -3.20
C LEU D 35 -0.10 13.91 -2.23
N ILE D 36 -0.31 12.61 -2.46
CA ILE D 36 -0.99 11.77 -1.48
C ILE D 36 0.01 11.16 -0.50
N GLU D 37 1.07 10.56 -1.01
CA GLU D 37 2.23 10.12 -0.24
C GLU D 37 1.82 9.11 0.84
N LYS D 38 1.39 7.94 0.37
CA LYS D 38 1.24 6.80 1.25
C LYS D 38 2.58 6.07 1.39
N GLN D 39 2.60 5.01 2.19
CA GLN D 39 3.82 4.32 2.59
C GLN D 39 3.71 2.83 2.33
N ILE D 40 3.31 2.48 1.11
CA ILE D 40 3.08 1.09 0.73
C ILE D 40 4.28 0.23 1.11
N THR D 41 3.99 -0.90 1.77
CA THR D 41 5.01 -1.88 2.13
C THR D 41 4.93 -3.06 1.16
N ASN D 42 5.79 -4.06 1.39
CA ASN D 42 5.92 -5.17 0.44
C ASN D 42 4.62 -5.96 0.31
N GLN D 43 3.95 -6.25 1.43
CA GLN D 43 2.83 -7.17 1.43
C GLN D 43 1.53 -6.51 1.88
N ASN D 44 1.48 -5.18 1.94
CA ASN D 44 0.23 -4.45 2.14
C ASN D 44 0.15 -3.29 1.14
N PRO D 45 0.06 -3.60 -0.16
CA PRO D 45 0.02 -2.54 -1.19
C PRO D 45 -1.39 -2.13 -1.58
N VAL D 46 -2.05 -1.34 -0.73
CA VAL D 46 -3.40 -0.85 -1.02
C VAL D 46 -3.41 0.66 -0.88
N LEU D 47 -3.87 1.35 -1.91
CA LEU D 47 -3.91 2.80 -1.97
C LEU D 47 -5.28 3.31 -1.57
N SER D 48 -5.53 4.61 -1.80
CA SER D 48 -6.85 5.19 -1.57
C SER D 48 -7.00 6.39 -2.49
N VAL D 49 -7.66 6.19 -3.63
CA VAL D 49 -8.04 7.26 -4.53
C VAL D 49 -9.55 7.32 -4.74
N GLU D 50 -10.30 6.53 -3.97
CA GLU D 50 -11.74 6.39 -4.19
C GLU D 50 -12.49 7.70 -3.99
N GLY D 51 -11.94 8.61 -3.18
CA GLY D 51 -12.69 9.79 -2.80
C GLY D 51 -12.29 11.08 -3.47
N LEU D 52 -11.06 11.17 -3.96
CA LEU D 52 -10.50 12.45 -4.38
C LEU D 52 -11.33 13.10 -5.49
N THR D 53 -11.29 12.51 -6.69
CA THR D 53 -12.00 13.02 -7.86
C THR D 53 -11.92 11.95 -8.95
N ASN D 54 -12.32 12.31 -10.17
CA ASN D 54 -12.21 11.44 -11.33
C ASN D 54 -11.33 12.12 -12.36
N GLY D 55 -10.27 11.43 -12.79
CA GLY D 55 -9.36 12.01 -13.76
C GLY D 55 -8.19 11.10 -14.01
N LEU D 56 -7.27 11.56 -14.86
CA LEU D 56 -6.06 10.82 -15.21
C LEU D 56 -4.92 11.30 -14.31
N TYR D 57 -4.55 10.47 -13.36
CA TYR D 57 -3.63 10.86 -12.30
C TYR D 57 -2.22 10.38 -12.60
N PHE D 58 -1.24 11.09 -12.06
CA PHE D 58 0.17 10.73 -12.19
C PHE D 58 0.65 10.11 -10.89
N TYR D 59 1.26 8.94 -10.98
CA TYR D 59 1.86 8.30 -9.81
C TYR D 59 3.35 8.08 -10.04
N THR D 60 4.12 8.18 -8.94
CA THR D 60 5.57 7.98 -8.97
C THR D 60 5.92 6.99 -7.86
N PHE D 61 5.83 5.71 -8.19
CA PHE D 61 6.15 4.65 -7.25
C PHE D 61 7.66 4.55 -7.03
N ASP D 62 8.07 4.44 -5.78
CA ASP D 62 9.49 4.50 -5.39
C ASP D 62 9.85 3.29 -4.56
N ALA D 63 10.46 2.29 -5.19
CA ALA D 63 10.99 1.13 -4.47
C ALA D 63 12.48 1.29 -4.19
N GLY D 64 12.82 2.39 -3.53
CA GLY D 64 14.21 2.70 -3.29
C GLY D 64 14.83 3.35 -4.51
N SER D 65 15.60 2.59 -5.27
CA SER D 65 16.14 3.05 -6.54
C SER D 65 15.20 2.77 -7.72
N LEU D 66 14.11 2.05 -7.49
CA LEU D 66 13.16 1.70 -8.55
C LEU D 66 12.05 2.77 -8.58
N HIS D 67 12.36 3.88 -9.23
CA HIS D 67 11.38 4.96 -9.42
C HIS D 67 10.67 4.72 -10.74
N LYS D 68 9.49 4.11 -10.67
CA LYS D 68 8.66 3.84 -11.83
C LYS D 68 7.46 4.78 -11.77
N THR D 69 7.25 5.55 -12.83
CA THR D 69 6.12 6.46 -12.87
C THR D 69 5.06 5.93 -13.83
N GLY D 70 3.91 6.59 -13.82
CA GLY D 70 2.85 6.21 -14.72
C GLY D 70 1.58 7.00 -14.47
N LYS D 71 0.53 6.62 -15.17
CA LYS D 71 -0.77 7.26 -15.06
C LYS D 71 -1.81 6.24 -14.65
N ILE D 72 -2.64 6.60 -13.67
CA ILE D 72 -3.81 5.82 -13.32
C ILE D 72 -5.05 6.58 -13.77
N ILE D 73 -6.19 5.89 -13.74
CA ILE D 73 -7.46 6.47 -14.17
C ILE D 73 -8.47 6.28 -13.06
N LYS D 74 -9.01 7.38 -12.53
CA LYS D 74 -10.11 7.31 -11.59
C LYS D 74 -11.39 7.15 -12.40
N GLN D 75 -11.58 5.95 -12.94
CA GLN D 75 -12.71 5.62 -13.79
C GLN D 75 -12.85 6.58 -14.96
C1 LMN E . 22.51 13.43 -46.66
O1 LMN E . 21.54 12.95 -47.43
C2 LMN E . 23.64 13.99 -47.54
O2 LMN E . 24.50 14.81 -46.74
C3 LMN E . 24.47 12.94 -48.24
O3 LMN E . 23.98 12.81 -49.61
C4 LMN E . 24.41 11.61 -47.60
O4 LMN E . 25.61 10.79 -48.01
C5 LMN E . 24.34 11.71 -46.13
O5 LMN E . 23.07 12.32 -45.70
C6 LMN E . 24.45 10.29 -45.50
O6 LMN E . 25.68 10.18 -44.80
CAA LMN E . 14.43 11.01 -36.92
CAB LMN E . 7.97 13.83 -47.30
OAI LMN E . 22.22 10.26 -51.60
OAJ LMN E . 11.71 12.17 -50.25
OAL LMN E . 14.88 10.35 -53.78
OAN LMN E . 16.50 14.69 -50.59
OAP LMN E . 19.02 14.65 -51.49
OAQ LMN E . 23.39 6.37 -50.30
OAR LMN E . 9.59 14.71 -53.21
OAS LMN E . 25.87 6.18 -49.06
OAT LMN E . 11.34 16.37 -54.57
OAU LMN E . 26.47 8.54 -47.43
OAV LMN E . 13.93 14.94 -55.06
CAW LMN E . 14.08 11.09 -38.42
CAX LMN E . 9.13 13.38 -46.40
CAY LMN E . 15.37 10.92 -39.23
CAZ LMN E . 10.40 13.19 -47.27
CBA LMN E . 15.10 11.34 -40.70
CBB LMN E . 11.54 12.67 -46.42
CBC LMN E . 16.46 11.43 -41.48
CBD LMN E . 12.85 12.71 -47.24
CBE LMN E . 16.45 12.71 -42.38
CBF LMN E . 13.90 11.75 -46.61
CBG LMN E . 17.80 12.80 -43.17
CBH LMN E . 15.06 11.55 -47.62
CBI LMN E . 17.48 12.84 -44.69
CBJ LMN E . 16.05 10.47 -47.09
CBK LMN E . 18.76 13.22 -45.48
CBL LMN E . 17.27 10.36 -48.09
CBM LMN E . 23.38 9.46 -51.44
CBN LMN E . 11.41 13.45 -50.79
CBP LMN E . 15.23 10.67 -52.43
CBQ LMN E . 18.49 13.06 -47.04
CBR LMN E . 18.65 10.47 -47.29
CBS LMN E . 20.79 11.87 -46.88
CBT LMN E . 19.62 12.02 -49.18
OBV LMN E . 18.51 12.68 -49.83
OBX LMN E . 17.33 11.34 -51.38
OBY LMN E . 23.80 9.74 -49.09
OBZ LMN E . 12.68 12.89 -52.79
OCB LMN E . 14.89 13.47 -53.32
CCC LMN E . 23.36 8.78 -50.12
CCD LMN E . 11.36 13.36 -52.29
CCF LMN E . 16.32 11.71 -52.42
CCH LMN E . 16.72 14.12 -51.92
CCJ LMN E . 18.39 12.36 -51.20
CCL LMN E . 18.15 13.63 -52.00
CCM LMN E . 19.37 11.85 -47.60
CCN LMN E . 24.24 7.54 -50.18
CCO LMN E . 10.98 14.72 -52.86
CCQ LMN E . 15.71 13.08 -52.16
CCR LMN E . 25.28 9.89 -49.02
CCS LMN E . 13.67 13.99 -52.87
CCT LMN E . 25.06 7.40 -48.96
CCU LMN E . 11.76 15.05 -54.08
CCV LMN E . 25.98 8.56 -48.76
CCW LMN E . 13.23 15.09 -53.81
#